data_9QWX
#
_entry.id   9QWX
#
_cell.length_a   1.00
_cell.length_b   1.00
_cell.length_c   1.00
_cell.angle_alpha   90.00
_cell.angle_beta   90.00
_cell.angle_gamma   90.00
#
_symmetry.space_group_name_H-M   'P 1'
#
_entity_poly.entity_id   1
_entity_poly.type   'polypeptide(L)'
_entity_poly.pdbx_seq_one_letter_code
;MATSGGEEAAAAAPAPGTPATGADTTPGWEVAVRPLLSASYSAFEMKELPQLVASVIESESEILHHEKQYEPFYSSFVAL
STHYITTVCSLIPRNQLQSVAAACKVLIEFSLLRLENPDEACAVSQKHLILLIKGLCTGCSRLDRTEIITFTAMMKSAKL
PQTVKTLSDVEDQKELASPVSPELRQKEVQMNFLNQLTSVFNPRTVASQPISTQTLVEGENDEQSSTDQASAIKTKNVFI
AQNVASLQELGGSEKLLRVCLNLPYFLRYINRFQDAVLANSFFIMPATVADATAVRNGFHSLVIDVTMALDTLSLPVLEP
LNPSRLQDVTVLSLSCLYAGVSVATCMAILHVGSAQQVRTGSTSSKEDDYESDAATIVQKCLEIYDMIGQAISSSRRAGG
EHYQNFQLLGAWCLLNSLFLILNLSPTALADKGKEKDPLAALRVRDILSRTKEGVGSPKLGPGKGHQGFGVLSVILANHA
IKLLTSLFQDLQVEALHKGWETDGPPAALSIMAQSTSIQRIQRLIDSVPLMNLLLTLLSTSYRKACVLQRQRKGSMSSDA
SASTDSNTYYEDDFSSTEEDSSQDDDSEPILGQWFEETISPSKEKAAPPPPPPPPPLESSPRVKSPSKQAPGEKGNILAS
RKDPELFLGLASNILNFITSSMLNSRNNFIRNYLSVSLSEHHMATLASIIKEVDKDGLKGSSDEEFAAALYHFNHSLVTS
DLQSPNLQNTLLQQLGVAPFSEGPWPLYIHPQSLSVLSRLLLIWQHKASAQGDPDVPECLKVWDRFLSTMKQNALQGVVP
SETEDLNVEHLQMLLLIFHNFTETGRRAILSLFVQIIQELSVNMDAQMRFVPLILARLLLIFDYLLHQYSKAPVYLFEQV
QHNLLSPPFGWASGSQDSNSRRATTPLYHGFKEVEENWSKHFSSDAVPHPRFYCVLSPEASEDDLNRLDSVACDVLFSKL
VKYDELYAALTALLAAGSQLDTVRRKENKNVTALEACALQYYFLILWRILGILPPSKTYINQLSMNSPEMSECDILHTLR
WSSRLRISSYVNWIKDHLIKQGMKAEHASSLLELASTTKCSSVKYDVEIVEEYFARQISSFCSIDCTTILQLHEIPSLQS
IYTLDAAISKVQVSLDEHFSKMAAETDPHKSSEITKNLLPATLQLIDTYASFTRAYLLQNFNEEGTTEKPSKEKLQGFAA
VLAIGSSRCKANTLGPTLVQNLPSSVQTVCESWNNINTNEFPNIGSWRNAFANDTIPSESYISAVQAAHLGTLCSQSLPL
AASLKHTLLSLVRLTGDLIVWSDEMNPPQVIRTLLPLLLESSTESVAEISSNSLERILGPAESDEFLARVYEKLITGCYN
ILANHADPNSGLDESILEECLQYLEKQLESSQARKAMEEFFSDSGELVQIMMATANENLSAKFCNRVLKFFTKLFQLTEK
SPNPSLLHLCGSLAQLACVEPVRLQAWLTRMTTSPPKDSDQLDVIQENRQLLQLLTTYIVRENSQVGEGVCAVLLGTLTP
MATEMLANGDGTGFPELMVVMATLASAGQGAGHLQLHNAAVDWLSRCKKYLSQKNVVEKLNANVMHGKHVMILECTCHIM
SYLADVTNALSQSNGQGPSHLSVDGEERAIEVDSDWVEELAVEEEDSQAEDSDEDSLCNKLCTFTITQKEFMNQHWYHCH
TCKMVDGVGVCTVCAKVCHKDHEISYAKYGSFFCDCGAKEDGSCLALVKRTPSSGMSSTMKESAFQSEPRISESLVRHAS
TSSPADKAKVTISDGKVADEEKPKKSSLCRTVEGCREELQNQANFSFAPLVLDMLNFLMDAIQTNFQQASAVGSSSRAQQ
ALSELHTVEKAVEMTDQLMVPTLGSQEGAFENVRMNYSGDQGQTIRQLISAHVLRRVAMCVLSSPHGRRQHLAVSHEKGK
ITVLQLSALLKQADSSKRKLTLTRLASAPVPFTVLSLTGNPCKEDYLAVCGLKDCHVLTFSSSGSVSDHLVLHPQLATGN
FIIKAVWLPGSQTELAIVTADFVKIYDLCVDALSPTFYFLLPSSKIRDVTFLFNEEGKNIIVIMSSAGYIYTQLMEEASS
AQQGPFYVTNVLEINHEDLKDSNSQVAGGGVSVYYSHVLQMLFFSYCQGKSFAATISRTTLEVLQLFPINIKSSNGGSKT
SPALCQWSEVMNHPGLVCCVQQTTGVPLVVMVKPDTFLIQEIKTLPAKAKIQDMVAIRHTACNEQQRTTMILLCEDGSLR
IYMANVENTSYWLQPSLQPSSVISIMKPVRKRKTATITTRTSSQVTFPIDFFEHNQQLTDVEFGGNDLLQVYNAQQIKHR
LNSTGMYVANTKPGGFTIEISNNNSTMVMTGMRIQIGTQAIERAPSYIEIFGRTMQLNLSRSRWFDFPFTREEALQADKK
LNLFIGASVDPAGVTMIDAVKIYGKTKEQFGWPDEPPEEFPSASVSNICPSNLNQSNGTGDSDSAAPTTTSGTVLERLVV
SSLEALESCFAVGPIIEKERNKNAAQELATLLLSLPAPASVQQQSKSLLASLHTSRSAYHSHKDQALLSKAVQCLNTSSK
EGKDLDPEVFQRLVITARSIAIMRPNNLVHFTESKLPQMETEGMDEGKEPQKQLEGDCCSFITQLVNHFWKLHASKPKNA
FLAPACLPGLTHIEATVNALVDIIHGYCTCELDCINTASKIYMQMLLCPDPAVSFSCKQALIRVLRPRNKRRHVTLPSSP
RSNTPMGDKDDDDDDDADEKMQSSGIPNGGHIRQESQEQSEVDHGDFEMVSESMVLETAENVNNGNPSPLEALLAGAEGF
PPMLDIPPDADDETMVELAIALSLQQDQQGSSSSALGLQSLGLSGQAPSSSSLDAGTLSDTTASAPASDDEGSTAATDGS
TLRTSPADHGGSVGSESGGSAVDSVAGEHSVSGRSSAYGDATAEGHPAGPGSVSSSTGAISTTTGHQEGDGSEGEGEGET
EGDVHTSNRLHMVRLMLLERLLQTLPQLRNVGGVRAIPYMQVILMLTTDLDGEDEKDKGALDNLLSQLIAELGMDKKDVS
KKNERSALNEVHLVVMRLLSVFMSRTKSGSKSSICESSSLISSATAAALLSSGAVDYCLHVLKSLLEYWKSQQNDEEPVA
TSQLLKPHTTSSPPDMSPFFLRQYVKGHAADVFEAYTQLLTEMVLRLPYQIKKITDTNSRIPPPVFDHSWFYFLSEYLMI
QQTPFVRRQVRKLLLFICGSKEKYRQLRDLHTLDSHVRGIKKLLEEQGIFLRASVVTASSGSALQYDTLISLMEHLKACA
EIAAQRTINWQKFCIKDDSVLYFLLQVSFLVDEGVSPVLLQLLSCALCGSKVLAALAASSGSSSASSSSAPVAASSGQAT
TQSKSSTKKSKKEEKEKEKDGETSGSQEDQLCTALVNQLNKFADKETLIQFLRCFLLESNSSSVRWQAHCLTLHIYRNSS
KSQQELLLDLMWSIWPELPAYGRKAAQFVDLLGYFSLKTPQTEKKLKEYSQKAVEILRTQNHILTNHPNSNIYNTLSGLV
EFDGYYLESDPCLVCNNPEVPFCYIKLSSIKVDTRYTTTQQVVKLIGSHTISKVTVKIGDLKRTKMVRTINLYYNNRTVQ
AIVELKNKPARWHKAKKVQLTPGQTEVKIDLPLPIVASNLMIEFADFYENYQASTETLQCPRCSASVPANPGVCGNCGEN
VYQCHKCRSINYDEKDPFLCNACGFCKYARFDFMLYAKPCCAVDPIENEEDRKKAVSNINTLLDKADRVYHQLMGHRPQL
ENLLCKVNEAAPEKPQDDSGTAGGISSTSASVNRYILQLAQEYCGDCKNSFDELSKIIQKVFASRKELLEYDLQQREAAT
KSSRTSVQPTFTASQYRALSVLGCGHTSSTKCYGCASAVTEHCITLLRALATNPALRHILVSQGLIRELFDYNLRRGAAA
MREEVRQLMCLLTRDNPEATQQMNDLIIGKVSTALKGHWANPDLASSLQYEMLLLTDSISKEDSCWELRLRCALSLFLMA
VNIKTPVVVENITLMCLRILQKLIKPPAPTSKKNKDVPVEALTTVKPYCNEIHAQAQLWLKRDPKASYDAWKKCLPIRGI
DGNGKAPSKSELRHLYLTEKYVWRWKQFLSRRGKRTSPLDLKLGHNNWLRQVLFTPATQAARQAACTIVEALATIPSRKQ
QVLDLLTSYLDELSIAGECAAEYLALYQKLITSAHWKVYLAARGVLPYVGNLITKEIARLLALEEATLSTDLQQGYALKS
LTGLLSSFVEVESIKRHFKSRLVGTVLNGYLCLRKLVVQRTKLIDETQDMLLEMLEDMTTGTESETKAFMAVCIETAKRY
NLDDYRTPVFIFERLCSIIYPEENEVTEFFVTLEKDPQQEDFLQGRMPGNPYSSNEPGIGPLMRDIKNKICQDCDLVALL
EDDSGMELLVNNKIISLDLPVAEVYKKVWCTTNEGEPMRIVYRMRGLLGDATEEFIESLDSTTDEEEDEEEVYKMAGVMA
QCGGLECMLNRLAGIRDFKQGRHLLTVLLKLFSYCVKVKVNRQQLVKLEMNTLNVMLGTLNLALVAEQESKDSGGAAVAE
QVLSIMEIILDESNAEPLSEDKGNLLLTGDKDQLVMLLDQINSTFVRSNPSVLQGLLRIIPYLSFGEVEKMQILVERFKP
YCNFDKYDEDHSGDDKVFLDCFCKIAAGIKNNSNGHQLKDLILQKGITQNALDYMKKHIPSAKNLDADIWKKFLSRPALP
FILRLLRGLAIQHPGTQVLIGTDSIPNLHKLEQVSSDEGIGTLAENLLEALREHPDVNKKIDAARRETRAEKKRMAMAMR
QKALGTLGMTTNEKGQVVTKTALLKQMEELIEEPGLTCCICREGYKFQPTKVLGIYTFTKRVALEEMENKPRKQQGYSTV
SHFNIVHYDCHLAAVRLARGREEWESAALQNANTKCNGLLPVWGPHVPESAFATCLARHNTYLQECTGQREPTYQLNIHD
IKLLFLRFAMEQSFSADTGGGGRESNIHLIPYIIHTVLYVLNTTRATSREEKNLQGFLEQPKEKWVESAFEVDGPYYFTV
LALHILPPEQWRATRVEILRRLLVTSQARAVAPGGATRLTDKAVKDYSAYRSSLLFWALVDLIYNMFKKVPTSNTEGGWS
CSLAEYIRHNDMPIYEAADKALKTFQEEFMPVETFSEFLDVAGLLSEITDPESFLKDLLNSVPHHHHHHHHHH
;
_entity_poly.pdbx_strand_id   A,B
#
# COMPACT_ATOMS: atom_id res chain seq x y z
N GLY A 28 -47.41 -1.65 33.24
CA GLY A 28 -48.21 -2.12 32.12
C GLY A 28 -47.38 -2.44 30.90
N TRP A 29 -47.96 -3.23 29.99
CA TRP A 29 -47.25 -3.60 28.77
C TRP A 29 -47.30 -2.51 27.71
N GLU A 30 -48.24 -1.56 27.81
CA GLU A 30 -48.33 -0.48 26.84
C GLU A 30 -47.09 0.41 26.92
N VAL A 31 -46.71 0.83 28.12
CA VAL A 31 -45.49 1.61 28.28
C VAL A 31 -44.26 0.77 27.95
N ALA A 32 -44.33 -0.55 28.13
CA ALA A 32 -43.23 -1.42 27.76
C ALA A 32 -43.00 -1.46 26.25
N VAL A 33 -44.08 -1.51 25.47
CA VAL A 33 -43.96 -1.51 24.01
C VAL A 33 -43.86 -0.11 23.43
N ARG A 34 -44.09 0.93 24.23
CA ARG A 34 -43.97 2.31 23.75
C ARG A 34 -42.63 2.63 23.08
N PRO A 35 -41.47 2.27 23.64
CA PRO A 35 -40.21 2.63 22.95
C PRO A 35 -40.10 2.07 21.54
N LEU A 36 -40.54 0.83 21.33
CA LEU A 36 -40.50 0.25 19.99
C LEU A 36 -41.44 1.00 19.05
N LEU A 37 -42.63 1.35 19.52
CA LEU A 37 -43.58 2.09 18.70
C LEU A 37 -43.02 3.44 18.32
N SER A 38 -42.40 4.15 19.27
CA SER A 38 -41.83 5.45 18.97
C SER A 38 -40.65 5.34 18.02
N ALA A 39 -39.83 4.30 18.18
CA ALA A 39 -38.62 4.17 17.38
C ALA A 39 -38.87 3.57 16.01
N SER A 40 -40.04 2.97 15.77
CA SER A 40 -40.31 2.38 14.46
C SER A 40 -40.23 3.39 13.33
N TYR A 41 -40.41 4.67 13.63
CA TYR A 41 -40.33 5.73 12.62
C TYR A 41 -38.99 6.43 12.58
N SER A 42 -38.01 5.97 13.36
CA SER A 42 -36.70 6.61 13.45
C SER A 42 -35.67 5.53 13.79
N ALA A 43 -34.51 5.97 14.28
CA ALA A 43 -33.53 5.05 14.82
C ALA A 43 -33.92 4.68 16.25
N PHE A 44 -33.03 4.01 16.97
CA PHE A 44 -33.31 3.57 18.34
C PHE A 44 -32.47 4.38 19.30
N GLU A 45 -33.13 5.17 20.13
CA GLU A 45 -32.43 6.04 21.07
C GLU A 45 -31.69 5.22 22.11
N MET A 46 -30.51 5.68 22.49
CA MET A 46 -29.70 4.97 23.47
C MET A 46 -30.40 4.89 24.82
N LYS A 47 -31.12 5.96 25.19
CA LYS A 47 -31.79 5.99 26.48
C LYS A 47 -32.95 4.99 26.55
N GLU A 48 -33.39 4.46 25.41
CA GLU A 48 -34.49 3.52 25.39
C GLU A 48 -34.06 2.08 25.59
N LEU A 49 -32.77 1.81 25.73
CA LEU A 49 -32.32 0.43 25.88
C LEU A 49 -32.62 -0.14 27.26
N PRO A 50 -32.15 0.45 28.37
CA PRO A 50 -32.22 -0.27 29.66
C PRO A 50 -33.64 -0.64 30.08
N GLN A 51 -34.63 0.22 29.83
CA GLN A 51 -35.99 -0.12 30.21
C GLN A 51 -36.53 -1.26 29.35
N LEU A 52 -36.15 -1.30 28.07
CA LEU A 52 -36.52 -2.43 27.23
C LEU A 52 -35.92 -3.72 27.76
N VAL A 53 -34.64 -3.69 28.12
CA VAL A 53 -34.00 -4.88 28.67
C VAL A 53 -34.70 -5.31 29.95
N ALA A 54 -35.03 -4.34 30.81
CA ALA A 54 -35.71 -4.65 32.07
C ALA A 54 -37.07 -5.28 31.81
N SER A 55 -37.78 -4.79 30.78
CA SER A 55 -39.08 -5.36 30.47
C SER A 55 -38.95 -6.80 29.96
N VAL A 56 -37.93 -7.08 29.14
CA VAL A 56 -37.72 -8.46 28.70
C VAL A 56 -37.39 -9.36 29.88
N ILE A 57 -36.53 -8.91 30.78
CA ILE A 57 -36.17 -9.74 31.93
C ILE A 57 -37.37 -9.98 32.83
N GLU A 58 -38.16 -8.94 33.09
CA GLU A 58 -39.27 -9.04 34.03
C GLU A 58 -40.35 -10.01 33.55
N SER A 59 -40.70 -9.95 32.26
CA SER A 59 -41.76 -10.79 31.72
C SER A 59 -41.28 -12.18 31.32
N GLU A 60 -40.11 -12.60 31.79
CA GLU A 60 -39.55 -13.88 31.37
C GLU A 60 -40.46 -15.05 31.76
N SER A 61 -40.97 -15.03 32.99
CA SER A 61 -41.78 -16.14 33.48
C SER A 61 -43.03 -16.34 32.64
N GLU A 62 -43.52 -15.26 32.02
CA GLU A 62 -44.76 -15.37 31.26
C GLU A 62 -44.51 -15.54 29.77
N ILE A 63 -43.36 -15.08 29.27
CA ILE A 63 -43.12 -15.01 27.82
C ILE A 63 -43.23 -16.37 27.17
N LEU A 64 -42.73 -17.42 27.84
CA LEU A 64 -42.67 -18.74 27.23
C LEU A 64 -43.97 -19.53 27.35
N HIS A 65 -44.96 -19.00 28.06
CA HIS A 65 -46.24 -19.69 28.26
C HIS A 65 -47.37 -18.71 27.98
N HIS A 66 -48.12 -18.95 26.90
CA HIS A 66 -49.18 -18.05 26.49
C HIS A 66 -50.28 -18.83 25.78
N GLU A 67 -51.41 -18.16 25.60
CA GLU A 67 -52.54 -18.71 24.86
C GLU A 67 -52.44 -18.28 23.39
N LYS A 68 -53.35 -18.81 22.57
CA LYS A 68 -53.26 -18.58 21.13
C LYS A 68 -53.53 -17.12 20.77
N GLN A 69 -54.44 -16.46 21.49
CA GLN A 69 -54.84 -15.11 21.12
C GLN A 69 -53.70 -14.10 21.24
N TYR A 70 -52.85 -14.22 22.26
CA TYR A 70 -51.77 -13.26 22.46
C TYR A 70 -50.49 -13.63 21.73
N GLU A 71 -50.43 -14.82 21.13
CA GLU A 71 -49.18 -15.30 20.55
C GLU A 71 -48.65 -14.42 19.44
N PRO A 72 -49.43 -14.03 18.41
CA PRO A 72 -48.85 -13.17 17.36
C PRO A 72 -48.34 -11.85 17.89
N PHE A 73 -49.03 -11.27 18.87
CA PHE A 73 -48.59 -10.02 19.48
C PHE A 73 -47.20 -10.15 20.08
N TYR A 74 -46.99 -11.18 20.89
CA TYR A 74 -45.69 -11.38 21.52
C TYR A 74 -44.62 -11.76 20.51
N SER A 75 -45.00 -12.52 19.49
CA SER A 75 -44.04 -12.88 18.44
C SER A 75 -43.54 -11.62 17.72
N SER A 76 -44.46 -10.74 17.33
CA SER A 76 -44.07 -9.51 16.66
C SER A 76 -43.23 -8.62 17.58
N PHE A 77 -43.62 -8.54 18.86
CA PHE A 77 -42.85 -7.74 19.81
C PHE A 77 -41.43 -8.27 19.93
N VAL A 78 -41.27 -9.59 20.04
CA VAL A 78 -39.94 -10.18 20.16
C VAL A 78 -39.13 -9.94 18.91
N ALA A 79 -39.75 -10.09 17.74
CA ALA A 79 -39.03 -9.86 16.49
C ALA A 79 -38.52 -8.43 16.41
N LEU A 80 -39.39 -7.46 16.73
CA LEU A 80 -38.98 -6.07 16.67
C LEU A 80 -37.88 -5.77 17.69
N SER A 81 -38.01 -6.33 18.90
CA SER A 81 -37.02 -6.08 19.94
C SER A 81 -35.66 -6.66 19.55
N THR A 82 -35.65 -7.88 19.01
CA THR A 82 -34.40 -8.48 18.57
C THR A 82 -33.77 -7.65 17.44
N HIS A 83 -34.60 -7.21 16.48
CA HIS A 83 -34.10 -6.36 15.42
C HIS A 83 -33.42 -5.13 15.99
N TYR A 84 -34.07 -4.45 16.93
CA TYR A 84 -33.53 -3.19 17.41
C TYR A 84 -32.35 -3.38 18.36
N ILE A 85 -32.25 -4.55 19.00
CA ILE A 85 -31.06 -4.85 19.78
C ILE A 85 -29.87 -5.10 18.86
N THR A 86 -30.08 -5.89 17.80
CA THR A 86 -28.98 -6.23 16.90
C THR A 86 -28.49 -5.05 16.07
N THR A 87 -29.27 -3.96 15.97
CA THR A 87 -28.80 -2.81 15.20
C THR A 87 -27.69 -2.06 15.90
N VAL A 88 -27.41 -2.37 17.16
CA VAL A 88 -26.36 -1.68 17.90
C VAL A 88 -25.42 -2.70 18.55
N GLN A 96 -23.73 -2.97 31.78
CA GLN A 96 -24.92 -2.96 30.93
C GLN A 96 -24.89 -4.14 29.96
N LEU A 97 -23.70 -4.74 29.80
CA LEU A 97 -23.57 -5.86 28.88
C LEU A 97 -24.26 -7.11 29.42
N GLN A 98 -24.28 -7.28 30.74
CA GLN A 98 -24.89 -8.47 31.32
C GLN A 98 -26.39 -8.49 31.08
N SER A 99 -27.06 -7.34 31.25
CA SER A 99 -28.49 -7.28 30.99
C SER A 99 -28.79 -7.56 29.53
N VAL A 100 -28.00 -6.98 28.62
CA VAL A 100 -28.19 -7.22 27.20
C VAL A 100 -28.01 -8.70 26.88
N ALA A 101 -26.98 -9.33 27.46
CA ALA A 101 -26.74 -10.74 27.23
C ALA A 101 -27.90 -11.59 27.75
N ALA A 102 -28.43 -11.25 28.93
CA ALA A 102 -29.54 -12.01 29.48
C ALA A 102 -30.78 -11.88 28.61
N ALA A 103 -31.07 -10.66 28.16
CA ALA A 103 -32.22 -10.46 27.27
C ALA A 103 -32.05 -11.20 25.97
N CYS A 104 -30.85 -11.15 25.39
CA CYS A 104 -30.59 -11.87 24.14
C CYS A 104 -30.73 -13.38 24.33
N LYS A 105 -30.25 -13.90 25.46
CA LYS A 105 -30.43 -15.32 25.76
C LYS A 105 -31.90 -15.67 25.86
N VAL A 106 -32.69 -14.79 26.48
CA VAL A 106 -34.13 -15.02 26.59
C VAL A 106 -34.76 -15.08 25.19
N LEU A 107 -34.39 -14.14 24.33
CA LEU A 107 -34.94 -14.12 22.98
C LEU A 107 -34.54 -15.34 22.18
N ILE A 108 -33.27 -15.78 22.31
CA ILE A 108 -32.83 -16.99 21.61
C ILE A 108 -33.62 -18.19 22.10
N GLU A 109 -33.83 -18.31 23.41
CA GLU A 109 -34.60 -19.43 23.93
C GLU A 109 -36.03 -19.41 23.39
N PHE A 110 -36.64 -18.21 23.36
CA PHE A 110 -38.00 -18.08 22.85
C PHE A 110 -38.07 -18.53 21.39
N SER A 111 -37.17 -18.00 20.56
CA SER A 111 -37.14 -18.40 19.15
C SER A 111 -36.84 -19.88 19.01
N LEU A 112 -36.08 -20.46 19.94
CA LEU A 112 -35.77 -21.88 19.86
C LEU A 112 -37.02 -22.73 20.05
N LEU A 113 -37.77 -22.50 21.13
CA LEU A 113 -38.94 -23.35 21.29
C LEU A 113 -40.06 -22.94 20.35
N ARG A 114 -39.97 -21.76 19.74
CA ARG A 114 -40.89 -21.42 18.66
C ARG A 114 -40.53 -22.13 17.36
N LEU A 115 -39.25 -22.42 17.14
CA LEU A 115 -38.81 -23.18 15.98
C LEU A 115 -38.99 -24.67 16.17
N GLU A 116 -39.09 -25.15 17.41
CA GLU A 116 -39.34 -26.57 17.62
C GLU A 116 -40.80 -26.93 17.38
N ASN A 117 -41.72 -26.24 18.07
CA ASN A 117 -43.17 -26.42 18.02
C ASN A 117 -43.88 -25.93 16.75
N PRO A 118 -43.31 -25.00 15.95
CA PRO A 118 -44.08 -23.83 15.46
C PRO A 118 -45.56 -24.06 15.19
N ASP A 119 -46.37 -23.19 15.78
CA ASP A 119 -47.82 -23.24 15.68
C ASP A 119 -48.29 -22.54 14.41
N GLU A 120 -49.59 -22.69 14.13
CA GLU A 120 -50.16 -22.14 12.91
C GLU A 120 -50.29 -20.63 12.98
N ALA A 121 -50.44 -20.08 14.19
CA ALA A 121 -50.77 -18.67 14.38
C ALA A 121 -49.57 -17.85 14.86
N CYS A 122 -48.36 -18.19 14.41
CA CYS A 122 -47.19 -17.40 14.76
C CYS A 122 -47.03 -16.25 13.79
N ALA A 123 -46.87 -15.03 14.33
CA ALA A 123 -46.74 -13.85 13.49
C ALA A 123 -45.48 -13.86 12.65
N VAL A 124 -44.48 -14.66 13.03
CA VAL A 124 -43.22 -14.76 12.31
C VAL A 124 -42.98 -16.23 12.00
N SER A 125 -42.78 -16.55 10.73
CA SER A 125 -42.64 -17.94 10.32
C SER A 125 -41.24 -18.46 10.67
N GLN A 126 -41.00 -19.72 10.32
CA GLN A 126 -39.76 -20.39 10.73
C GLN A 126 -38.54 -19.77 10.07
N LYS A 127 -38.66 -19.35 8.81
CA LYS A 127 -37.51 -18.79 8.11
C LYS A 127 -37.05 -17.47 8.73
N HIS A 128 -38.01 -16.62 9.12
CA HIS A 128 -37.64 -15.37 9.75
C HIS A 128 -37.06 -15.60 11.14
N LEU A 129 -37.54 -16.61 11.87
CA LEU A 129 -36.88 -16.96 13.13
C LEU A 129 -35.45 -17.42 12.91
N ILE A 130 -35.22 -18.23 11.85
CA ILE A 130 -33.86 -18.68 11.56
C ILE A 130 -32.96 -17.49 11.27
N LEU A 131 -33.38 -16.60 10.37
CA LEU A 131 -32.53 -15.47 10.04
C LEU A 131 -32.41 -14.49 11.20
N LEU A 132 -33.41 -14.43 12.08
CA LEU A 132 -33.32 -13.59 13.26
C LEU A 132 -32.26 -14.11 14.23
N ILE A 133 -32.29 -15.42 14.50
CA ILE A 133 -31.26 -16.02 15.36
C ILE A 133 -29.88 -15.82 14.74
N LYS A 134 -29.78 -15.97 13.41
CA LYS A 134 -28.49 -15.73 12.75
C LYS A 134 -28.04 -14.29 12.92
N GLY A 135 -28.95 -13.34 12.72
CA GLY A 135 -28.58 -11.93 12.85
C GLY A 135 -28.18 -11.57 14.25
N LEU A 136 -28.79 -12.21 15.24
CA LEU A 136 -28.39 -11.98 16.63
C LEU A 136 -26.95 -12.43 16.86
N CYS A 137 -26.50 -13.44 16.13
CA CYS A 137 -25.12 -13.91 16.20
C CYS A 137 -24.22 -13.26 15.15
N THR A 138 -24.74 -12.29 14.38
CA THR A 138 -23.97 -11.64 13.34
C THR A 138 -24.26 -10.14 13.32
N GLY A 139 -23.88 -9.46 12.24
CA GLY A 139 -23.95 -8.02 12.18
C GLY A 139 -25.24 -7.42 11.66
N CYS A 140 -26.36 -8.13 11.85
CA CYS A 140 -27.70 -7.59 11.60
C CYS A 140 -27.87 -7.13 10.14
N SER A 141 -27.90 -8.11 9.24
CA SER A 141 -28.14 -7.84 7.82
C SER A 141 -29.11 -8.85 7.24
N ARG A 142 -30.15 -9.19 7.99
CA ARG A 142 -31.12 -10.20 7.55
C ARG A 142 -32.49 -9.59 7.30
N LEU A 143 -33.09 -8.91 8.29
CA LEU A 143 -34.43 -8.39 8.14
C LEU A 143 -34.45 -7.16 7.22
N ASP A 144 -35.55 -7.00 6.50
CA ASP A 144 -35.76 -5.88 5.60
C ASP A 144 -37.01 -5.13 6.00
N ARG A 145 -37.02 -3.82 5.71
CA ARG A 145 -38.09 -2.93 6.17
C ARG A 145 -39.47 -3.43 5.73
N THR A 146 -39.54 -4.14 4.60
CA THR A 146 -40.79 -4.61 4.05
C THR A 146 -41.49 -5.59 4.99
N GLU A 147 -40.72 -6.22 5.89
CA GLU A 147 -41.29 -7.06 6.92
C GLU A 147 -41.55 -6.33 8.23
N ILE A 148 -40.69 -5.38 8.60
CA ILE A 148 -40.91 -4.64 9.84
C ILE A 148 -42.15 -3.76 9.75
N ILE A 149 -42.49 -3.28 8.54
CA ILE A 149 -43.72 -2.51 8.42
C ILE A 149 -44.94 -3.39 8.73
N THR A 150 -44.96 -4.62 8.22
CA THR A 150 -46.05 -5.53 8.56
C THR A 150 -46.00 -5.91 10.03
N PHE A 151 -44.80 -6.02 10.59
CA PHE A 151 -44.69 -6.33 12.01
C PHE A 151 -45.28 -5.23 12.87
N THR A 152 -45.03 -3.97 12.51
CA THR A 152 -45.62 -2.86 13.25
C THR A 152 -47.13 -2.77 13.02
N ALA A 153 -47.58 -3.11 11.81
CA ALA A 153 -49.02 -3.17 11.56
C ALA A 153 -49.69 -4.20 12.46
N MET A 154 -49.08 -5.38 12.58
CA MET A 154 -49.62 -6.40 13.48
C MET A 154 -49.50 -5.96 14.94
N MET A 155 -48.41 -5.26 15.27
CA MET A 155 -48.24 -4.65 16.58
C MET A 155 -49.44 -3.79 16.95
N LYS A 156 -49.84 -2.91 16.04
CA LYS A 156 -51.01 -2.07 16.29
C LYS A 156 -52.30 -2.88 16.33
N SER A 157 -52.44 -3.84 15.41
CA SER A 157 -53.70 -4.57 15.28
C SER A 157 -53.92 -5.64 16.35
N ALA A 158 -52.92 -5.90 17.18
CA ALA A 158 -52.99 -6.99 18.16
C ALA A 158 -53.52 -6.48 19.50
N LYS A 159 -54.32 -7.32 20.14
CA LYS A 159 -54.89 -6.98 21.45
C LYS A 159 -53.88 -7.25 22.56
N LEU A 160 -53.91 -6.40 23.58
CA LEU A 160 -52.93 -6.44 24.67
C LEU A 160 -53.24 -7.60 25.62
N PRO A 161 -52.23 -8.08 26.35
CA PRO A 161 -52.48 -9.19 27.29
C PRO A 161 -53.26 -8.76 28.52
N GLN A 162 -52.92 -7.61 29.09
CA GLN A 162 -53.57 -7.15 30.32
C GLN A 162 -54.88 -6.45 30.01
N THR A 166 -56.66 -3.20 22.16
CA THR A 166 -55.66 -3.30 21.10
C THR A 166 -54.80 -2.05 21.05
N LEU A 167 -53.60 -2.17 20.46
CA LEU A 167 -52.68 -1.05 20.36
C LEU A 167 -53.13 0.00 19.36
N SER A 168 -54.09 -0.31 18.50
CA SER A 168 -54.56 0.65 17.50
C SER A 168 -55.73 1.47 18.03
N ARG A 185 -36.03 5.03 38.36
CA ARG A 185 -34.60 5.05 38.10
C ARG A 185 -33.85 4.24 39.15
N GLN A 186 -34.28 4.35 40.40
CA GLN A 186 -33.60 3.65 41.48
C GLN A 186 -33.78 2.13 41.35
N LYS A 187 -34.94 1.68 40.90
CA LYS A 187 -35.18 0.25 40.76
C LYS A 187 -34.29 -0.35 39.68
N GLU A 188 -34.18 0.32 38.53
CA GLU A 188 -33.34 -0.20 37.46
C GLU A 188 -31.87 -0.15 37.84
N VAL A 189 -31.46 0.89 38.57
CA VAL A 189 -30.07 0.98 39.00
C VAL A 189 -29.75 -0.12 39.99
N GLN A 190 -30.66 -0.37 40.94
CA GLN A 190 -30.46 -1.46 41.90
C GLN A 190 -30.42 -2.81 41.20
N MET A 191 -31.30 -3.03 40.22
CA MET A 191 -31.29 -4.29 39.50
C MET A 191 -29.99 -4.47 38.74
N ASN A 192 -29.52 -3.43 38.06
CA ASN A 192 -28.24 -3.51 37.36
C ASN A 192 -27.10 -3.76 38.32
N PHE A 193 -27.12 -3.12 39.49
CA PHE A 193 -26.08 -3.32 40.48
C PHE A 193 -26.05 -4.77 40.96
N LEU A 194 -27.22 -5.34 41.26
CA LEU A 194 -27.29 -6.72 41.69
C LEU A 194 -26.82 -7.66 40.59
N ASN A 195 -27.21 -7.38 39.34
CA ASN A 195 -26.82 -8.22 38.22
C ASN A 195 -25.30 -8.21 38.03
N GLN A 196 -24.69 -7.03 38.14
CA GLN A 196 -23.24 -6.95 38.03
C GLN A 196 -22.55 -7.59 39.23
N LEU A 197 -23.18 -7.53 40.39
CA LEU A 197 -22.59 -8.11 41.60
C LEU A 197 -22.59 -9.63 41.55
N THR A 198 -23.67 -10.24 41.07
CA THR A 198 -23.81 -11.69 41.15
C THR A 198 -22.79 -12.40 40.26
N SER A 199 -22.61 -11.94 39.03
CA SER A 199 -21.76 -12.60 38.06
C SER A 199 -20.74 -11.63 37.48
N VAL A 200 -19.59 -12.15 37.10
CA VAL A 200 -18.48 -11.37 36.55
C VAL A 200 -18.35 -11.73 35.07
N PHE A 201 -18.39 -10.72 34.21
CA PHE A 201 -18.18 -10.91 32.79
C PHE A 201 -16.69 -10.97 32.46
N ASN A 202 -16.39 -11.51 31.27
CA ASN A 202 -15.13 -12.16 30.91
C ASN A 202 -13.90 -11.37 31.37
N PRO A 203 -13.67 -10.11 30.95
CA PRO A 203 -14.08 -9.42 29.72
C PRO A 203 -13.08 -9.72 28.62
N ARG A 204 -11.82 -9.83 29.04
CA ARG A 204 -10.66 -9.88 28.15
C ARG A 204 -10.26 -11.31 27.78
N THR A 205 -10.96 -12.32 28.29
CA THR A 205 -10.59 -13.70 27.97
C THR A 205 -10.78 -14.01 26.49
N VAL A 206 -11.71 -13.34 25.83
CA VAL A 206 -11.94 -13.56 24.41
C VAL A 206 -10.76 -13.02 23.60
N ALA A 230 -12.20 0.57 16.31
CA ALA A 230 -11.49 -0.22 17.31
C ALA A 230 -12.42 -0.62 18.45
N SER A 231 -13.05 0.38 19.08
CA SER A 231 -14.02 0.09 20.14
C SER A 231 -15.23 -0.64 19.60
N ALA A 232 -15.74 -0.20 18.44
CA ALA A 232 -16.94 -0.81 17.89
C ALA A 232 -16.71 -2.28 17.56
N ILE A 233 -15.56 -2.61 16.97
CA ILE A 233 -15.32 -3.99 16.57
C ILE A 233 -15.19 -4.89 17.79
N LYS A 234 -14.53 -4.42 18.85
CA LYS A 234 -14.36 -5.28 20.03
C LYS A 234 -15.68 -5.42 20.79
N THR A 235 -16.48 -4.36 20.86
CA THR A 235 -17.81 -4.50 21.46
C THR A 235 -18.67 -5.47 20.65
N LYS A 236 -18.61 -5.39 19.33
CA LYS A 236 -19.35 -6.34 18.51
C LYS A 236 -18.87 -7.76 18.75
N ASN A 237 -17.54 -7.96 18.86
CA ASN A 237 -16.99 -9.29 19.08
C ASN A 237 -17.46 -9.86 20.40
N VAL A 238 -17.43 -9.06 21.48
CA VAL A 238 -17.87 -9.57 22.77
C VAL A 238 -19.37 -9.82 22.75
N PHE A 239 -20.14 -9.00 22.03
CA PHE A 239 -21.58 -9.24 21.90
C PHE A 239 -21.84 -10.58 21.21
N ILE A 240 -21.14 -10.84 20.11
CA ILE A 240 -21.31 -12.10 19.40
C ILE A 240 -20.89 -13.28 20.26
N ALA A 241 -19.78 -13.13 21.01
CA ALA A 241 -19.33 -14.20 21.87
C ALA A 241 -20.37 -14.53 22.93
N GLN A 242 -20.94 -13.50 23.56
CA GLN A 242 -21.98 -13.74 24.57
C GLN A 242 -23.20 -14.41 23.94
N ASN A 243 -23.61 -13.95 22.76
CA ASN A 243 -24.80 -14.51 22.13
C ASN A 243 -24.60 -15.97 21.74
N VAL A 244 -23.43 -16.31 21.18
CA VAL A 244 -23.20 -17.69 20.79
C VAL A 244 -23.03 -18.58 22.02
N ALA A 245 -22.44 -18.04 23.09
CA ALA A 245 -22.37 -18.81 24.33
C ALA A 245 -23.77 -19.09 24.86
N SER A 246 -24.65 -18.10 24.82
CA SER A 246 -26.03 -18.31 25.25
C SER A 246 -26.73 -19.34 24.38
N LEU A 247 -26.52 -19.27 23.07
CA LEU A 247 -27.15 -20.23 22.16
C LEU A 247 -26.67 -21.65 22.44
N GLN A 248 -25.36 -21.83 22.62
CA GLN A 248 -24.84 -23.17 22.88
C GLN A 248 -25.20 -23.67 24.26
N GLU A 249 -25.45 -22.77 25.22
CA GLU A 249 -25.83 -23.20 26.56
C GLU A 249 -27.19 -23.88 26.52
N LEU A 250 -28.13 -23.38 25.72
CA LEU A 250 -29.44 -23.97 25.60
C LEU A 250 -29.44 -25.28 24.82
N GLY A 251 -28.29 -25.66 24.25
CA GLY A 251 -28.24 -26.84 23.41
C GLY A 251 -29.03 -26.68 22.12
N GLY A 252 -29.00 -25.49 21.52
CA GLY A 252 -29.75 -25.24 20.31
C GLY A 252 -29.21 -25.96 19.09
N SER A 253 -27.97 -26.45 19.16
CA SER A 253 -27.41 -27.18 18.02
C SER A 253 -28.23 -28.43 17.72
N GLU A 254 -28.53 -29.22 18.74
CA GLU A 254 -29.30 -30.45 18.54
C GLU A 254 -30.70 -30.14 18.01
N LYS A 255 -31.35 -29.13 18.58
CA LYS A 255 -32.70 -28.79 18.14
C LYS A 255 -32.71 -28.29 16.69
N LEU A 256 -31.74 -27.45 16.34
CA LEU A 256 -31.68 -26.95 14.97
C LEU A 256 -31.40 -28.07 13.98
N LEU A 257 -30.48 -28.98 14.31
CA LEU A 257 -30.23 -30.11 13.45
C LEU A 257 -31.47 -30.99 13.32
N ARG A 258 -32.19 -31.19 14.43
CA ARG A 258 -33.38 -32.01 14.40
C ARG A 258 -34.46 -31.41 13.51
N VAL A 259 -34.70 -30.10 13.62
CA VAL A 259 -35.75 -29.48 12.82
C VAL A 259 -35.35 -29.46 11.36
N CYS A 260 -34.06 -29.22 11.07
CA CYS A 260 -33.60 -29.26 9.68
C CYS A 260 -33.72 -30.66 9.09
N LEU A 261 -33.52 -31.69 9.90
CA LEU A 261 -33.56 -33.05 9.37
C LEU A 261 -34.97 -33.45 8.94
N ASN A 262 -35.97 -33.18 9.78
CA ASN A 262 -37.33 -33.63 9.52
C ASN A 262 -38.15 -32.53 8.83
N LEU A 263 -37.65 -32.09 7.68
CA LEU A 263 -38.39 -31.12 6.89
C LEU A 263 -39.46 -31.81 6.06
N PRO A 264 -40.58 -31.11 5.79
CA PRO A 264 -41.66 -31.75 5.02
C PRO A 264 -41.35 -31.94 3.55
N TYR A 265 -40.34 -31.26 3.02
CA TYR A 265 -40.00 -31.35 1.61
C TYR A 265 -38.72 -32.11 1.35
N PHE A 266 -37.71 -31.95 2.21
CA PHE A 266 -36.49 -32.73 2.06
C PHE A 266 -36.68 -34.20 2.43
N LEU A 267 -37.82 -34.55 3.02
CA LEU A 267 -38.03 -35.92 3.49
C LEU A 267 -38.00 -36.91 2.34
N ARG A 268 -38.63 -36.57 1.21
CA ARG A 268 -38.62 -37.45 0.06
C ARG A 268 -37.20 -37.64 -0.46
N TYR A 269 -36.42 -36.55 -0.53
CA TYR A 269 -35.04 -36.66 -0.98
C TYR A 269 -34.22 -37.54 -0.05
N ILE A 270 -34.41 -37.39 1.26
CA ILE A 270 -33.66 -38.20 2.23
C ILE A 270 -34.02 -39.67 2.07
N ASN A 271 -35.31 -39.96 1.92
CA ASN A 271 -35.74 -41.34 1.75
C ASN A 271 -35.18 -41.94 0.47
N ARG A 272 -35.22 -41.16 -0.62
CA ARG A 272 -34.67 -41.64 -1.88
C ARG A 272 -33.18 -41.92 -1.78
N PHE A 273 -32.44 -41.04 -1.10
CA PHE A 273 -31.02 -41.27 -0.92
C PHE A 273 -30.78 -42.54 -0.10
N GLN A 274 -31.59 -42.75 0.94
CA GLN A 274 -31.44 -43.96 1.76
C GLN A 274 -31.70 -45.22 0.94
N ASP A 275 -32.74 -45.21 0.10
CA ASP A 275 -32.97 -46.36 -0.76
C ASP A 275 -31.83 -46.55 -1.74
N ALA A 276 -31.29 -45.45 -2.26
CA ALA A 276 -30.19 -45.55 -3.22
C ALA A 276 -28.97 -46.20 -2.59
N VAL A 277 -28.60 -45.78 -1.38
CA VAL A 277 -27.43 -46.37 -0.75
C VAL A 277 -27.70 -47.81 -0.32
N LEU A 278 -28.94 -48.11 0.08
CA LEU A 278 -29.26 -49.47 0.48
C LEU A 278 -29.22 -50.44 -0.70
N ALA A 279 -29.67 -49.99 -1.87
CA ALA A 279 -29.75 -50.85 -3.04
C ALA A 279 -28.50 -50.80 -3.92
N ASN A 280 -27.50 -50.00 -3.53
CA ASN A 280 -26.25 -49.88 -4.28
C ASN A 280 -26.48 -49.31 -5.68
N SER A 281 -27.69 -48.81 -5.93
CA SER A 281 -28.04 -48.23 -7.22
C SER A 281 -28.33 -46.75 -7.04
N PHE A 282 -28.54 -46.05 -8.16
CA PHE A 282 -28.87 -44.63 -8.13
C PHE A 282 -30.24 -44.42 -8.74
N PHE A 283 -31.09 -43.68 -8.04
CA PHE A 283 -32.45 -43.38 -8.48
C PHE A 283 -32.60 -41.88 -8.73
N ILE A 284 -33.14 -41.53 -9.89
CA ILE A 284 -33.70 -40.21 -10.14
C ILE A 284 -34.97 -40.40 -10.96
N MET A 285 -36.06 -39.74 -10.55
CA MET A 285 -37.32 -39.82 -11.28
C MET A 285 -37.86 -38.43 -11.60
N PRO A 286 -37.25 -37.73 -12.57
CA PRO A 286 -38.02 -36.76 -13.34
C PRO A 286 -38.96 -37.44 -14.32
N ALA A 287 -38.67 -38.67 -14.71
CA ALA A 287 -39.51 -39.52 -15.56
C ALA A 287 -39.74 -38.81 -16.88
N THR A 288 -40.97 -38.70 -17.38
CA THR A 288 -41.23 -38.07 -18.66
C THR A 288 -41.34 -36.56 -18.50
N VAL A 289 -41.73 -35.88 -19.58
CA VAL A 289 -41.87 -34.43 -19.54
C VAL A 289 -43.00 -34.03 -18.60
N ALA A 290 -44.11 -34.79 -18.62
CA ALA A 290 -45.23 -34.48 -17.73
C ALA A 290 -44.84 -34.62 -16.27
N ASP A 291 -44.12 -35.69 -15.93
CA ASP A 291 -43.66 -35.86 -14.55
C ASP A 291 -42.63 -34.80 -14.18
N ALA A 292 -41.81 -34.37 -15.14
CA ALA A 292 -40.87 -33.29 -14.89
C ALA A 292 -41.60 -31.99 -14.56
N THR A 293 -42.67 -31.70 -15.30
CA THR A 293 -43.47 -30.52 -15.00
C THR A 293 -44.16 -30.66 -13.64
N ALA A 294 -44.63 -31.87 -13.31
CA ALA A 294 -45.27 -32.09 -12.02
C ALA A 294 -44.29 -31.87 -10.87
N VAL A 295 -43.05 -32.34 -11.04
CA VAL A 295 -42.01 -32.06 -10.04
C VAL A 295 -41.74 -30.57 -9.98
N ARG A 296 -41.76 -29.90 -11.13
CA ARG A 296 -41.65 -28.46 -11.18
C ARG A 296 -42.91 -27.82 -10.58
N ASN A 297 -42.96 -26.49 -10.62
CA ASN A 297 -44.06 -25.68 -10.10
C ASN A 297 -44.11 -25.73 -8.58
N GLY A 298 -43.19 -26.48 -7.97
CA GLY A 298 -43.01 -26.48 -6.53
C GLY A 298 -41.59 -26.07 -6.18
N PHE A 299 -40.95 -25.35 -7.10
CA PHE A 299 -39.54 -25.02 -6.93
C PHE A 299 -39.34 -23.92 -5.89
N HIS A 300 -40.34 -23.05 -5.69
CA HIS A 300 -40.18 -21.96 -4.73
C HIS A 300 -40.04 -22.48 -3.31
N SER A 301 -40.82 -23.51 -2.95
CA SER A 301 -40.69 -24.11 -1.62
C SER A 301 -39.32 -24.75 -1.44
N LEU A 302 -38.82 -25.41 -2.49
CA LEU A 302 -37.48 -25.99 -2.41
C LEU A 302 -36.42 -24.90 -2.24
N VAL A 303 -36.59 -23.78 -2.93
CA VAL A 303 -35.64 -22.67 -2.79
C VAL A 303 -35.65 -22.14 -1.37
N ILE A 304 -36.83 -21.92 -0.81
CA ILE A 304 -36.90 -21.38 0.55
C ILE A 304 -36.33 -22.38 1.54
N ASP A 305 -36.54 -23.68 1.30
CA ASP A 305 -36.03 -24.70 2.19
C ASP A 305 -34.50 -24.75 2.15
N VAL A 306 -33.93 -24.72 0.95
CA VAL A 306 -32.46 -24.79 0.86
C VAL A 306 -31.83 -23.53 1.43
N THR A 307 -32.48 -22.38 1.23
CA THR A 307 -31.95 -21.14 1.82
C THR A 307 -31.95 -21.22 3.34
N MET A 308 -33.08 -21.64 3.92
CA MET A 308 -33.14 -21.71 5.38
C MET A 308 -32.19 -22.76 5.93
N ALA A 309 -32.03 -23.89 5.23
CA ALA A 309 -31.08 -24.91 5.65
C ALA A 309 -29.66 -24.39 5.62
N LEU A 310 -29.29 -23.66 4.56
CA LEU A 310 -27.95 -23.09 4.48
C LEU A 310 -27.72 -22.09 5.61
N ASP A 311 -28.71 -21.24 5.89
CA ASP A 311 -28.55 -20.30 6.99
C ASP A 311 -28.38 -21.01 8.33
N THR A 312 -29.18 -22.06 8.56
CA THR A 312 -29.04 -22.82 9.79
C THR A 312 -27.66 -23.46 9.90
N LEU A 313 -27.17 -24.04 8.80
CA LEU A 313 -25.86 -24.67 8.82
C LEU A 313 -24.72 -23.66 8.92
N SER A 314 -24.96 -22.39 8.62
CA SER A 314 -23.93 -21.37 8.76
C SER A 314 -23.65 -21.01 10.21
N LEU A 315 -24.58 -21.27 11.13
CA LEU A 315 -24.35 -21.00 12.54
C LEU A 315 -23.36 -22.02 13.12
N PRO A 316 -22.62 -21.64 14.17
CA PRO A 316 -21.69 -22.60 14.78
C PRO A 316 -22.41 -23.58 15.69
N VAL A 317 -23.03 -24.60 15.10
CA VAL A 317 -23.84 -25.55 15.84
C VAL A 317 -23.43 -26.97 15.48
N LEU A 318 -22.20 -27.15 15.03
CA LEU A 318 -21.75 -28.43 14.48
C LEU A 318 -20.56 -29.04 15.21
N GLU A 319 -19.98 -28.34 16.19
CA GLU A 319 -18.68 -28.74 16.72
C GLU A 319 -18.66 -30.11 17.37
N PRO A 320 -19.59 -30.47 18.28
CA PRO A 320 -19.48 -31.80 18.93
C PRO A 320 -19.94 -32.95 18.05
N LEU A 321 -19.03 -33.41 17.18
CA LEU A 321 -19.37 -34.40 16.16
C LEU A 321 -19.24 -35.81 16.75
N ASN A 322 -20.29 -36.22 17.45
CA ASN A 322 -20.43 -37.60 17.85
C ASN A 322 -20.73 -38.45 16.61
N PRO A 323 -20.50 -39.77 16.68
CA PRO A 323 -20.82 -40.61 15.51
C PRO A 323 -22.26 -40.46 15.02
N SER A 324 -23.23 -40.38 15.93
CA SER A 324 -24.62 -40.16 15.52
C SER A 324 -24.78 -38.80 14.87
N ARG A 325 -24.16 -37.77 15.45
CA ARG A 325 -24.24 -36.44 14.85
C ARG A 325 -23.57 -36.42 13.48
N LEU A 326 -22.45 -37.13 13.33
CA LEU A 326 -21.80 -37.26 12.04
C LEU A 326 -22.74 -37.89 11.02
N GLN A 327 -23.39 -38.99 11.41
CA GLN A 327 -24.32 -39.66 10.51
C GLN A 327 -25.43 -38.72 10.07
N ASP A 328 -26.01 -37.98 11.03
CA ASP A 328 -27.08 -37.05 10.69
C ASP A 328 -26.60 -35.97 9.74
N VAL A 329 -25.40 -35.42 9.99
CA VAL A 329 -24.89 -34.32 9.18
C VAL A 329 -24.64 -34.79 7.75
N THR A 330 -24.01 -35.97 7.60
CA THR A 330 -23.79 -36.49 6.25
C THR A 330 -25.11 -36.80 5.55
N VAL A 331 -26.09 -37.35 6.30
CA VAL A 331 -27.40 -37.61 5.70
C VAL A 331 -27.98 -36.32 5.13
N LEU A 332 -27.97 -35.26 5.94
CA LEU A 332 -28.56 -33.99 5.49
C LEU A 332 -27.83 -33.43 4.28
N SER A 333 -26.50 -33.37 4.34
CA SER A 333 -25.74 -32.75 3.27
C SER A 333 -25.86 -33.55 1.97
N LEU A 334 -25.77 -34.88 2.06
CA LEU A 334 -25.86 -35.70 0.87
C LEU A 334 -27.27 -35.68 0.28
N SER A 335 -28.30 -35.60 1.12
CA SER A 335 -29.66 -35.49 0.59
C SER A 335 -29.86 -34.15 -0.10
N CYS A 336 -29.27 -33.08 0.43
CA CYS A 336 -29.33 -31.79 -0.24
C CYS A 336 -28.64 -31.85 -1.61
N LEU A 337 -27.47 -32.51 -1.66
CA LEU A 337 -26.79 -32.70 -2.94
C LEU A 337 -27.65 -33.52 -3.91
N TYR A 338 -28.32 -34.55 -3.38
CA TYR A 338 -29.26 -35.34 -4.17
C TYR A 338 -30.37 -34.46 -4.75
N ALA A 339 -30.89 -33.54 -3.94
CA ALA A 339 -31.94 -32.65 -4.42
C ALA A 339 -31.43 -31.76 -5.55
N GLY A 340 -30.21 -31.22 -5.39
CA GLY A 340 -29.63 -30.44 -6.48
C GLY A 340 -29.46 -31.26 -7.75
N VAL A 341 -29.00 -32.50 -7.61
CA VAL A 341 -28.87 -33.39 -8.76
C VAL A 341 -30.23 -33.62 -9.42
N SER A 342 -31.27 -33.83 -8.61
CA SER A 342 -32.59 -34.10 -9.16
C SER A 342 -33.15 -32.91 -9.91
N VAL A 343 -32.98 -31.69 -9.37
CA VAL A 343 -33.49 -30.53 -10.09
C VAL A 343 -32.70 -30.30 -11.37
N ALA A 344 -31.39 -30.59 -11.35
CA ALA A 344 -30.61 -30.49 -12.59
C ALA A 344 -31.12 -31.47 -13.64
N THR A 345 -31.40 -32.70 -13.23
CA THR A 345 -31.94 -33.70 -14.17
C THR A 345 -33.29 -33.26 -14.71
N CYS A 346 -34.15 -32.71 -13.85
CA CYS A 346 -35.46 -32.24 -14.30
C CYS A 346 -35.33 -31.13 -15.33
N MET A 347 -34.45 -30.16 -15.08
CA MET A 347 -34.26 -29.09 -16.05
C MET A 347 -33.70 -29.62 -17.37
N ALA A 348 -32.78 -30.59 -17.30
CA ALA A 348 -32.24 -31.17 -18.52
C ALA A 348 -33.33 -31.88 -19.32
N ILE A 349 -34.18 -32.64 -18.63
CA ILE A 349 -35.26 -33.34 -19.31
C ILE A 349 -36.23 -32.34 -19.94
N LEU A 350 -36.52 -31.26 -19.23
CA LEU A 350 -37.40 -30.23 -19.79
C LEU A 350 -36.79 -29.62 -21.06
N HIS A 351 -35.49 -29.35 -21.03
CA HIS A 351 -34.84 -28.78 -22.21
C HIS A 351 -34.83 -29.77 -23.38
N VAL A 352 -34.60 -31.06 -23.08
CA VAL A 352 -34.62 -32.08 -24.13
C VAL A 352 -36.01 -32.17 -24.75
N GLY A 353 -37.05 -32.15 -23.92
CA GLY A 353 -38.40 -32.28 -24.45
C GLY A 353 -38.80 -31.14 -25.37
N SER A 354 -38.38 -29.92 -25.03
CA SER A 354 -38.71 -28.75 -25.83
C SER A 354 -37.82 -28.67 -27.07
N SER A 364 -40.79 -16.74 -22.35
CA SER A 364 -41.72 -16.18 -21.37
C SER A 364 -41.04 -15.95 -20.03
N SER A 365 -41.74 -15.24 -19.13
CA SER A 365 -41.16 -14.93 -17.83
C SER A 365 -41.11 -16.13 -16.91
N LYS A 366 -42.11 -17.03 -17.01
CA LYS A 366 -42.16 -18.17 -16.10
C LYS A 366 -40.98 -19.12 -16.34
N GLU A 367 -40.61 -19.35 -17.60
CA GLU A 367 -39.47 -20.22 -17.88
C GLU A 367 -38.17 -19.60 -17.37
N ASP A 368 -38.02 -18.27 -17.52
CA ASP A 368 -36.85 -17.60 -16.98
C ASP A 368 -36.80 -17.72 -15.46
N ASP A 369 -37.95 -17.58 -14.80
CA ASP A 369 -38.00 -17.77 -13.35
C ASP A 369 -37.62 -19.18 -12.97
N TYR A 370 -38.10 -20.17 -13.75
CA TYR A 370 -37.78 -21.56 -13.46
C TYR A 370 -36.28 -21.84 -13.58
N GLU A 371 -35.66 -21.32 -14.64
CA GLU A 371 -34.22 -21.56 -14.82
C GLU A 371 -33.41 -20.84 -13.76
N SER A 372 -33.81 -19.62 -13.38
CA SER A 372 -33.13 -18.92 -12.30
C SER A 372 -33.26 -19.68 -10.99
N ASP A 373 -34.46 -20.23 -10.73
CA ASP A 373 -34.68 -21.02 -9.53
C ASP A 373 -33.79 -22.25 -9.52
N ALA A 374 -33.69 -22.94 -10.67
CA ALA A 374 -32.83 -24.12 -10.73
C ALA A 374 -31.37 -23.77 -10.49
N ALA A 375 -30.89 -22.68 -11.09
CA ALA A 375 -29.52 -22.26 -10.86
C ALA A 375 -29.29 -21.95 -9.39
N THR A 376 -30.21 -21.20 -8.77
CA THR A 376 -30.04 -20.84 -7.36
C THR A 376 -30.03 -22.09 -6.48
N ILE A 377 -30.93 -23.04 -6.73
CA ILE A 377 -31.00 -24.20 -5.84
C ILE A 377 -29.77 -25.08 -6.00
N VAL A 378 -29.26 -25.26 -7.22
CA VAL A 378 -28.08 -26.09 -7.38
C VAL A 378 -26.86 -25.41 -6.76
N GLN A 379 -26.74 -24.09 -6.92
CA GLN A 379 -25.62 -23.37 -6.30
C GLN A 379 -25.67 -23.49 -4.79
N LYS A 380 -26.86 -23.33 -4.19
CA LYS A 380 -26.97 -23.44 -2.75
C LYS A 380 -26.69 -24.86 -2.27
N CYS A 381 -27.12 -25.86 -3.04
CA CYS A 381 -26.82 -27.24 -2.67
C CYS A 381 -25.32 -27.50 -2.67
N LEU A 382 -24.61 -27.03 -3.70
CA LEU A 382 -23.17 -27.19 -3.74
C LEU A 382 -22.50 -26.46 -2.59
N GLU A 383 -22.98 -25.25 -2.25
CA GLU A 383 -22.41 -24.51 -1.14
C GLU A 383 -22.60 -25.27 0.17
N ILE A 384 -23.78 -25.85 0.38
CA ILE A 384 -24.03 -26.62 1.60
C ILE A 384 -23.09 -27.81 1.67
N TYR A 385 -22.92 -28.52 0.54
CA TYR A 385 -22.03 -29.68 0.52
C TYR A 385 -20.61 -29.27 0.87
N ASP A 386 -20.12 -28.18 0.28
CA ASP A 386 -18.76 -27.73 0.55
C ASP A 386 -18.59 -27.31 2.01
N MET A 387 -19.58 -26.60 2.56
CA MET A 387 -19.50 -26.18 3.96
C MET A 387 -19.44 -27.38 4.88
N ILE A 388 -20.29 -28.39 4.65
CA ILE A 388 -20.28 -29.57 5.49
C ILE A 388 -18.95 -30.31 5.37
N GLY A 389 -18.44 -30.44 4.15
CA GLY A 389 -17.16 -31.11 3.97
C GLY A 389 -16.03 -30.41 4.70
N GLN A 390 -15.97 -29.08 4.58
CA GLN A 390 -14.92 -28.33 5.27
C GLN A 390 -15.06 -28.44 6.78
N ALA A 391 -16.30 -28.45 7.28
CA ALA A 391 -16.50 -28.62 8.72
C ALA A 391 -16.04 -29.98 9.18
N ILE A 392 -16.29 -31.02 8.39
CA ILE A 392 -15.87 -32.37 8.76
C ILE A 392 -14.35 -32.48 8.73
N SER A 393 -13.72 -31.88 7.74
CA SER A 393 -12.27 -32.00 7.61
C SER A 393 -11.54 -31.31 8.76
N SER A 394 -12.02 -30.14 9.19
CA SER A 394 -11.35 -29.34 10.20
C SER A 394 -11.75 -29.72 11.62
N SER A 395 -12.74 -30.58 11.79
CA SER A 395 -13.20 -30.93 13.13
C SER A 395 -12.13 -31.70 13.89
N ARG A 396 -12.19 -31.59 15.21
CA ARG A 396 -11.26 -32.28 16.10
C ARG A 396 -11.76 -33.64 16.53
N ARG A 397 -12.91 -34.08 16.03
CA ARG A 397 -13.43 -35.41 16.30
C ARG A 397 -13.62 -36.26 15.05
N ALA A 398 -13.74 -35.65 13.88
CA ALA A 398 -13.83 -36.36 12.61
C ALA A 398 -12.60 -36.03 11.79
N GLY A 399 -11.89 -37.06 11.33
CA GLY A 399 -10.60 -36.84 10.70
C GLY A 399 -10.53 -37.15 9.22
N GLY A 400 -9.37 -37.66 8.79
CA GLY A 400 -9.15 -37.86 7.36
C GLY A 400 -10.03 -38.95 6.76
N GLU A 401 -10.25 -40.03 7.51
CA GLU A 401 -11.04 -41.14 6.98
C GLU A 401 -12.48 -40.72 6.69
N HIS A 402 -13.08 -39.96 7.61
CA HIS A 402 -14.45 -39.49 7.40
C HIS A 402 -14.52 -38.51 6.24
N TYR A 403 -13.52 -37.64 6.10
CA TYR A 403 -13.48 -36.74 4.96
C TYR A 403 -13.36 -37.52 3.64
N GLN A 404 -12.55 -38.58 3.65
CA GLN A 404 -12.42 -39.41 2.45
C GLN A 404 -13.75 -40.07 2.10
N ASN A 405 -14.45 -40.61 3.10
CA ASN A 405 -15.74 -41.23 2.83
C ASN A 405 -16.75 -40.20 2.33
N PHE A 406 -16.73 -39.00 2.89
CA PHE A 406 -17.62 -37.93 2.45
C PHE A 406 -17.36 -37.59 0.99
N GLN A 407 -16.08 -37.44 0.62
CA GLN A 407 -15.74 -37.16 -0.77
C GLN A 407 -16.17 -38.31 -1.69
N LEU A 408 -15.99 -39.55 -1.22
CA LEU A 408 -16.40 -40.70 -2.02
C LEU A 408 -17.89 -40.69 -2.29
N LEU A 409 -18.70 -40.41 -1.25
CA LEU A 409 -20.15 -40.36 -1.45
C LEU A 409 -20.53 -39.25 -2.42
N GLY A 410 -19.95 -38.07 -2.25
CA GLY A 410 -20.25 -36.99 -3.17
C GLY A 410 -19.89 -37.31 -4.60
N ALA A 411 -18.71 -37.87 -4.81
CA ALA A 411 -18.28 -38.22 -6.16
C ALA A 411 -19.17 -39.30 -6.77
N TRP A 412 -19.55 -40.29 -5.96
CA TRP A 412 -20.44 -41.34 -6.45
C TRP A 412 -21.75 -40.76 -6.94
N CYS A 413 -22.36 -39.90 -6.12
CA CYS A 413 -23.63 -39.29 -6.53
C CYS A 413 -23.46 -38.44 -7.78
N LEU A 414 -22.39 -37.63 -7.83
CA LEU A 414 -22.19 -36.75 -8.97
C LEU A 414 -21.98 -37.54 -10.26
N LEU A 415 -21.16 -38.60 -10.20
CA LEU A 415 -20.88 -39.38 -11.40
C LEU A 415 -22.11 -40.13 -11.88
N ASN A 416 -22.88 -40.71 -10.95
CA ASN A 416 -24.11 -41.39 -11.36
C ASN A 416 -25.08 -40.40 -11.99
N SER A 417 -25.20 -39.21 -11.42
CA SER A 417 -26.08 -38.20 -12.00
C SER A 417 -25.63 -37.79 -13.39
N LEU A 418 -24.32 -37.59 -13.57
CA LEU A 418 -23.81 -37.18 -14.88
C LEU A 418 -24.04 -38.26 -15.91
N PHE A 419 -23.81 -39.53 -15.55
CA PHE A 419 -24.08 -40.62 -16.48
C PHE A 419 -25.56 -40.64 -16.87
N LEU A 420 -26.45 -40.50 -15.89
CA LEU A 420 -27.88 -40.54 -16.18
C LEU A 420 -28.29 -39.39 -17.11
N ILE A 421 -27.81 -38.17 -16.83
CA ILE A 421 -28.25 -37.04 -17.64
C ILE A 421 -27.65 -37.13 -19.05
N LEU A 422 -26.38 -37.54 -19.17
CA LEU A 422 -25.76 -37.64 -20.48
C LEU A 422 -26.25 -38.84 -21.28
N ASN A 423 -26.95 -39.79 -20.66
CA ASN A 423 -27.54 -40.88 -21.40
C ASN A 423 -29.01 -40.64 -21.73
N LEU A 424 -29.48 -39.41 -21.61
CA LEU A 424 -30.85 -39.08 -22.00
C LEU A 424 -31.00 -39.15 -23.51
N SER A 425 -32.08 -39.78 -23.96
CA SER A 425 -32.36 -39.86 -25.39
C SER A 425 -33.06 -38.58 -25.86
N PRO A 426 -32.88 -38.21 -27.13
CA PRO A 426 -33.62 -37.04 -27.65
C PRO A 426 -35.12 -37.25 -27.68
N THR A 427 -35.58 -38.23 -28.44
CA THR A 427 -37.01 -38.52 -28.55
C THR A 427 -37.35 -39.98 -28.37
N ALA A 428 -36.40 -40.89 -28.63
CA ALA A 428 -36.72 -42.32 -28.64
C ALA A 428 -37.19 -42.80 -27.27
N LEU A 429 -36.27 -42.85 -26.30
CA LEU A 429 -36.64 -43.33 -24.97
C LEU A 429 -37.51 -42.33 -24.23
N ALA A 430 -37.38 -41.04 -24.54
CA ALA A 430 -38.22 -40.04 -23.90
C ALA A 430 -39.70 -40.25 -24.24
N ASP A 431 -40.01 -40.47 -25.52
CA ASP A 431 -41.39 -40.71 -25.92
C ASP A 431 -41.83 -42.13 -25.58
N LYS A 432 -40.95 -43.12 -25.72
CA LYS A 432 -41.32 -44.49 -25.42
C LYS A 432 -41.50 -44.74 -23.93
N GLY A 433 -41.00 -43.86 -23.07
CA GLY A 433 -41.20 -43.97 -21.64
C GLY A 433 -42.51 -43.42 -21.13
N LYS A 434 -43.34 -42.88 -22.02
CA LYS A 434 -44.64 -42.33 -21.62
C LYS A 434 -45.68 -43.44 -21.47
N ARG A 443 -33.30 -45.09 -13.45
CA ARG A 443 -32.40 -46.06 -12.84
C ARG A 443 -31.07 -46.11 -13.61
N VAL A 444 -30.12 -46.87 -13.09
CA VAL A 444 -28.82 -47.01 -13.75
C VAL A 444 -28.51 -48.48 -13.98
N ARG A 445 -29.12 -49.36 -13.19
CA ARG A 445 -28.90 -50.79 -13.39
C ARG A 445 -29.67 -51.30 -14.60
N ASP A 446 -30.89 -50.81 -14.81
CA ASP A 446 -31.66 -51.20 -15.97
C ASP A 446 -31.02 -50.68 -17.25
N ILE A 447 -30.47 -49.46 -17.19
CA ILE A 447 -29.79 -48.89 -18.35
C ILE A 447 -28.58 -49.74 -18.72
N LEU A 448 -27.80 -50.15 -17.72
CA LEU A 448 -26.63 -50.98 -18.00
C LEU A 448 -27.04 -52.35 -18.51
N SER A 449 -28.14 -52.91 -17.98
CA SER A 449 -28.59 -54.22 -18.42
C SER A 449 -29.08 -54.19 -19.87
N ARG A 450 -29.80 -53.13 -20.25
CA ARG A 450 -30.35 -53.07 -21.60
C ARG A 450 -29.27 -52.76 -22.63
N THR A 451 -28.21 -52.08 -22.24
CA THR A 451 -27.14 -51.75 -23.16
C THR A 451 -26.23 -52.95 -23.39
N GLY A 465 -27.30 -35.73 -31.33
CA GLY A 465 -28.12 -36.44 -30.37
C GLY A 465 -27.96 -35.95 -28.95
N HIS A 466 -26.79 -35.40 -28.64
CA HIS A 466 -26.48 -34.88 -27.31
C HIS A 466 -26.93 -33.42 -27.23
N GLN A 467 -28.25 -33.24 -27.20
CA GLN A 467 -28.86 -31.92 -27.08
C GLN A 467 -29.26 -31.59 -25.66
N GLY A 468 -28.74 -32.32 -24.68
CA GLY A 468 -29.02 -32.04 -23.29
C GLY A 468 -28.01 -31.06 -22.72
N PHE A 469 -27.23 -31.50 -21.74
CA PHE A 469 -26.13 -30.71 -21.19
C PHE A 469 -26.62 -29.40 -20.60
N GLY A 470 -25.75 -28.41 -20.50
CA GLY A 470 -26.10 -27.10 -20.00
C GLY A 470 -25.13 -26.62 -18.95
N VAL A 471 -25.42 -25.43 -18.42
CA VAL A 471 -24.57 -24.83 -17.40
C VAL A 471 -24.55 -25.69 -16.14
N LEU A 472 -25.71 -26.20 -15.73
CA LEU A 472 -25.78 -27.05 -14.56
C LEU A 472 -24.92 -28.30 -14.74
N SER A 473 -24.94 -28.88 -15.94
CA SER A 473 -24.09 -30.02 -16.23
C SER A 473 -22.62 -29.65 -16.07
N VAL A 474 -22.24 -28.46 -16.54
CA VAL A 474 -20.84 -28.03 -16.44
C VAL A 474 -20.44 -27.90 -14.97
N ILE A 475 -21.29 -27.29 -14.16
CA ILE A 475 -20.97 -27.10 -12.75
C ILE A 475 -20.84 -28.45 -12.04
N LEU A 476 -21.79 -29.35 -12.30
CA LEU A 476 -21.74 -30.67 -11.69
C LEU A 476 -20.49 -31.43 -12.12
N ALA A 477 -20.12 -31.34 -13.40
CA ALA A 477 -18.92 -32.00 -13.88
C ALA A 477 -17.66 -31.42 -13.23
N ASN A 478 -17.63 -30.09 -13.06
CA ASN A 478 -16.48 -29.48 -12.40
C ASN A 478 -16.32 -30.01 -10.97
N HIS A 479 -17.42 -30.06 -10.22
CA HIS A 479 -17.33 -30.55 -8.85
C HIS A 479 -16.93 -32.02 -8.81
N ALA A 480 -17.50 -32.82 -9.73
CA ALA A 480 -17.14 -34.24 -9.79
C ALA A 480 -15.66 -34.42 -10.12
N ILE A 481 -15.13 -33.60 -11.03
CA ILE A 481 -13.72 -33.72 -11.40
C ILE A 481 -12.83 -33.30 -10.24
N LYS A 482 -13.26 -32.32 -9.44
CA LYS A 482 -12.49 -31.95 -8.26
C LYS A 482 -12.43 -33.11 -7.25
N LEU A 483 -13.58 -33.74 -7.01
CA LEU A 483 -13.59 -34.88 -6.11
C LEU A 483 -12.73 -36.02 -6.67
N LEU A 484 -12.80 -36.25 -7.97
CA LEU A 484 -12.03 -37.33 -8.58
C LEU A 484 -10.53 -37.08 -8.49
N THR A 485 -10.09 -35.85 -8.74
CA THR A 485 -8.66 -35.58 -8.66
C THR A 485 -8.18 -35.67 -7.22
N SER A 486 -9.00 -35.26 -6.26
CA SER A 486 -8.62 -35.44 -4.86
C SER A 486 -8.44 -36.92 -4.53
N LEU A 487 -9.41 -37.75 -4.92
CA LEU A 487 -9.32 -39.18 -4.62
C LEU A 487 -8.13 -39.84 -5.30
N PHE A 488 -7.86 -39.46 -6.55
CA PHE A 488 -6.76 -40.10 -7.28
C PHE A 488 -5.41 -39.65 -6.74
N GLN A 489 -5.27 -38.36 -6.38
CA GLN A 489 -4.05 -37.92 -5.74
C GLN A 489 -3.85 -38.62 -4.40
N ASP A 490 -4.95 -38.90 -3.69
CA ASP A 490 -4.85 -39.73 -2.50
C ASP A 490 -4.34 -41.13 -2.83
N LEU A 491 -4.84 -41.72 -3.92
CA LEU A 491 -4.42 -43.06 -4.31
C LEU A 491 -2.93 -43.10 -4.65
N GLN A 492 -2.43 -42.06 -5.33
CA GLN A 492 -1.09 -42.12 -5.89
C GLN A 492 -0.04 -42.43 -4.82
N VAL A 493 -0.13 -41.77 -3.68
CA VAL A 493 0.82 -42.01 -2.60
C VAL A 493 0.44 -43.28 -1.84
N THR A 502 -5.67 -56.70 -3.97
CA THR A 502 -5.98 -58.12 -3.87
C THR A 502 -7.37 -58.42 -4.43
N ASP A 503 -7.89 -57.47 -5.22
CA ASP A 503 -9.21 -57.57 -5.82
C ASP A 503 -10.28 -57.83 -4.76
N GLY A 504 -10.28 -56.96 -3.74
CA GLY A 504 -11.21 -57.09 -2.64
C GLY A 504 -12.55 -56.49 -2.95
N PRO A 505 -13.39 -56.40 -1.92
CA PRO A 505 -14.74 -55.86 -2.10
C PRO A 505 -14.70 -54.36 -2.30
N PRO A 506 -15.72 -53.79 -2.96
CA PRO A 506 -15.78 -52.33 -3.09
C PRO A 506 -15.98 -51.67 -1.73
N ALA A 507 -15.47 -50.44 -1.62
CA ALA A 507 -15.57 -49.69 -0.37
C ALA A 507 -17.02 -49.46 -0.01
N ALA A 508 -17.33 -49.64 1.28
CA ALA A 508 -18.69 -49.45 1.75
C ALA A 508 -19.07 -47.97 1.70
N LEU A 509 -20.34 -47.71 1.41
CA LEU A 509 -20.84 -46.34 1.28
C LEU A 509 -21.35 -45.80 2.60
N SER A 510 -20.52 -45.85 3.63
CA SER A 510 -20.87 -45.32 4.94
C SER A 510 -19.73 -44.43 5.43
N ILE A 511 -20.11 -43.35 6.13
CA ILE A 511 -19.12 -42.38 6.60
C ILE A 511 -18.20 -42.99 7.65
N MET A 512 -18.61 -44.07 8.29
CA MET A 512 -17.81 -44.71 9.32
C MET A 512 -16.99 -45.89 8.79
N ALA A 513 -17.03 -46.16 7.49
CA ALA A 513 -16.35 -47.33 6.95
C ALA A 513 -14.84 -47.11 6.92
N GLN A 514 -14.10 -48.22 6.92
CA GLN A 514 -12.65 -48.22 6.81
C GLN A 514 -12.29 -48.87 5.47
N SER A 515 -11.53 -48.15 4.66
CA SER A 515 -11.17 -48.66 3.33
C SER A 515 -9.94 -47.92 2.84
N THR A 516 -9.27 -48.52 1.86
CA THR A 516 -8.14 -47.90 1.20
C THR A 516 -8.59 -47.14 -0.04
N SER A 517 -7.69 -46.31 -0.58
CA SER A 517 -8.02 -45.52 -1.76
C SER A 517 -8.32 -46.42 -2.95
N ILE A 518 -7.59 -47.53 -3.08
CA ILE A 518 -7.86 -48.48 -4.15
C ILE A 518 -9.28 -49.00 -4.06
N GLN A 519 -9.75 -49.28 -2.84
CA GLN A 519 -11.12 -49.77 -2.67
C GLN A 519 -12.14 -48.74 -3.11
N ARG A 520 -11.94 -47.48 -2.76
CA ARG A 520 -12.88 -46.43 -3.15
C ARG A 520 -12.90 -46.24 -4.66
N ILE A 521 -11.72 -46.20 -5.29
CA ILE A 521 -11.67 -46.01 -6.74
C ILE A 521 -12.28 -47.22 -7.45
N GLN A 522 -12.05 -48.42 -6.92
CA GLN A 522 -12.63 -49.60 -7.53
C GLN A 522 -14.14 -49.64 -7.36
N ARG A 523 -14.66 -49.15 -6.24
CA ARG A 523 -16.10 -49.00 -6.09
C ARG A 523 -16.66 -48.02 -7.11
N LEU A 524 -15.98 -46.89 -7.31
CA LEU A 524 -16.43 -45.94 -8.31
C LEU A 524 -16.42 -46.55 -9.71
N ILE A 525 -15.38 -47.32 -10.02
CA ILE A 525 -15.34 -48.01 -11.31
C ILE A 525 -16.49 -49.00 -11.43
N ASP A 526 -16.77 -49.74 -10.36
CA ASP A 526 -17.86 -50.71 -10.37
C ASP A 526 -19.20 -50.04 -10.63
N SER A 527 -19.43 -48.88 -10.02
CA SER A 527 -20.71 -48.20 -10.21
C SER A 527 -20.89 -47.75 -11.66
N VAL A 528 -19.86 -47.16 -12.25
CA VAL A 528 -19.97 -46.54 -13.57
C VAL A 528 -18.65 -46.72 -14.33
N PRO A 529 -18.68 -47.05 -15.63
CA PRO A 529 -17.43 -47.05 -16.41
C PRO A 529 -16.92 -45.64 -16.59
N LEU A 530 -15.80 -45.32 -15.91
CA LEU A 530 -15.38 -43.93 -15.78
C LEU A 530 -14.83 -43.37 -17.08
N MET A 531 -13.96 -44.12 -17.76
CA MET A 531 -13.22 -43.56 -18.90
C MET A 531 -14.17 -43.16 -20.01
N ASN A 532 -15.13 -44.03 -20.33
CA ASN A 532 -16.10 -43.73 -21.37
C ASN A 532 -16.91 -42.49 -21.01
N LEU A 533 -17.35 -42.39 -19.76
CA LEU A 533 -18.13 -41.25 -19.33
C LEU A 533 -17.34 -39.95 -19.45
N LEU A 534 -16.08 -39.97 -19.00
CA LEU A 534 -15.25 -38.77 -19.05
C LEU A 534 -15.02 -38.34 -20.50
N LEU A 535 -14.74 -39.30 -21.38
CA LEU A 535 -14.53 -38.95 -22.78
C LEU A 535 -15.81 -38.41 -23.41
N THR A 536 -16.96 -38.98 -23.04
CA THR A 536 -18.22 -38.46 -23.56
C THR A 536 -18.46 -37.03 -23.12
N LEU A 537 -18.21 -36.72 -21.84
CA LEU A 537 -18.37 -35.34 -21.40
C LEU A 537 -17.41 -34.41 -22.14
N LEU A 538 -16.16 -34.84 -22.31
CA LEU A 538 -15.19 -34.02 -23.04
C LEU A 538 -15.69 -33.72 -24.45
N SER A 539 -16.12 -34.76 -25.17
CA SER A 539 -16.58 -34.59 -26.54
C SER A 539 -17.79 -33.67 -26.61
N THR A 540 -18.79 -33.93 -25.77
CA THR A 540 -20.01 -33.13 -25.81
C THR A 540 -19.73 -31.67 -25.46
N SER A 541 -18.90 -31.44 -24.44
CA SER A 541 -18.59 -30.08 -24.04
C SER A 541 -17.85 -29.33 -25.15
N TYR A 542 -16.88 -29.97 -25.79
CA TYR A 542 -16.18 -29.30 -26.88
C TYR A 542 -17.11 -29.04 -28.05
N ARG A 543 -18.00 -29.99 -28.36
CA ARG A 543 -18.94 -29.79 -29.46
C ARG A 543 -19.85 -28.60 -29.18
N LYS A 544 -20.37 -28.51 -27.95
CA LYS A 544 -21.24 -27.39 -27.60
C LYS A 544 -20.47 -26.07 -27.67
N ALA A 545 -19.23 -26.06 -27.17
CA ALA A 545 -18.43 -24.84 -27.21
C ALA A 545 -18.17 -24.39 -28.63
N CYS A 546 -17.81 -25.32 -29.52
CA CYS A 546 -17.52 -24.95 -30.90
C CYS A 546 -18.78 -24.51 -31.63
N VAL A 547 -19.91 -25.16 -31.36
CA VAL A 547 -21.18 -24.75 -31.98
C VAL A 547 -21.55 -23.34 -31.53
N LEU A 548 -21.39 -23.05 -30.24
CA LEU A 548 -21.71 -21.71 -29.75
C LEU A 548 -20.76 -20.68 -30.34
N GLN A 549 -19.48 -21.01 -30.48
CA GLN A 549 -18.53 -20.09 -31.09
C GLN A 549 -18.89 -19.82 -32.54
N ARG A 550 -19.30 -20.85 -33.27
CA ARG A 550 -19.73 -20.65 -34.65
C ARG A 550 -20.97 -19.77 -34.73
N GLN A 551 -21.93 -19.99 -33.82
CA GLN A 551 -23.15 -19.21 -33.82
C GLN A 551 -22.89 -17.75 -33.46
N ARG A 552 -21.93 -17.49 -32.57
CA ARG A 552 -21.68 -16.13 -32.12
C ARG A 552 -21.23 -15.23 -33.27
N LYS A 553 -20.35 -15.73 -34.13
CA LYS A 553 -19.85 -14.95 -35.24
C LYS A 553 -20.91 -14.76 -36.31
N SER A 640 -24.28 -16.68 -18.77
CA SER A 640 -23.38 -17.80 -18.58
C SER A 640 -23.51 -18.81 -19.72
N ARG A 641 -24.74 -19.15 -20.07
CA ARG A 641 -24.99 -20.07 -21.17
C ARG A 641 -24.58 -19.50 -22.52
N LYS A 642 -24.60 -18.17 -22.67
CA LYS A 642 -24.29 -17.54 -23.95
C LYS A 642 -22.78 -17.47 -24.22
N ASP A 643 -21.96 -17.86 -23.26
CA ASP A 643 -20.52 -17.81 -23.48
C ASP A 643 -19.96 -19.22 -23.67
N PRO A 644 -19.04 -19.41 -24.61
CA PRO A 644 -18.46 -20.73 -24.85
C PRO A 644 -17.22 -21.04 -24.03
N GLU A 645 -16.62 -20.04 -23.38
CA GLU A 645 -15.39 -20.26 -22.64
C GLU A 645 -15.58 -21.22 -21.48
N LEU A 646 -16.79 -21.28 -20.93
CA LEU A 646 -17.05 -22.16 -19.78
C LEU A 646 -16.92 -23.63 -20.17
N PHE A 647 -17.56 -24.01 -21.27
CA PHE A 647 -17.47 -25.40 -21.75
C PHE A 647 -16.05 -25.74 -22.16
N LEU A 648 -15.36 -24.81 -22.83
CA LEU A 648 -13.97 -25.05 -23.21
C LEU A 648 -13.10 -25.26 -21.98
N GLY A 649 -13.32 -24.46 -20.94
CA GLY A 649 -12.58 -24.66 -19.70
C GLY A 649 -12.88 -26.00 -19.05
N LEU A 650 -14.14 -26.42 -19.08
CA LEU A 650 -14.48 -27.74 -18.54
C LEU A 650 -13.77 -28.85 -19.32
N ALA A 651 -13.75 -28.73 -20.64
CA ALA A 651 -13.09 -29.74 -21.47
C ALA A 651 -11.59 -29.78 -21.17
N SER A 652 -10.95 -28.61 -21.07
CA SER A 652 -9.54 -28.58 -20.75
C SER A 652 -9.27 -29.17 -19.38
N ASN A 653 -10.14 -28.90 -18.40
CA ASN A 653 -9.95 -29.41 -17.06
C ASN A 653 -10.08 -30.93 -17.02
N ILE A 654 -11.09 -31.48 -17.71
CA ILE A 654 -11.25 -32.94 -17.69
C ILE A 654 -10.09 -33.61 -18.41
N LEU A 655 -9.63 -33.02 -19.52
CA LEU A 655 -8.47 -33.58 -20.21
C LEU A 655 -7.24 -33.55 -19.32
N ASN A 656 -7.02 -32.44 -18.61
CA ASN A 656 -5.87 -32.34 -17.73
C ASN A 656 -5.96 -33.33 -16.58
N PHE A 657 -7.16 -33.56 -16.06
CA PHE A 657 -7.33 -34.59 -15.05
C PHE A 657 -6.95 -35.96 -15.59
N ILE A 658 -7.39 -36.27 -16.81
CA ILE A 658 -7.05 -37.57 -17.40
C ILE A 658 -5.54 -37.71 -17.56
N THR A 659 -4.87 -36.64 -17.99
CA THR A 659 -3.42 -36.72 -18.18
C THR A 659 -2.70 -36.90 -16.85
N SER A 660 -3.00 -36.04 -15.87
CA SER A 660 -2.21 -36.01 -14.64
C SER A 660 -2.52 -37.19 -13.74
N SER A 661 -3.79 -37.56 -13.62
CA SER A 661 -4.17 -38.55 -12.63
C SER A 661 -3.98 -39.98 -13.12
N MET A 662 -4.28 -40.25 -14.40
CA MET A 662 -4.27 -41.60 -14.93
C MET A 662 -3.04 -41.90 -15.77
N LEU A 663 -2.76 -41.07 -16.78
CA LEU A 663 -1.68 -41.37 -17.72
C LEU A 663 -0.32 -41.39 -17.01
N ASN A 664 -0.09 -40.44 -16.11
CA ASN A 664 1.18 -40.34 -15.41
C ASN A 664 1.21 -41.14 -14.12
N SER A 665 0.15 -41.89 -13.81
CA SER A 665 0.10 -42.64 -12.57
C SER A 665 1.13 -43.77 -12.58
N ARG A 666 1.72 -44.02 -11.41
CA ARG A 666 2.66 -45.10 -11.23
C ARG A 666 2.00 -46.40 -10.78
N ASN A 667 0.78 -46.34 -10.27
CA ASN A 667 0.13 -47.53 -9.73
C ASN A 667 -0.18 -48.52 -10.85
N ASN A 668 0.01 -49.81 -10.54
CA ASN A 668 -0.13 -50.84 -11.56
C ASN A 668 -1.59 -51.10 -11.91
N PHE A 669 -2.46 -51.13 -10.90
CA PHE A 669 -3.86 -51.49 -11.14
C PHE A 669 -4.56 -50.47 -12.03
N ILE A 670 -4.34 -49.18 -11.78
CA ILE A 670 -4.99 -48.15 -12.59
C ILE A 670 -4.47 -48.19 -14.02
N ARG A 671 -3.18 -48.47 -14.21
CA ARG A 671 -2.65 -48.61 -15.56
C ARG A 671 -3.26 -49.81 -16.27
N ASN A 672 -3.45 -50.92 -15.55
CA ASN A 672 -4.11 -52.08 -16.14
C ASN A 672 -5.53 -51.74 -16.55
N TYR A 673 -6.26 -51.03 -15.68
CA TYR A 673 -7.63 -50.62 -16.01
C TYR A 673 -7.65 -49.72 -17.23
N LEU A 674 -6.72 -48.77 -17.32
CA LEU A 674 -6.66 -47.87 -18.45
C LEU A 674 -6.36 -48.62 -19.74
N SER A 675 -5.44 -49.59 -19.68
CA SER A 675 -5.14 -50.40 -20.85
C SER A 675 -6.35 -51.21 -21.29
N VAL A 676 -7.11 -51.74 -20.33
CA VAL A 676 -8.27 -52.55 -20.67
C VAL A 676 -9.39 -51.71 -21.26
N SER A 677 -9.62 -50.52 -20.70
CA SER A 677 -10.83 -49.75 -20.98
C SER A 677 -10.72 -48.80 -22.16
N LEU A 678 -9.59 -48.78 -22.87
CA LEU A 678 -9.46 -47.92 -24.04
C LEU A 678 -10.07 -48.61 -25.26
N SER A 679 -10.85 -47.85 -26.03
CA SER A 679 -11.59 -48.40 -27.17
C SER A 679 -11.30 -47.60 -28.43
N GLU A 680 -11.58 -48.22 -29.57
CA GLU A 680 -11.34 -47.58 -30.86
C GLU A 680 -12.25 -46.37 -31.07
N HIS A 681 -13.48 -46.46 -30.57
CA HIS A 681 -14.40 -45.32 -30.68
C HIS A 681 -13.84 -44.09 -29.99
N HIS A 682 -13.11 -44.29 -28.89
CA HIS A 682 -12.43 -43.18 -28.22
C HIS A 682 -11.39 -42.55 -29.14
N MET A 683 -10.64 -43.38 -29.87
CA MET A 683 -9.66 -42.85 -30.81
C MET A 683 -10.33 -42.10 -31.95
N ALA A 684 -11.48 -42.58 -32.42
CA ALA A 684 -12.22 -41.85 -33.44
C ALA A 684 -12.67 -40.48 -32.92
N THR A 685 -13.16 -40.44 -31.68
CA THR A 685 -13.55 -39.16 -31.09
C THR A 685 -12.36 -38.23 -30.97
N LEU A 686 -11.22 -38.77 -30.53
CA LEU A 686 -10.01 -37.95 -30.40
C LEU A 686 -9.58 -37.41 -31.77
N ALA A 687 -9.67 -38.24 -32.81
CA ALA A 687 -9.31 -37.80 -34.14
C ALA A 687 -10.23 -36.69 -34.62
N SER A 688 -11.53 -36.80 -34.34
CA SER A 688 -12.45 -35.74 -34.73
C SER A 688 -12.15 -34.44 -33.98
N ILE A 689 -11.82 -34.55 -32.70
CA ILE A 689 -11.45 -33.36 -31.93
C ILE A 689 -10.20 -32.71 -32.52
N ILE A 690 -9.21 -33.53 -32.88
CA ILE A 690 -7.98 -32.99 -33.46
C ILE A 690 -8.27 -32.30 -34.78
N LYS A 691 -9.09 -32.92 -35.62
CA LYS A 691 -9.44 -32.30 -36.90
C LYS A 691 -10.14 -30.97 -36.69
N GLU A 692 -11.08 -30.91 -35.75
CA GLU A 692 -11.78 -29.66 -35.48
C GLU A 692 -10.80 -28.58 -35.01
N VAL A 693 -9.90 -28.95 -34.10
CA VAL A 693 -9.01 -27.93 -33.52
C VAL A 693 -8.00 -27.45 -34.57
N ASP A 694 -7.55 -28.32 -35.46
CA ASP A 694 -6.59 -27.87 -36.45
C ASP A 694 -7.26 -27.13 -37.60
N LYS A 695 -8.52 -27.45 -37.89
CA LYS A 695 -9.23 -26.72 -38.94
C LYS A 695 -9.63 -25.33 -38.47
N ASP A 696 -10.08 -25.21 -37.21
CA ASP A 696 -10.49 -23.90 -36.70
C ASP A 696 -9.31 -22.94 -36.61
N GLY A 697 -8.15 -23.43 -36.17
CA GLY A 697 -7.01 -22.57 -35.98
C GLY A 697 -7.09 -21.80 -34.67
N LEU A 698 -6.14 -20.89 -34.51
CA LEU A 698 -6.04 -20.10 -33.29
C LEU A 698 -7.17 -19.08 -33.24
N LYS A 699 -7.93 -19.08 -32.14
CA LYS A 699 -9.06 -18.19 -31.97
C LYS A 699 -8.93 -17.28 -30.76
N GLY A 700 -8.60 -17.83 -29.59
CA GLY A 700 -8.53 -17.04 -28.38
C GLY A 700 -7.68 -17.71 -27.33
N SER A 701 -7.57 -17.05 -26.17
CA SER A 701 -6.72 -17.57 -25.10
C SER A 701 -7.23 -18.91 -24.59
N SER A 702 -8.54 -19.04 -24.40
CA SER A 702 -9.11 -20.32 -23.99
C SER A 702 -8.82 -21.40 -25.03
N ASP A 703 -8.85 -21.02 -26.31
CA ASP A 703 -8.45 -21.96 -27.35
C ASP A 703 -6.99 -22.38 -27.19
N GLU A 704 -6.12 -21.44 -26.82
CA GLU A 704 -4.72 -21.78 -26.60
C GLU A 704 -4.58 -22.77 -25.46
N GLU A 705 -5.29 -22.53 -24.35
CA GLU A 705 -5.21 -23.46 -23.21
C GLU A 705 -5.74 -24.83 -23.58
N PHE A 706 -6.86 -24.89 -24.31
CA PHE A 706 -7.40 -26.18 -24.72
C PHE A 706 -6.45 -26.90 -25.68
N ALA A 707 -5.82 -26.15 -26.59
CA ALA A 707 -4.85 -26.76 -27.50
C ALA A 707 -3.66 -27.32 -26.74
N ALA A 708 -3.18 -26.58 -25.73
CA ALA A 708 -2.08 -27.08 -24.92
C ALA A 708 -2.48 -28.36 -24.19
N ALA A 709 -3.69 -28.37 -23.61
CA ALA A 709 -4.14 -29.57 -22.90
C ALA A 709 -4.27 -30.76 -23.85
N LEU A 710 -4.81 -30.53 -25.05
CA LEU A 710 -4.96 -31.61 -26.01
C LEU A 710 -3.61 -32.14 -26.47
N TYR A 711 -2.66 -31.24 -26.71
CA TYR A 711 -1.30 -31.65 -27.07
C TYR A 711 -0.69 -32.51 -25.98
N HIS A 712 -0.80 -32.07 -24.73
CA HIS A 712 -0.23 -32.82 -23.63
C HIS A 712 -0.88 -34.20 -23.51
N PHE A 713 -2.20 -34.25 -23.64
CA PHE A 713 -2.90 -35.54 -23.55
C PHE A 713 -2.47 -36.47 -24.67
N ASN A 714 -2.42 -35.97 -25.90
CA ASN A 714 -2.04 -36.79 -27.03
C ASN A 714 -0.64 -37.38 -26.84
N HIS A 715 0.32 -36.53 -26.50
CA HIS A 715 1.69 -37.01 -26.40
C HIS A 715 1.89 -37.92 -25.20
N SER A 716 1.23 -37.63 -24.06
CA SER A 716 1.33 -38.53 -22.92
C SER A 716 0.72 -39.89 -23.23
N LEU A 717 -0.40 -39.91 -23.94
CA LEU A 717 -1.01 -41.18 -24.33
C LEU A 717 -0.11 -41.95 -25.28
N VAL A 718 0.51 -41.25 -26.23
CA VAL A 718 1.35 -41.93 -27.21
C VAL A 718 2.60 -42.50 -26.57
N THR A 719 3.26 -41.71 -25.73
CA THR A 719 4.57 -42.12 -25.22
C THR A 719 4.46 -43.24 -24.19
N SER A 720 3.50 -43.14 -23.27
CA SER A 720 3.51 -44.03 -22.10
C SER A 720 2.79 -45.35 -22.35
N ASP A 721 3.12 -46.00 -23.47
CA ASP A 721 2.93 -47.43 -23.73
C ASP A 721 1.71 -48.09 -23.10
N LEU A 722 0.53 -47.50 -23.22
CA LEU A 722 -0.72 -48.19 -22.88
C LEU A 722 -1.49 -48.65 -24.10
N GLN A 723 -1.62 -47.80 -25.12
CA GLN A 723 -2.41 -48.15 -26.29
C GLN A 723 -1.75 -49.27 -27.08
N SER A 724 -2.53 -50.29 -27.42
CA SER A 724 -2.03 -51.38 -28.23
C SER A 724 -1.78 -50.91 -29.66
N PRO A 725 -0.90 -51.59 -30.41
CA PRO A 725 -0.55 -51.10 -31.75
C PRO A 725 -1.73 -50.94 -32.69
N ASN A 726 -2.73 -51.83 -32.61
CA ASN A 726 -3.88 -51.69 -33.49
C ASN A 726 -4.67 -50.43 -33.18
N LEU A 727 -4.68 -50.02 -31.91
CA LEU A 727 -5.32 -48.75 -31.56
C LEU A 727 -4.58 -47.56 -32.18
N GLN A 728 -3.24 -47.61 -32.16
CA GLN A 728 -2.47 -46.56 -32.81
C GLN A 728 -2.73 -46.53 -34.32
N ASN A 729 -2.82 -47.70 -34.93
CA ASN A 729 -3.14 -47.77 -36.35
C ASN A 729 -4.53 -47.21 -36.63
N THR A 730 -5.49 -47.49 -35.75
CA THR A 730 -6.83 -46.93 -35.88
C THR A 730 -6.79 -45.42 -35.79
N LEU A 731 -6.02 -44.87 -34.85
CA LEU A 731 -5.90 -43.43 -34.72
C LEU A 731 -5.32 -42.82 -35.99
N LEU A 732 -4.25 -43.41 -36.52
CA LEU A 732 -3.64 -42.89 -37.75
C LEU A 732 -4.60 -42.98 -38.92
N GLN A 733 -5.32 -44.10 -39.04
CA GLN A 733 -6.24 -44.29 -40.15
C GLN A 733 -7.38 -43.27 -40.07
N GLN A 734 -7.91 -43.04 -38.88
CA GLN A 734 -8.94 -42.02 -38.71
C GLN A 734 -8.41 -40.65 -39.05
N LEU A 735 -7.18 -40.35 -38.65
CA LEU A 735 -6.55 -39.07 -38.99
C LEU A 735 -6.28 -38.93 -40.47
N GLY A 736 -6.35 -40.01 -41.24
CA GLY A 736 -6.07 -39.96 -42.66
C GLY A 736 -4.62 -40.01 -43.04
N VAL A 737 -3.73 -40.36 -42.11
CA VAL A 737 -2.30 -40.39 -42.38
C VAL A 737 -1.76 -41.78 -42.06
N ALA A 738 -2.60 -42.80 -42.23
CA ALA A 738 -2.18 -44.17 -41.95
C ALA A 738 -1.02 -44.55 -42.87
N PRO A 739 0.06 -45.13 -42.34
CA PRO A 739 1.20 -45.46 -43.19
C PRO A 739 0.92 -46.52 -44.24
N PHE A 740 -0.14 -47.32 -44.06
CA PHE A 740 -0.45 -48.39 -45.00
C PHE A 740 -1.66 -48.08 -45.87
N SER A 741 -2.02 -46.81 -45.99
CA SER A 741 -3.10 -46.43 -46.89
C SER A 741 -2.66 -46.58 -48.34
N GLU A 742 -3.65 -46.57 -49.24
CA GLU A 742 -3.38 -46.77 -50.66
C GLU A 742 -3.58 -45.52 -51.51
N GLY A 743 -4.29 -44.52 -51.00
CA GLY A 743 -4.48 -43.29 -51.72
C GLY A 743 -3.21 -42.45 -51.72
N PRO A 744 -3.24 -41.33 -52.45
CA PRO A 744 -2.07 -40.44 -52.46
C PRO A 744 -1.76 -39.92 -51.07
N TRP A 745 -0.47 -39.81 -50.78
CA TRP A 745 -0.06 -39.32 -49.47
C TRP A 745 -0.42 -37.84 -49.34
N PRO A 746 -1.09 -37.44 -48.26
CA PRO A 746 -1.41 -36.02 -48.09
C PRO A 746 -0.16 -35.21 -47.81
N LEU A 747 0.26 -34.38 -48.77
CA LEU A 747 1.54 -33.71 -48.64
C LEU A 747 1.52 -32.59 -47.60
N TYR A 748 0.34 -32.09 -47.25
CA TYR A 748 0.19 -31.09 -46.20
C TYR A 748 -0.45 -31.75 -44.99
N ILE A 749 0.20 -31.62 -43.84
CA ILE A 749 -0.31 -32.18 -42.59
C ILE A 749 -0.44 -31.05 -41.57
N HIS A 750 -1.59 -30.98 -40.92
CA HIS A 750 -1.81 -29.95 -39.92
C HIS A 750 -0.92 -30.22 -38.70
N PRO A 751 -0.56 -29.16 -37.96
CA PRO A 751 0.51 -29.32 -36.94
C PRO A 751 0.24 -30.40 -35.90
N GLN A 752 -1.00 -30.54 -35.43
CA GLN A 752 -1.26 -31.52 -34.37
C GLN A 752 -1.12 -32.95 -34.90
N SER A 753 -1.71 -33.21 -36.06
CA SER A 753 -1.59 -34.53 -36.67
C SER A 753 -0.15 -34.84 -37.00
N LEU A 754 0.59 -33.85 -37.52
CA LEU A 754 2.00 -34.04 -37.81
C LEU A 754 2.77 -34.39 -36.55
N SER A 755 2.47 -33.69 -35.44
CA SER A 755 3.16 -33.97 -34.19
C SER A 755 2.92 -35.39 -33.71
N VAL A 756 1.66 -35.82 -33.68
CA VAL A 756 1.38 -37.15 -33.16
C VAL A 756 1.95 -38.22 -34.08
N LEU A 757 1.82 -38.04 -35.40
CA LEU A 757 2.35 -39.02 -36.34
C LEU A 757 3.87 -39.12 -36.23
N SER A 758 4.55 -37.97 -36.15
CA SER A 758 6.00 -37.99 -36.01
C SER A 758 6.42 -38.64 -34.71
N ARG A 759 5.72 -38.35 -33.62
CA ARG A 759 6.03 -38.99 -32.34
C ARG A 759 5.93 -40.51 -32.46
N LEU A 760 4.84 -41.00 -33.04
CA LEU A 760 4.66 -42.44 -33.17
C LEU A 760 5.74 -43.07 -34.05
N LEU A 761 6.00 -42.46 -35.20
CA LEU A 761 6.97 -43.03 -36.13
C LEU A 761 8.38 -43.04 -35.53
N LEU A 762 8.76 -41.94 -34.87
CA LEU A 762 10.09 -41.88 -34.27
C LEU A 762 10.21 -42.85 -33.11
N ILE A 763 9.14 -43.05 -32.34
CA ILE A 763 9.18 -44.05 -31.28
C ILE A 763 9.39 -45.44 -31.87
N TRP A 764 8.67 -45.75 -32.94
CA TRP A 764 8.85 -47.05 -33.59
C TRP A 764 10.28 -47.23 -34.09
N GLN A 765 10.82 -46.20 -34.74
CA GLN A 765 12.18 -46.28 -35.27
C GLN A 765 13.20 -46.46 -34.15
N HIS A 766 13.05 -45.69 -33.06
CA HIS A 766 13.99 -45.80 -31.95
C HIS A 766 13.95 -47.17 -31.32
N LYS A 767 12.74 -47.71 -31.12
CA LYS A 767 12.63 -49.06 -30.54
C LYS A 767 13.27 -50.09 -31.45
N ALA A 768 13.01 -50.00 -32.76
CA ALA A 768 13.58 -50.96 -33.70
C ALA A 768 15.10 -50.87 -33.72
N SER A 769 15.65 -49.65 -33.72
CA SER A 769 17.11 -49.50 -33.75
C SER A 769 17.74 -50.02 -32.46
N ALA A 770 17.14 -49.70 -31.31
CA ALA A 770 17.70 -50.17 -30.05
C ALA A 770 17.65 -51.68 -29.93
N GLN A 771 16.53 -52.30 -30.35
CA GLN A 771 16.42 -53.75 -30.25
C GLN A 771 17.32 -54.45 -31.26
N GLY A 772 17.38 -53.95 -32.49
CA GLY A 772 18.10 -54.59 -33.57
C GLY A 772 17.23 -55.02 -34.72
N ASP A 773 15.94 -54.71 -34.69
CA ASP A 773 15.05 -55.02 -35.79
C ASP A 773 15.49 -54.25 -37.03
N PRO A 774 15.51 -54.87 -38.21
CA PRO A 774 15.73 -54.11 -39.45
C PRO A 774 14.66 -53.04 -39.65
N ASP A 775 14.86 -52.24 -40.70
CA ASP A 775 14.09 -51.03 -40.90
C ASP A 775 12.59 -51.32 -40.89
N VAL A 776 11.85 -50.49 -40.16
CA VAL A 776 10.41 -50.68 -39.98
C VAL A 776 9.71 -50.52 -41.32
N PRO A 777 8.83 -51.44 -41.71
CA PRO A 777 8.15 -51.32 -43.00
C PRO A 777 7.30 -50.07 -43.13
N GLU A 778 6.83 -49.50 -42.01
CA GLU A 778 5.97 -48.33 -42.09
C GLU A 778 6.71 -47.13 -42.68
N CYS A 779 7.96 -46.92 -42.26
CA CYS A 779 8.73 -45.79 -42.79
C CYS A 779 9.04 -45.99 -44.26
N LEU A 780 9.40 -47.21 -44.67
CA LEU A 780 9.64 -47.48 -46.07
C LEU A 780 8.39 -47.23 -46.90
N LYS A 781 7.23 -47.67 -46.39
CA LYS A 781 5.98 -47.48 -47.10
C LYS A 781 5.64 -46.00 -47.22
N VAL A 782 5.86 -45.23 -46.15
CA VAL A 782 5.53 -43.81 -46.21
C VAL A 782 6.45 -43.08 -47.17
N TRP A 783 7.73 -43.45 -47.20
CA TRP A 783 8.63 -42.85 -48.17
C TRP A 783 8.23 -43.21 -49.59
N ASP A 784 7.86 -44.47 -49.82
CA ASP A 784 7.45 -44.89 -51.16
C ASP A 784 6.20 -44.15 -51.61
N ARG A 785 5.22 -44.00 -50.72
CA ARG A 785 3.99 -43.32 -51.09
C ARG A 785 4.23 -41.84 -51.32
N PHE A 786 5.07 -41.21 -50.50
CA PHE A 786 5.41 -39.81 -50.73
C PHE A 786 6.07 -39.64 -52.09
N LEU A 787 7.02 -40.52 -52.42
CA LEU A 787 7.69 -40.43 -53.72
C LEU A 787 6.71 -40.64 -54.87
N SER A 788 5.81 -41.62 -54.74
CA SER A 788 4.86 -41.89 -55.82
C SER A 788 3.92 -40.72 -56.04
N THR A 789 3.37 -40.17 -54.95
CA THR A 789 2.48 -39.02 -55.08
C THR A 789 3.22 -37.83 -55.68
N MET A 790 4.45 -37.58 -55.22
CA MET A 790 5.19 -36.43 -55.70
C MET A 790 5.52 -36.59 -57.19
N LYS A 791 5.85 -37.82 -57.60
CA LYS A 791 6.10 -38.09 -59.01
C LYS A 791 4.85 -37.87 -59.85
N GLN A 792 3.69 -38.32 -59.36
CA GLN A 792 2.46 -38.10 -60.10
C GLN A 792 2.17 -36.61 -60.26
N ASN A 793 2.37 -35.84 -59.19
CA ASN A 793 2.14 -34.40 -59.27
C ASN A 793 3.13 -33.75 -60.23
N ALA A 794 4.38 -34.20 -60.23
CA ALA A 794 5.37 -33.67 -61.17
C ALA A 794 4.96 -33.97 -62.61
N LEU A 795 4.48 -35.19 -62.87
CA LEU A 795 4.05 -35.55 -64.21
C LEU A 795 2.87 -34.70 -64.66
N GLN A 796 1.91 -34.48 -63.76
CA GLN A 796 0.73 -33.69 -64.12
C GLN A 796 1.04 -32.21 -64.28
N GLY A 797 2.16 -31.74 -63.77
CA GLY A 797 2.49 -30.32 -63.85
C GLY A 797 1.48 -29.46 -63.12
N VAL A 798 1.13 -29.86 -61.90
CA VAL A 798 0.08 -29.21 -61.13
C VAL A 798 0.70 -28.28 -60.10
N VAL A 799 0.18 -27.06 -60.02
CA VAL A 799 0.62 -26.06 -59.05
C VAL A 799 -0.40 -26.07 -57.91
N PRO A 800 -0.02 -26.50 -56.71
CA PRO A 800 -0.98 -26.59 -55.60
C PRO A 800 -1.26 -25.23 -54.98
N SER A 801 -2.15 -25.23 -53.99
CA SER A 801 -2.46 -24.04 -53.23
C SER A 801 -1.52 -23.92 -52.03
N GLU A 802 -1.64 -22.79 -51.32
CA GLU A 802 -0.70 -22.50 -50.24
C GLU A 802 -0.89 -23.46 -49.06
N THR A 803 -2.09 -24.01 -48.89
CA THR A 803 -2.35 -25.01 -47.85
C THR A 803 -2.62 -26.38 -48.43
N GLU A 804 -1.93 -26.75 -49.51
CA GLU A 804 -2.24 -27.99 -50.22
C GLU A 804 -1.16 -29.05 -50.11
N ASP A 805 0.09 -28.73 -50.45
CA ASP A 805 1.19 -29.69 -50.39
C ASP A 805 2.43 -29.12 -49.71
N LEU A 806 3.07 -29.98 -48.92
CA LEU A 806 4.48 -29.86 -48.53
C LEU A 806 4.78 -28.57 -47.78
N ASN A 807 4.24 -28.49 -46.57
CA ASN A 807 4.78 -27.55 -45.60
C ASN A 807 6.14 -28.04 -45.11
N VAL A 808 6.95 -27.11 -44.61
CA VAL A 808 8.37 -27.38 -44.37
C VAL A 808 8.56 -28.41 -43.26
N GLU A 809 7.75 -28.35 -42.21
CA GLU A 809 7.92 -29.26 -41.09
C GLU A 809 7.74 -30.71 -41.52
N HIS A 810 6.82 -30.95 -42.44
CA HIS A 810 6.64 -32.30 -42.99
C HIS A 810 7.92 -32.78 -43.65
N LEU A 811 8.57 -31.91 -44.44
CA LEU A 811 9.81 -32.29 -45.10
C LEU A 811 10.91 -32.57 -44.10
N GLN A 812 11.03 -31.73 -43.06
CA GLN A 812 12.04 -31.98 -42.04
C GLN A 812 11.81 -33.31 -41.35
N MET A 813 10.55 -33.61 -41.04
CA MET A 813 10.22 -34.87 -40.39
C MET A 813 10.56 -36.07 -41.28
N LEU A 814 10.26 -35.96 -42.58
CA LEU A 814 10.62 -37.03 -43.50
C LEU A 814 12.13 -37.22 -43.58
N LEU A 815 12.89 -36.12 -43.63
CA LEU A 815 14.34 -36.23 -43.67
C LEU A 815 14.88 -36.90 -42.40
N LEU A 816 14.33 -36.53 -41.25
CA LEU A 816 14.76 -37.16 -40.00
C LEU A 816 14.45 -38.64 -40.00
N ILE A 817 13.30 -39.03 -40.54
CA ILE A 817 13.02 -40.46 -40.72
C ILE A 817 14.08 -41.10 -41.61
N PHE A 818 14.44 -40.44 -42.70
CA PHE A 818 15.40 -41.01 -43.65
C PHE A 818 16.75 -41.25 -42.99
N HIS A 819 17.19 -40.31 -42.15
CA HIS A 819 18.52 -40.42 -41.55
C HIS A 819 18.62 -41.65 -40.66
N ASN A 820 17.52 -42.05 -40.00
CA ASN A 820 17.55 -43.19 -39.10
C ASN A 820 17.58 -44.53 -39.83
N PHE A 821 17.47 -44.53 -41.16
CA PHE A 821 17.46 -45.77 -41.91
C PHE A 821 18.83 -46.45 -41.89
N THR A 822 18.84 -47.70 -42.33
CA THR A 822 20.10 -48.40 -42.56
C THR A 822 20.67 -48.01 -43.92
N GLU A 823 21.88 -48.50 -44.21
CA GLU A 823 22.51 -48.18 -45.48
C GLU A 823 21.71 -48.72 -46.66
N THR A 824 21.16 -49.93 -46.52
CA THR A 824 20.40 -50.54 -47.61
C THR A 824 19.17 -49.72 -47.96
N GLY A 825 18.43 -49.28 -46.94
CA GLY A 825 17.25 -48.47 -47.20
C GLY A 825 17.60 -47.14 -47.84
N ARG A 826 18.67 -46.50 -47.35
CA ARG A 826 19.08 -45.21 -47.91
C ARG A 826 19.52 -45.35 -49.36
N ARG A 827 20.29 -46.39 -49.69
CA ARG A 827 20.72 -46.56 -51.07
C ARG A 827 19.54 -46.94 -51.96
N ALA A 828 18.58 -47.70 -51.44
CA ALA A 828 17.38 -47.99 -52.21
C ALA A 828 16.59 -46.71 -52.51
N ILE A 829 16.47 -45.83 -51.51
CA ILE A 829 15.76 -44.58 -51.72
C ILE A 829 16.50 -43.71 -52.73
N LEU A 830 17.83 -43.67 -52.66
CA LEU A 830 18.60 -42.90 -53.62
C LEU A 830 18.45 -43.45 -55.04
N SER A 831 18.46 -44.78 -55.17
CA SER A 831 18.24 -45.38 -56.49
C SER A 831 16.85 -45.07 -57.02
N LEU A 832 15.85 -45.08 -56.14
CA LEU A 832 14.51 -44.71 -56.56
C LEU A 832 14.45 -43.26 -57.01
N PHE A 833 15.15 -42.37 -56.30
CA PHE A 833 15.25 -40.98 -56.74
C PHE A 833 15.86 -40.89 -58.13
N VAL A 834 16.94 -41.64 -58.35
CA VAL A 834 17.60 -41.64 -59.66
C VAL A 834 16.62 -42.10 -60.73
N GLN A 835 15.87 -43.16 -60.46
CA GLN A 835 14.90 -43.67 -61.42
C GLN A 835 13.83 -42.63 -61.72
N ILE A 836 13.35 -41.94 -60.68
CA ILE A 836 12.31 -40.93 -60.88
C ILE A 836 12.83 -39.81 -61.77
N ILE A 837 14.03 -39.33 -61.48
CA ILE A 837 14.59 -38.23 -62.27
C ILE A 837 14.80 -38.66 -63.72
N GLN A 838 15.32 -39.87 -63.93
CA GLN A 838 15.56 -40.35 -65.28
C GLN A 838 14.25 -40.51 -66.05
N GLU A 839 13.23 -41.07 -65.39
CA GLU A 839 11.97 -41.35 -66.09
C GLU A 839 11.21 -40.08 -66.40
N LEU A 840 11.20 -39.12 -65.46
CA LEU A 840 10.35 -37.94 -65.60
C LEU A 840 10.81 -36.99 -66.69
N SER A 841 12.06 -37.08 -67.14
CA SER A 841 12.59 -36.16 -68.13
C SER A 841 12.38 -36.60 -69.57
N VAL A 842 11.72 -37.74 -69.79
CA VAL A 842 11.59 -38.25 -71.15
C VAL A 842 10.63 -37.38 -71.97
N ASN A 843 9.57 -36.87 -71.36
CA ASN A 843 8.60 -36.02 -72.06
C ASN A 843 8.89 -34.54 -71.80
N MET A 844 10.04 -34.09 -72.28
CA MET A 844 10.42 -32.70 -72.07
C MET A 844 9.51 -31.73 -72.80
N ASP A 845 8.92 -32.16 -73.92
CA ASP A 845 8.08 -31.27 -74.71
C ASP A 845 6.88 -30.80 -73.91
N ALA A 846 6.24 -31.70 -73.17
CA ALA A 846 5.18 -31.30 -72.26
C ALA A 846 5.72 -30.49 -71.09
N GLN A 847 6.98 -30.72 -70.72
CA GLN A 847 7.55 -30.01 -69.57
C GLN A 847 7.85 -28.56 -69.88
N MET A 848 8.06 -28.22 -71.16
CA MET A 848 8.31 -26.81 -71.51
C MET A 848 7.19 -25.89 -71.05
N ARG A 849 5.94 -26.36 -71.03
CA ARG A 849 4.80 -25.50 -70.71
C ARG A 849 4.36 -25.61 -69.26
N PHE A 850 4.89 -26.56 -68.50
CA PHE A 850 4.49 -26.75 -67.11
C PHE A 850 5.24 -25.78 -66.19
N VAL A 851 4.72 -25.64 -64.98
CA VAL A 851 5.38 -24.88 -63.93
C VAL A 851 6.14 -25.87 -63.05
N PRO A 852 7.47 -25.81 -63.01
CA PRO A 852 8.24 -26.79 -62.23
C PRO A 852 8.39 -26.42 -60.75
N LEU A 853 7.31 -26.59 -60.00
CA LEU A 853 7.33 -26.41 -58.55
C LEU A 853 7.52 -27.71 -57.80
N ILE A 854 6.86 -28.79 -58.26
CA ILE A 854 7.12 -30.11 -57.70
C ILE A 854 8.53 -30.57 -58.03
N LEU A 855 8.96 -30.31 -59.28
CA LEU A 855 10.33 -30.58 -59.66
C LEU A 855 11.32 -29.87 -58.75
N ALA A 856 10.98 -28.65 -58.32
CA ALA A 856 11.86 -27.90 -57.44
C ALA A 856 12.03 -28.62 -56.10
N ARG A 857 10.93 -29.12 -55.53
CA ARG A 857 11.03 -29.83 -54.27
C ARG A 857 11.80 -31.14 -54.42
N LEU A 858 11.56 -31.87 -55.52
CA LEU A 858 12.33 -33.09 -55.77
C LEU A 858 13.81 -32.80 -55.86
N LEU A 859 14.18 -31.75 -56.59
CA LEU A 859 15.58 -31.41 -56.76
C LEU A 859 16.19 -30.94 -55.45
N LEU A 860 15.43 -30.20 -54.63
CA LEU A 860 15.92 -29.79 -53.32
C LEU A 860 16.19 -30.99 -52.43
N ILE A 861 15.28 -31.97 -52.43
CA ILE A 861 15.48 -33.15 -51.60
C ILE A 861 16.69 -33.95 -52.11
N PHE A 862 16.84 -34.05 -53.43
CA PHE A 862 17.99 -34.75 -53.99
C PHE A 862 19.30 -34.05 -53.62
N ASP A 863 19.30 -32.72 -53.66
CA ASP A 863 20.48 -31.96 -53.27
C ASP A 863 20.82 -32.22 -51.80
N TYR A 864 19.81 -32.21 -50.94
CA TYR A 864 20.04 -32.49 -49.53
C TYR A 864 20.61 -33.89 -49.33
N LEU A 865 20.06 -34.87 -50.07
CA LEU A 865 20.55 -36.24 -49.96
C LEU A 865 22.01 -36.33 -50.40
N LEU A 866 22.35 -35.63 -51.48
CA LEU A 866 23.73 -35.63 -51.95
C LEU A 866 24.67 -34.99 -50.94
N HIS A 867 24.24 -33.92 -50.27
CA HIS A 867 25.12 -33.23 -49.33
C HIS A 867 25.34 -34.05 -48.06
N GLN A 868 24.28 -34.60 -47.48
CA GLN A 868 24.32 -35.21 -46.16
C GLN A 868 23.77 -36.63 -46.19
N TYR A 869 24.29 -37.45 -47.10
CA TYR A 869 23.79 -38.81 -47.24
C TYR A 869 24.11 -39.67 -46.02
N SER A 870 25.27 -39.43 -45.38
CA SER A 870 25.76 -40.33 -44.34
C SER A 870 25.31 -39.90 -42.94
N LYS A 871 25.57 -38.66 -42.55
CA LYS A 871 25.27 -38.18 -41.21
C LYS A 871 24.01 -37.33 -41.24
N ALA A 872 23.65 -36.80 -40.08
CA ALA A 872 22.49 -35.93 -39.94
C ALA A 872 22.93 -34.63 -39.25
N PRO A 873 22.56 -33.47 -39.79
CA PRO A 873 23.01 -32.21 -39.19
C PRO A 873 22.30 -31.91 -37.89
N VAL A 874 22.97 -31.11 -37.07
CA VAL A 874 22.45 -30.77 -35.74
C VAL A 874 21.25 -29.84 -35.85
N TYR A 875 21.30 -28.90 -36.78
CA TYR A 875 20.19 -27.96 -36.94
C TYR A 875 18.91 -28.68 -37.32
N LEU A 876 19.01 -29.82 -38.00
CA LEU A 876 17.82 -30.63 -38.25
C LEU A 876 17.22 -31.11 -36.94
N PHE A 877 18.06 -31.57 -36.00
CA PHE A 877 17.55 -32.00 -34.71
C PHE A 877 16.89 -30.86 -33.96
N GLU A 878 17.52 -29.68 -33.94
CA GLU A 878 16.90 -28.55 -33.26
C GLU A 878 15.57 -28.16 -33.92
N GLN A 879 15.53 -28.16 -35.25
CA GLN A 879 14.31 -27.79 -35.95
C GLN A 879 13.18 -28.77 -35.66
N VAL A 880 13.48 -30.07 -35.73
CA VAL A 880 12.43 -31.06 -35.49
C VAL A 880 11.99 -31.05 -34.02
N GLN A 881 12.90 -30.70 -33.10
CA GLN A 881 12.49 -30.59 -31.71
C GLN A 881 11.57 -29.40 -31.49
N HIS A 882 11.96 -28.23 -32.01
CA HIS A 882 11.21 -27.02 -31.72
C HIS A 882 9.88 -26.98 -32.47
N ASN A 883 9.88 -27.40 -33.74
CA ASN A 883 8.68 -27.26 -34.54
C ASN A 883 7.62 -28.30 -34.22
N LEU A 884 8.02 -29.50 -33.81
CA LEU A 884 7.10 -30.62 -33.66
C LEU A 884 6.95 -31.08 -32.21
N LEU A 885 8.05 -31.40 -31.54
CA LEU A 885 7.98 -32.04 -30.23
C LEU A 885 7.90 -31.05 -29.07
N SER A 886 7.91 -29.75 -29.34
CA SER A 886 7.76 -28.81 -28.24
C SER A 886 6.29 -28.45 -28.05
N PRO A 887 5.86 -28.21 -26.81
CA PRO A 887 4.47 -27.84 -26.58
C PRO A 887 4.16 -26.49 -27.18
N PRO A 888 2.92 -26.25 -27.63
CA PRO A 888 2.51 -24.99 -28.25
C PRO A 888 2.06 -23.95 -27.23
N THR A 905 5.83 -19.22 -34.79
CA THR A 905 6.35 -19.38 -36.14
C THR A 905 7.36 -20.52 -36.19
N PRO A 906 7.35 -21.28 -37.29
CA PRO A 906 8.31 -22.38 -37.44
C PRO A 906 9.71 -21.85 -37.73
N LEU A 907 10.68 -22.76 -37.63
CA LEU A 907 12.09 -22.44 -37.83
C LEU A 907 12.61 -23.24 -39.02
N TYR A 908 13.12 -22.54 -40.03
CA TYR A 908 13.59 -23.18 -41.25
C TYR A 908 14.76 -22.38 -41.81
N HIS A 909 15.17 -22.70 -43.03
CA HIS A 909 16.37 -22.13 -43.65
C HIS A 909 16.07 -21.70 -45.08
N GLY A 910 14.97 -20.98 -45.29
CA GLY A 910 14.53 -20.66 -46.63
C GLY A 910 15.49 -19.75 -47.38
N PHE A 911 15.38 -19.80 -48.71
CA PHE A 911 16.18 -18.95 -49.59
C PHE A 911 15.95 -17.48 -49.26
N LYS A 912 17.04 -16.72 -49.13
CA LYS A 912 16.90 -15.32 -48.78
C LYS A 912 16.40 -14.48 -49.95
N GLU A 913 16.92 -14.73 -51.16
CA GLU A 913 16.56 -13.89 -52.29
C GLU A 913 15.15 -14.21 -52.82
N VAL A 914 14.77 -15.48 -52.86
CA VAL A 914 13.44 -15.84 -53.30
C VAL A 914 12.39 -15.32 -52.32
N GLU A 915 12.62 -15.54 -51.03
CA GLU A 915 11.72 -15.00 -50.02
C GLU A 915 11.74 -13.48 -50.01
N GLU A 916 12.82 -12.86 -50.47
CA GLU A 916 12.82 -11.40 -50.62
C GLU A 916 11.75 -10.96 -51.60
N ASN A 917 11.71 -11.58 -52.78
CA ASN A 917 10.69 -11.25 -53.76
C ASN A 917 9.30 -11.59 -53.23
N TRP A 918 9.17 -12.74 -52.56
CA TRP A 918 7.87 -13.14 -52.06
C TRP A 918 7.33 -12.15 -51.03
N SER A 919 8.19 -11.72 -50.10
CA SER A 919 7.77 -10.74 -49.10
C SER A 919 7.54 -9.36 -49.72
N LYS A 920 8.32 -9.00 -50.73
CA LYS A 920 8.08 -7.73 -51.42
C LYS A 920 6.70 -7.71 -52.07
N HIS A 921 6.33 -8.82 -52.71
CA HIS A 921 5.02 -8.88 -53.34
C HIS A 921 3.89 -9.09 -52.33
N PHE A 922 4.21 -9.62 -51.14
CA PHE A 922 3.20 -9.75 -50.10
C PHE A 922 2.95 -8.45 -49.35
N SER A 923 3.90 -7.50 -49.40
CA SER A 923 3.74 -6.13 -48.93
C SER A 923 3.60 -6.01 -47.41
N SER A 924 2.41 -6.29 -46.88
CA SER A 924 2.05 -5.89 -45.53
C SER A 924 2.56 -6.85 -44.45
N ASP A 925 3.88 -7.01 -44.36
CA ASP A 925 4.62 -7.61 -43.24
C ASP A 925 3.91 -8.76 -42.53
N ALA A 926 3.41 -9.73 -43.30
CA ALA A 926 2.71 -10.87 -42.73
C ALA A 926 3.48 -12.17 -42.92
N VAL A 927 3.79 -12.53 -44.17
CA VAL A 927 4.47 -13.76 -44.57
C VAL A 927 4.09 -14.92 -43.64
N PRO A 928 2.81 -15.29 -43.59
CA PRO A 928 2.40 -16.32 -42.62
C PRO A 928 2.78 -17.73 -43.04
N HIS A 929 2.73 -18.03 -44.32
CA HIS A 929 2.99 -19.38 -44.81
C HIS A 929 4.27 -19.41 -45.62
N PRO A 930 5.30 -20.16 -45.20
CA PRO A 930 6.53 -20.26 -46.00
C PRO A 930 6.37 -21.30 -47.10
N ARG A 931 6.51 -20.86 -48.34
CA ARG A 931 6.38 -21.74 -49.50
C ARG A 931 7.71 -22.03 -50.20
N PHE A 932 8.68 -21.13 -50.13
CA PHE A 932 9.99 -21.33 -50.73
C PHE A 932 11.01 -21.44 -49.60
N TYR A 933 11.41 -22.68 -49.31
CA TYR A 933 12.29 -22.96 -48.17
C TYR A 933 13.44 -23.85 -48.63
N CYS A 934 14.53 -23.80 -47.86
CA CYS A 934 15.67 -24.67 -48.08
C CYS A 934 15.97 -25.41 -46.78
N VAL A 935 16.40 -26.66 -46.91
CA VAL A 935 16.69 -27.48 -45.74
C VAL A 935 18.12 -27.30 -45.26
N LEU A 936 19.08 -27.24 -46.18
CA LEU A 936 20.47 -27.08 -45.80
C LEU A 936 20.72 -25.67 -45.26
N SER A 937 21.65 -25.58 -44.32
CA SER A 937 21.96 -24.30 -43.70
C SER A 937 22.69 -23.39 -44.70
N PRO A 938 22.56 -22.07 -44.54
CA PRO A 938 23.30 -21.15 -45.41
C PRO A 938 24.81 -21.23 -45.22
N GLU A 939 25.28 -21.79 -44.10
CA GLU A 939 26.73 -21.88 -43.86
C GLU A 939 27.42 -22.72 -44.90
N ALA A 940 26.70 -23.63 -45.56
CA ALA A 940 27.27 -24.43 -46.63
C ALA A 940 27.34 -23.68 -47.95
N SER A 941 27.05 -22.38 -47.97
CA SER A 941 27.14 -21.60 -49.20
C SER A 941 28.56 -21.53 -49.72
N GLU A 942 29.55 -21.58 -48.83
CA GLU A 942 30.94 -21.54 -49.24
C GLU A 942 31.30 -22.79 -50.04
N ASP A 943 32.14 -22.61 -51.05
CA ASP A 943 32.55 -23.72 -51.89
C ASP A 943 33.78 -24.43 -51.31
N ASN A 946 29.90 -26.91 -49.73
CA ASN A 946 29.50 -27.53 -50.99
C ASN A 946 30.34 -28.77 -51.28
N ARG A 947 30.75 -29.47 -50.23
CA ARG A 947 31.58 -30.66 -50.37
C ARG A 947 30.67 -31.87 -50.56
N LEU A 948 30.79 -32.51 -51.72
CA LEU A 948 29.96 -33.66 -52.05
C LEU A 948 30.31 -34.85 -51.16
N ASP A 949 29.31 -35.67 -50.86
CA ASP A 949 29.49 -36.81 -49.97
C ASP A 949 30.16 -37.96 -50.69
N SER A 950 31.17 -38.55 -50.05
CA SER A 950 31.93 -39.63 -50.67
C SER A 950 31.06 -40.85 -50.92
N VAL A 951 30.21 -41.22 -49.96
CA VAL A 951 29.34 -42.37 -50.15
C VAL A 951 28.31 -42.10 -51.24
N ALA A 952 27.85 -40.85 -51.35
CA ALA A 952 26.88 -40.52 -52.39
C ALA A 952 27.46 -40.76 -53.79
N CYS A 953 28.68 -40.27 -54.03
CA CYS A 953 29.28 -40.47 -55.34
C CYS A 953 29.75 -41.90 -55.53
N ASP A 954 30.07 -42.61 -54.45
CA ASP A 954 30.37 -44.03 -54.56
C ASP A 954 29.15 -44.81 -55.04
N VAL A 955 27.97 -44.47 -54.52
CA VAL A 955 26.74 -45.08 -54.99
C VAL A 955 26.43 -44.63 -56.42
N LEU A 956 26.70 -43.37 -56.72
CA LEU A 956 26.40 -42.84 -58.05
C LEU A 956 27.28 -43.49 -59.12
N PHE A 957 28.54 -43.76 -58.80
CA PHE A 957 29.45 -44.44 -59.73
C PHE A 957 29.50 -45.94 -59.40
N SER A 958 28.38 -46.60 -59.62
CA SER A 958 28.30 -48.05 -59.42
C SER A 958 27.08 -48.58 -60.15
N LYS A 959 26.73 -49.83 -59.87
CA LYS A 959 25.59 -50.50 -60.46
C LYS A 959 24.30 -49.95 -59.88
N LEU A 960 23.17 -50.32 -60.50
CA LEU A 960 21.81 -49.92 -60.18
C LEU A 960 21.49 -48.48 -60.59
N VAL A 961 22.47 -47.74 -61.07
CA VAL A 961 22.26 -46.37 -61.56
C VAL A 961 23.00 -46.23 -62.88
N LYS A 962 22.46 -45.37 -63.74
CA LYS A 962 23.04 -45.10 -65.06
C LYS A 962 23.43 -43.62 -65.08
N TYR A 963 24.69 -43.35 -64.72
CA TYR A 963 25.11 -41.98 -64.45
C TYR A 963 25.09 -41.13 -65.72
N ASP A 964 25.39 -41.72 -66.88
CA ASP A 964 25.42 -40.95 -68.11
C ASP A 964 24.04 -40.40 -68.45
N GLU A 965 23.02 -41.26 -68.46
CA GLU A 965 21.67 -40.79 -68.73
C GLU A 965 21.17 -39.88 -67.63
N LEU A 966 21.63 -40.08 -66.39
CA LEU A 966 21.26 -39.17 -65.30
C LEU A 966 21.79 -37.77 -65.57
N TYR A 967 23.06 -37.66 -65.98
CA TYR A 967 23.63 -36.37 -66.30
C TYR A 967 22.94 -35.74 -67.51
N ALA A 968 22.60 -36.58 -68.50
CA ALA A 968 21.87 -36.07 -69.66
C ALA A 968 20.51 -35.51 -69.26
N ALA A 969 19.80 -36.21 -68.38
CA ALA A 969 18.50 -35.74 -67.91
C ALA A 969 18.64 -34.44 -67.13
N LEU A 970 19.66 -34.34 -66.28
CA LEU A 970 19.86 -33.11 -65.53
C LEU A 970 20.20 -31.94 -66.43
N THR A 971 21.00 -32.15 -67.47
CA THR A 971 21.29 -31.08 -68.42
C THR A 971 20.04 -30.70 -69.21
N ALA A 972 19.23 -31.69 -69.58
CA ALA A 972 18.04 -31.40 -70.39
C ALA A 972 16.96 -30.69 -69.57
N LEU A 973 16.87 -30.98 -68.27
CA LEU A 973 15.81 -30.43 -67.44
C LEU A 973 15.95 -28.94 -67.21
N LEU A 974 17.07 -28.33 -67.61
CA LEU A 974 17.27 -26.90 -67.38
C LEU A 974 16.29 -26.04 -68.17
N ALA A 975 15.59 -26.60 -69.14
CA ALA A 975 14.60 -25.87 -69.93
C ALA A 975 13.18 -26.32 -69.60
N ALA A 976 12.89 -26.50 -68.32
CA ALA A 976 11.60 -27.01 -67.88
C ALA A 976 10.55 -25.93 -67.72
N GLY A 977 10.88 -24.68 -68.00
CA GLY A 977 9.91 -23.61 -67.90
C GLY A 977 10.06 -22.56 -68.98
N SER A 978 10.73 -22.92 -70.08
CA SER A 978 11.06 -21.95 -71.11
C SER A 978 9.81 -21.41 -71.80
N GLN A 979 8.83 -22.27 -72.07
CA GLN A 979 7.66 -21.90 -72.85
C GLN A 979 6.51 -21.38 -72.00
N LEU A 980 6.69 -21.24 -70.69
CA LEU A 980 5.61 -20.74 -69.85
C LEU A 980 5.26 -19.29 -70.19
N ASP A 981 6.28 -18.44 -70.40
CA ASP A 981 6.02 -17.03 -70.62
C ASP A 981 5.33 -16.77 -71.96
N THR A 982 5.37 -17.73 -72.87
CA THR A 982 4.74 -17.57 -74.17
C THR A 982 3.30 -18.06 -74.14
N LYS A 986 1.33 -14.68 -75.10
CA LYS A 986 0.53 -15.02 -76.27
C LYS A 986 -0.94 -14.81 -76.00
N GLU A 987 -1.41 -15.28 -74.85
CA GLU A 987 -2.80 -15.15 -74.44
C GLU A 987 -3.09 -13.82 -73.76
N ASN A 988 -2.09 -12.94 -73.66
CA ASN A 988 -2.20 -11.69 -72.91
C ASN A 988 -2.55 -11.92 -71.45
N LYS A 989 -2.22 -13.09 -70.92
CA LYS A 989 -2.47 -13.42 -69.52
C LYS A 989 -1.26 -13.03 -68.68
N ASN A 990 -1.52 -12.45 -67.52
CA ASN A 990 -0.45 -12.00 -66.65
C ASN A 990 0.20 -13.18 -65.94
N VAL A 991 1.51 -13.05 -65.70
CA VAL A 991 2.27 -14.05 -64.98
C VAL A 991 2.27 -13.65 -63.51
N THR A 992 1.67 -14.48 -62.67
CA THR A 992 1.53 -14.17 -61.26
C THR A 992 2.87 -14.26 -60.54
N ALA A 993 2.89 -13.75 -59.31
CA ALA A 993 4.12 -13.78 -58.51
C ALA A 993 4.54 -15.22 -58.21
N LEU A 994 3.58 -16.10 -57.95
CA LEU A 994 3.92 -17.46 -57.55
C LEU A 994 4.69 -18.19 -58.64
N GLU A 995 4.26 -18.08 -59.89
CA GLU A 995 4.91 -18.80 -60.97
C GLU A 995 6.31 -18.26 -61.25
N ALA A 996 6.47 -16.92 -61.23
CA ALA A 996 7.80 -16.34 -61.45
C ALA A 996 8.75 -16.74 -60.33
N CYS A 997 8.28 -16.67 -59.08
CA CYS A 997 9.12 -17.08 -57.96
C CYS A 997 9.48 -18.55 -58.05
N ALA A 998 8.53 -19.40 -58.45
CA ALA A 998 8.81 -20.82 -58.60
C ALA A 998 9.84 -21.07 -59.70
N LEU A 999 9.73 -20.33 -60.81
CA LEU A 999 10.70 -20.48 -61.89
C LEU A 999 12.10 -20.12 -61.42
N GLN A 1000 12.24 -18.97 -60.76
CA GLN A 1000 13.56 -18.55 -60.28
C GLN A 1000 14.10 -19.53 -59.25
N TYR A 1001 13.24 -19.98 -58.33
CA TYR A 1001 13.63 -20.95 -57.32
C TYR A 1001 14.13 -22.26 -57.95
N TYR A 1002 13.37 -22.78 -58.92
CA TYR A 1002 13.75 -24.02 -59.58
C TYR A 1002 15.06 -23.86 -60.34
N PHE A 1003 15.23 -22.75 -61.06
CA PHE A 1003 16.45 -22.57 -61.81
C PHE A 1003 17.65 -22.45 -60.88
N LEU A 1004 17.50 -21.74 -59.76
CA LEU A 1004 18.61 -21.64 -58.81
C LEU A 1004 18.96 -23.00 -58.24
N ILE A 1005 17.95 -23.81 -57.91
CA ILE A 1005 18.23 -25.14 -57.36
C ILE A 1005 18.95 -26.00 -58.38
N LEU A 1006 18.48 -25.98 -59.64
CA LEU A 1006 19.13 -26.76 -60.69
C LEU A 1006 20.56 -26.29 -60.93
N TRP A 1007 20.79 -24.97 -60.93
CA TRP A 1007 22.14 -24.47 -61.14
C TRP A 1007 23.05 -24.87 -60.00
N ARG A 1008 22.56 -24.82 -58.76
CA ARG A 1008 23.36 -25.24 -57.63
C ARG A 1008 23.72 -26.72 -57.71
N ILE A 1009 22.74 -27.57 -58.01
CA ILE A 1009 23.02 -29.00 -58.03
C ILE A 1009 23.91 -29.37 -59.21
N LEU A 1010 23.75 -28.70 -60.35
CA LEU A 1010 24.52 -29.06 -61.54
C LEU A 1010 25.99 -28.69 -61.36
N GLY A 1011 26.30 -27.70 -60.52
CA GLY A 1011 27.67 -27.31 -60.25
C GLY A 1011 28.38 -28.14 -59.22
N ILE A 1012 27.73 -29.17 -58.69
CA ILE A 1012 28.31 -30.03 -57.66
C ILE A 1012 28.59 -31.43 -58.18
N LEU A 1013 27.73 -31.93 -59.07
CA LEU A 1013 27.90 -33.29 -59.57
C LEU A 1013 29.19 -33.41 -60.38
N PRO A 1014 29.95 -34.49 -60.19
CA PRO A 1014 31.21 -34.64 -60.91
C PRO A 1014 30.95 -34.96 -62.38
N PRO A 1015 31.98 -34.89 -63.23
CA PRO A 1015 31.78 -35.08 -64.66
C PRO A 1015 31.33 -36.49 -65.04
N SER A 1016 30.64 -36.56 -66.17
CA SER A 1016 30.37 -37.83 -66.84
C SER A 1016 31.21 -37.93 -68.11
N LYS A 1017 31.75 -39.13 -68.35
CA LYS A 1017 32.69 -39.29 -69.47
C LYS A 1017 32.02 -39.06 -70.83
N THR A 1018 30.72 -39.36 -70.95
CA THR A 1018 30.04 -39.19 -72.23
C THR A 1018 30.01 -37.74 -72.66
N TYR A 1019 29.80 -36.81 -71.72
CA TYR A 1019 29.71 -35.41 -72.12
C TYR A 1019 31.12 -34.89 -72.38
N ILE A 1020 32.12 -35.44 -71.69
CA ILE A 1020 33.51 -35.12 -71.95
C ILE A 1020 33.86 -35.47 -73.40
N ASN A 1021 33.44 -36.64 -73.85
CA ASN A 1021 33.62 -37.00 -75.25
C ASN A 1021 32.78 -36.13 -76.17
N GLN A 1022 31.57 -35.75 -75.73
CA GLN A 1022 30.71 -34.93 -76.56
C GLN A 1022 31.29 -33.55 -76.81
N LEU A 1023 32.10 -33.04 -75.87
CA LEU A 1023 32.67 -31.71 -75.98
C LEU A 1023 34.17 -31.72 -76.28
N SER A 1024 34.80 -32.89 -76.35
CA SER A 1024 36.25 -32.95 -76.33
C SER A 1024 36.84 -32.49 -77.66
N MET A 1025 36.55 -33.20 -78.74
CA MET A 1025 37.18 -32.87 -80.02
C MET A 1025 36.25 -32.13 -80.96
N ASN A 1026 34.97 -32.00 -80.61
CA ASN A 1026 34.05 -31.16 -81.38
C ASN A 1026 32.79 -30.94 -80.54
N SER A 1027 32.07 -29.86 -80.86
CA SER A 1027 30.89 -29.46 -80.11
C SER A 1027 29.72 -29.22 -81.07
N PRO A 1028 29.10 -30.29 -81.57
CA PRO A 1028 27.95 -30.13 -82.46
C PRO A 1028 26.63 -30.24 -81.73
N GLU A 1029 25.55 -29.96 -82.47
CA GLU A 1029 24.16 -30.14 -82.06
C GLU A 1029 23.93 -29.77 -80.59
N MET A 1030 24.34 -28.55 -80.26
CA MET A 1030 24.28 -28.06 -78.90
C MET A 1030 23.06 -27.16 -78.72
N SER A 1031 22.28 -27.42 -77.68
CA SER A 1031 21.08 -26.66 -77.39
C SER A 1031 21.39 -25.55 -76.39
N GLU A 1032 20.36 -24.78 -76.03
CA GLU A 1032 20.56 -23.63 -75.15
C GLU A 1032 21.03 -24.07 -73.77
N CYS A 1033 20.42 -25.12 -73.21
CA CYS A 1033 20.87 -25.63 -71.92
C CYS A 1033 22.28 -26.18 -72.01
N ASP A 1034 22.59 -26.87 -73.11
CA ASP A 1034 23.95 -27.36 -73.32
C ASP A 1034 24.95 -26.22 -73.35
N ILE A 1035 24.61 -25.13 -74.05
CA ILE A 1035 25.51 -23.98 -74.13
C ILE A 1035 25.69 -23.35 -72.75
N LEU A 1036 24.60 -23.21 -72.01
CA LEU A 1036 24.66 -22.59 -70.69
C LEU A 1036 25.56 -23.39 -69.76
N HIS A 1037 25.48 -24.72 -69.84
CA HIS A 1037 26.38 -25.57 -69.05
C HIS A 1037 27.82 -25.48 -69.58
N THR A 1038 27.97 -25.38 -70.90
CA THR A 1038 29.29 -25.38 -71.53
C THR A 1038 30.11 -24.16 -71.14
N LEU A 1039 29.48 -22.98 -71.09
CA LEU A 1039 30.26 -21.79 -70.75
C LEU A 1039 30.82 -21.90 -69.33
N ARG A 1040 29.97 -22.29 -68.36
CA ARG A 1040 30.45 -22.39 -66.99
C ARG A 1040 31.53 -23.47 -66.86
N TRP A 1041 31.36 -24.60 -67.55
CA TRP A 1041 32.41 -25.63 -67.47
C TRP A 1041 33.71 -25.15 -68.09
N SER A 1042 33.67 -24.56 -69.29
CA SER A 1042 34.90 -24.16 -69.95
C SER A 1042 35.61 -23.08 -69.15
N SER A 1043 34.87 -22.26 -68.41
CA SER A 1043 35.52 -21.33 -67.50
C SER A 1043 36.07 -22.05 -66.27
N ARG A 1044 35.39 -23.11 -65.82
CA ARG A 1044 35.79 -23.77 -64.59
C ARG A 1044 37.12 -24.50 -64.73
N LEU A 1045 37.27 -25.32 -65.77
CA LEU A 1045 38.47 -26.14 -65.92
C LEU A 1045 39.59 -25.43 -66.67
N ARG A 1046 39.92 -24.20 -66.25
CA ARG A 1046 40.97 -23.42 -66.89
C ARG A 1046 42.14 -23.13 -65.95
N ILE A 1047 41.88 -22.47 -64.82
CA ILE A 1047 42.95 -22.04 -63.93
C ILE A 1047 42.63 -22.38 -62.48
N SER A 1048 41.38 -22.72 -62.21
CA SER A 1048 40.90 -22.84 -60.83
C SER A 1048 41.21 -24.20 -60.21
N SER A 1049 42.13 -24.96 -60.80
CA SER A 1049 42.58 -26.24 -60.26
C SER A 1049 41.44 -27.24 -60.07
N TYR A 1050 40.40 -27.15 -60.90
CA TYR A 1050 39.38 -28.20 -60.91
C TYR A 1050 39.80 -29.40 -61.73
N VAL A 1051 40.81 -29.26 -62.60
CA VAL A 1051 41.17 -30.34 -63.52
C VAL A 1051 41.60 -31.59 -62.75
N ASN A 1052 42.30 -31.39 -61.62
CA ASN A 1052 42.68 -32.53 -60.79
C ASN A 1052 41.46 -33.25 -60.24
N TRP A 1053 40.44 -32.49 -59.79
CA TRP A 1053 39.19 -33.10 -59.36
C TRP A 1053 38.52 -33.86 -60.50
N ILE A 1054 38.55 -33.28 -61.71
CA ILE A 1054 37.93 -33.92 -62.86
C ILE A 1054 38.59 -35.26 -63.16
N LYS A 1055 39.93 -35.28 -63.19
CA LYS A 1055 40.61 -36.53 -63.52
C LYS A 1055 40.48 -37.53 -62.37
N ASP A 1056 40.44 -37.05 -61.13
CA ASP A 1056 40.25 -37.93 -59.99
C ASP A 1056 38.91 -38.66 -60.11
N HIS A 1057 37.84 -37.93 -60.41
CA HIS A 1057 36.55 -38.58 -60.58
C HIS A 1057 36.50 -39.40 -61.86
N LEU A 1058 37.32 -39.05 -62.86
CA LEU A 1058 37.37 -39.84 -64.08
C LEU A 1058 38.07 -41.18 -63.85
N ILE A 1059 38.97 -41.26 -62.86
CA ILE A 1059 39.56 -42.55 -62.51
C ILE A 1059 38.46 -43.51 -62.05
N LYS A 1060 37.51 -43.01 -61.26
CA LYS A 1060 36.33 -43.79 -60.94
C LYS A 1060 35.49 -43.99 -62.20
N GLN A 1061 34.50 -44.88 -62.09
CA GLN A 1061 33.54 -45.21 -63.15
C GLN A 1061 34.21 -45.91 -64.33
N GLY A 1062 35.53 -46.15 -64.24
CA GLY A 1062 36.22 -46.95 -65.23
C GLY A 1062 36.87 -46.22 -66.38
N MET A 1063 37.71 -45.22 -66.05
CA MET A 1063 38.56 -44.56 -67.04
C MET A 1063 39.93 -44.35 -66.42
N LYS A 1064 40.92 -45.08 -66.89
CA LYS A 1064 42.25 -45.01 -66.29
C LYS A 1064 42.90 -43.65 -66.57
N ALA A 1065 43.96 -43.37 -65.81
CA ALA A 1065 44.56 -42.04 -65.82
C ALA A 1065 45.12 -41.66 -67.19
N GLU A 1066 45.61 -42.64 -67.94
CA GLU A 1066 46.23 -42.34 -69.24
C GLU A 1066 45.21 -41.72 -70.19
N HIS A 1067 44.02 -42.29 -70.27
CA HIS A 1067 42.98 -41.71 -71.11
C HIS A 1067 42.51 -40.37 -70.57
N ALA A 1068 42.32 -40.28 -69.25
CA ALA A 1068 41.76 -39.06 -68.66
C ALA A 1068 42.68 -37.87 -68.87
N SER A 1069 43.99 -38.06 -68.68
CA SER A 1069 44.93 -36.96 -68.84
C SER A 1069 44.94 -36.45 -70.27
N SER A 1070 44.95 -37.36 -71.24
CA SER A 1070 44.95 -36.95 -72.64
C SER A 1070 43.66 -36.24 -73.01
N LEU A 1071 42.52 -36.75 -72.53
CA LEU A 1071 41.25 -36.11 -72.82
C LEU A 1071 41.18 -34.71 -72.22
N LEU A 1072 41.65 -34.55 -70.98
CA LEU A 1072 41.68 -33.23 -70.37
C LEU A 1072 42.62 -32.30 -71.13
N GLU A 1073 43.77 -32.81 -71.58
CA GLU A 1073 44.72 -31.98 -72.30
C GLU A 1073 44.15 -31.49 -73.63
N LEU A 1074 43.48 -32.37 -74.36
CA LEU A 1074 42.96 -32.03 -75.69
C LEU A 1074 41.58 -31.40 -75.64
N ALA A 1075 40.93 -31.38 -74.48
CA ALA A 1075 39.62 -30.75 -74.39
C ALA A 1075 39.73 -29.23 -74.42
N SER A 1076 40.78 -28.67 -73.82
CA SER A 1076 41.02 -27.23 -73.79
C SER A 1076 42.47 -26.96 -74.17
N THR A 1077 42.67 -25.98 -75.05
CA THR A 1077 44.01 -25.61 -75.47
C THR A 1077 44.22 -24.10 -75.34
N SER A 1082 42.79 -21.00 -75.71
CA SER A 1082 41.63 -20.85 -74.86
C SER A 1082 40.66 -19.81 -75.43
N VAL A 1083 41.21 -18.66 -75.82
CA VAL A 1083 40.38 -17.60 -76.41
C VAL A 1083 39.81 -18.06 -77.73
N LYS A 1084 40.59 -18.82 -78.50
CA LYS A 1084 40.11 -19.31 -79.79
C LYS A 1084 38.89 -20.21 -79.62
N TYR A 1085 38.90 -21.07 -78.60
CA TYR A 1085 37.75 -21.93 -78.33
C TYR A 1085 36.51 -21.11 -78.03
N ASP A 1086 36.67 -20.07 -77.18
CA ASP A 1086 35.54 -19.23 -76.82
C ASP A 1086 34.97 -18.50 -78.03
N VAL A 1087 35.84 -17.87 -78.82
CA VAL A 1087 35.34 -17.13 -79.98
C VAL A 1087 34.71 -18.08 -80.98
N GLU A 1088 35.26 -19.30 -81.13
CA GLU A 1088 34.69 -20.27 -82.04
C GLU A 1088 33.28 -20.64 -81.62
N ILE A 1089 33.10 -21.04 -80.35
CA ILE A 1089 31.79 -21.50 -79.92
C ILE A 1089 30.76 -20.36 -79.97
N VAL A 1090 31.16 -19.16 -79.54
CA VAL A 1090 30.20 -18.07 -79.53
C VAL A 1090 29.90 -17.59 -80.95
N GLU A 1091 30.89 -17.66 -81.86
CA GLU A 1091 30.62 -17.34 -83.25
C GLU A 1091 29.63 -18.33 -83.85
N GLU A 1092 29.76 -19.62 -83.52
CA GLU A 1092 28.80 -20.59 -84.00
C GLU A 1092 27.41 -20.30 -83.46
N TYR A 1093 27.32 -19.97 -82.18
CA TYR A 1093 26.01 -19.63 -81.61
C TYR A 1093 25.42 -18.39 -82.28
N PHE A 1094 26.26 -17.38 -82.54
CA PHE A 1094 25.80 -16.18 -83.22
C PHE A 1094 25.29 -16.51 -84.62
N ALA A 1095 26.01 -17.37 -85.34
CA ALA A 1095 25.58 -17.75 -86.68
C ALA A 1095 24.23 -18.46 -86.64
N ARG A 1096 24.04 -19.36 -85.66
CA ARG A 1096 22.76 -20.03 -85.53
C ARG A 1096 21.63 -19.05 -85.22
N GLN A 1097 21.89 -18.11 -84.31
CA GLN A 1097 20.87 -17.13 -83.97
C GLN A 1097 20.53 -16.26 -85.17
N ILE A 1098 21.55 -15.85 -85.93
CA ILE A 1098 21.32 -15.04 -87.13
C ILE A 1098 20.51 -15.81 -88.15
N SER A 1099 20.83 -17.09 -88.35
CA SER A 1099 20.09 -17.90 -89.31
C SER A 1099 18.64 -18.07 -88.86
N SER A 1100 18.41 -18.22 -87.56
CA SER A 1100 17.05 -18.33 -87.06
C SER A 1100 16.26 -17.04 -87.26
N PHE A 1101 16.87 -15.89 -86.97
CA PHE A 1101 16.15 -14.63 -87.05
C PHE A 1101 16.06 -14.07 -88.48
N CYS A 1102 16.87 -14.56 -89.41
CA CYS A 1102 16.89 -13.99 -90.75
C CYS A 1102 15.64 -14.29 -91.55
N SER A 1103 14.77 -15.19 -91.06
CA SER A 1103 13.51 -15.45 -91.75
C SER A 1103 12.62 -14.21 -91.75
N ILE A 1104 12.87 -13.25 -90.87
CA ILE A 1104 12.13 -11.99 -90.83
C ILE A 1104 13.08 -10.89 -91.27
N ASP A 1105 12.67 -10.14 -92.29
CA ASP A 1105 13.50 -9.10 -92.87
C ASP A 1105 12.61 -7.90 -93.18
N CYS A 1106 13.15 -6.95 -93.96
CA CYS A 1106 12.46 -5.72 -94.33
C CYS A 1106 12.11 -4.89 -93.10
N THR A 1107 11.11 -4.04 -93.22
CA THR A 1107 10.66 -3.18 -92.12
C THR A 1107 9.17 -3.44 -91.91
N THR A 1108 8.86 -4.44 -91.10
CA THR A 1108 7.49 -4.79 -90.76
C THR A 1108 7.35 -4.86 -89.24
N ILE A 1109 6.15 -4.58 -88.76
CA ILE A 1109 5.87 -4.61 -87.33
C ILE A 1109 5.72 -6.05 -86.89
N LEU A 1110 6.50 -6.45 -85.89
CA LEU A 1110 6.52 -7.84 -85.45
C LEU A 1110 5.64 -8.02 -84.22
N GLN A 1111 4.87 -9.10 -84.22
CA GLN A 1111 3.95 -9.39 -83.12
C GLN A 1111 4.72 -9.78 -81.87
N LEU A 1112 3.99 -9.87 -80.74
CA LEU A 1112 4.60 -10.28 -79.49
C LEU A 1112 5.03 -11.74 -79.53
N HIS A 1113 4.28 -12.59 -80.23
CA HIS A 1113 4.55 -14.02 -80.20
C HIS A 1113 5.87 -14.39 -80.85
N GLU A 1114 6.36 -13.59 -81.80
CA GLU A 1114 7.64 -13.87 -82.43
C GLU A 1114 8.82 -13.30 -81.66
N ILE A 1115 8.57 -12.66 -80.52
CA ILE A 1115 9.67 -12.25 -79.63
C ILE A 1115 10.33 -13.50 -79.05
N PRO A 1116 11.66 -13.56 -78.99
CA PRO A 1116 12.31 -14.73 -78.40
C PRO A 1116 11.97 -14.88 -76.93
N SER A 1117 11.96 -16.12 -76.47
CA SER A 1117 11.66 -16.41 -75.08
C SER A 1117 12.83 -15.99 -74.19
N LEU A 1118 12.55 -15.92 -72.88
CA LEU A 1118 13.54 -15.41 -71.92
C LEU A 1118 14.80 -16.25 -71.91
N GLN A 1119 14.66 -17.57 -72.08
CA GLN A 1119 15.81 -18.46 -72.01
C GLN A 1119 16.85 -18.10 -73.07
N SER A 1120 16.40 -17.89 -74.31
CA SER A 1120 17.33 -17.52 -75.37
C SER A 1120 17.98 -16.18 -75.08
N ILE A 1121 17.20 -15.23 -74.54
CA ILE A 1121 17.75 -13.90 -74.26
C ILE A 1121 18.88 -14.00 -73.24
N TYR A 1122 18.65 -14.69 -72.11
CA TYR A 1122 19.73 -14.72 -71.13
C TYR A 1122 20.87 -15.65 -71.55
N THR A 1123 20.61 -16.65 -72.39
CA THR A 1123 21.72 -17.43 -72.94
C THR A 1123 22.62 -16.55 -73.80
N LEU A 1124 22.02 -15.73 -74.68
CA LEU A 1124 22.80 -14.82 -75.49
C LEU A 1124 23.56 -13.82 -74.61
N ASP A 1125 22.91 -13.31 -73.57
CA ASP A 1125 23.58 -12.35 -72.70
C ASP A 1125 24.77 -12.99 -71.99
N ALA A 1126 24.61 -14.23 -71.51
CA ALA A 1126 25.73 -14.92 -70.89
C ALA A 1126 26.87 -15.12 -71.88
N ALA A 1127 26.55 -15.51 -73.10
CA ALA A 1127 27.59 -15.73 -74.10
C ALA A 1127 28.36 -14.44 -74.38
N ILE A 1128 27.65 -13.33 -74.58
CA ILE A 1128 28.33 -12.08 -74.92
C ILE A 1128 29.13 -11.57 -73.73
N SER A 1129 28.62 -11.76 -72.50
CA SER A 1129 29.39 -11.37 -71.32
C SER A 1129 30.68 -12.16 -71.21
N LYS A 1130 30.61 -13.47 -71.46
CA LYS A 1130 31.82 -14.28 -71.42
C LYS A 1130 32.81 -13.83 -72.50
N VAL A 1131 32.31 -13.53 -73.70
CA VAL A 1131 33.19 -13.04 -74.75
C VAL A 1131 33.86 -11.74 -74.35
N GLN A 1132 33.08 -10.82 -73.77
CA GLN A 1132 33.65 -9.54 -73.36
C GLN A 1132 34.74 -9.74 -72.33
N VAL A 1133 34.49 -10.60 -71.33
CA VAL A 1133 35.49 -10.83 -70.28
C VAL A 1133 36.76 -11.44 -70.87
N SER A 1134 36.59 -12.47 -71.71
CA SER A 1134 37.74 -13.17 -72.26
C SER A 1134 38.57 -12.26 -73.18
N LEU A 1135 37.90 -11.52 -74.07
CA LEU A 1135 38.61 -10.62 -74.96
C LEU A 1135 39.29 -9.50 -74.18
N ASP A 1136 38.62 -8.97 -73.15
CA ASP A 1136 39.21 -7.91 -72.36
C ASP A 1136 40.48 -8.40 -71.68
N GLU A 1137 40.45 -9.57 -71.05
CA GLU A 1137 41.67 -10.06 -70.40
C GLU A 1137 42.75 -10.39 -71.43
N HIS A 1138 42.37 -10.96 -72.57
CA HIS A 1138 43.35 -11.36 -73.58
C HIS A 1138 44.09 -10.15 -74.14
N PHE A 1139 43.37 -9.06 -74.41
CA PHE A 1139 44.04 -7.88 -74.96
C PHE A 1139 44.56 -6.96 -73.86
N SER A 1140 44.18 -7.19 -72.60
CA SER A 1140 44.84 -6.48 -71.51
C SER A 1140 46.22 -7.06 -71.24
N LYS A 1141 46.34 -8.40 -71.29
CA LYS A 1141 47.64 -9.01 -71.13
C LYS A 1141 48.55 -8.77 -72.33
N MET A 1142 47.99 -8.39 -73.48
CA MET A 1142 48.77 -8.11 -74.68
C MET A 1142 49.31 -6.69 -74.66
N GLU A 1153 43.25 -10.91 -85.83
CA GLU A 1153 42.72 -11.71 -86.93
C GLU A 1153 41.61 -12.64 -86.46
N ILE A 1154 41.52 -12.83 -85.14
CA ILE A 1154 40.46 -13.67 -84.59
C ILE A 1154 39.11 -12.96 -84.59
N THR A 1155 39.10 -11.63 -84.74
CA THR A 1155 37.88 -10.85 -84.74
C THR A 1155 37.45 -10.47 -86.16
N LYS A 1156 38.02 -11.11 -87.17
CA LYS A 1156 37.71 -10.77 -88.55
C LYS A 1156 36.27 -11.10 -88.93
N ASN A 1157 35.63 -12.02 -88.21
CA ASN A 1157 34.26 -12.39 -88.50
C ASN A 1157 33.28 -12.05 -87.38
N LEU A 1158 33.77 -11.64 -86.21
CA LEU A 1158 32.86 -11.25 -85.13
C LEU A 1158 32.05 -10.01 -85.52
N LEU A 1159 32.68 -9.04 -86.17
CA LEU A 1159 32.01 -7.77 -86.42
C LEU A 1159 30.70 -7.91 -87.17
N PRO A 1160 30.63 -8.52 -88.35
CA PRO A 1160 29.35 -8.56 -89.07
C PRO A 1160 28.25 -9.26 -88.29
N ALA A 1161 28.58 -10.39 -87.65
CA ALA A 1161 27.59 -11.11 -86.87
C ALA A 1161 27.08 -10.26 -85.71
N THR A 1162 27.98 -9.54 -85.05
CA THR A 1162 27.55 -8.68 -83.95
C THR A 1162 26.64 -7.56 -84.43
N LEU A 1163 27.01 -6.91 -85.54
CA LEU A 1163 26.15 -5.84 -86.05
C LEU A 1163 24.77 -6.36 -86.46
N GLN A 1164 24.73 -7.53 -87.08
CA GLN A 1164 23.44 -8.12 -87.42
C GLN A 1164 22.63 -8.44 -86.16
N LEU A 1165 23.29 -8.96 -85.12
CA LEU A 1165 22.59 -9.18 -83.85
C LEU A 1165 22.03 -7.88 -83.31
N ILE A 1166 22.81 -6.80 -83.36
CA ILE A 1166 22.37 -5.53 -82.78
C ILE A 1166 21.17 -4.99 -83.55
N ASP A 1167 21.21 -5.00 -84.89
CA ASP A 1167 20.09 -4.40 -85.60
C ASP A 1167 18.84 -5.28 -85.52
N THR A 1168 19.02 -6.61 -85.45
CA THR A 1168 17.88 -7.47 -85.23
C THR A 1168 17.25 -7.23 -83.85
N TYR A 1169 18.08 -7.05 -82.82
CA TYR A 1169 17.53 -6.82 -81.50
C TYR A 1169 16.94 -5.42 -81.36
N ALA A 1170 17.47 -4.45 -82.10
CA ALA A 1170 16.86 -3.14 -82.14
C ALA A 1170 15.47 -3.22 -82.77
N SER A 1171 15.34 -3.96 -83.87
CA SER A 1171 14.01 -4.20 -84.44
C SER A 1171 13.13 -4.93 -83.44
N PHE A 1172 13.69 -5.86 -82.68
CA PHE A 1172 12.92 -6.63 -81.71
C PHE A 1172 12.34 -5.73 -80.63
N THR A 1173 13.17 -4.87 -80.03
CA THR A 1173 12.68 -4.00 -78.97
C THR A 1173 11.74 -2.94 -79.52
N ARG A 1174 11.99 -2.45 -80.74
CA ARG A 1174 11.07 -1.50 -81.36
C ARG A 1174 9.69 -2.14 -81.55
N ALA A 1175 9.66 -3.37 -82.05
CA ALA A 1175 8.39 -4.07 -82.21
C ALA A 1175 7.72 -4.33 -80.87
N TYR A 1176 8.50 -4.69 -79.85
CA TYR A 1176 7.93 -4.95 -78.54
C TYR A 1176 7.27 -3.70 -77.97
N LEU A 1177 7.94 -2.55 -78.10
CA LEU A 1177 7.33 -1.30 -77.66
C LEU A 1177 6.11 -0.95 -78.47
N LEU A 1178 6.18 -1.15 -79.80
CA LEU A 1178 5.08 -0.74 -80.67
C LEU A 1178 3.82 -1.57 -80.41
N GLN A 1179 3.96 -2.88 -80.30
CA GLN A 1179 2.79 -3.75 -80.19
C GLN A 1179 2.09 -3.60 -78.85
N ASN A 1180 2.72 -2.96 -77.87
CA ASN A 1180 2.10 -2.71 -76.58
C ASN A 1180 1.28 -1.43 -76.56
N PHE A 1181 1.26 -0.68 -77.66
CA PHE A 1181 0.52 0.57 -77.72
C PHE A 1181 -0.97 0.31 -77.84
N LYS A 1189 -8.28 -1.66 -79.64
CA LYS A 1189 -7.21 -2.21 -80.47
C LYS A 1189 -6.79 -1.24 -81.57
N PRO A 1190 -5.57 -0.73 -81.47
CA PRO A 1190 -5.07 0.16 -82.52
C PRO A 1190 -4.94 -0.55 -83.86
N SER A 1191 -5.19 0.20 -84.93
CA SER A 1191 -5.08 -0.31 -86.28
C SER A 1191 -3.63 -0.35 -86.73
N LYS A 1192 -3.38 -1.14 -87.78
CA LYS A 1192 -2.00 -1.33 -88.24
C LYS A 1192 -1.48 -0.10 -88.99
N GLU A 1193 -2.36 0.63 -89.68
CA GLU A 1193 -1.90 1.78 -90.45
C GLU A 1193 -1.41 2.90 -89.54
N LYS A 1194 -2.20 3.25 -88.54
CA LYS A 1194 -1.72 4.22 -87.56
C LYS A 1194 -0.59 3.66 -86.71
N LEU A 1195 -0.47 2.32 -86.63
CA LEU A 1195 0.71 1.75 -86.00
C LEU A 1195 1.97 2.07 -86.79
N GLN A 1196 1.91 1.91 -88.12
CA GLN A 1196 3.04 2.29 -88.96
C GLN A 1196 3.29 3.80 -88.87
N GLY A 1197 2.22 4.58 -88.77
CA GLY A 1197 2.39 6.01 -88.57
C GLY A 1197 3.15 6.34 -87.29
N PHE A 1198 2.75 5.72 -86.18
CA PHE A 1198 3.46 5.92 -84.92
C PHE A 1198 4.91 5.47 -85.03
N ALA A 1199 5.15 4.37 -85.75
CA ALA A 1199 6.52 3.92 -85.98
C ALA A 1199 7.32 4.99 -86.72
N ALA A 1200 6.71 5.61 -87.73
CA ALA A 1200 7.38 6.67 -88.47
C ALA A 1200 7.70 7.85 -87.56
N VAL A 1201 6.78 8.20 -86.66
CA VAL A 1201 7.04 9.31 -85.74
C VAL A 1201 8.19 8.96 -84.81
N LEU A 1202 8.16 7.78 -84.19
CA LEU A 1202 9.12 7.47 -83.16
C LEU A 1202 10.48 7.03 -83.71
N ALA A 1203 10.56 6.70 -85.00
CA ALA A 1203 11.85 6.37 -85.58
C ALA A 1203 12.80 7.55 -85.52
N ILE A 1204 12.29 8.76 -85.67
CA ILE A 1204 13.08 9.98 -85.60
C ILE A 1204 12.91 10.66 -84.24
N GLY A 1205 12.50 9.91 -83.22
CA GLY A 1205 12.25 10.48 -81.92
C GLY A 1205 13.50 10.64 -81.08
N SER A 1206 13.43 10.19 -79.82
CA SER A 1206 14.53 10.24 -78.87
C SER A 1206 14.89 11.67 -78.46
N SER A 1207 15.36 11.83 -77.22
CA SER A 1207 15.77 13.13 -76.71
C SER A 1207 17.20 13.12 -76.19
N ARG A 1208 17.87 11.97 -76.17
CA ARG A 1208 19.20 11.88 -75.60
C ARG A 1208 20.28 12.43 -76.52
N CYS A 1209 19.95 12.78 -77.76
CA CYS A 1209 20.89 13.40 -78.68
C CYS A 1209 20.53 14.87 -78.86
N LYS A 1210 21.51 15.74 -78.70
CA LYS A 1210 21.29 17.18 -78.83
C LYS A 1210 21.23 17.64 -80.27
N ALA A 1211 21.59 16.78 -81.23
CA ALA A 1211 21.64 17.20 -82.63
C ALA A 1211 20.25 17.49 -83.18
N ASN A 1212 19.29 16.60 -82.91
CA ASN A 1212 17.95 16.81 -83.43
C ASN A 1212 17.14 17.71 -82.49
N THR A 1213 16.10 18.31 -83.04
CA THR A 1213 15.22 19.18 -82.28
C THR A 1213 13.77 18.73 -82.29
N LEU A 1214 13.32 18.09 -83.38
CA LEU A 1214 11.91 17.73 -83.49
C LEU A 1214 11.53 16.62 -82.52
N GLY A 1215 12.43 15.65 -82.32
CA GLY A 1215 12.11 14.43 -81.59
C GLY A 1215 11.24 14.61 -80.36
N PRO A 1216 11.74 15.35 -79.37
CA PRO A 1216 10.95 15.55 -78.14
C PRO A 1216 9.60 16.21 -78.40
N THR A 1217 9.53 17.21 -79.27
CA THR A 1217 8.26 17.91 -79.48
C THR A 1217 7.25 17.02 -80.19
N LEU A 1218 7.69 16.30 -81.23
CA LEU A 1218 6.79 15.38 -81.92
C LEU A 1218 6.34 14.26 -81.00
N VAL A 1219 7.22 13.80 -80.11
CA VAL A 1219 6.80 12.79 -79.14
C VAL A 1219 5.76 13.38 -78.19
N GLN A 1220 5.98 14.60 -77.71
CA GLN A 1220 5.14 15.18 -76.67
C GLN A 1220 3.80 15.69 -77.19
N ASN A 1221 3.67 16.01 -78.48
CA ASN A 1221 2.42 16.59 -78.94
C ASN A 1221 1.32 15.56 -79.18
N LEU A 1222 1.65 14.28 -79.24
CA LEU A 1222 0.61 13.26 -79.31
C LEU A 1222 -0.15 13.24 -77.99
N PRO A 1223 -1.49 13.10 -78.02
CA PRO A 1223 -2.28 13.41 -76.83
C PRO A 1223 -2.07 12.50 -75.63
N SER A 1224 -2.36 11.20 -75.77
CA SER A 1224 -2.29 10.32 -74.60
C SER A 1224 -1.65 8.96 -74.86
N SER A 1225 -1.71 8.42 -76.08
CA SER A 1225 -1.41 7.00 -76.28
C SER A 1225 0.06 6.71 -76.04
N VAL A 1226 0.96 7.50 -76.61
CA VAL A 1226 2.38 7.24 -76.57
C VAL A 1226 3.10 8.10 -75.55
N GLN A 1227 2.39 8.56 -74.51
CA GLN A 1227 3.02 9.34 -73.44
C GLN A 1227 3.11 8.56 -72.14
N THR A 1228 1.98 8.10 -71.61
CA THR A 1228 2.03 7.34 -70.36
C THR A 1228 2.80 6.04 -70.55
N VAL A 1229 2.55 5.35 -71.67
CA VAL A 1229 3.29 4.14 -71.98
C VAL A 1229 4.77 4.44 -72.17
N CYS A 1230 5.08 5.57 -72.83
CA CYS A 1230 6.48 5.91 -73.08
C CYS A 1230 7.24 6.15 -71.79
N GLU A 1231 6.65 6.91 -70.86
CA GLU A 1231 7.35 7.14 -69.59
C GLU A 1231 7.41 5.87 -68.75
N SER A 1232 6.35 5.05 -68.77
CA SER A 1232 6.39 3.82 -67.98
C SER A 1232 7.47 2.87 -68.51
N TRP A 1233 7.65 2.82 -69.83
CA TRP A 1233 8.66 1.97 -70.41
C TRP A 1233 10.06 2.54 -70.25
N ASN A 1234 10.19 3.87 -70.29
CA ASN A 1234 11.49 4.51 -70.12
C ASN A 1234 11.93 4.59 -68.66
N ASN A 1235 11.07 4.25 -67.72
CA ASN A 1235 11.43 4.23 -66.30
C ASN A 1235 11.95 2.88 -65.85
N ILE A 1236 12.11 1.92 -66.77
CA ILE A 1236 12.63 0.61 -66.43
C ILE A 1236 14.14 0.69 -66.28
N ASN A 1237 14.61 0.87 -65.06
CA ASN A 1237 16.02 1.12 -64.80
C ASN A 1237 16.72 -0.21 -64.51
N THR A 1238 17.85 -0.43 -65.18
CA THR A 1238 18.56 -1.71 -65.15
C THR A 1238 19.78 -1.68 -64.24
N ASN A 1239 19.66 -1.00 -63.10
CA ASN A 1239 20.76 -0.90 -62.15
C ASN A 1239 21.06 -2.24 -61.49
N GLU A 1240 20.04 -3.07 -61.29
CA GLU A 1240 20.22 -4.34 -60.57
C GLU A 1240 21.21 -5.26 -61.25
N PHE A 1241 21.46 -5.06 -62.54
CA PHE A 1241 22.47 -5.82 -63.26
C PHE A 1241 23.88 -5.38 -62.82
N PRO A 1242 24.89 -6.22 -63.06
CA PRO A 1242 26.26 -5.82 -62.72
C PRO A 1242 26.70 -4.61 -63.54
N ASN A 1243 27.68 -3.89 -63.00
CA ASN A 1243 28.10 -2.61 -63.57
C ASN A 1243 28.99 -2.85 -64.79
N ILE A 1244 29.61 -1.78 -65.28
CA ILE A 1244 30.36 -1.85 -66.53
C ILE A 1244 31.56 -2.80 -66.38
N GLY A 1245 32.47 -2.47 -65.48
CA GLY A 1245 33.64 -3.30 -65.25
C GLY A 1245 33.65 -3.89 -63.86
N SER A 1246 32.45 -4.23 -63.34
CA SER A 1246 32.35 -4.80 -62.01
C SER A 1246 33.07 -6.13 -61.89
N TRP A 1247 33.31 -6.82 -63.02
CA TRP A 1247 34.04 -8.07 -63.02
C TRP A 1247 35.53 -7.88 -62.82
N ARG A 1248 36.03 -6.65 -62.89
CA ARG A 1248 37.46 -6.40 -62.71
C ARG A 1248 37.83 -6.06 -61.27
N ASN A 1249 36.94 -5.39 -60.54
CA ASN A 1249 37.25 -4.94 -59.18
C ASN A 1249 36.54 -5.76 -58.10
N ALA A 1250 35.22 -5.88 -58.19
CA ALA A 1250 34.44 -6.56 -57.16
C ALA A 1250 34.36 -8.06 -57.36
N PHE A 1251 34.76 -8.56 -58.53
CA PHE A 1251 34.62 -9.98 -58.85
C PHE A 1251 35.95 -10.67 -59.16
N ALA A 1252 37.06 -9.95 -59.13
CA ALA A 1252 38.35 -10.55 -59.44
C ALA A 1252 38.99 -11.23 -58.24
N ASN A 1253 38.46 -11.03 -57.03
CA ASN A 1253 39.08 -11.62 -55.85
C ASN A 1253 38.90 -13.14 -55.82
N ASP A 1254 37.82 -13.64 -56.40
CA ASP A 1254 37.55 -15.07 -56.38
C ASP A 1254 38.41 -15.78 -57.43
N THR A 1255 38.23 -17.10 -57.52
CA THR A 1255 39.04 -17.89 -58.42
C THR A 1255 38.71 -17.58 -59.88
N ILE A 1256 37.43 -17.50 -60.22
CA ILE A 1256 37.01 -17.27 -61.61
C ILE A 1256 36.09 -16.07 -61.67
N PRO A 1257 36.60 -14.89 -62.03
CA PRO A 1257 35.70 -13.72 -62.17
C PRO A 1257 34.63 -13.91 -63.22
N SER A 1258 34.93 -14.62 -64.32
CA SER A 1258 33.97 -14.77 -65.39
C SER A 1258 32.74 -15.55 -64.92
N GLU A 1259 32.95 -16.62 -64.17
CA GLU A 1259 31.82 -17.40 -63.67
C GLU A 1259 30.96 -16.59 -62.71
N SER A 1260 31.60 -15.80 -61.85
CA SER A 1260 30.85 -14.93 -60.95
C SER A 1260 30.04 -13.91 -61.73
N TYR A 1261 30.62 -13.34 -62.79
CA TYR A 1261 29.89 -12.40 -63.63
C TYR A 1261 28.68 -13.08 -64.29
N ILE A 1262 28.88 -14.30 -64.78
CA ILE A 1262 27.78 -15.04 -65.40
C ILE A 1262 26.67 -15.30 -64.39
N SER A 1263 27.05 -15.70 -63.17
CA SER A 1263 26.04 -15.94 -62.15
C SER A 1263 25.28 -14.67 -61.80
N ALA A 1264 25.99 -13.55 -61.68
CA ALA A 1264 25.33 -12.28 -61.36
C ALA A 1264 24.36 -11.87 -62.45
N VAL A 1265 24.78 -11.95 -63.72
CA VAL A 1265 23.89 -11.52 -64.79
C VAL A 1265 22.72 -12.49 -64.94
N GLN A 1266 22.95 -13.78 -64.67
CA GLN A 1266 21.85 -14.74 -64.70
C GLN A 1266 20.83 -14.43 -63.62
N ALA A 1267 21.28 -14.10 -62.42
CA ALA A 1267 20.36 -13.72 -61.35
C ALA A 1267 19.60 -12.45 -61.72
N ALA A 1268 20.29 -11.48 -62.32
CA ALA A 1268 19.63 -10.25 -62.73
C ALA A 1268 18.54 -10.53 -63.76
N HIS A 1269 18.84 -11.39 -64.74
CA HIS A 1269 17.83 -11.75 -65.73
C HIS A 1269 16.65 -12.47 -65.09
N LEU A 1270 16.93 -13.38 -64.15
CA LEU A 1270 15.85 -14.14 -63.53
C LEU A 1270 14.98 -13.26 -62.65
N GLY A 1271 15.54 -12.20 -62.09
CA GLY A 1271 14.77 -11.32 -61.22
C GLY A 1271 13.67 -10.55 -61.92
N THR A 1272 13.74 -10.43 -63.25
CA THR A 1272 12.77 -9.61 -63.98
C THR A 1272 11.41 -10.28 -64.13
N LEU A 1273 11.31 -11.58 -63.85
CA LEU A 1273 10.05 -12.28 -64.07
C LEU A 1273 8.94 -11.81 -63.13
N CYS A 1274 9.28 -11.12 -62.04
CA CYS A 1274 8.25 -10.70 -61.09
C CYS A 1274 7.42 -9.53 -61.62
N SER A 1275 7.90 -8.81 -62.62
CA SER A 1275 7.19 -7.65 -63.13
C SER A 1275 5.89 -8.07 -63.82
N GLN A 1276 4.90 -7.17 -63.78
CA GLN A 1276 3.60 -7.43 -64.38
C GLN A 1276 3.21 -6.44 -65.46
N SER A 1277 3.91 -5.31 -65.59
CA SER A 1277 3.56 -4.32 -66.60
C SER A 1277 4.39 -4.52 -67.88
N LEU A 1278 5.70 -4.42 -67.78
CA LEU A 1278 6.60 -4.62 -68.92
C LEU A 1278 7.80 -5.44 -68.45
N PRO A 1279 7.64 -6.76 -68.38
CA PRO A 1279 8.70 -7.60 -67.79
C PRO A 1279 9.96 -7.68 -68.64
N LEU A 1280 9.81 -7.87 -69.94
CA LEU A 1280 10.96 -8.13 -70.81
C LEU A 1280 11.82 -6.90 -71.06
N ALA A 1281 11.31 -5.70 -70.76
CA ALA A 1281 12.00 -4.48 -71.14
C ALA A 1281 13.40 -4.41 -70.55
N ALA A 1282 13.54 -4.79 -69.28
CA ALA A 1282 14.87 -4.78 -68.65
C ALA A 1282 15.82 -5.71 -69.37
N SER A 1283 15.35 -6.91 -69.73
CA SER A 1283 16.22 -7.86 -70.44
C SER A 1283 16.67 -7.32 -71.78
N LEU A 1284 15.73 -6.81 -72.59
CA LEU A 1284 16.14 -6.28 -73.89
C LEU A 1284 17.07 -5.08 -73.75
N LYS A 1285 16.77 -4.17 -72.82
CA LYS A 1285 17.62 -3.00 -72.64
C LYS A 1285 19.03 -3.41 -72.24
N HIS A 1286 19.17 -4.31 -71.28
CA HIS A 1286 20.49 -4.70 -70.83
C HIS A 1286 21.25 -5.45 -71.91
N THR A 1287 20.58 -6.36 -72.63
CA THR A 1287 21.30 -7.10 -73.67
C THR A 1287 21.73 -6.18 -74.81
N LEU A 1288 20.90 -5.20 -75.17
CA LEU A 1288 21.30 -4.24 -76.18
C LEU A 1288 22.50 -3.43 -75.70
N LEU A 1289 22.48 -2.98 -74.44
CA LEU A 1289 23.58 -2.20 -73.91
C LEU A 1289 24.88 -3.00 -73.93
N SER A 1290 24.82 -4.26 -73.49
CA SER A 1290 26.02 -5.08 -73.48
C SER A 1290 26.51 -5.36 -74.89
N LEU A 1291 25.60 -5.59 -75.83
CA LEU A 1291 25.99 -5.85 -77.22
C LEU A 1291 26.68 -4.65 -77.82
N VAL A 1292 26.13 -3.45 -77.63
CA VAL A 1292 26.75 -2.27 -78.22
C VAL A 1292 28.09 -1.97 -77.55
N ARG A 1293 28.19 -2.22 -76.24
CA ARG A 1293 29.48 -2.04 -75.57
C ARG A 1293 30.53 -3.01 -76.10
N LEU A 1294 30.13 -4.26 -76.34
CA LEU A 1294 31.04 -5.22 -76.96
C LEU A 1294 31.45 -4.76 -78.36
N THR A 1295 30.50 -4.23 -79.12
CA THR A 1295 30.83 -3.70 -80.45
C THR A 1295 31.84 -2.58 -80.36
N GLY A 1296 31.64 -1.66 -79.42
CA GLY A 1296 32.60 -0.56 -79.26
C GLY A 1296 33.98 -1.05 -78.88
N ASP A 1297 34.05 -1.97 -77.91
CA ASP A 1297 35.35 -2.51 -77.50
C ASP A 1297 36.04 -3.21 -78.65
N LEU A 1298 35.29 -4.01 -79.41
CA LEU A 1298 35.87 -4.76 -80.51
C LEU A 1298 36.33 -3.83 -81.63
N ILE A 1299 35.57 -2.78 -81.91
CA ILE A 1299 35.98 -1.81 -82.93
C ILE A 1299 37.22 -1.07 -82.48
N VAL A 1300 37.37 -0.84 -81.18
CA VAL A 1300 38.61 -0.28 -80.66
C VAL A 1300 39.77 -1.25 -80.87
N TRP A 1301 39.50 -2.54 -80.68
CA TRP A 1301 40.57 -3.54 -80.63
C TRP A 1301 40.81 -4.25 -81.94
N SER A 1302 40.13 -3.86 -83.02
CA SER A 1302 40.27 -4.53 -84.31
C SER A 1302 40.99 -3.62 -85.30
N ASP A 1303 41.93 -4.19 -86.05
CA ASP A 1303 42.61 -3.44 -87.09
C ASP A 1303 41.70 -3.24 -88.30
N GLU A 1304 40.92 -4.27 -88.65
CA GLU A 1304 39.96 -4.17 -89.73
C GLU A 1304 38.71 -3.45 -89.25
N MET A 1305 38.20 -2.54 -90.09
CA MET A 1305 37.06 -1.72 -89.72
C MET A 1305 36.42 -1.20 -90.99
N ASN A 1306 35.16 -1.54 -91.22
CA ASN A 1306 34.44 -1.07 -92.39
C ASN A 1306 33.51 0.07 -92.00
N PRO A 1307 33.80 1.29 -92.40
CA PRO A 1307 32.98 2.44 -91.96
C PRO A 1307 31.52 2.32 -92.35
N PRO A 1308 31.18 2.04 -93.62
CA PRO A 1308 29.75 2.15 -93.98
C PRO A 1308 28.84 1.21 -93.21
N GLN A 1309 29.26 -0.03 -92.99
CA GLN A 1309 28.45 -0.97 -92.24
C GLN A 1309 28.18 -0.46 -90.83
N VAL A 1310 29.23 -0.05 -90.13
CA VAL A 1310 29.06 0.34 -88.73
C VAL A 1310 28.24 1.62 -88.64
N ILE A 1311 28.45 2.58 -89.55
CA ILE A 1311 27.65 3.80 -89.44
C ILE A 1311 26.18 3.50 -89.75
N ARG A 1312 25.89 2.81 -90.85
CA ARG A 1312 24.50 2.61 -91.20
C ARG A 1312 23.80 1.65 -90.25
N THR A 1313 24.56 0.93 -89.42
CA THR A 1313 23.92 0.18 -88.35
C THR A 1313 24.00 0.88 -86.99
N LEU A 1314 24.66 2.04 -86.91
CA LEU A 1314 24.81 2.72 -85.64
C LEU A 1314 24.07 4.05 -85.50
N LEU A 1315 23.98 4.87 -86.55
CA LEU A 1315 23.15 6.07 -86.43
C LEU A 1315 21.72 5.79 -86.00
N PRO A 1316 21.03 4.75 -86.49
CA PRO A 1316 19.64 4.54 -86.02
C PRO A 1316 19.52 4.37 -84.52
N LEU A 1317 20.60 4.00 -83.82
CA LEU A 1317 20.51 3.86 -82.37
C LEU A 1317 20.35 5.20 -81.67
N LEU A 1318 21.14 6.21 -82.07
CA LEU A 1318 21.13 7.48 -81.34
C LEU A 1318 19.79 8.20 -81.42
N LEU A 1319 19.17 8.23 -82.60
CA LEU A 1319 17.96 9.02 -82.81
C LEU A 1319 16.68 8.21 -82.72
N GLU A 1320 16.73 7.01 -82.14
CA GLU A 1320 15.54 6.18 -81.96
C GLU A 1320 15.00 6.37 -80.56
N SER A 1321 13.69 6.62 -80.45
CA SER A 1321 13.07 6.81 -79.15
C SER A 1321 13.06 5.52 -78.34
N SER A 1322 12.94 4.37 -79.02
CA SER A 1322 12.92 3.09 -78.33
C SER A 1322 14.30 2.65 -77.86
N THR A 1323 15.35 3.41 -78.20
CA THR A 1323 16.70 3.14 -77.71
C THR A 1323 17.28 4.47 -77.22
N GLU A 1324 17.00 4.81 -75.96
CA GLU A 1324 17.52 6.02 -75.37
C GLU A 1324 18.44 5.78 -74.18
N SER A 1325 18.34 4.63 -73.53
CA SER A 1325 19.29 4.25 -72.49
C SER A 1325 20.61 3.77 -73.07
N VAL A 1326 20.68 3.63 -74.40
CA VAL A 1326 21.87 3.13 -75.07
C VAL A 1326 22.50 4.15 -76.01
N ALA A 1327 21.73 5.14 -76.48
CA ALA A 1327 22.22 6.06 -77.50
C ALA A 1327 23.49 6.79 -77.06
N GLU A 1328 23.67 7.00 -75.75
CA GLU A 1328 24.87 7.70 -75.30
C GLU A 1328 26.13 6.88 -75.59
N ILE A 1329 26.09 5.58 -75.34
CA ILE A 1329 27.25 4.73 -75.60
C ILE A 1329 27.58 4.72 -77.09
N SER A 1330 26.56 4.62 -77.93
CA SER A 1330 26.78 4.67 -79.37
C SER A 1330 27.36 6.01 -79.79
N SER A 1331 26.92 7.09 -79.14
CA SER A 1331 27.48 8.40 -79.42
C SER A 1331 28.96 8.45 -79.08
N ASN A 1332 29.35 7.92 -77.91
CA ASN A 1332 30.76 7.90 -77.56
C ASN A 1332 31.56 7.05 -78.54
N SER A 1333 31.01 5.90 -78.94
CA SER A 1333 31.72 5.03 -79.86
C SER A 1333 31.93 5.69 -81.22
N LEU A 1334 30.90 6.38 -81.72
CA LEU A 1334 31.02 7.00 -83.03
C LEU A 1334 31.86 8.27 -82.99
N GLU A 1335 31.89 8.96 -81.85
CA GLU A 1335 32.57 10.25 -81.77
C GLU A 1335 34.06 10.12 -82.04
N ARG A 1336 34.69 9.07 -81.50
CA ARG A 1336 36.14 8.95 -81.61
C ARG A 1336 36.60 8.45 -82.97
N ILE A 1337 35.70 7.89 -83.78
CA ILE A 1337 36.12 7.23 -85.01
C ILE A 1337 35.62 7.98 -86.23
N LEU A 1338 34.46 8.64 -86.12
CA LEU A 1338 33.84 9.27 -87.27
C LEU A 1338 33.78 10.79 -87.21
N GLY A 1339 34.05 11.41 -86.06
CA GLY A 1339 34.07 12.84 -85.98
C GLY A 1339 33.68 13.39 -84.62
N PRO A 1340 34.17 14.59 -84.30
CA PRO A 1340 33.87 15.20 -82.99
C PRO A 1340 32.43 15.68 -82.87
N ALA A 1341 31.58 15.31 -83.83
CA ALA A 1341 30.13 15.53 -83.84
C ALA A 1341 29.76 17.00 -83.91
N GLU A 1342 30.72 17.92 -84.09
CA GLU A 1342 30.40 19.33 -84.19
C GLU A 1342 30.80 19.93 -85.52
N SER A 1343 32.03 19.68 -85.98
CA SER A 1343 32.51 20.23 -87.25
C SER A 1343 32.63 19.20 -88.34
N ASP A 1344 32.82 17.92 -87.99
CA ASP A 1344 33.00 16.89 -89.00
C ASP A 1344 31.68 16.58 -89.70
N GLU A 1345 31.72 15.59 -90.59
CA GLU A 1345 30.55 15.21 -91.37
C GLU A 1345 29.50 14.49 -90.54
N PHE A 1346 29.77 14.20 -89.27
CA PHE A 1346 28.79 13.49 -88.45
C PHE A 1346 27.51 14.33 -88.30
N LEU A 1347 27.66 15.62 -88.07
CA LEU A 1347 26.49 16.50 -87.98
C LEU A 1347 25.73 16.52 -89.31
N ALA A 1348 26.46 16.51 -90.43
CA ALA A 1348 25.82 16.48 -91.73
C ALA A 1348 25.02 15.19 -91.92
N ARG A 1349 25.57 14.06 -91.51
CA ARG A 1349 24.84 12.80 -91.64
C ARG A 1349 23.61 12.77 -90.74
N VAL A 1350 23.73 13.31 -89.52
CA VAL A 1350 22.57 13.38 -88.63
C VAL A 1350 21.48 14.22 -89.26
N TYR A 1351 21.84 15.39 -89.78
CA TYR A 1351 20.86 16.25 -90.44
C TYR A 1351 20.25 15.55 -91.65
N GLU A 1352 21.06 14.82 -92.42
CA GLU A 1352 20.54 14.10 -93.58
C GLU A 1352 19.51 13.06 -93.17
N LYS A 1353 19.78 12.31 -92.11
CA LYS A 1353 18.81 11.35 -91.61
C LYS A 1353 17.55 12.04 -91.14
N LEU A 1354 17.70 13.21 -90.51
CA LEU A 1354 16.55 13.99 -90.08
C LEU A 1354 15.67 14.40 -91.26
N ILE A 1355 16.29 14.87 -92.34
CA ILE A 1355 15.51 15.24 -93.53
C ILE A 1355 14.84 14.01 -94.13
N THR A 1356 15.54 12.87 -94.13
CA THR A 1356 14.94 11.65 -94.66
C THR A 1356 13.69 11.28 -93.88
N GLY A 1357 13.78 11.34 -92.55
CA GLY A 1357 12.62 11.04 -91.73
C GLY A 1357 11.48 12.03 -91.94
N CYS A 1358 11.81 13.31 -92.02
CA CYS A 1358 10.78 14.33 -92.25
C CYS A 1358 10.08 14.11 -93.58
N TYR A 1359 10.85 13.83 -94.64
CA TYR A 1359 10.26 13.54 -95.94
C TYR A 1359 9.35 12.33 -95.87
N ASN A 1360 9.79 11.26 -95.20
CA ASN A 1360 8.98 10.06 -95.11
C ASN A 1360 7.65 10.34 -94.41
N ILE A 1361 7.70 11.07 -93.28
CA ILE A 1361 6.48 11.32 -92.54
C ILE A 1361 5.55 12.26 -93.30
N LEU A 1362 6.11 13.24 -94.04
CA LEU A 1362 5.25 14.17 -94.76
C LEU A 1362 4.65 13.54 -96.01
N ALA A 1363 5.34 12.55 -96.58
CA ALA A 1363 4.90 11.99 -97.85
C ALA A 1363 4.00 10.77 -97.69
N ASN A 1364 4.35 9.87 -96.77
CA ASN A 1364 3.67 8.57 -96.75
C ASN A 1364 2.40 8.58 -95.91
N HIS A 1365 2.40 9.29 -94.79
CA HIS A 1365 1.32 9.21 -93.82
C HIS A 1365 0.56 10.52 -93.69
N ALA A 1366 0.29 11.16 -94.83
CA ALA A 1366 -0.46 12.41 -94.83
C ALA A 1366 -1.92 12.21 -94.45
N ASP A 1367 -2.43 10.98 -94.48
CA ASP A 1367 -3.82 10.75 -94.16
C ASP A 1367 -4.08 11.08 -92.69
N PRO A 1368 -5.25 11.63 -92.36
CA PRO A 1368 -5.56 11.96 -90.96
C PRO A 1368 -5.85 10.74 -90.11
N ASN A 1369 -6.04 9.57 -90.71
CA ASN A 1369 -6.34 8.35 -89.97
C ASN A 1369 -5.09 7.58 -89.54
N SER A 1370 -3.91 8.12 -89.81
CA SER A 1370 -2.65 7.48 -89.41
C SER A 1370 -2.19 7.92 -88.02
N GLY A 1371 -3.12 8.38 -87.18
CA GLY A 1371 -2.75 8.84 -85.86
C GLY A 1371 -1.93 10.10 -85.84
N LEU A 1372 -1.99 10.90 -86.90
CA LEU A 1372 -1.17 12.10 -87.03
C LEU A 1372 -2.02 13.34 -86.81
N ASP A 1373 -1.58 14.20 -85.91
CA ASP A 1373 -2.19 15.51 -85.71
C ASP A 1373 -1.53 16.52 -86.63
N GLU A 1374 -2.32 17.51 -87.06
CA GLU A 1374 -1.82 18.53 -87.97
C GLU A 1374 -0.62 19.26 -87.38
N SER A 1375 -0.57 19.38 -86.05
CA SER A 1375 0.53 20.08 -85.40
C SER A 1375 1.87 19.41 -85.66
N ILE A 1376 1.90 18.09 -85.77
CA ILE A 1376 3.15 17.39 -86.02
C ILE A 1376 3.72 17.78 -87.38
N LEU A 1377 2.87 17.75 -88.42
CA LEU A 1377 3.32 18.17 -89.74
C LEU A 1377 3.71 19.63 -89.75
N GLU A 1378 2.92 20.49 -89.10
CA GLU A 1378 3.29 21.90 -89.01
C GLU A 1378 4.68 22.05 -88.42
N GLU A 1379 4.96 21.32 -87.34
CA GLU A 1379 6.26 21.40 -86.68
C GLU A 1379 7.38 20.94 -87.60
N CYS A 1380 7.17 19.85 -88.35
CA CYS A 1380 8.26 19.37 -89.19
C CYS A 1380 8.52 20.32 -90.36
N LEU A 1381 7.46 20.90 -90.94
CA LEU A 1381 7.71 21.92 -91.98
C LEU A 1381 8.42 23.13 -91.42
N GLN A 1382 8.06 23.58 -90.20
CA GLN A 1382 8.79 24.71 -89.63
C GLN A 1382 10.26 24.36 -89.42
N TYR A 1383 10.54 23.16 -88.91
CA TYR A 1383 11.93 22.77 -88.69
C TYR A 1383 12.70 22.72 -90.01
N LEU A 1384 12.11 22.12 -91.03
CA LEU A 1384 12.83 22.00 -92.30
C LEU A 1384 12.99 23.35 -93.00
N GLU A 1385 12.02 24.25 -92.86
CA GLU A 1385 12.22 25.61 -93.35
C GLU A 1385 13.36 26.30 -92.61
N LYS A 1386 13.41 26.14 -91.28
CA LYS A 1386 14.47 26.75 -90.49
C LYS A 1386 15.84 26.23 -90.90
N GLN A 1387 15.93 24.94 -91.22
CA GLN A 1387 17.22 24.42 -91.68
C GLN A 1387 17.50 24.80 -93.13
N LEU A 1388 16.46 25.06 -93.93
CA LEU A 1388 16.67 25.70 -95.23
C LEU A 1388 17.31 27.06 -95.07
N GLU A 1389 16.97 27.77 -93.99
CA GLU A 1389 17.55 29.10 -93.76
C GLU A 1389 19.07 29.02 -93.66
N SER A 1390 19.59 28.04 -92.93
CA SER A 1390 21.02 27.89 -92.76
C SER A 1390 21.63 27.25 -94.01
N SER A 1391 22.86 27.65 -94.34
CA SER A 1391 23.51 27.16 -95.56
C SER A 1391 23.97 25.72 -95.40
N GLN A 1392 24.58 25.39 -94.27
CA GLN A 1392 25.14 24.05 -94.08
C GLN A 1392 24.04 23.00 -94.15
N ALA A 1393 22.88 23.30 -93.59
CA ALA A 1393 21.78 22.34 -93.62
C ALA A 1393 21.13 22.28 -94.99
N ARG A 1394 20.98 23.42 -95.68
CA ARG A 1394 20.34 23.41 -96.98
C ARG A 1394 21.20 22.69 -98.00
N LYS A 1395 22.52 22.66 -97.79
CA LYS A 1395 23.40 21.87 -98.65
C LYS A 1395 22.97 20.40 -98.65
N ALA A 1396 22.99 19.76 -97.48
CA ALA A 1396 22.57 18.37 -97.38
C ALA A 1396 21.12 18.18 -97.75
N MET A 1397 20.28 19.19 -97.50
CA MET A 1397 18.89 19.16 -97.94
C MET A 1397 18.82 18.96 -99.45
N GLU A 1398 19.56 19.78 -100.19
CA GLU A 1398 19.58 19.65 -101.65
C GLU A 1398 20.17 18.32 -102.09
N GLU A 1399 21.24 17.86 -101.42
CA GLU A 1399 21.81 16.57 -101.79
C GLU A 1399 20.78 15.45 -101.63
N PHE A 1400 20.06 15.43 -100.52
CA PHE A 1400 19.07 14.38 -100.30
C PHE A 1400 17.91 14.48 -101.29
N PHE A 1401 17.41 15.69 -101.54
CA PHE A 1401 16.29 15.82 -102.47
C PHE A 1401 16.69 15.59 -103.92
N SER A 1402 17.97 15.73 -104.26
CA SER A 1402 18.43 15.34 -105.58
C SER A 1402 18.72 13.84 -105.66
N ASP A 1403 19.01 13.20 -104.53
CA ASP A 1403 19.27 11.77 -104.53
C ASP A 1403 17.98 10.96 -104.58
N SER A 1404 17.13 11.12 -103.56
CA SER A 1404 15.90 10.34 -103.46
C SER A 1404 14.65 11.16 -103.13
N GLY A 1405 14.80 12.36 -102.57
CA GLY A 1405 13.65 13.14 -102.19
C GLY A 1405 12.95 13.77 -103.37
N GLU A 1406 11.79 14.35 -103.09
CA GLU A 1406 10.98 15.02 -104.10
C GLU A 1406 10.12 16.07 -103.44
N LEU A 1407 10.39 17.35 -103.75
CA LEU A 1407 9.58 18.43 -103.19
C LEU A 1407 8.17 18.44 -103.77
N VAL A 1408 7.96 17.82 -104.93
CA VAL A 1408 6.63 17.75 -105.51
C VAL A 1408 5.70 16.91 -104.65
N GLN A 1409 6.23 15.98 -103.86
CA GLN A 1409 5.39 15.17 -102.99
C GLN A 1409 4.71 16.01 -101.91
N ILE A 1410 5.42 17.01 -101.39
CA ILE A 1410 4.83 17.89 -100.38
C ILE A 1410 3.64 18.64 -100.96
N MET A 1411 3.80 19.18 -102.17
CA MET A 1411 2.69 19.85 -102.84
C MET A 1411 1.55 18.87 -103.14
N MET A 1412 1.89 17.64 -103.51
CA MET A 1412 0.86 16.64 -103.77
C MET A 1412 0.06 16.34 -102.50
N ALA A 1413 0.73 16.31 -101.35
CA ALA A 1413 0.06 16.02 -100.09
C ALA A 1413 -1.11 16.94 -99.82
N THR A 1414 -1.04 18.19 -100.28
CA THR A 1414 -2.12 19.15 -100.02
C THR A 1414 -3.39 18.82 -100.79
N ALA A 1415 -3.31 17.98 -101.83
CA ALA A 1415 -4.49 17.62 -102.59
C ALA A 1415 -5.46 16.76 -101.80
N ASN A 1416 -5.04 16.25 -100.64
CA ASN A 1416 -5.93 15.48 -99.79
C ASN A 1416 -6.99 16.39 -99.19
N GLU A 1417 -8.24 16.20 -99.59
CA GLU A 1417 -9.34 17.01 -99.08
C GLU A 1417 -9.64 16.74 -97.60
N ASN A 1418 -9.08 15.67 -97.03
CA ASN A 1418 -9.34 15.34 -95.64
C ASN A 1418 -8.59 16.25 -94.67
N LEU A 1419 -7.70 17.10 -95.15
CA LEU A 1419 -6.90 17.97 -94.31
C LEU A 1419 -7.33 19.42 -94.47
N SER A 1420 -7.21 20.18 -93.38
CA SER A 1420 -7.64 21.57 -93.38
C SER A 1420 -6.73 22.41 -94.27
N ALA A 1421 -7.23 23.59 -94.65
CA ALA A 1421 -6.50 24.49 -95.53
C ALA A 1421 -5.28 25.11 -94.87
N LYS A 1422 -5.14 24.99 -93.55
CA LYS A 1422 -3.97 25.55 -92.88
C LYS A 1422 -2.69 24.83 -93.28
N PHE A 1423 -2.76 23.51 -93.45
CA PHE A 1423 -1.60 22.75 -93.90
C PHE A 1423 -1.18 23.20 -95.30
N CYS A 1424 -2.15 23.38 -96.20
CA CYS A 1424 -1.84 23.87 -97.54
C CYS A 1424 -1.28 25.30 -97.47
N ASN A 1425 -1.80 26.11 -96.56
CA ASN A 1425 -1.28 27.46 -96.37
C ASN A 1425 0.20 27.41 -95.99
N ARG A 1426 0.55 26.55 -95.04
CA ARG A 1426 1.94 26.44 -94.60
C ARG A 1426 2.81 25.90 -95.73
N VAL A 1427 2.30 24.95 -96.52
CA VAL A 1427 3.08 24.38 -97.61
C VAL A 1427 3.36 25.44 -98.68
N LEU A 1428 2.33 26.23 -99.04
CA LEU A 1428 2.53 27.30 -100.01
C LEU A 1428 3.47 28.36 -99.47
N LYS A 1429 3.37 28.70 -98.18
CA LYS A 1429 4.31 29.62 -97.58
C LYS A 1429 5.72 29.06 -97.58
N PHE A 1430 5.86 27.74 -97.46
CA PHE A 1430 7.17 27.10 -97.53
C PHE A 1430 7.77 27.25 -98.92
N PHE A 1431 6.98 27.02 -99.97
CA PHE A 1431 7.48 27.33 -101.32
C PHE A 1431 7.83 28.79 -101.48
N THR A 1432 6.98 29.69 -101.00
CA THR A 1432 7.27 31.13 -101.12
C THR A 1432 8.57 31.47 -100.43
N LYS A 1433 8.79 30.90 -99.24
CA LYS A 1433 10.01 31.19 -98.48
C LYS A 1433 11.25 30.64 -99.17
N LEU A 1434 11.19 29.42 -99.70
CA LEU A 1434 12.39 28.86 -100.31
C LEU A 1434 12.73 29.59 -101.60
N PHE A 1435 11.70 30.02 -102.35
CA PHE A 1435 11.97 30.79 -103.55
C PHE A 1435 12.46 32.20 -103.24
N GLN A 1436 11.94 32.81 -102.17
CA GLN A 1436 12.47 34.11 -101.75
C GLN A 1436 13.92 33.99 -101.33
N LEU A 1437 14.27 32.92 -100.62
CA LEU A 1437 15.67 32.69 -100.29
C LEU A 1437 16.51 32.44 -101.53
N THR A 1438 15.92 31.80 -102.56
CA THR A 1438 16.66 31.61 -103.80
C THR A 1438 17.00 32.93 -104.47
N GLU A 1439 16.03 33.85 -104.53
CA GLU A 1439 16.24 35.14 -105.17
C GLU A 1439 17.04 36.07 -104.27
N PRO A 1444 24.29 27.44 -105.55
CA PRO A 1444 24.14 26.31 -106.46
C PRO A 1444 23.01 25.37 -106.04
N SER A 1445 22.84 25.20 -104.73
CA SER A 1445 21.76 24.35 -104.22
C SER A 1445 20.39 24.92 -104.57
N LEU A 1446 20.24 26.24 -104.46
CA LEU A 1446 18.95 26.86 -104.76
C LEU A 1446 18.57 26.71 -106.23
N LEU A 1447 19.55 26.86 -107.13
CA LEU A 1447 19.27 26.67 -108.55
C LEU A 1447 18.87 25.23 -108.85
N HIS A 1448 19.55 24.27 -108.23
CA HIS A 1448 19.18 22.86 -108.39
C HIS A 1448 17.78 22.60 -107.86
N LEU A 1449 17.43 23.22 -106.73
CA LEU A 1449 16.07 23.06 -106.19
C LEU A 1449 15.03 23.65 -107.13
N CYS A 1450 15.33 24.82 -107.72
CA CYS A 1450 14.41 25.42 -108.69
C CYS A 1450 14.22 24.52 -109.90
N GLY A 1451 15.32 23.92 -110.39
CA GLY A 1451 15.22 23.01 -111.51
C GLY A 1451 14.58 21.68 -111.18
N SER A 1452 14.58 21.30 -109.90
CA SER A 1452 14.00 20.02 -109.50
C SER A 1452 12.47 20.04 -109.64
N LEU A 1453 11.87 21.21 -109.56
CA LEU A 1453 10.42 21.33 -109.69
C LEU A 1453 9.91 21.07 -111.09
N ALA A 1454 10.81 20.88 -112.07
CA ALA A 1454 10.38 20.65 -113.45
C ALA A 1454 9.68 19.32 -113.62
N GLN A 1455 9.72 18.43 -112.63
CA GLN A 1455 9.08 17.14 -112.69
C GLN A 1455 7.57 17.21 -112.54
N LEU A 1456 6.99 18.41 -112.48
CA LEU A 1456 5.55 18.54 -112.32
C LEU A 1456 4.81 18.00 -113.54
N ALA A 1457 5.40 18.11 -114.73
CA ALA A 1457 4.75 17.59 -115.93
C ALA A 1457 4.64 16.07 -115.91
N CYS A 1458 5.60 15.40 -115.26
CA CYS A 1458 5.58 13.95 -115.18
C CYS A 1458 4.46 13.42 -114.29
N VAL A 1459 3.79 14.28 -113.52
CA VAL A 1459 2.70 13.83 -112.67
C VAL A 1459 1.51 13.44 -113.53
N GLU A 1460 0.70 12.50 -113.03
CA GLU A 1460 -0.47 12.06 -113.76
C GLU A 1460 -1.49 13.19 -113.87
N PRO A 1461 -2.29 13.21 -114.95
CA PRO A 1461 -3.28 14.28 -115.10
C PRO A 1461 -4.32 14.33 -113.99
N VAL A 1462 -4.71 13.17 -113.44
CA VAL A 1462 -5.74 13.15 -112.41
C VAL A 1462 -5.26 13.85 -111.15
N ARG A 1463 -4.03 13.55 -110.71
CA ARG A 1463 -3.51 14.19 -109.50
C ARG A 1463 -3.37 15.69 -109.69
N LEU A 1464 -2.85 16.13 -110.84
CA LEU A 1464 -2.71 17.55 -111.10
C LEU A 1464 -4.06 18.25 -111.13
N GLN A 1465 -5.05 17.64 -111.78
CA GLN A 1465 -6.38 18.23 -111.83
C GLN A 1465 -6.99 18.33 -110.44
N ALA A 1466 -6.84 17.28 -109.63
CA ALA A 1466 -7.37 17.32 -108.26
C ALA A 1466 -6.69 18.42 -107.44
N TRP A 1467 -5.36 18.52 -107.56
CA TRP A 1467 -4.64 19.55 -106.82
C TRP A 1467 -5.07 20.94 -107.24
N LEU A 1468 -5.25 21.16 -108.55
CA LEU A 1468 -5.69 22.46 -109.04
C LEU A 1468 -7.10 22.78 -108.55
N THR A 1469 -8.00 21.80 -108.60
CA THR A 1469 -9.38 22.03 -108.16
C THR A 1469 -9.46 22.24 -106.65
N ARG A 1470 -8.51 21.69 -105.90
CA ARG A 1470 -8.51 21.88 -104.46
C ARG A 1470 -8.36 23.35 -104.09
N MET A 1471 -7.47 24.06 -104.80
CA MET A 1471 -7.23 25.47 -104.49
C MET A 1471 -8.16 26.39 -105.26
N THR A 1472 -8.49 26.05 -106.51
CA THR A 1472 -9.31 26.93 -107.33
C THR A 1472 -10.76 26.99 -106.86
N THR A 1473 -11.24 25.96 -106.18
CA THR A 1473 -12.63 25.94 -105.73
C THR A 1473 -12.89 27.02 -104.69
N SER A 1474 -14.00 27.74 -104.85
CA SER A 1474 -14.35 28.78 -103.90
C SER A 1474 -14.86 28.15 -102.60
N PRO A 1475 -14.28 28.48 -101.46
CA PRO A 1475 -14.77 27.92 -100.19
C PRO A 1475 -16.14 28.47 -99.86
N PRO A 1476 -16.94 27.73 -99.07
CA PRO A 1476 -18.29 28.11 -98.65
C PRO A 1476 -18.33 29.43 -97.88
N GLN A 1481 -13.08 28.90 -93.41
CA GLN A 1481 -11.69 29.06 -93.81
C GLN A 1481 -11.58 29.85 -95.11
N LEU A 1482 -12.48 30.81 -95.29
CA LEU A 1482 -12.46 31.63 -96.50
C LEU A 1482 -11.22 32.50 -96.55
N ASP A 1483 -10.83 33.09 -95.42
CA ASP A 1483 -9.61 33.90 -95.37
C ASP A 1483 -8.38 33.05 -95.64
N VAL A 1484 -8.33 31.85 -95.07
CA VAL A 1484 -7.22 30.93 -95.32
C VAL A 1484 -7.17 30.56 -96.79
N ILE A 1485 -8.35 30.35 -97.40
CA ILE A 1485 -8.41 30.03 -98.82
C ILE A 1485 -7.89 31.18 -99.67
N GLN A 1486 -8.26 32.42 -99.33
CA GLN A 1486 -7.77 33.57 -100.08
C GLN A 1486 -6.26 33.71 -99.94
N GLU A 1487 -5.74 33.52 -98.73
CA GLU A 1487 -4.30 33.58 -98.53
C GLU A 1487 -3.59 32.48 -99.30
N ASN A 1488 -4.16 31.27 -99.33
CA ASN A 1488 -3.58 30.18 -100.10
C ASN A 1488 -3.59 30.49 -101.59
N ARG A 1489 -4.67 31.11 -102.08
CA ARG A 1489 -4.72 31.48 -103.49
C ARG A 1489 -3.66 32.53 -103.81
N GLN A 1490 -3.48 33.52 -102.94
CA GLN A 1490 -2.44 34.52 -103.17
C GLN A 1490 -1.06 33.89 -103.16
N LEU A 1491 -0.82 32.97 -102.22
CA LEU A 1491 0.45 32.27 -102.17
C LEU A 1491 0.67 31.40 -103.40
N LEU A 1492 -0.37 30.75 -103.92
CA LEU A 1492 -0.25 29.97 -105.13
C LEU A 1492 0.07 30.86 -106.33
N GLN A 1493 -0.54 32.05 -106.39
CA GLN A 1493 -0.21 32.99 -107.45
C GLN A 1493 1.26 33.41 -107.35
N LEU A 1494 1.73 33.70 -106.14
CA LEU A 1494 3.13 34.07 -105.96
C LEU A 1494 4.06 32.94 -106.36
N LEU A 1495 3.71 31.71 -106.00
CA LEU A 1495 4.53 30.55 -106.38
C LEU A 1495 4.55 30.35 -107.89
N THR A 1496 3.41 30.53 -108.56
CA THR A 1496 3.37 30.41 -110.01
C THR A 1496 4.22 31.50 -110.66
N THR A 1497 4.19 32.71 -110.11
CA THR A 1497 5.04 33.77 -110.61
C THR A 1497 6.52 33.44 -110.43
N TYR A 1498 6.88 32.89 -109.27
CA TYR A 1498 8.27 32.55 -109.00
C TYR A 1498 8.74 31.42 -109.92
N ILE A 1499 7.89 30.43 -110.16
CA ILE A 1499 8.26 29.31 -111.02
C ILE A 1499 8.49 29.79 -112.45
N VAL A 1500 7.62 30.65 -112.95
CA VAL A 1500 7.73 31.17 -114.30
C VAL A 1500 8.95 32.09 -114.41
N GLN A 1505 14.09 28.33 -113.66
CA GLN A 1505 14.79 27.18 -114.22
C GLN A 1505 13.83 26.01 -114.47
N VAL A 1506 12.54 26.25 -114.18
CA VAL A 1506 11.55 25.21 -114.34
C VAL A 1506 11.38 24.82 -115.81
N GLY A 1507 11.34 25.81 -116.70
CA GLY A 1507 11.12 25.58 -118.11
C GLY A 1507 9.68 25.85 -118.52
N GLU A 1508 9.48 25.93 -119.83
CA GLU A 1508 8.18 26.28 -120.39
C GLU A 1508 7.25 25.10 -120.55
N GLY A 1509 7.77 23.87 -120.52
CA GLY A 1509 6.91 22.71 -120.67
C GLY A 1509 5.92 22.57 -119.51
N VAL A 1510 6.39 22.81 -118.28
CA VAL A 1510 5.50 22.74 -117.13
C VAL A 1510 4.42 23.79 -117.22
N CYS A 1511 4.78 25.01 -117.63
CA CYS A 1511 3.79 26.07 -117.78
C CYS A 1511 2.76 25.72 -118.85
N ALA A 1512 3.21 25.17 -119.97
CA ALA A 1512 2.28 24.77 -121.03
C ALA A 1512 1.33 23.68 -120.55
N VAL A 1513 1.86 22.70 -119.83
CA VAL A 1513 1.02 21.62 -119.31
C VAL A 1513 0.01 22.17 -118.32
N LEU A 1514 0.44 23.07 -117.43
CA LEU A 1514 -0.47 23.67 -116.46
C LEU A 1514 -1.58 24.46 -117.15
N LEU A 1515 -1.22 25.24 -118.18
CA LEU A 1515 -2.23 26.01 -118.91
C LEU A 1515 -3.23 25.09 -119.60
N GLY A 1516 -2.72 24.01 -120.22
CA GLY A 1516 -3.62 23.07 -120.87
C GLY A 1516 -4.54 22.36 -119.90
N THR A 1517 -4.04 22.05 -118.69
CA THR A 1517 -4.87 21.41 -117.68
C THR A 1517 -5.85 22.36 -117.03
N LEU A 1518 -5.54 23.66 -116.99
CA LEU A 1518 -6.40 24.61 -116.30
C LEU A 1518 -7.45 25.23 -117.21
N THR A 1519 -7.17 25.33 -118.52
CA THR A 1519 -8.12 25.98 -119.42
C THR A 1519 -9.47 25.28 -119.46
N PRO A 1520 -9.55 23.96 -119.70
CA PRO A 1520 -10.85 23.29 -119.73
C PRO A 1520 -11.62 23.40 -118.42
N MET A 1521 -10.89 23.31 -117.30
CA MET A 1521 -11.53 23.45 -116.00
C MET A 1521 -12.11 24.84 -115.79
N ALA A 1522 -11.37 25.89 -116.17
CA ALA A 1522 -11.88 27.25 -116.06
C ALA A 1522 -13.10 27.45 -116.95
N THR A 1523 -13.06 26.89 -118.16
CA THR A 1523 -14.20 26.99 -119.06
C THR A 1523 -15.43 26.30 -118.47
N GLU A 1524 -15.23 25.11 -117.90
CA GLU A 1524 -16.35 24.39 -117.29
C GLU A 1524 -16.91 25.16 -116.10
N MET A 1525 -16.04 25.74 -115.28
CA MET A 1525 -16.48 26.54 -114.15
C MET A 1525 -17.25 27.79 -114.59
N LEU A 1526 -16.81 28.44 -115.66
CA LEU A 1526 -17.52 29.63 -116.14
C LEU A 1526 -18.83 29.26 -116.83
N ALA A 1527 -18.93 28.05 -117.38
CA ALA A 1527 -20.14 27.64 -118.08
C ALA A 1527 -21.21 27.17 -117.10
N ASN A 1528 -20.92 26.10 -116.35
CA ASN A 1528 -21.92 25.55 -115.44
C ASN A 1528 -22.10 26.40 -114.20
N GLY A 1529 -20.99 26.89 -113.61
CA GLY A 1529 -21.05 27.62 -112.37
C GLY A 1529 -21.38 29.08 -112.56
N ASP A 1530 -21.34 29.81 -111.44
CA ASP A 1530 -21.63 31.25 -111.42
C ASP A 1530 -20.38 32.10 -111.62
N GLY A 1531 -19.23 31.48 -111.90
CA GLY A 1531 -18.01 32.23 -112.08
C GLY A 1531 -17.32 32.65 -110.80
N THR A 1532 -17.49 31.90 -109.72
CA THR A 1532 -16.83 32.22 -108.47
C THR A 1532 -15.33 32.00 -108.59
N GLY A 1533 -14.55 33.03 -108.27
CA GLY A 1533 -13.11 32.96 -108.40
C GLY A 1533 -12.58 33.22 -109.79
N PHE A 1534 -13.46 33.44 -110.77
CA PHE A 1534 -13.01 33.74 -112.13
C PHE A 1534 -12.17 35.01 -112.20
N PRO A 1535 -12.53 36.09 -111.51
CA PRO A 1535 -11.70 37.31 -111.59
C PRO A 1535 -10.28 37.09 -111.12
N GLU A 1536 -10.04 36.19 -110.17
CA GLU A 1536 -8.69 35.86 -109.72
C GLU A 1536 -8.09 34.69 -110.46
N LEU A 1537 -8.87 34.00 -111.30
CA LEU A 1537 -8.33 32.86 -112.05
C LEU A 1537 -7.48 33.33 -113.22
N MET A 1538 -7.84 34.45 -113.83
CA MET A 1538 -7.11 34.94 -115.00
C MET A 1538 -5.70 35.37 -114.63
N VAL A 1539 -5.47 35.75 -113.38
CA VAL A 1539 -4.15 36.24 -112.96
C VAL A 1539 -3.10 35.15 -113.12
N VAL A 1540 -3.45 33.91 -112.77
CA VAL A 1540 -2.51 32.80 -112.87
C VAL A 1540 -2.30 32.43 -114.33
N MET A 1541 -3.40 32.35 -115.09
CA MET A 1541 -3.34 31.96 -116.49
C MET A 1541 -2.55 32.94 -117.35
N ALA A 1542 -2.75 34.24 -117.18
CA ALA A 1542 -2.02 35.23 -117.96
C ALA A 1542 -0.52 35.18 -117.64
N THR A 1543 -0.19 35.03 -116.36
CA THR A 1543 1.22 34.91 -115.98
C THR A 1543 1.84 33.64 -116.57
N LEU A 1544 1.10 32.54 -116.57
CA LEU A 1544 1.59 31.31 -117.17
C LEU A 1544 1.83 31.48 -118.67
N ALA A 1545 0.90 32.15 -119.35
CA ALA A 1545 1.09 32.41 -120.78
C ALA A 1545 2.23 33.38 -121.02
N SER A 1546 2.60 34.17 -120.01
CA SER A 1546 3.69 35.13 -120.14
C SER A 1546 5.07 34.46 -120.15
N ALA A 1547 5.14 33.17 -119.84
CA ALA A 1547 6.42 32.48 -119.80
C ALA A 1547 7.03 32.39 -121.20
N GLY A 1548 8.36 32.47 -121.26
CA GLY A 1548 9.04 32.37 -122.54
C GLY A 1548 8.74 33.56 -123.43
N GLN A 1549 8.66 33.30 -124.73
CA GLN A 1549 8.39 34.34 -125.72
C GLN A 1549 6.90 34.68 -125.83
N GLY A 1550 6.04 33.98 -125.11
CA GLY A 1550 4.62 34.24 -125.17
C GLY A 1550 3.81 33.26 -125.98
N ALA A 1551 4.23 31.99 -126.02
CA ALA A 1551 3.48 30.99 -126.78
C ALA A 1551 2.14 30.67 -126.12
N GLY A 1552 2.05 30.83 -124.79
CA GLY A 1552 0.80 30.52 -124.11
C GLY A 1552 -0.37 31.36 -124.57
N HIS A 1553 -0.12 32.64 -124.86
CA HIS A 1553 -1.19 33.51 -125.37
C HIS A 1553 -1.71 33.00 -126.71
N LEU A 1554 -0.94 32.16 -127.41
CA LEU A 1554 -1.42 31.57 -128.65
C LEU A 1554 -2.63 30.68 -128.42
N GLN A 1555 -2.75 30.10 -127.22
CA GLN A 1555 -3.86 29.20 -126.91
C GLN A 1555 -4.91 29.85 -126.01
N LEU A 1556 -4.47 30.40 -124.88
CA LEU A 1556 -5.43 30.90 -123.88
C LEU A 1556 -6.32 31.98 -124.46
N HIS A 1557 -5.75 32.90 -125.23
CA HIS A 1557 -6.56 33.95 -125.86
C HIS A 1557 -7.66 33.34 -126.72
N ASN A 1558 -7.34 32.27 -127.46
CA ASN A 1558 -8.35 31.59 -128.26
C ASN A 1558 -9.50 31.12 -127.38
N ALA A 1559 -9.17 30.60 -126.19
CA ALA A 1559 -10.21 30.21 -125.25
C ALA A 1559 -11.10 31.40 -124.90
N ALA A 1560 -10.49 32.56 -124.65
CA ALA A 1560 -11.27 33.76 -124.38
C ALA A 1560 -12.19 34.08 -125.55
N VAL A 1561 -11.75 33.76 -126.77
CA VAL A 1561 -12.57 34.02 -127.96
C VAL A 1561 -13.93 33.35 -127.82
N ASP A 1562 -13.98 32.23 -127.10
CA ASP A 1562 -15.27 31.64 -126.77
C ASP A 1562 -15.80 32.18 -125.44
N TRP A 1563 -14.91 32.29 -124.45
CA TRP A 1563 -15.35 32.55 -123.07
C TRP A 1563 -16.15 33.85 -122.98
N LEU A 1564 -15.60 34.94 -123.53
CA LEU A 1564 -16.32 36.21 -123.51
C LEU A 1564 -17.67 36.06 -124.20
N SER A 1565 -17.71 35.37 -125.33
CA SER A 1565 -18.97 35.13 -126.02
C SER A 1565 -19.95 34.42 -125.10
N ARG A 1566 -19.47 33.44 -124.33
CA ARG A 1566 -20.33 32.76 -123.38
C ARG A 1566 -20.89 33.74 -122.36
N CYS A 1567 -20.05 34.66 -121.88
CA CYS A 1567 -20.54 35.69 -120.96
C CYS A 1567 -21.58 36.57 -121.65
N LYS A 1568 -21.43 36.78 -122.95
CA LYS A 1568 -22.45 37.48 -123.71
C LYS A 1568 -23.77 36.73 -123.65
N LYS A 1569 -23.71 35.40 -123.78
CA LYS A 1569 -24.90 34.56 -123.69
C LYS A 1569 -25.49 34.66 -122.29
N TYR A 1570 -24.69 35.10 -121.32
CA TYR A 1570 -25.15 35.33 -119.96
C TYR A 1570 -25.70 36.73 -119.75
N LEU A 1571 -25.31 37.70 -120.58
CA LEU A 1571 -25.72 39.08 -120.38
C LEU A 1571 -26.71 39.58 -121.41
N SER A 1572 -26.96 38.81 -122.47
CA SER A 1572 -27.90 39.23 -123.51
C SER A 1572 -29.33 38.84 -123.19
N GLN A 1573 -29.56 38.07 -122.13
CA GLN A 1573 -30.90 37.70 -121.74
C GLN A 1573 -31.67 38.92 -121.24
N LYS A 1574 -32.99 38.90 -121.46
CA LYS A 1574 -33.83 40.00 -121.00
C LYS A 1574 -33.83 40.09 -119.48
N ASN A 1575 -33.81 38.94 -118.79
CA ASN A 1575 -33.82 38.95 -117.34
C ASN A 1575 -32.56 39.62 -116.78
N VAL A 1576 -31.39 39.30 -117.34
CA VAL A 1576 -30.16 39.90 -116.87
C VAL A 1576 -30.16 41.40 -117.13
N VAL A 1577 -30.63 41.82 -118.30
CA VAL A 1577 -30.69 43.24 -118.62
C VAL A 1577 -31.63 43.97 -117.68
N GLU A 1578 -32.78 43.38 -117.38
CA GLU A 1578 -33.72 44.01 -116.45
C GLU A 1578 -33.12 44.10 -115.05
N LYS A 1579 -32.42 43.05 -114.63
CA LYS A 1579 -31.78 43.07 -113.31
C LYS A 1579 -30.72 44.15 -113.23
N LEU A 1580 -29.92 44.31 -114.29
CA LEU A 1580 -28.90 45.34 -114.30
C LEU A 1580 -29.51 46.73 -114.27
N ASN A 1581 -30.59 46.94 -115.01
CA ASN A 1581 -31.27 48.24 -115.05
C ASN A 1581 -32.18 48.42 -113.84
N LYS A 1588 -25.29 36.56 -110.55
CA LYS A 1588 -24.13 36.02 -111.26
C LYS A 1588 -23.88 36.77 -112.56
N HIS A 1589 -24.83 37.64 -112.93
CA HIS A 1589 -24.67 38.43 -114.14
C HIS A 1589 -23.48 39.38 -114.02
N VAL A 1590 -23.31 39.98 -112.84
CA VAL A 1590 -22.17 40.88 -112.62
C VAL A 1590 -20.86 40.11 -112.71
N MET A 1591 -20.82 38.90 -112.14
CA MET A 1591 -19.63 38.07 -112.24
C MET A 1591 -19.32 37.72 -113.69
N ILE A 1592 -20.35 37.40 -114.48
CA ILE A 1592 -20.16 37.10 -115.89
C ILE A 1592 -19.61 38.33 -116.63
N LEU A 1593 -20.16 39.51 -116.33
CA LEU A 1593 -19.66 40.73 -116.98
C LEU A 1593 -18.20 40.99 -116.60
N GLU A 1594 -17.85 40.80 -115.33
CA GLU A 1594 -16.46 41.00 -114.91
C GLU A 1594 -15.52 40.00 -115.59
N CYS A 1595 -15.96 38.75 -115.71
CA CYS A 1595 -15.15 37.75 -116.40
C CYS A 1595 -14.98 38.09 -117.87
N THR A 1596 -16.05 38.58 -118.50
CA THR A 1596 -15.96 39.01 -119.90
C THR A 1596 -14.97 40.17 -120.04
N CYS A 1597 -15.02 41.11 -119.10
CA CYS A 1597 -14.11 42.25 -119.10
C CYS A 1597 -12.66 41.78 -118.97
N HIS A 1598 -12.42 40.82 -118.08
CA HIS A 1598 -11.07 40.28 -117.91
C HIS A 1598 -10.60 39.57 -119.16
N ILE A 1599 -11.47 38.78 -119.79
CA ILE A 1599 -11.10 38.07 -121.01
C ILE A 1599 -10.77 39.04 -122.13
N MET A 1600 -11.60 40.08 -122.27
CA MET A 1600 -11.33 41.13 -123.25
C MET A 1600 -10.04 41.89 -122.95
N SER A 1601 -9.73 42.12 -121.68
CA SER A 1601 -8.46 42.76 -121.34
C SER A 1601 -7.29 41.88 -121.72
N TYR A 1602 -7.39 40.57 -121.50
CA TYR A 1602 -6.33 39.67 -121.92
C TYR A 1602 -6.17 39.67 -123.44
N LEU A 1603 -7.29 39.66 -124.16
CA LEU A 1603 -7.23 39.71 -125.61
C LEU A 1603 -6.59 41.01 -126.10
N ALA A 1604 -6.94 42.13 -125.46
CA ALA A 1604 -6.34 43.41 -125.82
C ALA A 1604 -4.85 43.43 -125.51
N ASP A 1605 -4.45 42.81 -124.39
CA ASP A 1605 -3.03 42.72 -124.07
C ASP A 1605 -2.28 41.91 -125.12
N VAL A 1606 -2.88 40.82 -125.60
CA VAL A 1606 -2.26 40.05 -126.67
C VAL A 1606 -2.16 40.89 -127.95
N THR A 1607 -3.24 41.61 -128.29
CA THR A 1607 -3.26 42.39 -129.51
C THR A 1607 -2.25 43.52 -129.48
N ASN A 1608 -2.09 44.17 -128.32
CA ASN A 1608 -1.10 45.25 -128.20
C ASN A 1608 0.31 44.74 -128.42
N ALA A 1609 0.62 43.57 -127.88
CA ALA A 1609 1.92 42.95 -128.15
C ALA A 1609 2.07 42.61 -129.63
N LEU A 1610 0.98 42.11 -130.24
CA LEU A 1610 1.03 41.77 -131.66
C LEU A 1610 1.30 43.01 -132.52
N SER A 1611 0.66 44.13 -132.19
CA SER A 1611 0.84 45.35 -132.96
C SER A 1611 2.06 46.13 -132.50
N GLY B 28 37.53 -38.94 -20.81
CA GLY B 28 38.20 -38.99 -19.52
C GLY B 28 37.44 -38.28 -18.42
N TRP B 29 37.92 -38.43 -17.18
CA TRP B 29 37.28 -37.79 -16.05
C TRP B 29 37.87 -36.43 -15.71
N GLU B 30 39.13 -36.19 -16.10
CA GLU B 30 39.73 -34.87 -15.88
C GLU B 30 38.97 -33.79 -16.63
N VAL B 31 38.66 -34.04 -17.91
CA VAL B 31 37.87 -33.09 -18.67
C VAL B 31 36.45 -32.99 -18.13
N ALA B 32 35.93 -34.06 -17.53
CA ALA B 32 34.61 -34.01 -16.93
C ALA B 32 34.57 -33.13 -15.69
N VAL B 33 35.61 -33.18 -14.85
CA VAL B 33 35.67 -32.33 -13.66
C VAL B 33 36.25 -30.96 -13.94
N ARG B 34 36.77 -30.72 -15.14
CA ARG B 34 37.29 -29.40 -15.50
C ARG B 34 36.31 -28.25 -15.28
N PRO B 35 35.03 -28.34 -15.68
CA PRO B 35 34.15 -27.18 -15.45
C PRO B 35 34.01 -26.79 -13.99
N LEU B 36 33.94 -27.77 -13.08
CA LEU B 36 33.86 -27.46 -11.66
C LEU B 36 35.15 -26.80 -11.17
N LEU B 37 36.30 -27.29 -11.63
CA LEU B 37 37.56 -26.69 -11.23
C LEU B 37 37.67 -25.26 -11.72
N SER B 38 37.22 -24.99 -12.94
CA SER B 38 37.25 -23.62 -13.46
C SER B 38 36.26 -22.73 -12.71
N ALA B 39 35.08 -23.26 -12.38
CA ALA B 39 34.05 -22.45 -11.76
C ALA B 39 34.23 -22.27 -10.26
N SER B 40 35.13 -23.03 -9.63
CA SER B 40 35.33 -22.88 -8.19
C SER B 40 35.82 -21.48 -7.82
N TYR B 41 36.44 -20.77 -8.74
CA TYR B 41 36.92 -19.41 -8.49
C TYR B 41 35.97 -18.33 -8.98
N SER B 42 34.80 -18.72 -9.48
CA SER B 42 33.84 -17.76 -10.05
C SER B 42 32.44 -18.33 -9.84
N ALA B 43 31.47 -17.82 -10.59
CA ALA B 43 30.15 -18.42 -10.65
C ALA B 43 30.18 -19.60 -11.62
N PHE B 44 29.02 -20.14 -11.95
CA PHE B 44 28.92 -21.25 -12.90
C PHE B 44 28.47 -20.72 -14.24
N GLU B 45 29.31 -20.91 -15.27
CA GLU B 45 28.96 -20.48 -16.61
C GLU B 45 27.81 -21.33 -17.15
N MET B 46 26.89 -20.67 -17.86
CA MET B 46 25.72 -21.36 -18.41
C MET B 46 26.15 -22.43 -19.41
N LYS B 47 27.22 -22.17 -20.15
CA LYS B 47 27.65 -23.11 -21.19
C LYS B 47 28.29 -24.36 -20.59
N GLU B 48 28.59 -24.35 -19.29
CA GLU B 48 29.23 -25.49 -18.66
C GLU B 48 28.24 -26.50 -18.08
N LEU B 49 26.94 -26.19 -18.10
CA LEU B 49 25.99 -27.09 -17.44
C LEU B 49 25.66 -28.32 -18.27
N PRO B 50 25.28 -28.23 -19.55
CA PRO B 50 24.83 -29.45 -20.25
C PRO B 50 25.85 -30.56 -20.31
N GLN B 51 27.14 -30.23 -20.46
CA GLN B 51 28.15 -31.28 -20.51
C GLN B 51 28.34 -31.90 -19.13
N LEU B 52 28.18 -31.12 -18.06
CA LEU B 52 28.18 -31.68 -16.72
C LEU B 52 27.04 -32.67 -16.55
N VAL B 53 25.85 -32.30 -17.02
CA VAL B 53 24.71 -33.21 -16.92
C VAL B 53 24.98 -34.49 -17.72
N ALA B 54 25.54 -34.32 -18.92
CA ALA B 54 25.84 -35.48 -19.77
C ALA B 54 26.84 -36.41 -19.10
N SER B 55 27.87 -35.84 -18.48
CA SER B 55 28.85 -36.66 -17.76
C SER B 55 28.22 -37.37 -16.57
N VAL B 56 27.33 -36.70 -15.85
CA VAL B 56 26.67 -37.34 -14.71
C VAL B 56 25.82 -38.51 -15.17
N ILE B 57 25.06 -38.34 -16.26
CA ILE B 57 24.21 -39.43 -16.74
C ILE B 57 25.07 -40.56 -17.30
N GLU B 58 26.15 -40.22 -18.00
CA GLU B 58 26.96 -41.24 -18.66
C GLU B 58 27.63 -42.18 -17.67
N SER B 59 28.17 -41.65 -16.59
CA SER B 59 28.89 -42.47 -15.61
C SER B 59 27.97 -43.11 -14.58
N GLU B 60 26.66 -43.07 -14.80
CA GLU B 60 25.70 -43.52 -13.80
C GLU B 60 25.96 -44.96 -13.36
N SER B 61 26.28 -45.83 -14.32
CA SER B 61 26.46 -47.25 -14.01
C SER B 61 27.59 -47.45 -13.02
N GLU B 62 28.56 -46.53 -12.98
CA GLU B 62 29.74 -46.73 -12.14
C GLU B 62 29.64 -45.96 -10.83
N ILE B 63 28.91 -44.84 -10.80
CA ILE B 63 28.94 -43.93 -9.65
C ILE B 63 28.52 -44.65 -8.37
N LEU B 64 27.53 -45.53 -8.46
CA LEU B 64 27.02 -46.21 -7.28
C LEU B 64 27.90 -47.37 -6.81
N HIS B 65 28.80 -47.86 -7.67
CA HIS B 65 29.65 -49.01 -7.37
C HIS B 65 31.10 -48.57 -7.48
N HIS B 66 31.77 -48.42 -6.33
CA HIS B 66 33.16 -47.98 -6.33
C HIS B 66 33.91 -48.62 -5.17
N GLU B 67 35.23 -48.60 -5.28
CA GLU B 67 36.12 -49.07 -4.23
C GLU B 67 36.33 -47.95 -3.21
N LYS B 68 37.08 -48.27 -2.14
CA LYS B 68 37.20 -47.34 -1.03
C LYS B 68 38.01 -46.11 -1.40
N GLN B 69 39.11 -46.28 -2.12
CA GLN B 69 40.07 -45.19 -2.31
C GLN B 69 39.61 -44.16 -3.33
N TYR B 70 38.70 -44.51 -4.25
CA TYR B 70 38.11 -43.50 -5.12
C TYR B 70 36.93 -42.79 -4.47
N GLU B 71 36.39 -43.33 -3.38
CA GLU B 71 35.11 -42.84 -2.85
C GLU B 71 35.14 -41.38 -2.44
N PRO B 72 36.13 -40.88 -1.68
CA PRO B 72 36.08 -39.44 -1.32
C PRO B 72 36.08 -38.53 -2.53
N PHE B 73 36.83 -38.89 -3.57
CA PHE B 73 36.87 -38.09 -4.79
C PHE B 73 35.50 -37.96 -5.41
N TYR B 74 34.77 -39.08 -5.54
CA TYR B 74 33.44 -39.03 -6.13
C TYR B 74 32.45 -38.32 -5.23
N SER B 75 32.60 -38.48 -3.90
CA SER B 75 31.74 -37.77 -2.97
C SER B 75 31.90 -36.26 -3.11
N SER B 76 33.14 -35.79 -3.17
CA SER B 76 33.39 -34.35 -3.34
C SER B 76 32.88 -33.88 -4.70
N PHE B 77 33.08 -34.67 -5.74
CA PHE B 77 32.58 -34.31 -7.07
C PHE B 77 31.06 -34.14 -7.04
N VAL B 78 30.37 -35.07 -6.38
CA VAL B 78 28.91 -34.98 -6.27
C VAL B 78 28.52 -33.74 -5.49
N ALA B 79 29.24 -33.45 -4.40
CA ALA B 79 28.92 -32.27 -3.60
C ALA B 79 29.02 -31.00 -4.44
N LEU B 80 30.13 -30.83 -5.16
CA LEU B 80 30.28 -29.65 -6.01
C LEU B 80 29.22 -29.60 -7.10
N SER B 81 28.93 -30.75 -7.72
CA SER B 81 27.94 -30.76 -8.81
C SER B 81 26.57 -30.35 -8.30
N THR B 82 26.14 -30.91 -7.16
CA THR B 82 24.85 -30.55 -6.60
C THR B 82 24.82 -29.08 -6.20
N HIS B 83 25.90 -28.60 -5.57
CA HIS B 83 25.95 -27.19 -5.19
C HIS B 83 25.77 -26.29 -6.41
N TYR B 84 26.46 -26.60 -7.51
CA TYR B 84 26.41 -25.72 -8.67
C TYR B 84 25.12 -25.89 -9.46
N ILE B 85 24.46 -27.05 -9.35
CA ILE B 85 23.15 -27.20 -9.97
C ILE B 85 22.11 -26.38 -9.21
N THR B 86 22.12 -26.46 -7.87
CA THR B 86 21.13 -25.75 -7.08
C THR B 86 21.27 -24.24 -7.13
N THR B 87 22.44 -23.71 -7.52
CA THR B 87 22.61 -22.27 -7.58
C THR B 87 21.84 -21.64 -8.74
N VAL B 88 21.35 -22.46 -9.67
CA VAL B 88 20.60 -21.95 -10.81
C VAL B 88 19.28 -22.69 -10.96
N GLN B 96 15.83 -29.34 -21.93
CA GLN B 96 16.99 -29.23 -21.06
C GLN B 96 16.63 -29.53 -19.61
N LEU B 97 15.35 -29.35 -19.28
CA LEU B 97 14.88 -29.63 -17.93
C LEU B 97 14.88 -31.12 -17.62
N GLN B 98 14.61 -31.94 -18.65
CA GLN B 98 14.58 -33.39 -18.44
C GLN B 98 15.93 -33.92 -18.01
N SER B 99 17.01 -33.48 -18.68
CA SER B 99 18.35 -33.94 -18.33
C SER B 99 18.73 -33.48 -16.92
N VAL B 100 18.39 -32.23 -16.58
CA VAL B 100 18.68 -31.72 -15.24
C VAL B 100 17.95 -32.53 -14.20
N ALA B 101 16.68 -32.86 -14.46
CA ALA B 101 15.91 -33.67 -13.53
C ALA B 101 16.50 -35.06 -13.38
N ALA B 102 16.95 -35.66 -14.48
CA ALA B 102 17.57 -36.98 -14.40
C ALA B 102 18.85 -36.94 -13.58
N ALA B 103 19.68 -35.92 -13.81
CA ALA B 103 20.91 -35.79 -13.05
C ALA B 103 20.62 -35.57 -11.56
N CYS B 104 19.63 -34.73 -11.25
CA CYS B 104 19.27 -34.50 -9.86
C CYS B 104 18.74 -35.77 -9.20
N LYS B 105 17.95 -36.56 -9.93
CA LYS B 105 17.49 -37.84 -9.41
C LYS B 105 18.67 -38.77 -9.14
N VAL B 106 19.67 -38.76 -10.02
CA VAL B 106 20.85 -39.59 -9.82
C VAL B 106 21.58 -39.16 -8.55
N LEU B 107 21.75 -37.85 -8.36
CA LEU B 107 22.44 -37.36 -7.18
C LEU B 107 21.66 -37.67 -5.91
N ILE B 108 20.33 -37.58 -5.96
CA ILE B 108 19.50 -37.92 -4.80
C ILE B 108 19.66 -39.39 -4.47
N GLU B 109 19.67 -40.25 -5.48
CA GLU B 109 19.88 -41.68 -5.24
C GLU B 109 21.23 -41.92 -4.58
N PHE B 110 22.28 -41.25 -5.10
CA PHE B 110 23.61 -41.40 -4.54
C PHE B 110 23.64 -40.99 -3.07
N SER B 111 23.11 -39.79 -2.77
CA SER B 111 23.09 -39.31 -1.40
C SER B 111 22.24 -40.23 -0.52
N LEU B 112 21.19 -40.83 -1.08
CA LEU B 112 20.35 -41.72 -0.29
C LEU B 112 21.12 -42.95 0.16
N LEU B 113 21.76 -43.66 -0.77
CA LEU B 113 22.45 -44.86 -0.29
C LEU B 113 23.74 -44.50 0.44
N ARG B 114 24.22 -43.26 0.28
CA ARG B 114 25.34 -42.80 1.11
C ARG B 114 24.89 -42.48 2.53
N LEU B 115 23.65 -42.04 2.70
CA LEU B 115 23.08 -41.82 4.03
C LEU B 115 22.64 -43.12 4.70
N GLU B 116 22.38 -44.17 3.91
CA GLU B 116 22.00 -45.44 4.52
C GLU B 116 23.22 -46.19 5.04
N ASN B 117 24.23 -46.40 4.19
CA ASN B 117 25.48 -47.11 4.48
C ASN B 117 26.50 -46.40 5.38
N PRO B 118 26.46 -45.05 5.54
CA PRO B 118 27.69 -44.23 5.40
C PRO B 118 28.98 -44.88 5.85
N ASP B 119 29.96 -44.84 4.95
CA ASP B 119 31.30 -45.38 5.16
C ASP B 119 32.19 -44.35 5.86
N GLU B 120 33.17 -44.87 6.60
CA GLU B 120 34.03 -44.02 7.42
C GLU B 120 34.78 -42.99 6.57
N ALA B 121 35.20 -43.38 5.36
CA ALA B 121 36.05 -42.54 4.52
C ALA B 121 35.25 -41.74 3.50
N CYS B 122 34.03 -41.33 3.85
CA CYS B 122 33.25 -40.48 2.96
C CYS B 122 33.69 -39.03 3.12
N ALA B 123 33.99 -38.38 2.00
CA ALA B 123 34.46 -37.00 2.03
C ALA B 123 33.43 -36.04 2.62
N VAL B 124 32.14 -36.38 2.54
CA VAL B 124 31.07 -35.54 3.06
C VAL B 124 30.31 -36.38 4.08
N SER B 125 30.19 -35.87 5.31
CA SER B 125 29.53 -36.60 6.37
C SER B 125 28.02 -36.63 6.16
N GLN B 126 27.32 -37.34 7.04
CA GLN B 126 25.89 -37.52 6.88
C GLN B 126 25.12 -36.20 7.01
N LYS B 127 25.61 -35.30 7.87
CA LYS B 127 24.92 -34.03 8.04
C LYS B 127 24.92 -33.21 6.76
N HIS B 128 26.07 -33.10 6.10
CA HIS B 128 26.11 -32.34 4.86
C HIS B 128 25.34 -33.05 3.75
N LEU B 129 25.24 -34.37 3.77
CA LEU B 129 24.34 -35.06 2.85
C LEU B 129 22.89 -34.66 3.09
N ILE B 130 22.48 -34.57 4.36
CA ILE B 130 21.12 -34.16 4.66
C ILE B 130 20.85 -32.74 4.16
N LEU B 131 21.77 -31.82 4.47
CA LEU B 131 21.61 -30.45 3.99
C LEU B 131 21.64 -30.37 2.47
N LEU B 132 22.42 -31.23 1.81
CA LEU B 132 22.48 -31.24 0.36
C LEU B 132 21.15 -31.68 -0.24
N ILE B 133 20.61 -32.80 0.27
CA ILE B 133 19.32 -33.29 -0.21
C ILE B 133 18.24 -32.23 0.01
N LYS B 134 18.28 -31.55 1.16
CA LYS B 134 17.33 -30.48 1.40
C LYS B 134 17.52 -29.35 0.39
N GLY B 135 18.77 -28.95 0.16
CA GLY B 135 19.04 -27.82 -0.71
C GLY B 135 18.60 -28.05 -2.14
N LEU B 136 18.73 -29.30 -2.61
CA LEU B 136 18.26 -29.60 -3.96
C LEU B 136 16.74 -29.48 -4.03
N CYS B 137 16.05 -29.71 -2.92
CA CYS B 137 14.60 -29.53 -2.84
C CYS B 137 14.21 -28.11 -2.46
N THR B 138 15.18 -27.20 -2.30
CA THR B 138 14.91 -25.83 -1.92
C THR B 138 15.80 -24.87 -2.69
N GLY B 139 15.90 -23.63 -2.22
CA GLY B 139 16.60 -22.59 -2.96
C GLY B 139 18.06 -22.35 -2.61
N CYS B 140 18.79 -23.42 -2.28
CA CYS B 140 20.24 -23.39 -2.16
C CYS B 140 20.71 -22.36 -1.12
N SER B 141 20.43 -22.66 0.16
CA SER B 141 20.87 -21.82 1.26
C SER B 141 21.41 -22.68 2.40
N ARG B 142 22.11 -23.76 2.07
CA ARG B 142 22.62 -24.68 3.07
C ARG B 142 24.15 -24.71 3.09
N LEU B 143 24.79 -24.97 1.95
CA LEU B 143 26.25 -25.07 1.93
C LEU B 143 26.89 -23.70 2.06
N ASP B 144 28.07 -23.66 2.66
CA ASP B 144 28.83 -22.44 2.85
C ASP B 144 30.21 -22.56 2.22
N ARG B 145 30.85 -21.41 2.01
CA ARG B 145 32.14 -21.38 1.33
C ARG B 145 33.20 -22.14 2.13
N THR B 146 33.11 -22.07 3.46
CA THR B 146 34.11 -22.65 4.35
C THR B 146 34.22 -24.16 4.17
N GLU B 147 33.19 -24.79 3.63
CA GLU B 147 33.24 -26.21 3.31
C GLU B 147 33.63 -26.50 1.87
N ILE B 148 33.22 -25.67 0.91
CA ILE B 148 33.58 -25.97 -0.47
C ILE B 148 35.06 -25.70 -0.72
N ILE B 149 35.70 -24.86 0.10
CA ILE B 149 37.15 -24.74 -0.02
C ILE B 149 37.82 -26.06 0.32
N THR B 150 37.39 -26.70 1.41
CA THR B 150 37.93 -28.01 1.76
C THR B 150 37.56 -29.05 0.71
N PHE B 151 36.35 -28.93 0.15
CA PHE B 151 35.94 -29.87 -0.89
C PHE B 151 36.82 -29.75 -2.12
N THR B 152 37.16 -28.52 -2.54
CA THR B 152 38.05 -28.35 -3.68
C THR B 152 39.47 -28.78 -3.35
N ALA B 153 39.91 -28.56 -2.11
CA ALA B 153 41.23 -29.05 -1.71
C ALA B 153 41.29 -30.57 -1.80
N MET B 154 40.24 -31.26 -1.34
CA MET B 154 40.18 -32.70 -1.47
C MET B 154 40.08 -33.11 -2.93
N MET B 155 39.33 -32.33 -3.73
CA MET B 155 39.25 -32.52 -5.17
C MET B 155 40.64 -32.58 -5.79
N LYS B 156 41.48 -31.59 -5.47
CA LYS B 156 42.84 -31.58 -6.00
C LYS B 156 43.68 -32.72 -5.43
N SER B 157 43.51 -33.03 -4.14
CA SER B 157 44.37 -34.01 -3.49
C SER B 157 43.96 -35.46 -3.75
N ALA B 158 42.82 -35.69 -4.40
CA ALA B 158 42.33 -37.04 -4.63
C ALA B 158 42.78 -37.55 -6.00
N LYS B 159 43.04 -38.86 -6.07
CA LYS B 159 43.50 -39.47 -7.31
C LYS B 159 42.33 -39.85 -8.21
N LEU B 160 42.56 -39.76 -9.52
CA LEU B 160 41.52 -39.96 -10.50
C LEU B 160 41.20 -41.44 -10.68
N PRO B 161 40.00 -41.77 -11.16
CA PRO B 161 39.67 -43.20 -11.35
C PRO B 161 40.39 -43.84 -12.52
N GLN B 162 40.50 -43.15 -13.65
CA GLN B 162 41.12 -43.71 -14.84
C GLN B 162 42.63 -43.59 -14.79
N THR B 166 46.22 -38.10 -9.79
CA THR B 166 45.80 -37.10 -8.82
C THR B 166 45.58 -35.76 -9.53
N LEU B 167 44.53 -35.05 -9.12
CA LEU B 167 44.20 -33.76 -9.73
C LEU B 167 45.25 -32.68 -9.45
N SER B 168 46.15 -32.90 -8.50
CA SER B 168 47.18 -31.93 -8.19
C SER B 168 48.47 -32.23 -8.95
N ARG B 185 29.54 -32.01 -30.16
CA ARG B 185 28.36 -31.16 -30.14
C ARG B 185 27.14 -31.94 -30.65
N GLN B 186 27.39 -32.83 -31.61
CA GLN B 186 26.29 -33.59 -32.20
C GLN B 186 25.79 -34.68 -31.25
N LYS B 187 26.71 -35.31 -30.51
CA LYS B 187 26.31 -36.41 -29.63
C LYS B 187 25.41 -35.91 -28.50
N GLU B 188 25.77 -34.79 -27.87
CA GLU B 188 24.96 -34.26 -26.78
C GLU B 188 23.59 -33.80 -27.28
N VAL B 189 23.56 -33.18 -28.47
CA VAL B 189 22.28 -32.74 -29.03
C VAL B 189 21.40 -33.95 -29.35
N GLN B 190 21.99 -35.01 -29.91
CA GLN B 190 21.22 -36.21 -30.21
C GLN B 190 20.70 -36.86 -28.94
N MET B 191 21.53 -36.91 -27.89
CA MET B 191 21.08 -37.46 -26.62
C MET B 191 19.93 -36.65 -26.03
N ASN B 192 20.04 -35.32 -26.11
CA ASN B 192 18.94 -34.47 -25.63
C ASN B 192 17.67 -34.70 -26.44
N PHE B 193 17.82 -34.86 -27.76
CA PHE B 193 16.67 -35.14 -28.60
C PHE B 193 15.99 -36.44 -28.20
N LEU B 194 16.79 -37.49 -27.97
CA LEU B 194 16.22 -38.77 -27.57
C LEU B 194 15.54 -38.65 -26.21
N ASN B 195 16.14 -37.91 -25.29
CA ASN B 195 15.54 -37.74 -23.96
C ASN B 195 14.20 -37.02 -24.06
N GLN B 196 14.13 -35.95 -24.86
CA GLN B 196 12.86 -35.24 -25.03
C GLN B 196 11.84 -36.10 -25.76
N LEU B 197 12.30 -36.96 -26.66
CA LEU B 197 11.38 -37.79 -27.44
C LEU B 197 10.76 -38.88 -26.58
N THR B 198 11.57 -39.56 -25.76
CA THR B 198 11.07 -40.74 -25.05
C THR B 198 9.99 -40.38 -24.04
N SER B 199 10.18 -39.31 -23.27
CA SER B 199 9.26 -38.95 -22.21
C SER B 199 8.83 -37.49 -22.39
N VAL B 200 7.62 -37.19 -21.91
CA VAL B 200 7.02 -35.86 -22.05
C VAL B 200 7.12 -35.16 -20.70
N PHE B 201 7.76 -33.99 -20.70
CA PHE B 201 7.82 -33.15 -19.51
C PHE B 201 6.54 -32.35 -19.36
N ASN B 202 6.15 -32.09 -18.09
CA ASN B 202 4.77 -31.87 -17.67
C ASN B 202 3.97 -30.99 -18.63
N PRO B 203 4.33 -29.70 -18.87
CA PRO B 203 5.03 -28.70 -18.04
C PRO B 203 4.05 -27.97 -17.14
N ARG B 204 2.82 -27.78 -17.63
CA ARG B 204 1.83 -26.91 -17.03
C ARG B 204 0.93 -27.61 -16.04
N THR B 205 1.12 -28.91 -15.80
CA THR B 205 0.28 -29.62 -14.86
C THR B 205 0.48 -29.15 -13.42
N VAL B 206 1.69 -28.69 -13.09
CA VAL B 206 1.98 -28.20 -11.75
C VAL B 206 1.26 -26.88 -11.49
N ALA B 230 9.04 -13.50 -12.40
CA ALA B 230 7.95 -14.30 -12.93
C ALA B 230 8.47 -15.59 -13.55
N SER B 231 9.37 -15.47 -14.52
CA SER B 231 9.97 -16.65 -15.13
C SER B 231 10.83 -17.41 -14.14
N ALA B 232 11.62 -16.68 -13.34
CA ALA B 232 12.52 -17.34 -12.40
C ALA B 232 11.74 -18.15 -11.36
N ILE B 233 10.64 -17.59 -10.84
CA ILE B 233 9.91 -18.29 -9.79
C ILE B 233 9.24 -19.55 -10.35
N LYS B 234 8.71 -19.48 -11.57
CA LYS B 234 8.06 -20.66 -12.12
C LYS B 234 9.07 -21.75 -12.50
N THR B 235 10.23 -21.34 -13.03
CA THR B 235 11.28 -22.32 -13.29
C THR B 235 11.76 -22.96 -11.99
N LYS B 236 11.90 -22.18 -10.93
CA LYS B 236 12.28 -22.74 -9.64
C LYS B 236 11.21 -23.70 -9.13
N ASN B 237 9.94 -23.34 -9.29
CA ASN B 237 8.86 -24.19 -8.81
C ASN B 237 8.84 -25.53 -9.55
N VAL B 238 8.99 -25.50 -10.87
CA VAL B 238 9.01 -26.75 -11.63
C VAL B 238 10.24 -27.57 -11.29
N PHE B 239 11.37 -26.91 -11.03
CA PHE B 239 12.58 -27.61 -10.61
C PHE B 239 12.36 -28.33 -9.29
N ILE B 240 11.77 -27.65 -8.32
CA ILE B 240 11.50 -28.26 -7.02
C ILE B 240 10.51 -29.41 -7.16
N ALA B 241 9.48 -29.22 -7.99
CA ALA B 241 8.50 -30.29 -8.19
C ALA B 241 9.16 -31.53 -8.76
N GLN B 242 10.01 -31.35 -9.78
CA GLN B 242 10.70 -32.49 -10.36
C GLN B 242 11.61 -33.16 -9.33
N ASN B 243 12.33 -32.37 -8.53
CA ASN B 243 13.25 -32.94 -7.56
C ASN B 243 12.52 -33.72 -6.49
N VAL B 244 11.41 -33.18 -5.97
CA VAL B 244 10.67 -33.88 -4.93
C VAL B 244 9.99 -35.13 -5.49
N ALA B 245 9.53 -35.06 -6.74
CA ALA B 245 8.98 -36.27 -7.37
C ALA B 245 10.04 -37.35 -7.50
N SER B 246 11.26 -36.95 -7.90
CA SER B 246 12.35 -37.92 -8.00
C SER B 246 12.68 -38.51 -6.63
N LEU B 247 12.71 -37.67 -5.60
CA LEU B 247 13.00 -38.16 -4.26
C LEU B 247 11.93 -39.15 -3.79
N GLN B 248 10.67 -38.83 -4.03
CA GLN B 248 9.59 -39.74 -3.61
C GLN B 248 9.61 -41.03 -4.42
N GLU B 249 10.06 -40.97 -5.68
CA GLU B 249 10.11 -42.17 -6.50
C GLU B 249 11.04 -43.22 -5.90
N LEU B 250 12.19 -42.80 -5.38
CA LEU B 250 13.11 -43.73 -4.75
C LEU B 250 12.60 -44.28 -3.43
N GLY B 251 11.49 -43.75 -2.91
CA GLY B 251 11.03 -44.14 -1.60
C GLY B 251 11.95 -43.67 -0.50
N GLY B 252 12.48 -42.46 -0.62
CA GLY B 252 13.43 -41.96 0.37
C GLY B 252 12.81 -41.59 1.70
N SER B 253 11.47 -41.48 1.76
CA SER B 253 10.82 -41.15 3.02
C SER B 253 11.08 -42.24 4.06
N GLU B 254 10.87 -43.50 3.68
CA GLU B 254 11.08 -44.59 4.62
C GLU B 254 12.54 -44.69 5.05
N LYS B 255 13.47 -44.54 4.11
CA LYS B 255 14.89 -44.62 4.45
C LYS B 255 15.30 -43.48 5.37
N LEU B 256 14.84 -42.26 5.10
CA LEU B 256 15.19 -41.13 5.96
C LEU B 256 14.61 -41.31 7.36
N LEU B 257 13.35 -41.76 7.45
CA LEU B 257 12.76 -41.98 8.76
C LEU B 257 13.50 -43.07 9.51
N ARG B 258 13.90 -44.14 8.82
CA ARG B 258 14.65 -45.21 9.46
C ARG B 258 15.99 -44.73 9.95
N VAL B 259 16.68 -43.91 9.17
CA VAL B 259 18.00 -43.43 9.57
C VAL B 259 17.88 -42.45 10.72
N CYS B 260 16.77 -41.71 10.78
CA CYS B 260 16.55 -40.80 11.90
C CYS B 260 16.16 -41.55 13.17
N LEU B 261 15.47 -42.68 13.05
CA LEU B 261 15.02 -43.41 14.23
C LEU B 261 16.19 -44.03 14.99
N ASN B 262 17.09 -44.70 14.28
CA ASN B 262 18.18 -45.44 14.91
C ASN B 262 19.45 -44.59 14.99
N LEU B 263 19.31 -43.44 15.63
CA LEU B 263 20.48 -42.59 15.85
C LEU B 263 21.30 -43.11 17.03
N PRO B 264 22.62 -42.90 17.00
CA PRO B 264 23.46 -43.40 18.10
C PRO B 264 23.27 -42.65 19.41
N TYR B 265 22.69 -41.44 19.38
CA TYR B 265 22.55 -40.64 20.59
C TYR B 265 21.10 -40.50 21.05
N PHE B 266 20.14 -40.42 20.13
CA PHE B 266 18.74 -40.40 20.52
C PHE B 266 18.25 -41.77 21.00
N LEU B 267 19.06 -42.82 20.83
CA LEU B 267 18.62 -44.16 21.19
C LEU B 267 18.31 -44.26 22.67
N ARG B 268 19.16 -43.66 23.52
CA ARG B 268 18.91 -43.70 24.95
C ARG B 268 17.62 -42.98 25.31
N TYR B 269 17.37 -41.82 24.70
CA TYR B 269 16.14 -41.08 24.96
C TYR B 269 14.92 -41.89 24.53
N ILE B 270 14.99 -42.52 23.35
CA ILE B 270 13.87 -43.32 22.87
C ILE B 270 13.60 -44.49 23.82
N ASN B 271 14.66 -45.16 24.26
CA ASN B 271 14.50 -46.28 25.18
C ASN B 271 13.89 -45.80 26.50
N ARG B 272 14.36 -44.65 27.01
CA ARG B 272 13.82 -44.12 28.25
C ARG B 272 12.34 -43.77 28.11
N PHE B 273 11.95 -43.18 26.98
CA PHE B 273 10.54 -42.90 26.77
C PHE B 273 9.73 -44.18 26.73
N GLN B 274 10.27 -45.22 26.07
CA GLN B 274 9.56 -46.50 26.03
C GLN B 274 9.35 -47.06 27.43
N ASP B 275 10.41 -47.04 28.26
CA ASP B 275 10.26 -47.54 29.63
C ASP B 275 9.27 -46.70 30.42
N ALA B 276 9.33 -45.38 30.26
CA ALA B 276 8.43 -44.50 31.01
C ALA B 276 6.97 -44.76 30.63
N VAL B 277 6.70 -44.90 29.34
CA VAL B 277 5.33 -45.13 28.90
C VAL B 277 4.86 -46.53 29.28
N LEU B 278 5.78 -47.50 29.35
CA LEU B 278 5.38 -48.84 29.73
C LEU B 278 5.11 -48.94 31.23
N ALA B 279 5.92 -48.26 32.05
CA ALA B 279 5.81 -48.33 33.50
C ALA B 279 4.89 -47.26 34.07
N ASN B 280 4.31 -46.40 33.22
CA ASN B 280 3.30 -45.42 33.60
C ASN B 280 3.90 -44.28 34.43
N SER B 281 5.17 -44.41 34.81
CA SER B 281 5.85 -43.40 35.61
C SER B 281 6.72 -42.54 34.71
N PHE B 282 7.32 -41.49 35.28
CA PHE B 282 8.17 -40.57 34.55
C PHE B 282 9.59 -40.65 35.11
N PHE B 283 10.57 -40.77 34.22
CA PHE B 283 11.97 -40.85 34.60
C PHE B 283 12.71 -39.64 34.08
N ILE B 284 13.56 -39.05 34.93
CA ILE B 284 14.61 -38.13 34.51
C ILE B 284 15.80 -38.38 35.43
N MET B 285 16.98 -38.60 34.84
CA MET B 285 18.20 -38.81 35.63
C MET B 285 19.33 -37.89 35.16
N PRO B 286 19.24 -36.60 35.45
CA PRO B 286 20.46 -35.82 35.66
C PRO B 286 21.15 -36.18 36.96
N ALA B 287 20.40 -36.75 37.91
CA ALA B 287 20.91 -37.29 39.17
C ALA B 287 21.61 -36.17 39.93
N THR B 288 22.84 -36.37 40.42
CA THR B 288 23.54 -35.36 41.20
C THR B 288 24.21 -34.36 40.27
N VAL B 289 24.99 -33.44 40.85
CA VAL B 289 25.70 -32.45 40.07
C VAL B 289 26.77 -33.12 39.20
N ALA B 290 27.45 -34.12 39.76
CA ALA B 290 28.47 -34.84 38.99
C ALA B 290 27.85 -35.56 37.80
N ASP B 291 26.72 -36.22 38.01
CA ASP B 291 26.04 -36.88 36.90
C ASP B 291 25.51 -35.87 35.90
N ALA B 292 25.09 -34.69 36.36
CA ALA B 292 24.65 -33.64 35.45
C ALA B 292 25.81 -33.17 34.57
N THR B 293 27.00 -33.02 35.16
CA THR B 293 28.17 -32.67 34.38
C THR B 293 28.54 -33.78 33.39
N ALA B 294 28.40 -35.03 33.83
CA ALA B 294 28.68 -36.15 32.94
C ALA B 294 27.73 -36.17 31.74
N VAL B 295 26.45 -35.89 31.98
CA VAL B 295 25.50 -35.76 30.88
C VAL B 295 25.90 -34.59 29.99
N ARG B 296 26.38 -33.51 30.59
CA ARG B 296 26.92 -32.39 29.84
C ARG B 296 28.24 -32.80 29.17
N ASN B 297 28.86 -31.85 28.49
CA ASN B 297 30.13 -32.02 27.78
C ASN B 297 29.96 -32.92 26.55
N GLY B 298 28.75 -33.42 26.34
CA GLY B 298 28.41 -34.14 25.13
C GLY B 298 27.23 -33.49 24.45
N PHE B 299 27.02 -32.21 24.77
CA PHE B 299 25.85 -31.49 24.30
C PHE B 299 25.98 -31.10 22.82
N HIS B 300 27.21 -30.90 22.33
CA HIS B 300 27.39 -30.48 20.94
C HIS B 300 26.90 -31.54 19.97
N SER B 301 27.16 -32.82 20.27
CA SER B 301 26.64 -33.89 19.44
C SER B 301 25.11 -33.88 19.43
N LEU B 302 24.50 -33.61 20.58
CA LEU B 302 23.05 -33.49 20.64
C LEU B 302 22.56 -32.34 19.77
N VAL B 303 23.28 -31.21 19.78
CA VAL B 303 22.89 -30.08 18.92
C VAL B 303 22.94 -30.49 17.46
N ILE B 304 24.03 -31.15 17.06
CA ILE B 304 24.15 -31.59 15.67
C ILE B 304 23.01 -32.54 15.31
N ASP B 305 22.71 -33.49 16.21
CA ASP B 305 21.67 -34.47 15.95
C ASP B 305 20.30 -33.82 15.83
N VAL B 306 19.98 -32.88 16.72
CA VAL B 306 18.65 -32.26 16.66
C VAL B 306 18.54 -31.39 15.42
N THR B 307 19.62 -30.68 15.04
CA THR B 307 19.56 -29.88 13.84
C THR B 307 19.33 -30.75 12.60
N MET B 308 20.07 -31.86 12.50
CA MET B 308 19.93 -32.72 11.33
C MET B 308 18.55 -33.38 11.31
N ALA B 309 18.05 -33.78 12.48
CA ALA B 309 16.72 -34.38 12.55
C ALA B 309 15.64 -33.38 12.14
N LEU B 310 15.76 -32.13 12.59
CA LEU B 310 14.81 -31.11 12.17
C LEU B 310 14.86 -30.88 10.68
N ASP B 311 16.06 -30.83 10.10
CA ASP B 311 16.17 -30.65 8.66
C ASP B 311 15.56 -31.83 7.91
N THR B 312 15.77 -33.05 8.39
CA THR B 312 15.15 -34.21 7.77
C THR B 312 13.63 -34.14 7.85
N LEU B 313 13.09 -33.76 9.01
CA LEU B 313 11.65 -33.68 9.17
C LEU B 313 11.03 -32.52 8.41
N SER B 314 11.82 -31.52 8.02
CA SER B 314 11.30 -30.42 7.22
C SER B 314 11.02 -30.80 5.77
N LEU B 315 11.61 -31.89 5.28
CA LEU B 315 11.34 -32.36 3.94
C LEU B 315 9.97 -33.02 3.85
N PRO B 316 9.31 -32.99 2.68
CA PRO B 316 8.01 -33.65 2.56
C PRO B 316 8.14 -35.15 2.43
N VAL B 317 8.35 -35.84 3.54
CA VAL B 317 8.57 -37.28 3.55
C VAL B 317 7.62 -37.95 4.54
N LEU B 318 6.54 -37.27 4.88
CA LEU B 318 5.64 -37.73 5.93
C LEU B 318 4.22 -38.03 5.45
N GLU B 319 3.92 -37.88 4.17
CA GLU B 319 2.53 -37.92 3.72
C GLU B 319 1.84 -39.27 3.98
N PRO B 320 2.42 -40.44 3.66
CA PRO B 320 1.63 -41.67 3.81
C PRO B 320 1.62 -42.22 5.23
N LEU B 321 0.72 -41.66 6.06
CA LEU B 321 0.70 -41.97 7.49
C LEU B 321 -0.07 -43.27 7.73
N ASN B 322 0.61 -44.38 7.50
CA ASN B 322 0.11 -45.67 7.93
C ASN B 322 0.20 -45.77 9.45
N PRO B 323 -0.56 -46.66 10.07
CA PRO B 323 -0.47 -46.81 11.54
C PRO B 323 0.94 -47.04 12.05
N SER B 324 1.73 -47.89 11.37
CA SER B 324 3.11 -48.10 11.79
C SER B 324 3.93 -46.83 11.62
N ARG B 325 3.74 -46.13 10.50
CA ARG B 325 4.43 -44.86 10.29
C ARG B 325 4.02 -43.84 11.34
N LEU B 326 2.75 -43.81 11.69
CA LEU B 326 2.27 -42.93 12.75
C LEU B 326 2.99 -43.23 14.06
N GLN B 327 3.05 -44.51 14.43
CA GLN B 327 3.71 -44.88 15.67
C GLN B 327 5.17 -44.46 15.68
N ASP B 328 5.87 -44.68 14.55
CA ASP B 328 7.26 -44.27 14.47
C ASP B 328 7.41 -42.75 14.60
N VAL B 329 6.52 -41.99 13.95
CA VAL B 329 6.62 -40.54 13.98
C VAL B 329 6.40 -40.01 15.39
N THR B 330 5.37 -40.51 16.08
CA THR B 330 5.14 -40.07 17.46
C THR B 330 6.28 -40.49 18.37
N VAL B 331 6.83 -41.71 18.16
CA VAL B 331 7.97 -42.13 18.97
C VAL B 331 9.11 -41.14 18.82
N LEU B 332 9.46 -40.80 17.58
CA LEU B 332 10.58 -39.89 17.34
C LEU B 332 10.31 -38.51 17.97
N SER B 333 9.14 -37.94 17.70
CA SER B 333 8.86 -36.59 18.18
C SER B 333 8.81 -36.54 19.71
N LEU B 334 8.17 -37.53 20.34
CA LEU B 334 8.06 -37.53 21.79
C LEU B 334 9.40 -37.78 22.44
N SER B 335 10.26 -38.61 21.84
CA SER B 335 11.59 -38.78 22.40
C SER B 335 12.43 -37.52 22.25
N CYS B 336 12.23 -36.77 21.16
CA CYS B 336 12.91 -35.49 21.03
C CYS B 336 12.46 -34.51 22.11
N LEU B 337 11.15 -34.48 22.39
CA LEU B 337 10.65 -33.65 23.48
C LEU B 337 11.22 -34.12 24.82
N TYR B 338 11.33 -35.43 25.01
CA TYR B 338 11.97 -35.99 26.20
C TYR B 338 13.39 -35.48 26.33
N ALA B 339 14.14 -35.45 25.23
CA ALA B 339 15.52 -34.97 25.28
C ALA B 339 15.57 -33.49 25.67
N GLY B 340 14.66 -32.69 25.12
CA GLY B 340 14.60 -31.28 25.52
C GLY B 340 14.29 -31.13 27.01
N VAL B 341 13.35 -31.92 27.51
CA VAL B 341 13.03 -31.89 28.93
C VAL B 341 14.23 -32.28 29.76
N SER B 342 14.96 -33.32 29.34
CA SER B 342 16.11 -33.79 30.10
C SER B 342 17.21 -32.76 30.15
N VAL B 343 17.50 -32.10 29.03
CA VAL B 343 18.55 -31.08 29.05
C VAL B 343 18.11 -29.88 29.90
N ALA B 344 16.81 -29.55 29.88
CA ALA B 344 16.32 -28.49 30.76
C ALA B 344 16.52 -28.86 32.23
N THR B 345 16.21 -30.11 32.59
CA THR B 345 16.40 -30.55 33.97
C THR B 345 17.88 -30.53 34.34
N CYS B 346 18.75 -30.94 33.44
CA CYS B 346 20.19 -30.92 33.71
C CYS B 346 20.67 -29.51 33.97
N MET B 347 20.25 -28.55 33.14
CA MET B 347 20.65 -27.17 33.35
C MET B 347 20.12 -26.62 34.67
N ALA B 348 18.87 -26.96 35.01
CA ALA B 348 18.31 -26.50 36.27
C ALA B 348 19.08 -27.07 37.46
N ILE B 349 19.44 -28.36 37.41
CA ILE B 349 20.20 -28.97 38.49
C ILE B 349 21.56 -28.31 38.61
N LEU B 350 22.21 -28.04 37.47
CA LEU B 350 23.50 -27.37 37.50
C LEU B 350 23.39 -25.99 38.13
N HIS B 351 22.34 -25.24 37.79
CA HIS B 351 22.18 -23.91 38.37
C HIS B 351 21.90 -23.98 39.86
N VAL B 352 21.09 -24.96 40.30
CA VAL B 352 20.80 -25.12 41.72
C VAL B 352 22.08 -25.45 42.49
N GLY B 353 22.91 -26.35 41.93
CA GLY B 353 24.13 -26.73 42.62
C GLY B 353 25.10 -25.59 42.80
N SER B 354 25.21 -24.73 41.79
CA SER B 354 26.11 -23.58 41.87
C SER B 354 25.52 -22.47 42.72
N SER B 364 32.56 -17.52 32.70
CA SER B 364 33.50 -18.00 31.72
C SER B 364 32.82 -18.26 30.38
N SER B 365 33.61 -18.51 29.34
CA SER B 365 33.06 -18.73 28.00
C SER B 365 32.39 -20.10 27.89
N LYS B 366 32.93 -21.11 28.57
CA LYS B 366 32.37 -22.46 28.46
C LYS B 366 30.96 -22.53 29.01
N GLU B 367 30.70 -21.86 30.14
CA GLU B 367 29.36 -21.86 30.71
C GLU B 367 28.38 -21.12 29.80
N ASP B 368 28.81 -20.01 29.20
CA ASP B 368 27.97 -19.30 28.25
C ASP B 368 27.65 -20.18 27.04
N ASP B 369 28.64 -20.90 26.53
CA ASP B 369 28.40 -21.82 25.43
C ASP B 369 27.41 -22.90 25.84
N TYR B 370 27.56 -23.43 27.07
CA TYR B 370 26.66 -24.48 27.54
C TYR B 370 25.21 -23.98 27.63
N GLU B 371 25.01 -22.77 28.17
CA GLU B 371 23.65 -22.27 28.30
C GLU B 371 23.05 -21.93 26.95
N SER B 372 23.84 -21.36 26.04
CA SER B 372 23.33 -21.08 24.69
C SER B 372 22.97 -22.38 23.98
N ASP B 373 23.79 -23.41 24.14
CA ASP B 373 23.52 -24.70 23.51
C ASP B 373 22.25 -25.32 24.10
N ALA B 374 22.06 -25.21 25.42
CA ALA B 374 20.84 -25.74 26.02
C ALA B 374 19.60 -25.02 25.49
N ALA B 375 19.68 -23.68 25.37
CA ALA B 375 18.56 -22.94 24.80
C ALA B 375 18.29 -23.39 23.36
N THR B 376 19.34 -23.57 22.56
CA THR B 376 19.16 -23.98 21.18
C THR B 376 18.50 -25.35 21.09
N ILE B 377 18.95 -26.30 21.92
CA ILE B 377 18.41 -27.66 21.81
C ILE B 377 16.96 -27.69 22.26
N VAL B 378 16.61 -26.96 23.32
CA VAL B 378 15.21 -27.00 23.75
C VAL B 378 14.31 -26.31 22.71
N GLN B 379 14.78 -25.20 22.12
CA GLN B 379 13.99 -24.55 21.08
C GLN B 379 13.79 -25.47 19.89
N LYS B 380 14.84 -26.16 19.46
CA LYS B 380 14.70 -27.06 18.33
C LYS B 380 13.79 -28.24 18.65
N CYS B 381 13.85 -28.74 19.88
CA CYS B 381 12.95 -29.82 20.28
C CYS B 381 11.50 -29.37 20.22
N LEU B 382 11.21 -28.17 20.72
CA LEU B 382 9.83 -27.67 20.65
C LEU B 382 9.40 -27.48 19.21
N GLU B 383 10.29 -26.98 18.36
CA GLU B 383 9.96 -26.80 16.95
C GLU B 383 9.64 -28.15 16.29
N ILE B 384 10.43 -29.18 16.59
CA ILE B 384 10.17 -30.50 16.03
C ILE B 384 8.81 -31.01 16.49
N TYR B 385 8.51 -30.85 17.78
CA TYR B 385 7.22 -31.31 18.31
C TYR B 385 6.07 -30.61 17.61
N ASP B 386 6.17 -29.28 17.45
CA ASP B 386 5.10 -28.52 16.80
C ASP B 386 4.94 -28.93 15.33
N MET B 387 6.06 -29.14 14.63
CA MET B 387 5.97 -29.55 13.23
C MET B 387 5.30 -30.90 13.09
N ILE B 388 5.66 -31.85 13.96
CA ILE B 388 5.04 -33.17 13.91
C ILE B 388 3.55 -33.09 14.22
N GLY B 389 3.18 -32.28 15.22
CA GLY B 389 1.78 -32.11 15.54
C GLY B 389 0.99 -31.52 14.38
N GLN B 390 1.55 -30.50 13.74
CA GLN B 390 0.88 -29.90 12.58
C GLN B 390 0.72 -30.90 11.45
N ALA B 391 1.76 -31.71 11.20
CA ALA B 391 1.67 -32.72 10.16
C ALA B 391 0.58 -33.74 10.49
N ILE B 392 0.46 -34.12 11.76
CA ILE B 392 -0.54 -35.11 12.15
C ILE B 392 -1.93 -34.53 12.02
N SER B 393 -2.12 -33.28 12.41
CA SER B 393 -3.46 -32.69 12.40
C SER B 393 -4.00 -32.52 10.99
N SER B 394 -3.15 -32.11 10.05
CA SER B 394 -3.58 -31.79 8.69
C SER B 394 -3.59 -32.99 7.76
N SER B 395 -3.05 -34.13 8.20
CA SER B 395 -2.97 -35.30 7.34
C SER B 395 -4.35 -35.85 7.01
N ARG B 396 -4.44 -36.47 5.84
CA ARG B 396 -5.69 -37.06 5.36
C ARG B 396 -5.87 -38.50 5.79
N ARG B 397 -4.92 -39.04 6.58
CA ARG B 397 -5.04 -40.39 7.11
C ARG B 397 -5.09 -40.44 8.63
N ALA B 398 -4.60 -39.41 9.32
CA ALA B 398 -4.68 -39.31 10.76
C ALA B 398 -5.56 -38.11 11.11
N GLY B 399 -6.52 -38.33 12.00
CA GLY B 399 -7.52 -37.30 12.25
C GLY B 399 -7.49 -36.66 13.62
N GLY B 400 -8.67 -36.26 14.10
CA GLY B 400 -8.75 -35.52 15.35
C GLY B 400 -8.36 -36.34 16.56
N GLU B 401 -8.74 -37.62 16.58
CA GLU B 401 -8.44 -38.47 17.74
C GLU B 401 -6.94 -38.63 17.94
N HIS B 402 -6.20 -38.85 16.85
CA HIS B 402 -4.76 -38.99 16.96
C HIS B 402 -4.10 -37.69 17.40
N TYR B 403 -4.60 -36.55 16.90
CA TYR B 403 -4.09 -35.26 17.35
C TYR B 403 -4.35 -35.05 18.83
N GLN B 404 -5.54 -35.45 19.31
CA GLN B 404 -5.84 -35.35 20.73
C GLN B 404 -4.90 -36.21 21.56
N ASN B 405 -4.64 -37.43 21.12
CA ASN B 405 -3.70 -38.30 21.84
C ASN B 405 -2.30 -37.72 21.84
N PHE B 406 -1.88 -37.13 20.71
CA PHE B 406 -0.57 -36.50 20.63
C PHE B 406 -0.46 -35.36 21.62
N GLN B 407 -1.49 -34.50 21.68
CA GLN B 407 -1.48 -33.40 22.63
C GLN B 407 -1.47 -33.91 24.07
N LEU B 408 -2.22 -34.98 24.34
CA LEU B 408 -2.24 -35.55 25.68
C LEU B 408 -0.87 -36.06 26.09
N LEU B 409 -0.18 -36.77 25.19
CA LEU B 409 1.16 -37.26 25.52
C LEU B 409 2.12 -36.11 25.77
N GLY B 410 2.09 -35.08 24.91
CA GLY B 410 2.96 -33.94 25.11
C GLY B 410 2.70 -33.25 26.44
N ALA B 411 1.42 -33.03 26.77
CA ALA B 411 1.08 -32.38 28.02
C ALA B 411 1.50 -33.21 29.22
N TRP B 412 1.32 -34.53 29.14
CA TRP B 412 1.72 -35.41 30.24
C TRP B 412 3.22 -35.29 30.48
N CYS B 413 4.02 -35.39 29.42
CA CYS B 413 5.46 -35.28 29.56
C CYS B 413 5.86 -33.93 30.14
N LEU B 414 5.28 -32.85 29.60
CA LEU B 414 5.67 -31.51 30.03
C LEU B 414 5.29 -31.27 31.49
N LEU B 415 4.10 -31.71 31.90
CA LEU B 415 3.66 -31.48 33.27
C LEU B 415 4.48 -32.29 34.26
N ASN B 416 4.77 -33.56 33.94
CA ASN B 416 5.63 -34.34 34.81
C ASN B 416 7.00 -33.71 34.93
N SER B 417 7.56 -33.24 33.82
CA SER B 417 8.84 -32.57 33.86
C SER B 417 8.81 -31.33 34.75
N LEU B 418 7.76 -30.52 34.61
CA LEU B 418 7.65 -29.30 35.40
C LEU B 418 7.55 -29.61 36.88
N PHE B 419 6.75 -30.61 37.24
CA PHE B 419 6.66 -31.03 38.64
C PHE B 419 8.01 -31.46 39.17
N LEU B 420 8.75 -32.25 38.39
CA LEU B 420 10.05 -32.72 38.86
C LEU B 420 11.02 -31.56 39.07
N ILE B 421 11.12 -30.65 38.09
CA ILE B 421 12.10 -29.57 38.23
C ILE B 421 11.71 -28.62 39.35
N LEU B 422 10.41 -28.39 39.55
CA LEU B 422 9.99 -27.51 40.63
C LEU B 422 10.03 -28.18 42.00
N ASN B 423 10.18 -29.51 42.05
CA ASN B 423 10.36 -30.20 43.32
C ASN B 423 11.83 -30.34 43.70
N LEU B 424 12.75 -29.74 42.95
CA LEU B 424 14.17 -29.85 43.26
C LEU B 424 14.49 -29.16 44.56
N SER B 425 15.21 -29.84 45.44
CA SER B 425 15.64 -29.24 46.70
C SER B 425 16.87 -28.37 46.47
N PRO B 426 17.05 -27.33 47.31
CA PRO B 426 18.28 -26.53 47.18
C PRO B 426 19.54 -27.30 47.53
N THR B 427 19.63 -27.85 48.73
CA THR B 427 20.81 -28.59 49.16
C THR B 427 20.49 -29.94 49.77
N ALA B 428 19.32 -30.11 50.38
CA ALA B 428 19.04 -31.30 51.16
C ALA B 428 19.08 -32.56 50.31
N LEU B 429 18.11 -32.71 49.41
CA LEU B 429 18.05 -33.91 48.58
C LEU B 429 19.16 -33.93 47.53
N ALA B 430 19.66 -32.76 47.14
CA ALA B 430 20.76 -32.72 46.19
C ALA B 430 22.03 -33.32 46.79
N ASP B 431 22.35 -32.95 48.03
CA ASP B 431 23.53 -33.50 48.68
C ASP B 431 23.31 -34.92 49.16
N LYS B 432 22.13 -35.22 49.71
CA LYS B 432 21.85 -36.56 50.20
C LYS B 432 21.70 -37.58 49.09
N GLY B 433 21.54 -37.14 47.84
CA GLY B 433 21.48 -38.04 46.71
C GLY B 433 22.82 -38.50 46.17
N LYS B 434 23.91 -38.02 46.75
CA LYS B 434 25.24 -38.41 46.31
C LYS B 434 25.65 -39.74 46.93
N ARG B 443 12.86 -39.90 39.84
CA ARG B 443 11.55 -40.50 39.58
C ARG B 443 10.43 -39.59 40.09
N VAL B 444 9.18 -40.01 39.89
CA VAL B 444 8.04 -39.24 40.37
C VAL B 444 7.18 -40.11 41.28
N ARG B 445 7.26 -41.43 41.11
CA ARG B 445 6.50 -42.32 41.98
C ARG B 445 7.14 -42.41 43.36
N ASP B 446 8.47 -42.45 43.42
CA ASP B 446 9.15 -42.45 44.71
C ASP B 446 8.95 -41.11 45.42
N ILE B 447 8.98 -40.02 44.67
CA ILE B 447 8.74 -38.71 45.27
C ILE B 447 7.34 -38.63 45.84
N LEU B 448 6.35 -39.12 45.10
CA LEU B 448 4.97 -39.12 45.60
C LEU B 448 4.84 -40.00 46.83
N SER B 449 5.49 -41.17 46.83
CA SER B 449 5.40 -42.07 47.97
C SER B 449 6.04 -41.47 49.22
N ARG B 450 7.20 -40.81 49.06
CA ARG B 450 7.88 -40.27 50.23
C ARG B 450 7.23 -39.02 50.76
N THR B 451 6.41 -38.35 49.94
CA THR B 451 5.72 -37.13 50.39
C THR B 451 4.39 -37.47 51.07
N GLY B 465 13.63 -21.66 48.78
CA GLY B 465 14.17 -22.90 48.27
C GLY B 465 13.94 -23.09 46.78
N HIS B 466 13.05 -22.27 46.23
CA HIS B 466 12.72 -22.32 44.80
C HIS B 466 13.73 -21.47 44.01
N GLN B 467 14.98 -21.92 44.05
CA GLN B 467 16.08 -21.26 43.36
C GLN B 467 16.39 -21.91 42.02
N GLY B 468 15.48 -22.73 41.50
CA GLY B 468 15.66 -23.34 40.20
C GLY B 468 15.07 -22.46 39.11
N PHE B 469 14.05 -22.97 38.42
CA PHE B 469 13.30 -22.17 37.44
C PHE B 469 14.22 -21.70 36.30
N GLY B 470 13.81 -20.65 35.60
CA GLY B 470 14.61 -20.08 34.54
C GLY B 470 13.82 -19.94 33.25
N VAL B 471 14.51 -19.47 32.22
CA VAL B 471 13.88 -19.24 30.92
C VAL B 471 13.35 -20.55 30.34
N LEU B 472 14.13 -21.63 30.45
CA LEU B 472 13.68 -22.91 29.94
C LEU B 472 12.41 -23.37 30.65
N SER B 473 12.34 -23.15 31.96
CA SER B 473 11.14 -23.49 32.71
C SER B 473 9.95 -22.70 32.20
N VAL B 474 10.15 -21.41 31.92
CA VAL B 474 9.07 -20.58 31.41
C VAL B 474 8.57 -21.09 30.07
N ILE B 475 9.49 -21.43 29.17
CA ILE B 475 9.10 -21.90 27.84
C ILE B 475 8.33 -23.21 27.95
N LEU B 476 8.83 -24.14 28.77
CA LEU B 476 8.14 -25.40 28.97
C LEU B 476 6.75 -25.19 29.56
N ALA B 477 6.64 -24.27 30.53
CA ALA B 477 5.34 -23.99 31.14
C ALA B 477 4.39 -23.38 30.12
N ASN B 478 4.88 -22.49 29.25
CA ASN B 478 4.02 -21.90 28.24
C ASN B 478 3.46 -22.97 27.30
N HIS B 479 4.33 -23.87 26.83
CA HIS B 479 3.84 -24.92 25.94
C HIS B 479 2.87 -25.85 26.65
N ALA B 480 3.16 -26.19 27.91
CA ALA B 480 2.25 -27.03 28.67
C ALA B 480 0.90 -26.37 28.86
N ILE B 481 0.89 -25.06 29.11
CA ILE B 481 -0.37 -24.36 29.31
C ILE B 481 -1.15 -24.28 27.99
N LYS B 482 -0.46 -24.18 26.85
CA LYS B 482 -1.15 -24.23 25.57
C LYS B 482 -1.82 -25.57 25.35
N LEU B 483 -1.09 -26.66 25.61
CA LEU B 483 -1.68 -27.99 25.48
C LEU B 483 -2.86 -28.15 26.44
N LEU B 484 -2.72 -27.65 27.67
CA LEU B 484 -3.77 -27.80 28.66
C LEU B 484 -5.03 -27.03 28.26
N THR B 485 -4.87 -25.79 27.77
CA THR B 485 -6.05 -25.03 27.38
C THR B 485 -6.73 -25.66 26.17
N SER B 486 -5.95 -26.21 25.24
CA SER B 486 -6.56 -26.93 24.13
C SER B 486 -7.37 -28.13 24.62
N LEU B 487 -6.79 -28.92 25.52
CA LEU B 487 -7.49 -30.10 26.03
C LEU B 487 -8.75 -29.72 26.80
N PHE B 488 -8.69 -28.65 27.60
CA PHE B 488 -9.85 -28.27 28.39
C PHE B 488 -10.94 -27.66 27.52
N GLN B 489 -10.56 -26.89 26.49
CA GLN B 489 -11.54 -26.42 25.53
C GLN B 489 -12.22 -27.59 24.83
N ASP B 490 -11.45 -28.64 24.52
CA ASP B 490 -12.04 -29.85 23.96
C ASP B 490 -13.02 -30.48 24.95
N LEU B 491 -12.66 -30.51 26.23
CA LEU B 491 -13.50 -31.15 27.22
C LEU B 491 -14.80 -30.38 27.46
N GLN B 492 -14.76 -29.06 27.32
CA GLN B 492 -15.91 -28.24 27.70
C GLN B 492 -17.15 -28.61 26.89
N VAL B 493 -17.00 -28.78 25.59
CA VAL B 493 -18.14 -29.10 24.74
C VAL B 493 -18.43 -30.59 24.77
N THR B 502 -18.18 -42.15 34.38
CA THR B 502 -18.44 -43.43 35.04
C THR B 502 -17.20 -43.89 35.82
N ASP B 503 -16.25 -42.97 35.99
CA ASP B 503 -14.99 -43.24 36.69
C ASP B 503 -14.27 -44.43 36.05
N GLY B 504 -14.10 -44.33 34.73
CA GLY B 504 -13.42 -45.36 33.99
C GLY B 504 -11.92 -45.28 34.13
N PRO B 505 -11.23 -46.14 33.38
CA PRO B 505 -9.76 -46.17 33.45
C PRO B 505 -9.18 -44.92 32.82
N PRO B 506 -7.97 -44.53 33.23
CA PRO B 506 -7.32 -43.39 32.58
C PRO B 506 -7.04 -43.68 31.12
N ALA B 507 -7.09 -42.63 30.32
CA ALA B 507 -6.87 -42.76 28.88
C ALA B 507 -5.51 -43.37 28.59
N ALA B 508 -5.47 -44.36 27.70
CA ALA B 508 -4.22 -45.02 27.36
C ALA B 508 -3.27 -44.04 26.69
N LEU B 509 -1.98 -44.20 26.97
CA LEU B 509 -0.95 -43.32 26.44
C LEU B 509 -0.39 -43.83 25.11
N SER B 510 -1.28 -44.09 24.16
CA SER B 510 -0.89 -44.53 22.83
C SER B 510 -1.64 -43.71 21.79
N ILE B 511 -0.96 -43.41 20.68
CA ILE B 511 -1.55 -42.57 19.65
C ILE B 511 -2.74 -43.22 18.99
N MET B 512 -2.83 -44.56 19.03
CA MET B 512 -3.93 -45.28 18.40
C MET B 512 -5.08 -45.56 19.35
N ALA B 513 -4.98 -45.14 20.61
CA ALA B 513 -6.04 -45.44 21.58
C ALA B 513 -7.27 -44.59 21.31
N GLN B 514 -8.40 -45.06 21.83
CA GLN B 514 -9.67 -44.34 21.77
C GLN B 514 -10.08 -43.99 23.19
N SER B 515 -10.52 -42.75 23.38
CA SER B 515 -10.89 -42.26 24.70
C SER B 515 -11.63 -40.94 24.56
N THR B 516 -12.30 -40.55 25.64
CA THR B 516 -12.99 -39.27 25.69
C THR B 516 -12.10 -38.21 26.36
N SER B 517 -12.52 -36.96 26.26
CA SER B 517 -11.75 -35.86 26.85
C SER B 517 -11.70 -35.99 28.37
N ILE B 518 -12.81 -36.42 28.98
CA ILE B 518 -12.82 -36.62 30.43
C ILE B 518 -11.78 -37.65 30.82
N GLN B 519 -11.63 -38.72 30.03
CA GLN B 519 -10.63 -39.73 30.34
C GLN B 519 -9.22 -39.16 30.28
N ARG B 520 -8.94 -38.32 29.28
CA ARG B 520 -7.61 -37.72 29.18
C ARG B 520 -7.33 -36.79 30.36
N ILE B 521 -8.32 -35.97 30.73
CA ILE B 521 -8.12 -35.05 31.84
C ILE B 521 -7.94 -35.83 33.14
N GLN B 522 -8.70 -36.91 33.32
CA GLN B 522 -8.57 -37.71 34.52
C GLN B 522 -7.22 -38.43 34.57
N ARG B 523 -6.71 -38.87 33.42
CA ARG B 523 -5.36 -39.43 33.38
C ARG B 523 -4.32 -38.37 33.78
N LEU B 524 -4.48 -37.15 33.27
CA LEU B 524 -3.56 -36.08 33.66
C LEU B 524 -3.60 -35.83 35.15
N ILE B 525 -4.81 -35.81 35.72
CA ILE B 525 -4.96 -35.61 37.16
C ILE B 525 -4.31 -36.76 37.94
N ASP B 526 -4.52 -37.99 37.48
CA ASP B 526 -3.94 -39.15 38.15
C ASP B 526 -2.42 -39.10 38.11
N SER B 527 -1.84 -38.60 37.03
CA SER B 527 -0.39 -38.53 36.94
C SER B 527 0.19 -37.53 37.94
N VAL B 528 -0.43 -36.35 38.06
CA VAL B 528 0.13 -35.26 38.86
C VAL B 528 -1.01 -34.44 39.47
N PRO B 529 -0.90 -33.99 40.72
CA PRO B 529 -1.91 -33.06 41.25
C PRO B 529 -1.77 -31.70 40.59
N LEU B 530 -2.72 -31.39 39.70
CA LEU B 530 -2.54 -30.29 38.76
C LEU B 530 -2.70 -28.92 39.43
N MET B 531 -3.72 -28.77 40.28
CA MET B 531 -4.03 -27.44 40.82
C MET B 531 -2.90 -26.91 41.67
N ASN B 532 -2.38 -27.74 42.57
CA ASN B 532 -1.26 -27.33 43.41
C ASN B 532 -0.05 -26.98 42.57
N LEU B 533 0.24 -27.81 41.55
CA LEU B 533 1.36 -27.52 40.67
C LEU B 533 1.22 -26.16 40.01
N LEU B 534 0.05 -25.89 39.42
CA LEU B 534 -0.18 -24.63 38.72
C LEU B 534 0.00 -23.44 39.66
N LEU B 535 -0.58 -23.53 40.86
CA LEU B 535 -0.42 -22.45 41.81
C LEU B 535 1.03 -22.27 42.22
N THR B 536 1.79 -23.37 42.31
CA THR B 536 3.21 -23.27 42.63
C THR B 536 3.97 -22.53 41.54
N LEU B 537 3.76 -22.87 40.27
CA LEU B 537 4.48 -22.13 39.23
C LEU B 537 4.05 -20.68 39.20
N LEU B 538 2.76 -20.41 39.40
CA LEU B 538 2.30 -19.02 39.45
C LEU B 538 3.06 -18.24 40.52
N SER B 539 3.10 -18.77 41.74
CA SER B 539 3.77 -18.10 42.84
C SER B 539 5.25 -17.91 42.55
N THR B 540 5.93 -18.97 42.13
CA THR B 540 7.37 -18.89 41.91
C THR B 540 7.71 -17.91 40.78
N SER B 541 6.94 -17.94 39.69
CA SER B 541 7.20 -17.03 38.59
C SER B 541 7.00 -15.59 39.01
N TYR B 542 5.93 -15.31 39.75
CA TYR B 542 5.72 -13.93 40.19
C TYR B 542 6.81 -13.49 41.15
N ARG B 543 7.25 -14.38 42.04
CA ARG B 543 8.33 -14.03 42.96
C ARG B 543 9.62 -13.72 42.21
N LYS B 544 9.95 -14.54 41.22
CA LYS B 544 11.15 -14.27 40.43
C LYS B 544 11.04 -12.95 39.68
N ALA B 545 9.87 -12.68 39.10
CA ALA B 545 9.67 -11.44 38.36
C ALA B 545 9.83 -10.24 39.27
N CYS B 546 9.23 -10.29 40.46
CA CYS B 546 9.31 -9.15 41.37
C CYS B 546 10.73 -8.97 41.91
N VAL B 547 11.43 -10.08 42.18
CA VAL B 547 12.82 -9.98 42.63
C VAL B 547 13.69 -9.34 41.56
N LEU B 548 13.50 -9.77 40.31
CA LEU B 548 14.28 -9.19 39.21
C LEU B 548 13.94 -7.71 39.02
N GLN B 549 12.67 -7.35 39.16
CA GLN B 549 12.28 -5.95 39.05
C GLN B 549 12.93 -5.12 40.15
N ARG B 550 12.95 -5.64 41.37
CA ARG B 550 13.62 -4.93 42.47
C ARG B 550 15.11 -4.78 42.21
N GLN B 551 15.75 -5.84 41.70
CA GLN B 551 17.18 -5.78 41.43
C GLN B 551 17.50 -4.80 40.31
N ARG B 552 16.63 -4.69 39.31
CA ARG B 552 16.90 -3.82 38.17
C ARG B 552 16.98 -2.36 38.60
N LYS B 553 16.08 -1.93 39.48
CA LYS B 553 16.07 -0.54 39.94
C LYS B 553 17.25 -0.26 40.87
N SER B 640 17.28 -12.48 27.65
CA SER B 640 15.96 -13.02 27.99
C SER B 640 15.82 -13.20 29.50
N ARG B 641 16.84 -13.78 30.13
CA ARG B 641 16.83 -13.98 31.58
C ARG B 641 16.88 -12.66 32.33
N LYS B 642 17.46 -11.61 31.76
CA LYS B 642 17.61 -10.34 32.44
C LYS B 642 16.32 -9.52 32.44
N ASP B 643 15.29 -9.97 31.73
CA ASP B 643 14.05 -9.20 31.71
C ASP B 643 12.98 -9.90 32.54
N PRO B 644 12.20 -9.15 33.31
CA PRO B 644 11.15 -9.76 34.14
C PRO B 644 9.80 -9.92 33.45
N GLU B 645 9.59 -9.26 32.31
CA GLU B 645 8.29 -9.29 31.66
C GLU B 645 7.90 -10.69 31.22
N LEU B 646 8.89 -11.54 30.94
CA LEU B 646 8.59 -12.90 30.50
C LEU B 646 7.92 -13.70 31.61
N PHE B 647 8.47 -13.66 32.81
CA PHE B 647 7.87 -14.37 33.94
C PHE B 647 6.50 -13.80 34.30
N LEU B 648 6.37 -12.47 34.25
CA LEU B 648 5.08 -11.86 34.53
C LEU B 648 4.04 -12.30 33.51
N GLY B 649 4.42 -12.35 32.23
CA GLY B 649 3.51 -12.84 31.22
C GLY B 649 3.12 -14.28 31.44
N LEU B 650 4.09 -15.12 31.83
CA LEU B 650 3.76 -16.52 32.13
C LEU B 650 2.77 -16.62 33.28
N ALA B 651 2.98 -15.84 34.34
CA ALA B 651 2.06 -15.86 35.48
C ALA B 651 0.67 -15.41 35.07
N SER B 652 0.58 -14.33 34.31
CA SER B 652 -0.72 -13.86 33.85
C SER B 652 -1.41 -14.90 32.99
N ASN B 653 -0.64 -15.56 32.12
CA ASN B 653 -1.23 -16.57 31.24
C ASN B 653 -1.76 -17.75 32.02
N ILE B 654 -1.00 -18.24 33.00
CA ILE B 654 -1.49 -19.39 33.76
C ILE B 654 -2.70 -19.01 34.61
N LEU B 655 -2.69 -17.79 35.16
CA LEU B 655 -3.86 -17.33 35.90
C LEU B 655 -5.09 -17.25 35.00
N ASN B 656 -4.92 -16.73 33.78
CA ASN B 656 -6.03 -16.65 32.85
C ASN B 656 -6.53 -18.03 32.45
N PHE B 657 -5.60 -18.99 32.31
CA PHE B 657 -6.02 -20.36 32.04
C PHE B 657 -6.87 -20.90 33.19
N ILE B 658 -6.44 -20.64 34.42
CA ILE B 658 -7.21 -21.11 35.58
C ILE B 658 -8.60 -20.50 35.58
N THR B 659 -8.69 -19.20 35.27
CA THR B 659 -10.00 -18.54 35.29
C THR B 659 -10.91 -19.10 34.19
N SER B 660 -10.42 -19.15 32.96
CA SER B 660 -11.28 -19.48 31.83
C SER B 660 -11.60 -20.98 31.79
N SER B 661 -10.58 -21.83 31.92
CA SER B 661 -10.79 -23.25 31.70
C SER B 661 -11.51 -23.92 32.87
N MET B 662 -11.16 -23.56 34.11
CA MET B 662 -11.66 -24.26 35.28
C MET B 662 -12.81 -23.55 35.96
N LEU B 663 -12.64 -22.27 36.30
CA LEU B 663 -13.63 -21.56 37.10
C LEU B 663 -14.96 -21.43 36.37
N ASN B 664 -14.91 -21.15 35.07
CA ASN B 664 -16.11 -20.93 34.28
C ASN B 664 -16.63 -22.21 33.61
N SER B 665 -16.02 -23.35 33.89
CA SER B 665 -16.43 -24.59 33.23
C SER B 665 -17.81 -25.01 33.71
N ARG B 666 -18.61 -25.54 32.78
CA ARG B 666 -19.94 -26.04 33.10
C ARG B 666 -19.94 -27.51 33.52
N ASN B 667 -18.87 -28.25 33.24
CA ASN B 667 -18.83 -29.66 33.56
C ASN B 667 -18.83 -29.88 35.07
N ASN B 668 -19.58 -30.88 35.51
CA ASN B 668 -19.74 -31.10 36.94
C ASN B 668 -18.49 -31.72 37.57
N PHE B 669 -17.85 -32.65 36.87
CA PHE B 669 -16.71 -33.36 37.45
C PHE B 669 -15.53 -32.42 37.70
N ILE B 670 -15.25 -31.52 36.77
CA ILE B 670 -14.13 -30.60 36.95
C ILE B 670 -14.42 -29.64 38.10
N ARG B 671 -15.67 -29.21 38.25
CA ARG B 671 -16.03 -28.36 39.39
C ARG B 671 -15.87 -29.12 40.70
N ASN B 672 -16.26 -30.40 40.72
CA ASN B 672 -16.05 -31.20 41.93
C ASN B 672 -14.57 -31.32 42.26
N TYR B 673 -13.75 -31.56 41.24
CA TYR B 673 -12.31 -31.65 41.48
C TYR B 673 -11.75 -30.33 42.00
N LEU B 674 -12.20 -29.21 41.43
CA LEU B 674 -11.71 -27.92 41.88
C LEU B 674 -12.12 -27.64 43.32
N SER B 675 -13.35 -28.01 43.68
CA SER B 675 -13.80 -27.82 45.05
C SER B 675 -13.00 -28.69 46.02
N VAL B 676 -12.69 -29.92 45.61
CA VAL B 676 -11.97 -30.84 46.50
C VAL B 676 -10.51 -30.39 46.66
N SER B 677 -9.89 -29.93 45.58
CA SER B 677 -8.44 -29.75 45.53
C SER B 677 -7.98 -28.36 45.96
N LEU B 678 -8.89 -27.49 46.38
CA LEU B 678 -8.49 -26.16 46.86
C LEU B 678 -8.10 -26.24 48.33
N SER B 679 -6.97 -25.62 48.68
CA SER B 679 -6.41 -25.74 50.02
C SER B 679 -6.16 -24.37 50.61
N GLU B 680 -6.02 -24.34 51.93
CA GLU B 680 -5.81 -23.08 52.65
C GLU B 680 -4.45 -22.47 52.32
N HIS B 681 -3.43 -23.31 52.10
CA HIS B 681 -2.12 -22.81 51.70
C HIS B 681 -2.21 -22.03 50.39
N HIS B 682 -3.06 -22.47 49.47
CA HIS B 682 -3.30 -21.71 48.25
C HIS B 682 -3.88 -20.34 48.56
N MET B 683 -4.79 -20.26 49.53
CA MET B 683 -5.35 -18.98 49.92
C MET B 683 -4.29 -18.07 50.52
N ALA B 684 -3.40 -18.63 51.33
CA ALA B 684 -2.31 -17.83 51.87
C ALA B 684 -1.40 -17.31 50.78
N THR B 685 -1.08 -18.16 49.79
CA THR B 685 -0.28 -17.71 48.66
C THR B 685 -0.97 -16.60 47.89
N LEU B 686 -2.28 -16.74 47.66
CA LEU B 686 -3.03 -15.70 46.95
C LEU B 686 -3.03 -14.40 47.74
N ALA B 687 -3.17 -14.49 49.06
CA ALA B 687 -3.14 -13.29 49.90
C ALA B 687 -1.78 -12.60 49.82
N SER B 688 -0.69 -13.38 49.83
CA SER B 688 0.63 -12.77 49.73
C SER B 688 0.82 -12.12 48.37
N ILE B 689 0.32 -12.75 47.30
CA ILE B 689 0.42 -12.13 45.98
C ILE B 689 -0.35 -10.82 45.94
N ILE B 690 -1.55 -10.81 46.53
CA ILE B 690 -2.36 -9.59 46.54
C ILE B 690 -1.65 -8.50 47.32
N LYS B 691 -1.08 -8.83 48.48
CA LYS B 691 -0.34 -7.85 49.25
C LYS B 691 0.83 -7.28 48.47
N GLU B 692 1.58 -8.14 47.79
CA GLU B 692 2.71 -7.67 47.00
C GLU B 692 2.23 -6.72 45.91
N VAL B 693 1.18 -7.10 45.19
CA VAL B 693 0.74 -6.29 44.06
C VAL B 693 0.17 -4.96 44.53
N ASP B 694 -0.48 -4.92 45.69
CA ASP B 694 -1.05 -3.65 46.14
C ASP B 694 -0.01 -2.76 46.81
N LYS B 695 1.03 -3.36 47.41
CA LYS B 695 2.09 -2.55 47.99
C LYS B 695 2.99 -1.97 46.92
N ASP B 696 3.29 -2.76 45.89
CA ASP B 696 4.13 -2.27 44.80
C ASP B 696 3.45 -1.14 44.03
N GLY B 697 2.15 -1.28 43.78
CA GLY B 697 1.44 -0.29 42.99
C GLY B 697 1.66 -0.50 41.49
N LEU B 698 1.28 0.54 40.74
CA LEU B 698 1.39 0.48 39.29
C LEU B 698 2.83 0.76 38.85
N LYS B 699 3.37 -0.14 38.02
CA LYS B 699 4.73 -0.01 37.53
C LYS B 699 4.80 0.05 36.02
N GLY B 700 4.14 -0.86 35.30
CA GLY B 700 4.24 -0.91 33.85
C GLY B 700 3.06 -1.62 33.24
N SER B 701 3.07 -1.70 31.90
CA SER B 701 1.95 -2.28 31.17
C SER B 701 1.77 -3.76 31.51
N SER B 702 2.88 -4.51 31.58
CA SER B 702 2.79 -5.91 31.97
C SER B 702 2.22 -6.05 33.38
N ASP B 703 2.56 -5.11 34.26
CA ASP B 703 1.96 -5.10 35.59
C ASP B 703 0.46 -4.87 35.48
N GLU B 704 0.03 -4.00 34.57
CA GLU B 704 -1.40 -3.77 34.39
C GLU B 704 -2.11 -5.04 33.93
N GLU B 705 -1.50 -5.77 32.99
CA GLU B 705 -2.10 -7.02 32.54
C GLU B 705 -2.17 -8.04 33.67
N PHE B 706 -1.10 -8.15 34.46
CA PHE B 706 -1.10 -9.08 35.58
C PHE B 706 -2.15 -8.69 36.61
N ALA B 707 -2.30 -7.39 36.87
CA ALA B 707 -3.31 -6.92 37.81
C ALA B 707 -4.71 -7.24 37.32
N ALA B 708 -4.96 -7.06 36.03
CA ALA B 708 -6.26 -7.41 35.48
C ALA B 708 -6.53 -8.90 35.62
N ALA B 709 -5.53 -9.73 35.31
CA ALA B 709 -5.70 -11.17 35.45
C ALA B 709 -5.98 -11.57 36.89
N LEU B 710 -5.25 -10.96 37.85
CA LEU B 710 -5.45 -11.28 39.25
C LEU B 710 -6.83 -10.84 39.73
N TYR B 711 -7.28 -9.66 39.31
CA TYR B 711 -8.61 -9.19 39.66
C TYR B 711 -9.66 -10.16 39.15
N HIS B 712 -9.54 -10.57 37.89
CA HIS B 712 -10.51 -11.48 37.30
C HIS B 712 -10.51 -12.81 38.04
N PHE B 713 -9.33 -13.34 38.35
CA PHE B 713 -9.25 -14.61 39.06
C PHE B 713 -9.89 -14.51 40.44
N ASN B 714 -9.58 -13.44 41.18
CA ASN B 714 -10.12 -13.27 42.51
C ASN B 714 -11.64 -13.22 42.48
N HIS B 715 -12.21 -12.40 41.59
CA HIS B 715 -13.65 -12.24 41.59
C HIS B 715 -14.36 -13.47 41.05
N SER B 716 -13.80 -14.13 40.04
CA SER B 716 -14.40 -15.37 39.55
C SER B 716 -14.38 -16.44 40.63
N LEU B 717 -13.28 -16.54 41.38
CA LEU B 717 -13.21 -17.51 42.47
C LEU B 717 -14.22 -17.19 43.55
N VAL B 718 -14.38 -15.91 43.88
CA VAL B 718 -15.33 -15.53 44.92
C VAL B 718 -16.75 -15.83 44.50
N THR B 719 -17.11 -15.47 43.27
CA THR B 719 -18.51 -15.52 42.86
C THR B 719 -19.01 -16.95 42.65
N SER B 720 -18.24 -17.77 41.96
CA SER B 720 -18.79 -19.04 41.46
C SER B 720 -18.68 -20.18 42.45
N ASP B 721 -19.05 -19.91 43.71
CA ASP B 721 -19.42 -20.88 44.74
C ASP B 721 -18.71 -22.24 44.70
N LEU B 722 -17.37 -22.27 44.60
CA LEU B 722 -16.63 -23.49 44.89
C LEU B 722 -15.98 -23.47 46.27
N GLN B 723 -15.43 -22.33 46.68
CA GLN B 723 -14.70 -22.26 47.94
C GLN B 723 -15.65 -22.40 49.12
N SER B 724 -15.29 -23.28 50.05
CA SER B 724 -16.07 -23.43 51.26
C SER B 724 -15.90 -22.19 52.15
N PRO B 725 -16.89 -21.92 53.02
CA PRO B 725 -16.82 -20.68 53.83
C PRO B 725 -15.57 -20.57 54.68
N ASN B 726 -15.07 -21.69 55.22
CA ASN B 726 -13.87 -21.61 56.05
C ASN B 726 -12.66 -21.19 55.21
N LEU B 727 -12.63 -21.58 53.94
CA LEU B 727 -11.56 -21.11 53.06
C LEU B 727 -11.64 -19.60 52.85
N GLN B 728 -12.85 -19.06 52.69
CA GLN B 728 -13.01 -17.62 52.57
C GLN B 728 -12.58 -16.92 53.86
N ASN B 729 -12.92 -17.49 55.01
CA ASN B 729 -12.49 -16.91 56.28
C ASN B 729 -10.97 -16.95 56.40
N THR B 730 -10.35 -18.03 55.94
CA THR B 730 -8.89 -18.11 55.95
C THR B 730 -8.27 -17.03 55.07
N LEU B 731 -8.85 -16.83 53.88
CA LEU B 731 -8.37 -15.78 53.00
C LEU B 731 -8.50 -14.41 53.65
N LEU B 732 -9.64 -14.15 54.29
CA LEU B 732 -9.84 -12.87 54.97
C LEU B 732 -8.84 -12.68 56.09
N GLN B 733 -8.64 -13.71 56.91
CA GLN B 733 -7.72 -13.61 58.04
C GLN B 733 -6.30 -13.39 57.58
N GLN B 734 -5.89 -14.11 56.52
CA GLN B 734 -4.56 -13.89 55.95
C GLN B 734 -4.42 -12.47 55.40
N LEU B 735 -5.48 -11.95 54.79
CA LEU B 735 -5.51 -10.56 54.38
C LEU B 735 -5.49 -9.59 55.54
N GLY B 736 -5.75 -10.07 56.76
CA GLY B 736 -5.74 -9.23 57.94
C GLY B 736 -6.97 -8.39 58.16
N VAL B 737 -8.06 -8.67 57.44
CA VAL B 737 -9.25 -7.85 57.53
C VAL B 737 -10.45 -8.74 57.83
N ALA B 738 -10.21 -9.84 58.53
CA ALA B 738 -11.30 -10.75 58.89
C ALA B 738 -12.29 -10.02 59.78
N PRO B 739 -13.59 -10.09 59.49
CA PRO B 739 -14.56 -9.33 60.28
C PRO B 739 -14.66 -9.76 61.74
N PHE B 740 -14.20 -10.96 62.08
CA PHE B 740 -14.27 -11.46 63.46
C PHE B 740 -12.95 -11.28 64.20
N SER B 741 -12.01 -10.51 63.64
CA SER B 741 -10.75 -10.28 64.31
C SER B 741 -10.96 -9.43 65.56
N GLU B 742 -10.01 -9.51 66.48
CA GLU B 742 -10.11 -8.82 67.75
C GLU B 742 -9.37 -7.48 67.78
N GLY B 743 -8.40 -7.28 66.90
CA GLY B 743 -7.62 -6.07 66.89
C GLY B 743 -8.40 -4.90 66.28
N PRO B 744 -7.79 -3.71 66.29
CA PRO B 744 -8.45 -2.55 65.69
C PRO B 744 -8.66 -2.75 64.19
N TRP B 745 -9.75 -2.18 63.69
CA TRP B 745 -10.04 -2.30 62.27
C TRP B 745 -9.09 -1.43 61.46
N PRO B 746 -8.41 -1.99 60.45
CA PRO B 746 -7.54 -1.17 59.62
C PRO B 746 -8.34 -0.23 58.74
N LEU B 747 -8.31 1.07 59.04
CA LEU B 747 -9.22 2.00 58.39
C LEU B 747 -8.85 2.29 56.94
N TYR B 748 -7.59 2.09 56.55
CA TYR B 748 -7.18 2.21 55.16
C TYR B 748 -7.07 0.82 54.57
N ILE B 749 -7.65 0.64 53.39
CA ILE B 749 -7.66 -0.66 52.72
C ILE B 749 -7.20 -0.45 51.28
N HIS B 750 -6.25 -1.26 50.84
CA HIS B 750 -5.76 -1.16 49.48
C HIS B 750 -6.82 -1.64 48.49
N PRO B 751 -6.78 -1.13 47.25
CA PRO B 751 -7.92 -1.35 46.33
C PRO B 751 -8.28 -2.81 46.10
N GLN B 752 -7.30 -3.70 45.94
CA GLN B 752 -7.62 -5.09 45.64
C GLN B 752 -8.29 -5.77 46.83
N SER B 753 -7.72 -5.59 48.03
CA SER B 753 -8.34 -6.12 49.23
C SER B 753 -9.72 -5.52 49.44
N LEU B 754 -9.86 -4.23 49.17
CA LEU B 754 -11.16 -3.58 49.27
C LEU B 754 -12.17 -4.25 48.36
N SER B 755 -11.79 -4.48 47.10
CA SER B 755 -12.70 -5.10 46.15
C SER B 755 -13.12 -6.49 46.60
N VAL B 756 -12.15 -7.33 46.97
CA VAL B 756 -12.51 -8.71 47.32
C VAL B 756 -13.36 -8.73 48.59
N LEU B 757 -12.99 -7.94 49.61
CA LEU B 757 -13.74 -7.93 50.85
C LEU B 757 -15.16 -7.44 50.63
N SER B 758 -15.32 -6.36 49.87
CA SER B 758 -16.66 -5.84 49.60
C SER B 758 -17.47 -6.86 48.81
N ARG B 759 -16.84 -7.55 47.86
CA ARG B 759 -17.56 -8.56 47.08
C ARG B 759 -18.10 -9.66 47.98
N LEU B 760 -17.25 -10.21 48.86
CA LEU B 760 -17.73 -11.28 49.73
C LEU B 760 -18.81 -10.78 50.68
N LEU B 761 -18.62 -9.59 51.27
CA LEU B 761 -19.61 -9.08 52.22
C LEU B 761 -20.95 -8.85 51.54
N LEU B 762 -20.94 -8.25 50.35
CA LEU B 762 -22.19 -7.98 49.65
C LEU B 762 -22.86 -9.26 49.18
N ILE B 763 -22.08 -10.27 48.77
CA ILE B 763 -22.66 -11.55 48.42
C ILE B 763 -23.34 -12.19 49.62
N TRP B 764 -22.67 -12.14 50.78
CA TRP B 764 -23.26 -12.69 52.00
C TRP B 764 -24.56 -11.97 52.33
N GLN B 765 -24.55 -10.64 52.26
CA GLN B 765 -25.75 -9.87 52.58
C GLN B 765 -26.89 -10.17 51.60
N HIS B 766 -26.57 -10.27 50.31
CA HIS B 766 -27.58 -10.59 49.32
C HIS B 766 -28.20 -11.96 49.57
N LYS B 767 -27.36 -12.96 49.85
CA LYS B 767 -27.89 -14.30 50.12
C LYS B 767 -28.76 -14.29 51.37
N ALA B 768 -28.33 -13.60 52.42
CA ALA B 768 -29.10 -13.55 53.65
C ALA B 768 -30.45 -12.86 53.44
N SER B 769 -30.45 -11.76 52.68
CA SER B 769 -31.71 -11.05 52.44
C SER B 769 -32.65 -11.88 51.57
N ALA B 770 -32.12 -12.53 50.54
CA ALA B 770 -32.97 -13.32 49.66
C ALA B 770 -33.56 -14.52 50.40
N GLN B 771 -32.75 -15.21 51.20
CA GLN B 771 -33.25 -16.38 51.91
C GLN B 771 -34.18 -15.99 53.05
N GLY B 772 -33.92 -14.85 53.69
CA GLY B 772 -34.65 -14.42 54.87
C GLY B 772 -33.88 -14.53 56.16
N ASP B 773 -32.62 -14.93 56.10
CA ASP B 773 -31.78 -14.98 57.30
C ASP B 773 -31.63 -13.57 57.86
N PRO B 774 -31.80 -13.39 59.17
CA PRO B 774 -31.59 -12.06 59.77
C PRO B 774 -30.17 -11.56 59.52
N ASP B 775 -29.94 -10.31 59.94
CA ASP B 775 -28.73 -9.59 59.57
C ASP B 775 -27.48 -10.39 59.87
N VAL B 776 -26.56 -10.41 58.91
CA VAL B 776 -25.34 -11.22 59.02
C VAL B 776 -24.48 -10.68 60.16
N PRO B 777 -24.11 -11.51 61.14
CA PRO B 777 -23.33 -10.99 62.27
C PRO B 777 -21.98 -10.40 61.86
N GLU B 778 -21.45 -10.81 60.71
CA GLU B 778 -20.17 -10.27 60.26
C GLU B 778 -20.26 -8.77 60.03
N CYS B 779 -21.36 -8.31 59.42
CA CYS B 779 -21.51 -6.89 59.15
C CYS B 779 -21.68 -6.07 60.43
N LEU B 780 -22.48 -6.58 61.38
CA LEU B 780 -22.60 -5.91 62.67
C LEU B 780 -21.26 -5.83 63.37
N LYS B 781 -20.49 -6.92 63.33
CA LYS B 781 -19.19 -6.93 63.99
C LYS B 781 -18.23 -5.94 63.33
N VAL B 782 -18.24 -5.87 61.99
CA VAL B 782 -17.32 -4.97 61.31
C VAL B 782 -17.71 -3.51 61.59
N TRP B 783 -19.01 -3.22 61.63
CA TRP B 783 -19.43 -1.86 61.96
C TRP B 783 -19.05 -1.50 63.39
N ASP B 784 -19.26 -2.42 64.33
CA ASP B 784 -18.90 -2.15 65.72
C ASP B 784 -17.40 -1.92 65.86
N ARG B 785 -16.59 -2.75 65.21
CA ARG B 785 -15.14 -2.59 65.29
C ARG B 785 -14.70 -1.28 64.65
N PHE B 786 -15.28 -0.92 63.51
CA PHE B 786 -14.93 0.35 62.88
C PHE B 786 -15.26 1.52 63.79
N LEU B 787 -16.44 1.49 64.41
CA LEU B 787 -16.82 2.59 65.31
C LEU B 787 -15.93 2.62 66.54
N SER B 788 -15.57 1.45 67.07
CA SER B 788 -14.69 1.43 68.24
C SER B 788 -13.32 2.00 67.92
N THR B 789 -12.75 1.62 66.78
CA THR B 789 -11.47 2.19 66.37
C THR B 789 -11.58 3.68 66.14
N MET B 790 -12.68 4.12 65.52
CA MET B 790 -12.89 5.54 65.26
C MET B 790 -12.95 6.31 66.58
N LYS B 791 -13.67 5.77 67.57
CA LYS B 791 -13.77 6.41 68.87
C LYS B 791 -12.42 6.47 69.57
N GLN B 792 -11.64 5.39 69.52
CA GLN B 792 -10.33 5.39 70.15
C GLN B 792 -9.42 6.43 69.53
N ASN B 793 -9.44 6.53 68.19
CA ASN B 793 -8.64 7.54 67.51
C ASN B 793 -9.09 8.95 67.88
N ALA B 794 -10.41 9.15 67.99
CA ALA B 794 -10.92 10.47 68.39
C ALA B 794 -10.48 10.82 69.81
N LEU B 795 -10.56 9.86 70.73
CA LEU B 795 -10.16 10.12 72.10
C LEU B 795 -8.67 10.44 72.20
N GLN B 796 -7.84 9.69 71.46
CA GLN B 796 -6.40 9.93 71.51
C GLN B 796 -5.99 11.21 70.82
N GLY B 797 -6.87 11.80 70.00
CA GLY B 797 -6.54 13.02 69.28
C GLY B 797 -5.38 12.84 68.32
N VAL B 798 -5.41 11.76 67.54
CA VAL B 798 -4.31 11.39 66.66
C VAL B 798 -4.65 11.80 65.23
N VAL B 799 -3.71 12.44 64.56
CA VAL B 799 -3.85 12.82 63.16
C VAL B 799 -3.14 11.76 62.31
N PRO B 800 -3.85 11.00 61.49
CA PRO B 800 -3.21 9.93 60.72
C PRO B 800 -2.46 10.48 59.52
N SER B 801 -1.74 9.59 58.85
CA SER B 801 -1.03 9.91 57.63
C SER B 801 -1.95 9.69 56.43
N GLU B 802 -1.43 10.03 55.24
CA GLU B 802 -2.23 9.93 54.03
C GLU B 802 -2.65 8.50 53.74
N THR B 803 -1.73 7.54 53.91
CA THR B 803 -1.99 6.14 53.65
C THR B 803 -2.30 5.35 54.92
N GLU B 804 -2.92 6.00 55.90
CA GLU B 804 -3.09 5.39 57.21
C GLU B 804 -4.53 5.00 57.52
N ASP B 805 -5.48 5.93 57.44
CA ASP B 805 -6.88 5.63 57.73
C ASP B 805 -7.83 6.23 56.71
N LEU B 806 -8.89 5.48 56.40
CA LEU B 806 -10.15 5.98 55.86
C LEU B 806 -9.98 6.68 54.50
N ASN B 807 -9.65 5.87 53.50
CA ASN B 807 -9.87 6.31 52.14
C ASN B 807 -11.36 6.24 51.81
N VAL B 808 -11.76 6.93 50.73
CA VAL B 808 -13.16 7.21 50.49
C VAL B 808 -13.93 5.94 50.10
N GLU B 809 -13.34 5.08 49.29
CA GLU B 809 -14.08 3.91 48.78
C GLU B 809 -14.45 2.96 49.92
N HIS B 810 -13.55 2.79 50.89
CA HIS B 810 -13.88 2.01 52.08
C HIS B 810 -15.11 2.59 52.77
N LEU B 811 -15.18 3.91 52.88
CA LEU B 811 -16.31 4.54 53.54
C LEU B 811 -17.59 4.32 52.75
N GLN B 812 -17.52 4.42 51.42
CA GLN B 812 -18.70 4.21 50.60
C GLN B 812 -19.23 2.78 50.74
N MET B 813 -18.34 1.79 50.71
CA MET B 813 -18.79 0.41 50.83
C MET B 813 -19.30 0.13 52.23
N LEU B 814 -18.74 0.79 53.25
CA LEU B 814 -19.31 0.67 54.60
C LEU B 814 -20.72 1.23 54.64
N LEU B 815 -20.95 2.37 53.97
CA LEU B 815 -22.30 2.93 53.91
C LEU B 815 -23.26 1.97 53.22
N LEU B 816 -22.81 1.34 52.14
CA LEU B 816 -23.67 0.38 51.46
C LEU B 816 -23.99 -0.83 52.35
N ILE B 817 -23.02 -1.30 53.13
CA ILE B 817 -23.32 -2.34 54.11
C ILE B 817 -24.37 -1.85 55.09
N PHE B 818 -24.28 -0.59 55.51
CA PHE B 818 -25.27 -0.05 56.44
C PHE B 818 -26.66 -0.07 55.83
N HIS B 819 -26.78 0.31 54.56
CA HIS B 819 -28.11 0.45 53.94
C HIS B 819 -28.83 -0.88 53.88
N ASN B 820 -28.11 -1.97 53.62
CA ASN B 820 -28.74 -3.28 53.49
C ASN B 820 -29.24 -3.84 54.81
N PHE B 821 -28.93 -3.17 55.93
CA PHE B 821 -29.36 -3.66 57.24
C PHE B 821 -30.87 -3.57 57.41
N THR B 822 -31.37 -4.28 58.40
CA THR B 822 -32.76 -4.16 58.80
C THR B 822 -32.94 -2.94 59.70
N GLU B 823 -34.19 -2.64 60.07
CA GLU B 823 -34.46 -1.47 60.89
C GLU B 823 -33.82 -1.59 62.26
N THR B 824 -33.85 -2.78 62.86
CA THR B 824 -33.28 -2.97 64.20
C THR B 824 -31.78 -2.69 64.20
N GLY B 825 -31.07 -3.21 63.20
CA GLY B 825 -29.64 -2.95 63.13
C GLY B 825 -29.32 -1.49 62.93
N ARG B 826 -30.08 -0.82 62.06
CA ARG B 826 -29.83 0.60 61.81
C ARG B 826 -30.11 1.44 63.03
N ARG B 827 -31.20 1.16 63.76
CA ARG B 827 -31.48 1.94 64.96
C ARG B 827 -30.46 1.66 66.05
N ALA B 828 -29.98 0.41 66.15
CA ALA B 828 -28.93 0.10 67.11
C ALA B 828 -27.64 0.86 66.76
N ILE B 829 -27.31 0.93 65.47
CA ILE B 829 -26.10 1.64 65.07
C ILE B 829 -26.23 3.13 65.32
N LEU B 830 -27.43 3.68 65.12
CA LEU B 830 -27.63 5.10 65.38
C LEU B 830 -27.56 5.40 66.88
N SER B 831 -28.14 4.53 67.69
CA SER B 831 -28.05 4.70 69.14
C SER B 831 -26.60 4.61 69.62
N LEU B 832 -25.83 3.68 69.05
CA LEU B 832 -24.42 3.57 69.41
C LEU B 832 -23.66 4.82 68.98
N PHE B 833 -23.98 5.35 67.80
CA PHE B 833 -23.36 6.59 67.35
C PHE B 833 -23.66 7.74 68.30
N VAL B 834 -24.90 7.85 68.74
CA VAL B 834 -25.29 8.88 69.70
C VAL B 834 -24.51 8.69 71.01
N GLN B 835 -24.40 7.45 71.47
CA GLN B 835 -23.64 7.19 72.69
C GLN B 835 -22.19 7.61 72.54
N ILE B 836 -21.59 7.34 71.39
CA ILE B 836 -20.21 7.75 71.15
C ILE B 836 -20.08 9.26 71.22
N ILE B 837 -21.00 9.97 70.56
CA ILE B 837 -20.96 11.43 70.56
C ILE B 837 -21.10 11.98 71.97
N GLN B 838 -22.05 11.43 72.74
CA GLN B 838 -22.26 11.91 74.10
C GLN B 838 -21.05 11.64 74.98
N GLU B 839 -20.47 10.45 74.87
CA GLU B 839 -19.35 10.08 75.75
C GLU B 839 -18.11 10.89 75.41
N LEU B 840 -17.84 11.11 74.14
CA LEU B 840 -16.58 11.70 73.70
C LEU B 840 -16.46 13.18 74.06
N SER B 841 -17.56 13.88 74.28
CA SER B 841 -17.52 15.31 74.54
C SER B 841 -17.35 15.66 76.01
N VAL B 842 -17.28 14.66 76.91
CA VAL B 842 -17.20 14.95 78.33
C VAL B 842 -15.84 15.56 78.69
N ASN B 843 -14.79 15.14 78.01
CA ASN B 843 -13.45 15.68 78.25
C ASN B 843 -13.12 16.76 77.24
N MET B 844 -13.91 17.85 77.31
CA MET B 844 -13.76 18.93 76.34
C MET B 844 -12.43 19.66 76.49
N ASP B 845 -11.90 19.73 77.71
CA ASP B 845 -10.66 20.46 77.93
C ASP B 845 -9.51 19.86 77.13
N ALA B 846 -9.39 18.54 77.14
CA ALA B 846 -8.38 17.88 76.32
C ALA B 846 -8.70 17.98 74.85
N GLN B 847 -9.99 17.98 74.50
CA GLN B 847 -10.39 18.06 73.10
C GLN B 847 -10.04 19.42 72.48
N MET B 848 -10.01 20.47 73.30
CA MET B 848 -9.73 21.81 72.77
C MET B 848 -8.37 21.91 72.09
N ARG B 849 -7.39 21.12 72.53
CA ARG B 849 -6.03 21.22 72.02
C ARG B 849 -5.73 20.22 70.90
N PHE B 850 -6.71 19.40 70.50
CA PHE B 850 -6.49 18.39 69.49
C PHE B 850 -6.85 18.93 68.10
N VAL B 851 -6.43 18.18 67.08
CA VAL B 851 -6.78 18.48 65.70
C VAL B 851 -7.99 17.62 65.34
N PRO B 852 -9.13 18.23 65.00
CA PRO B 852 -10.36 17.44 64.76
C PRO B 852 -10.47 16.89 63.33
N LEU B 853 -9.71 15.85 63.05
CA LEU B 853 -9.82 15.12 61.78
C LEU B 853 -10.66 13.87 61.89
N ILE B 854 -10.45 13.07 62.95
CA ILE B 854 -11.35 11.97 63.24
C ILE B 854 -12.74 12.49 63.54
N LEU B 855 -12.83 13.59 64.28
CA LEU B 855 -14.11 14.21 64.57
C LEU B 855 -14.83 14.65 63.31
N ALA B 856 -14.09 15.17 62.33
CA ALA B 856 -14.71 15.59 61.08
C ALA B 856 -15.36 14.41 60.37
N ARG B 857 -14.65 13.28 60.29
CA ARG B 857 -15.21 12.11 59.63
C ARG B 857 -16.42 11.57 60.40
N LEU B 858 -16.34 11.55 61.73
CA LEU B 858 -17.47 11.09 62.52
C LEU B 858 -18.70 11.97 62.29
N LEU B 859 -18.50 13.29 62.27
CA LEU B 859 -19.61 14.21 62.05
C LEU B 859 -20.18 14.06 60.65
N LEU B 860 -19.31 13.86 59.64
CA LEU B 860 -19.79 13.65 58.29
C LEU B 860 -20.63 12.37 58.20
N ILE B 861 -20.18 11.30 58.85
CA ILE B 861 -20.94 10.06 58.82
C ILE B 861 -22.27 10.23 59.54
N PHE B 862 -22.29 10.95 60.66
CA PHE B 862 -23.55 11.21 61.33
C PHE B 862 -24.48 12.02 60.45
N ASP B 863 -23.93 12.99 59.72
CA ASP B 863 -24.73 13.79 58.79
C ASP B 863 -25.38 12.90 57.74
N TYR B 864 -24.58 12.04 57.10
CA TYR B 864 -25.15 11.13 56.10
C TYR B 864 -26.19 10.21 56.73
N LEU B 865 -25.90 9.68 57.91
CA LEU B 865 -26.83 8.77 58.58
C LEU B 865 -28.17 9.47 58.82
N LEU B 866 -28.12 10.74 59.22
CA LEU B 866 -29.34 11.48 59.46
C LEU B 866 -30.08 11.80 58.18
N HIS B 867 -29.36 12.10 57.09
CA HIS B 867 -30.04 12.48 55.85
C HIS B 867 -30.74 11.29 55.20
N GLN B 868 -30.10 10.13 55.16
CA GLN B 868 -30.58 8.99 54.38
C GLN B 868 -30.74 7.76 55.27
N TYR B 869 -31.39 7.94 56.41
CA TYR B 869 -31.55 6.83 57.34
C TYR B 869 -32.47 5.74 56.77
N SER B 870 -33.36 6.09 55.85
CA SER B 870 -34.37 5.15 55.35
C SER B 870 -33.95 4.50 54.04
N LYS B 871 -33.63 5.29 53.02
CA LYS B 871 -33.34 4.79 51.69
C LYS B 871 -31.85 4.94 51.39
N ALA B 872 -31.48 4.58 50.16
CA ALA B 872 -30.11 4.69 49.68
C ALA B 872 -30.12 5.42 48.34
N PRO B 873 -29.20 6.36 48.12
CA PRO B 873 -29.22 7.12 46.85
C PRO B 873 -28.59 6.34 45.72
N VAL B 874 -28.78 6.87 44.50
CA VAL B 874 -28.32 6.21 43.29
C VAL B 874 -26.82 6.42 43.10
N TYR B 875 -26.34 7.63 43.36
CA TYR B 875 -24.93 7.92 43.15
C TYR B 875 -24.05 7.01 44.01
N LEU B 876 -24.51 6.63 45.21
CA LEU B 876 -23.75 5.68 46.01
C LEU B 876 -23.62 4.35 45.29
N PHE B 877 -24.71 3.87 44.70
CA PHE B 877 -24.68 2.62 43.96
C PHE B 877 -23.71 2.69 42.79
N GLU B 878 -23.79 3.75 42.00
CA GLU B 878 -22.95 3.82 40.81
C GLU B 878 -21.49 4.01 41.20
N GLN B 879 -21.23 4.76 42.28
CA GLN B 879 -19.85 4.93 42.75
C GLN B 879 -19.28 3.61 43.22
N VAL B 880 -20.04 2.84 43.98
CA VAL B 880 -19.53 1.56 44.45
C VAL B 880 -19.31 0.62 43.27
N GLN B 881 -20.19 0.66 42.28
CA GLN B 881 -19.97 -0.15 41.08
C GLN B 881 -18.68 0.23 40.38
N HIS B 882 -18.45 1.53 40.21
CA HIS B 882 -17.31 1.98 39.40
C HIS B 882 -15.98 1.79 40.13
N ASN B 883 -15.94 2.13 41.42
CA ASN B 883 -14.66 2.16 42.13
C ASN B 883 -14.21 0.78 42.60
N LEU B 884 -15.14 -0.13 42.85
CA LEU B 884 -14.81 -1.41 43.45
C LEU B 884 -15.12 -2.60 42.54
N LEU B 885 -16.35 -2.71 42.04
CA LEU B 885 -16.76 -3.89 41.31
C LEU B 885 -16.42 -3.85 39.83
N SER B 886 -15.85 -2.76 39.34
CA SER B 886 -15.47 -2.74 37.93
C SER B 886 -14.03 -3.22 37.75
N PRO B 887 -13.72 -3.84 36.61
CA PRO B 887 -12.35 -4.28 36.37
C PRO B 887 -11.41 -3.09 36.29
N PRO B 888 -10.15 -3.25 36.70
CA PRO B 888 -9.16 -2.17 36.69
C PRO B 888 -8.44 -2.05 35.34
N THR B 905 -8.68 6.98 38.51
CA THR B 905 -9.05 7.80 39.66
C THR B 905 -10.42 7.45 40.19
N PRO B 906 -10.60 7.50 41.51
CA PRO B 906 -11.93 7.25 42.09
C PRO B 906 -12.85 8.41 41.82
N LEU B 907 -14.14 8.13 41.93
CA LEU B 907 -15.19 9.13 41.76
C LEU B 907 -15.90 9.32 43.09
N TYR B 908 -16.03 10.57 43.51
CA TYR B 908 -16.62 10.94 44.79
C TYR B 908 -17.29 12.30 44.65
N HIS B 909 -17.70 12.88 45.77
CA HIS B 909 -18.42 14.15 45.81
C HIS B 909 -17.79 15.08 46.83
N GLY B 910 -16.47 15.23 46.75
CA GLY B 910 -15.73 15.90 47.80
C GLY B 910 -16.07 17.37 47.94
N PHE B 911 -15.78 17.88 49.14
CA PHE B 911 -16.00 19.29 49.46
C PHE B 911 -15.23 20.16 48.49
N LYS B 912 -15.92 21.12 47.87
CA LYS B 912 -15.29 21.89 46.80
C LYS B 912 -14.27 22.89 47.35
N GLU B 913 -14.68 23.70 48.33
CA GLU B 913 -13.80 24.76 48.81
C GLU B 913 -12.61 24.21 49.60
N VAL B 914 -12.82 23.19 50.43
CA VAL B 914 -11.73 22.60 51.17
C VAL B 914 -10.72 21.96 50.23
N GLU B 915 -11.22 21.20 49.24
CA GLU B 915 -10.33 20.63 48.23
C GLU B 915 -9.64 21.71 47.42
N GLU B 916 -10.26 22.89 47.27
CA GLU B 916 -9.61 23.97 46.56
C GLU B 916 -8.33 24.41 47.29
N ASN B 917 -8.42 24.57 48.61
CA ASN B 917 -7.24 24.92 49.39
C ASN B 917 -6.22 23.79 49.37
N TRP B 918 -6.68 22.55 49.49
CA TRP B 918 -5.75 21.42 49.48
C TRP B 918 -5.00 21.32 48.17
N SER B 919 -5.69 21.50 47.05
CA SER B 919 -5.04 21.46 45.75
C SER B 919 -4.15 22.67 45.52
N LYS B 920 -4.55 23.84 46.03
CA LYS B 920 -3.72 25.03 45.91
C LYS B 920 -2.39 24.83 46.63
N HIS B 921 -2.43 24.27 47.85
CA HIS B 921 -1.19 24.03 48.57
C HIS B 921 -0.42 22.85 48.01
N PHE B 922 -1.11 21.87 47.42
CA PHE B 922 -0.43 20.78 46.74
C PHE B 922 0.23 21.22 45.44
N SER B 923 -0.23 22.33 44.86
CA SER B 923 0.40 23.01 43.73
C SER B 923 0.35 22.20 42.43
N SER B 924 1.23 21.22 42.27
CA SER B 924 1.48 20.62 40.96
C SER B 924 0.46 19.56 40.57
N ASP B 925 -0.80 19.96 40.39
CA ASP B 925 -1.85 19.27 39.65
C ASP B 925 -1.82 17.75 39.73
N ALA B 926 -1.67 17.19 40.93
CA ALA B 926 -1.68 15.75 41.09
C ALA B 926 -2.89 15.27 41.89
N VAL B 927 -3.05 15.77 43.11
CA VAL B 927 -4.06 15.35 44.08
C VAL B 927 -4.38 13.87 43.89
N PRO B 928 -3.42 12.96 44.05
CA PRO B 928 -3.76 11.55 43.87
C PRO B 928 -4.56 10.99 45.02
N HIS B 929 -4.30 11.45 46.24
CA HIS B 929 -5.05 10.99 47.40
C HIS B 929 -6.01 12.08 47.84
N PRO B 930 -7.32 11.87 47.79
CA PRO B 930 -8.23 12.85 48.42
C PRO B 930 -8.35 12.57 49.91
N ARG B 931 -8.11 13.60 50.72
CA ARG B 931 -8.31 13.50 52.16
C ARG B 931 -9.52 14.27 52.65
N PHE B 932 -10.15 15.06 51.79
CA PHE B 932 -11.36 15.82 52.12
C PHE B 932 -12.43 15.45 51.10
N TYR B 933 -13.35 14.57 51.51
CA TYR B 933 -14.34 14.00 50.62
C TYR B 933 -15.71 14.04 51.28
N CYS B 934 -16.74 14.32 50.49
CA CYS B 934 -18.10 14.35 50.99
C CYS B 934 -18.90 13.25 50.30
N VAL B 935 -19.69 12.53 51.08
CA VAL B 935 -20.48 11.42 50.56
C VAL B 935 -21.77 11.90 49.91
N LEU B 936 -22.45 12.87 50.53
CA LEU B 936 -23.68 13.40 49.96
C LEU B 936 -23.37 14.19 48.69
N SER B 937 -24.29 14.09 47.72
CA SER B 937 -24.15 14.84 46.49
C SER B 937 -24.34 16.34 46.76
N PRO B 938 -23.70 17.20 45.97
CA PRO B 938 -23.89 18.65 46.16
C PRO B 938 -25.30 19.11 45.88
N GLU B 939 -26.11 18.33 45.16
CA GLU B 939 -27.47 18.74 44.84
C GLU B 939 -28.32 18.93 46.09
N ALA B 940 -27.96 18.27 47.18
CA ALA B 940 -28.66 18.44 48.45
C ALA B 940 -28.34 19.76 49.15
N SER B 941 -27.57 20.65 48.51
CA SER B 941 -27.24 21.93 49.14
C SER B 941 -28.48 22.80 49.34
N GLU B 942 -29.51 22.59 48.53
CA GLU B 942 -30.74 23.35 48.68
C GLU B 942 -31.45 23.00 49.98
N ASP B 943 -32.14 23.98 50.55
CA ASP B 943 -32.91 23.76 51.78
C ASP B 943 -34.36 23.41 51.46
N ASN B 946 -31.96 19.40 51.98
CA ASN B 946 -31.66 19.42 53.41
C ASN B 946 -32.87 19.01 54.23
N ARG B 947 -33.63 18.05 53.72
CA ARG B 947 -34.83 17.56 54.40
C ARG B 947 -34.42 16.44 55.36
N LEU B 948 -34.61 16.68 56.65
CA LEU B 948 -34.31 15.69 57.66
C LEU B 948 -35.23 14.48 57.51
N ASP B 949 -34.68 13.30 57.77
CA ASP B 949 -35.44 12.06 57.61
C ASP B 949 -36.42 11.89 58.75
N SER B 950 -37.66 11.54 58.39
CA SER B 950 -38.71 11.39 59.41
C SER B 950 -38.38 10.25 60.37
N VAL B 951 -37.90 9.12 59.86
CA VAL B 951 -37.54 8.01 60.72
C VAL B 951 -36.35 8.39 61.61
N ALA B 952 -35.44 9.22 61.10
CA ALA B 952 -34.30 9.64 61.91
C ALA B 952 -34.75 10.39 63.15
N CYS B 953 -35.60 11.41 62.98
CA CYS B 953 -36.07 12.16 64.14
C CYS B 953 -37.02 11.34 65.00
N ASP B 954 -37.73 10.38 64.39
CA ASP B 954 -38.55 9.48 65.19
C ASP B 954 -37.68 8.65 66.14
N VAL B 955 -36.56 8.15 65.63
CA VAL B 955 -35.61 7.43 66.49
C VAL B 955 -35.02 8.37 67.52
N LEU B 956 -34.69 9.61 67.10
CA LEU B 956 -34.07 10.57 68.01
C LEU B 956 -34.98 10.89 69.19
N PHE B 957 -36.27 11.09 68.93
CA PHE B 957 -37.23 11.50 69.96
C PHE B 957 -37.96 10.28 70.50
N SER B 958 -37.22 9.45 71.23
CA SER B 958 -37.77 8.24 71.82
C SER B 958 -36.83 7.78 72.92
N LYS B 959 -37.08 6.57 73.43
CA LYS B 959 -36.23 5.98 74.45
C LYS B 959 -34.90 5.53 73.83
N LEU B 960 -33.99 5.09 74.69
CA LEU B 960 -32.64 4.63 74.38
C LEU B 960 -31.74 5.76 73.90
N VAL B 961 -32.26 6.98 73.76
CA VAL B 961 -31.46 8.13 73.33
C VAL B 961 -31.89 9.34 74.16
N LYS B 962 -30.91 10.07 74.67
CA LYS B 962 -31.13 11.26 75.49
C LYS B 962 -30.81 12.47 74.62
N TYR B 963 -31.86 13.12 74.11
CA TYR B 963 -31.67 14.17 73.11
C TYR B 963 -31.09 15.44 73.72
N ASP B 964 -31.43 15.74 74.97
CA ASP B 964 -30.97 17.00 75.58
C ASP B 964 -29.46 17.02 75.72
N GLU B 965 -28.88 15.97 76.31
CA GLU B 965 -27.44 15.90 76.45
C GLU B 965 -26.75 15.80 75.10
N LEU B 966 -27.38 15.12 74.13
CA LEU B 966 -26.84 15.08 72.78
C LEU B 966 -26.73 16.48 72.19
N TYR B 967 -27.78 17.29 72.35
CA TYR B 967 -27.76 18.64 71.79
C TYR B 967 -26.75 19.50 72.52
N ALA B 968 -26.66 19.36 73.85
CA ALA B 968 -25.65 20.09 74.61
C ALA B 968 -24.25 19.73 74.15
N ALA B 969 -24.00 18.44 73.89
CA ALA B 969 -22.69 17.99 73.45
C ALA B 969 -22.34 18.58 72.09
N LEU B 970 -23.29 18.56 71.15
CA LEU B 970 -23.02 19.14 69.84
C LEU B 970 -22.85 20.66 69.91
N THR B 971 -23.57 21.33 70.81
CA THR B 971 -23.33 22.76 70.99
C THR B 971 -21.95 23.02 71.55
N ALA B 972 -21.50 22.20 72.51
CA ALA B 972 -20.21 22.42 73.15
C ALA B 972 -19.04 22.06 72.23
N LEU B 973 -19.24 21.10 71.34
CA LEU B 973 -18.14 20.62 70.50
C LEU B 973 -17.64 21.65 69.50
N LEU B 974 -18.30 22.80 69.37
CA LEU B 974 -17.91 23.79 68.38
C LEU B 974 -16.54 24.40 68.66
N ALA B 975 -16.00 24.21 69.86
CA ALA B 975 -14.69 24.75 70.23
C ALA B 975 -13.63 23.64 70.27
N ALA B 976 -13.70 22.70 69.33
CA ALA B 976 -12.81 21.55 69.33
C ALA B 976 -11.40 21.86 68.87
N GLY B 977 -11.15 23.02 68.29
CA GLY B 977 -9.82 23.33 67.81
C GLY B 977 -9.40 24.77 68.04
N SER B 978 -10.03 25.43 69.01
CA SER B 978 -9.72 26.84 69.27
C SER B 978 -8.31 27.02 69.79
N GLN B 979 -7.86 26.11 70.65
CA GLN B 979 -6.57 26.25 71.33
C GLN B 979 -5.41 25.71 70.52
N LEU B 980 -5.65 25.17 69.32
CA LEU B 980 -4.57 24.59 68.54
C LEU B 980 -3.57 25.65 68.10
N ASP B 981 -4.05 26.84 67.71
CA ASP B 981 -3.14 27.87 67.22
C ASP B 981 -2.24 28.41 68.33
N THR B 982 -2.59 28.13 69.59
CA THR B 982 -1.77 28.57 70.71
C THR B 982 -0.94 27.43 71.27
N LYS B 986 2.68 30.15 70.38
CA LYS B 986 3.40 30.17 71.65
C LYS B 986 4.72 29.42 71.53
N GLU B 987 4.67 28.25 70.89
CA GLU B 987 5.87 27.44 70.65
C GLU B 987 6.57 27.83 69.37
N ASN B 988 6.07 28.84 68.65
CA ASN B 988 6.61 29.26 67.36
C ASN B 988 6.59 28.14 66.33
N LYS B 989 5.70 27.16 66.50
CA LYS B 989 5.56 26.07 65.55
C LYS B 989 4.56 26.46 64.47
N ASN B 990 4.84 26.04 63.24
CA ASN B 990 4.03 26.44 62.11
C ASN B 990 2.81 25.53 62.00
N VAL B 991 1.69 26.14 61.61
CA VAL B 991 0.44 25.42 61.38
C VAL B 991 0.46 24.91 59.94
N THR B 992 0.62 23.60 59.79
CA THR B 992 0.73 23.02 58.46
C THR B 992 -0.62 23.09 57.73
N ALA B 993 -0.56 22.87 56.42
CA ALA B 993 -1.76 22.92 55.61
C ALA B 993 -2.78 21.89 56.05
N LEU B 994 -2.32 20.70 56.42
CA LEU B 994 -3.23 19.61 56.78
C LEU B 994 -4.11 20.01 57.96
N GLU B 995 -3.51 20.58 59.02
CA GLU B 995 -4.27 20.88 60.23
C GLU B 995 -5.25 22.03 60.00
N ALA B 996 -4.82 23.08 59.30
CA ALA B 996 -5.71 24.20 59.03
C ALA B 996 -6.89 23.76 58.16
N CYS B 997 -6.61 23.00 57.10
CA CYS B 997 -7.68 22.50 56.26
C CYS B 997 -8.61 21.58 57.03
N ALA B 998 -8.06 20.74 57.91
CA ALA B 998 -8.88 19.84 58.71
C ALA B 998 -9.79 20.62 59.65
N LEU B 999 -9.28 21.69 60.25
CA LEU B 999 -10.10 22.45 61.19
C LEU B 999 -11.20 23.21 60.46
N GLN B 1000 -10.88 23.78 59.29
CA GLN B 1000 -11.93 24.41 58.49
C GLN B 1000 -12.98 23.39 58.06
N TYR B 1001 -12.52 22.21 57.64
CA TYR B 1001 -13.41 21.08 57.35
C TYR B 1001 -14.35 20.81 58.52
N TYR B 1002 -13.79 20.67 59.72
CA TYR B 1002 -14.58 20.34 60.89
C TYR B 1002 -15.59 21.42 61.20
N PHE B 1003 -15.17 22.69 61.13
CA PHE B 1003 -16.09 23.78 61.42
C PHE B 1003 -17.24 23.81 60.42
N LEU B 1004 -16.94 23.64 59.14
CA LEU B 1004 -18.01 23.66 58.14
C LEU B 1004 -18.98 22.50 58.34
N ILE B 1005 -18.46 21.31 58.62
CA ILE B 1005 -19.34 20.16 58.83
C ILE B 1005 -20.22 20.35 60.06
N LEU B 1006 -19.63 20.84 61.15
CA LEU B 1006 -20.39 21.05 62.37
C LEU B 1006 -21.43 22.15 62.18
N TRP B 1007 -21.08 23.20 61.44
CA TRP B 1007 -22.03 24.26 61.15
C TRP B 1007 -23.20 23.73 60.34
N ARG B 1008 -22.92 22.87 59.35
CA ARG B 1008 -23.99 22.26 58.57
C ARG B 1008 -24.91 21.43 59.45
N ILE B 1009 -24.35 20.54 60.27
CA ILE B 1009 -25.21 19.63 61.03
C ILE B 1009 -25.99 20.40 62.09
N LEU B 1010 -25.39 21.42 62.70
CA LEU B 1010 -26.09 22.17 63.74
C LEU B 1010 -27.31 22.90 63.19
N GLY B 1011 -27.29 23.27 61.92
CA GLY B 1011 -28.41 23.97 61.30
C GLY B 1011 -29.54 23.09 60.85
N ILE B 1012 -29.44 21.79 61.05
CA ILE B 1012 -30.46 20.84 60.60
C ILE B 1012 -31.25 20.26 61.76
N LEU B 1013 -30.60 20.02 62.89
CA LEU B 1013 -31.25 19.35 64.02
C LEU B 1013 -32.40 20.21 64.56
N PRO B 1014 -33.54 19.60 64.90
CA PRO B 1014 -34.62 20.38 65.52
C PRO B 1014 -34.25 20.76 66.94
N PRO B 1015 -35.00 21.68 67.56
CA PRO B 1015 -34.63 22.15 68.89
C PRO B 1015 -34.92 21.16 70.00
N SER B 1016 -34.19 21.31 71.09
CA SER B 1016 -34.49 20.60 72.33
C SER B 1016 -35.13 21.56 73.34
N LYS B 1017 -36.12 21.05 74.06
CA LYS B 1017 -36.90 21.91 74.96
C LYS B 1017 -36.04 22.54 76.04
N THR B 1018 -34.97 21.85 76.47
CA THR B 1018 -34.12 22.40 77.51
C THR B 1018 -33.40 23.68 77.06
N TYR B 1019 -33.00 23.76 75.80
CA TYR B 1019 -32.32 24.95 75.33
C TYR B 1019 -33.30 26.12 75.15
N ILE B 1020 -34.53 25.82 74.73
CA ILE B 1020 -35.55 26.87 74.65
C ILE B 1020 -35.85 27.41 76.05
N ASN B 1021 -35.94 26.51 77.04
CA ASN B 1021 -36.09 26.97 78.41
C ASN B 1021 -34.84 27.71 78.90
N GLN B 1022 -33.67 27.34 78.38
CA GLN B 1022 -32.42 27.97 78.80
C GLN B 1022 -32.32 29.39 78.25
N LEU B 1023 -33.00 29.70 77.14
CA LEU B 1023 -32.91 31.02 76.55
C LEU B 1023 -34.18 31.84 76.68
N SER B 1024 -35.29 31.24 77.13
CA SER B 1024 -36.60 31.82 76.84
C SER B 1024 -36.91 33.01 77.72
N MET B 1025 -36.88 32.84 79.05
CA MET B 1025 -37.12 33.97 79.96
C MET B 1025 -35.82 34.71 80.30
N ASN B 1026 -34.68 34.04 80.19
CA ASN B 1026 -33.40 34.67 80.46
C ASN B 1026 -32.31 33.89 79.76
N SER B 1027 -31.13 34.52 79.66
CA SER B 1027 -29.99 33.96 78.94
C SER B 1027 -28.74 33.99 79.83
N PRO B 1028 -28.61 33.06 80.76
CA PRO B 1028 -27.47 33.05 81.68
C PRO B 1028 -26.34 32.11 81.23
N GLU B 1029 -25.17 32.36 81.81
CA GLU B 1029 -23.96 31.52 81.70
C GLU B 1029 -23.79 30.90 80.30
N MET B 1030 -23.66 31.77 79.31
CA MET B 1030 -23.42 31.36 77.94
C MET B 1030 -21.98 31.62 77.52
N SER B 1031 -21.49 30.85 76.54
CA SER B 1031 -20.12 30.91 76.08
C SER B 1031 -20.07 31.36 74.61
N GLU B 1032 -18.88 31.28 74.02
CA GLU B 1032 -18.69 31.73 72.65
C GLU B 1032 -19.48 30.87 71.67
N CYS B 1033 -19.33 29.54 71.75
CA CYS B 1033 -20.08 28.66 70.88
C CYS B 1033 -21.58 28.80 71.12
N ASP B 1034 -21.96 28.94 72.39
CA ASP B 1034 -23.36 29.24 72.71
C ASP B 1034 -23.79 30.54 72.03
N ILE B 1035 -22.91 31.53 71.98
CA ILE B 1035 -23.25 32.80 71.34
C ILE B 1035 -23.47 32.61 69.85
N LEU B 1036 -22.59 31.85 69.19
CA LEU B 1036 -22.74 31.63 67.76
C LEU B 1036 -24.02 30.87 67.45
N HIS B 1037 -24.32 29.83 68.22
CA HIS B 1037 -25.55 29.09 67.98
C HIS B 1037 -26.78 29.95 68.25
N THR B 1038 -26.76 30.69 69.36
CA THR B 1038 -27.89 31.52 69.74
C THR B 1038 -28.13 32.63 68.74
N LEU B 1039 -27.07 33.20 68.16
CA LEU B 1039 -27.24 34.28 67.20
C LEU B 1039 -27.93 33.77 65.93
N ARG B 1040 -27.46 32.65 65.38
CA ARG B 1040 -28.06 32.14 64.16
C ARG B 1040 -29.48 31.69 64.40
N TRP B 1041 -29.78 31.14 65.58
CA TRP B 1041 -31.15 30.71 65.83
C TRP B 1041 -32.07 31.89 66.17
N SER B 1042 -31.52 32.94 66.79
CA SER B 1042 -32.31 34.14 67.02
C SER B 1042 -32.68 34.81 65.71
N SER B 1043 -31.76 34.82 64.76
CA SER B 1043 -32.10 35.29 63.42
C SER B 1043 -33.04 34.33 62.72
N ARG B 1044 -32.91 33.03 62.99
CA ARG B 1044 -33.69 32.04 62.26
C ARG B 1044 -35.17 32.10 62.66
N LEU B 1045 -35.45 32.18 63.96
CA LEU B 1045 -36.83 32.16 64.43
C LEU B 1045 -37.48 33.55 64.45
N ARG B 1046 -37.40 34.28 63.35
CA ARG B 1046 -38.01 35.61 63.26
C ARG B 1046 -39.06 35.69 62.16
N ILE B 1047 -38.69 35.46 60.90
CA ILE B 1047 -39.61 35.70 59.80
C ILE B 1047 -39.64 34.51 58.84
N SER B 1048 -38.67 33.61 58.96
CA SER B 1048 -38.45 32.58 57.95
C SER B 1048 -39.34 31.36 58.13
N SER B 1049 -40.42 31.48 58.90
CA SER B 1049 -41.40 30.42 59.10
C SER B 1049 -40.78 29.16 59.70
N TYR B 1050 -39.69 29.30 60.45
CA TYR B 1050 -39.19 28.19 61.24
C TYR B 1050 -39.99 27.97 62.51
N VAL B 1051 -40.89 28.90 62.86
CA VAL B 1051 -41.66 28.79 64.09
C VAL B 1051 -42.58 27.58 64.04
N ASN B 1052 -43.24 27.36 62.90
CA ASN B 1052 -44.10 26.19 62.76
C ASN B 1052 -43.29 24.91 62.86
N TRP B 1053 -42.11 24.87 62.24
CA TRP B 1053 -41.24 23.71 62.35
C TRP B 1053 -40.87 23.44 63.80
N ILE B 1054 -40.50 24.49 64.53
CA ILE B 1054 -40.11 24.34 65.93
C ILE B 1054 -41.28 23.85 66.77
N LYS B 1055 -42.47 24.42 66.56
CA LYS B 1055 -43.61 23.98 67.38
C LYS B 1055 -44.03 22.56 67.05
N ASP B 1056 -43.95 22.17 65.77
CA ASP B 1056 -44.24 20.80 65.41
C ASP B 1056 -43.25 19.84 66.05
N HIS B 1057 -41.98 20.21 66.08
CA HIS B 1057 -41.00 19.33 66.71
C HIS B 1057 -41.13 19.32 68.23
N LEU B 1058 -41.59 20.44 68.82
CA LEU B 1058 -41.84 20.45 70.25
C LEU B 1058 -43.09 19.67 70.60
N ILE B 1059 -44.01 19.49 69.65
CA ILE B 1059 -45.10 18.55 69.85
C ILE B 1059 -44.57 17.15 70.10
N LYS B 1060 -43.58 16.74 69.30
CA LYS B 1060 -42.85 15.52 69.58
C LYS B 1060 -42.05 15.67 70.87
N GLN B 1061 -41.47 14.56 71.31
CA GLN B 1061 -40.63 14.47 72.51
C GLN B 1061 -41.43 14.76 73.79
N GLY B 1062 -42.74 14.98 73.65
CA GLY B 1062 -43.61 15.07 74.81
C GLY B 1062 -43.90 16.45 75.38
N MET B 1063 -44.36 17.38 74.55
CA MET B 1063 -44.88 18.65 75.03
C MET B 1063 -46.06 19.04 74.15
N LYS B 1064 -47.16 19.43 74.76
CA LYS B 1064 -48.37 19.77 74.01
C LYS B 1064 -48.27 21.20 73.45
N ALA B 1065 -49.26 21.53 72.60
CA ALA B 1065 -49.20 22.79 71.84
C ALA B 1065 -49.35 24.00 72.74
N GLU B 1066 -50.10 23.89 73.84
CA GLU B 1066 -50.35 25.04 74.69
C GLU B 1066 -49.06 25.60 75.26
N HIS B 1067 -48.17 24.72 75.73
CA HIS B 1067 -46.89 25.20 76.26
C HIS B 1067 -45.96 25.65 75.14
N ALA B 1068 -45.94 24.92 74.03
CA ALA B 1068 -45.01 25.24 72.95
C ALA B 1068 -45.30 26.61 72.35
N SER B 1069 -46.58 26.91 72.11
CA SER B 1069 -46.94 28.20 71.53
C SER B 1069 -46.58 29.34 72.46
N SER B 1070 -46.85 29.18 73.76
CA SER B 1070 -46.53 30.24 74.70
C SER B 1070 -45.03 30.45 74.81
N LEU B 1071 -44.26 29.37 74.87
CA LEU B 1071 -42.81 29.49 74.94
C LEU B 1071 -42.25 30.16 73.70
N LEU B 1072 -42.75 29.78 72.52
CA LEU B 1072 -42.28 30.41 71.28
C LEU B 1072 -42.65 31.89 71.24
N GLU B 1073 -43.85 32.23 71.71
CA GLU B 1073 -44.28 33.63 71.72
C GLU B 1073 -43.42 34.46 72.66
N LEU B 1074 -43.12 33.95 73.84
CA LEU B 1074 -42.38 34.73 74.83
C LEU B 1074 -40.87 34.63 74.65
N ALA B 1075 -40.38 33.74 73.78
CA ALA B 1075 -38.94 33.63 73.56
C ALA B 1075 -38.40 34.83 72.80
N SER B 1076 -39.13 35.29 71.77
CA SER B 1076 -38.71 36.41 70.96
C SER B 1076 -39.83 37.44 70.92
N THR B 1077 -39.49 38.70 71.18
CA THR B 1077 -40.47 39.79 71.16
C THR B 1077 -39.95 40.97 70.35
N SER B 1082 -37.52 42.79 69.02
CA SER B 1082 -36.56 42.03 68.21
C SER B 1082 -35.18 42.66 68.28
N VAL B 1083 -35.12 43.98 68.04
CA VAL B 1083 -33.84 44.68 68.10
C VAL B 1083 -33.32 44.72 69.54
N LYS B 1084 -34.24 44.85 70.51
CA LYS B 1084 -33.84 44.97 71.91
C LYS B 1084 -33.09 43.72 72.39
N TYR B 1085 -33.58 42.54 72.02
CA TYR B 1085 -32.90 41.30 72.40
C TYR B 1085 -31.49 41.25 71.83
N ASP B 1086 -31.35 41.61 70.55
CA ASP B 1086 -30.04 41.60 69.91
C ASP B 1086 -29.08 42.54 70.59
N VAL B 1087 -29.50 43.80 70.80
CA VAL B 1087 -28.59 44.78 71.37
C VAL B 1087 -28.25 44.42 72.81
N GLU B 1088 -29.22 43.87 73.56
CA GLU B 1088 -28.94 43.46 74.93
C GLU B 1088 -27.88 42.36 74.98
N ILE B 1089 -28.05 41.32 74.16
CA ILE B 1089 -27.10 40.22 74.20
C ILE B 1089 -25.73 40.66 73.72
N VAL B 1090 -25.68 41.54 72.71
CA VAL B 1090 -24.37 41.97 72.21
C VAL B 1090 -23.71 42.93 73.18
N GLU B 1091 -24.48 43.77 73.87
CA GLU B 1091 -23.89 44.63 74.90
C GLU B 1091 -23.35 43.80 76.05
N GLU B 1092 -24.05 42.74 76.44
CA GLU B 1092 -23.51 41.85 77.46
C GLU B 1092 -22.22 41.20 76.99
N TYR B 1093 -22.17 40.76 75.73
CA TYR B 1093 -20.94 40.20 75.19
C TYR B 1093 -19.81 41.22 75.19
N PHE B 1094 -20.10 42.45 74.79
CA PHE B 1094 -19.08 43.50 74.78
C PHE B 1094 -18.56 43.77 76.19
N ALA B 1095 -19.47 43.82 77.17
CA ALA B 1095 -19.05 44.02 78.55
C ALA B 1095 -18.15 42.89 79.02
N ARG B 1096 -18.51 41.65 78.68
CA ARG B 1096 -17.68 40.52 79.08
C ARG B 1096 -16.29 40.60 78.45
N GLN B 1097 -16.23 40.93 77.15
CA GLN B 1097 -14.93 41.00 76.48
C GLN B 1097 -14.08 42.14 77.04
N ILE B 1098 -14.71 43.29 77.31
CA ILE B 1098 -13.99 44.42 77.87
C ILE B 1098 -13.46 44.07 79.26
N SER B 1099 -14.28 43.42 80.08
CA SER B 1099 -13.81 43.03 81.41
C SER B 1099 -12.67 42.02 81.32
N SER B 1100 -12.75 41.10 80.37
CA SER B 1100 -11.68 40.12 80.20
C SER B 1100 -10.38 40.78 79.78
N PHE B 1101 -10.45 41.76 78.87
CA PHE B 1101 -9.24 42.43 78.40
C PHE B 1101 -8.78 43.56 79.31
N CYS B 1102 -9.58 43.95 80.30
CA CYS B 1102 -9.21 45.04 81.19
C CYS B 1102 -8.07 44.68 82.12
N SER B 1103 -7.81 43.39 82.33
CA SER B 1103 -6.71 42.98 83.20
C SER B 1103 -5.36 43.48 82.71
N ILE B 1104 -5.26 43.81 81.42
CA ILE B 1104 -4.06 44.40 80.84
C ILE B 1104 -4.39 45.84 80.47
N ASP B 1105 -3.60 46.78 80.99
CA ASP B 1105 -3.87 48.20 80.81
C ASP B 1105 -2.54 48.92 80.57
N CYS B 1106 -2.58 50.25 80.67
CA CYS B 1106 -1.43 51.10 80.42
C CYS B 1106 -0.93 50.95 78.99
N THR B 1107 0.33 51.30 78.75
CA THR B 1107 0.93 51.21 77.42
C THR B 1107 2.18 50.32 77.51
N THR B 1108 1.97 49.02 77.38
CA THR B 1108 3.05 48.04 77.41
C THR B 1108 2.90 47.11 76.22
N ILE B 1109 4.03 46.57 75.77
CA ILE B 1109 4.04 45.68 74.61
C ILE B 1109 3.51 44.31 75.03
N LEU B 1110 2.45 43.85 74.38
CA LEU B 1110 1.84 42.57 74.71
C LEU B 1110 2.49 41.46 73.89
N GLN B 1111 2.64 40.29 74.53
CA GLN B 1111 3.23 39.15 73.85
C GLN B 1111 2.19 38.48 72.94
N LEU B 1112 2.68 37.53 72.14
CA LEU B 1112 1.79 36.84 71.21
C LEU B 1112 0.77 36.00 71.96
N HIS B 1113 1.17 35.37 73.07
CA HIS B 1113 0.30 34.42 73.76
C HIS B 1113 -0.94 35.06 74.35
N GLU B 1114 -0.88 36.35 74.71
CA GLU B 1114 -2.04 37.02 75.28
C GLU B 1114 -2.98 37.60 74.23
N ILE B 1115 -2.61 37.49 72.95
CA ILE B 1115 -3.53 37.89 71.87
C ILE B 1115 -4.66 36.88 71.77
N PRO B 1116 -5.91 37.31 71.59
CA PRO B 1116 -7.02 36.35 71.55
C PRO B 1116 -6.87 35.36 70.40
N SER B 1117 -7.35 34.14 70.65
CA SER B 1117 -7.34 33.11 69.62
C SER B 1117 -8.34 33.43 68.53
N LEU B 1118 -8.18 32.75 67.39
CA LEU B 1118 -9.02 33.04 66.22
C LEU B 1118 -10.50 32.87 66.53
N GLN B 1119 -10.84 31.94 67.42
CA GLN B 1119 -12.24 31.69 67.73
C GLN B 1119 -12.91 32.97 68.23
N SER B 1120 -12.35 33.56 69.30
CA SER B 1120 -12.95 34.76 69.87
C SER B 1120 -13.01 35.89 68.85
N ILE B 1121 -12.00 35.97 67.98
CA ILE B 1121 -11.99 37.03 66.97
C ILE B 1121 -13.18 36.87 66.02
N TYR B 1122 -13.43 35.66 65.53
CA TYR B 1122 -14.54 35.55 64.59
C TYR B 1122 -15.89 35.60 65.30
N THR B 1123 -15.99 35.19 66.57
CA THR B 1123 -17.24 35.41 67.29
C THR B 1123 -17.52 36.90 67.44
N LEU B 1124 -16.50 37.68 67.77
CA LEU B 1124 -16.69 39.13 67.89
C LEU B 1124 -17.07 39.73 66.54
N ASP B 1125 -16.43 39.28 65.46
CA ASP B 1125 -16.75 39.80 64.14
C ASP B 1125 -18.19 39.49 63.76
N ALA B 1126 -18.64 38.26 64.03
CA ALA B 1126 -20.03 37.91 63.74
C ALA B 1126 -20.99 38.77 64.56
N ALA B 1127 -20.67 39.00 65.83
CA ALA B 1127 -21.55 39.81 66.67
C ALA B 1127 -21.66 41.23 66.12
N ILE B 1128 -20.54 41.86 65.77
CA ILE B 1128 -20.62 43.23 65.27
C ILE B 1128 -21.31 43.26 63.92
N SER B 1129 -21.11 42.24 63.08
CA SER B 1129 -21.79 42.22 61.79
C SER B 1129 -23.30 42.15 61.96
N LYS B 1130 -23.78 41.28 62.86
CA LYS B 1130 -25.22 41.21 63.09
C LYS B 1130 -25.75 42.51 63.68
N VAL B 1131 -25.01 43.12 64.60
CA VAL B 1131 -25.47 44.38 65.17
C VAL B 1131 -25.58 45.45 64.09
N GLN B 1132 -24.57 45.53 63.22
CA GLN B 1132 -24.62 46.50 62.13
C GLN B 1132 -25.82 46.26 61.22
N VAL B 1133 -26.05 45.00 60.85
CA VAL B 1133 -27.15 44.70 59.92
C VAL B 1133 -28.49 45.04 60.56
N SER B 1134 -28.70 44.60 61.80
CA SER B 1134 -29.98 44.82 62.47
C SER B 1134 -30.22 46.30 62.72
N LEU B 1135 -29.20 47.02 63.18
CA LEU B 1135 -29.36 48.45 63.40
C LEU B 1135 -29.64 49.19 62.10
N ASP B 1136 -28.96 48.78 61.02
CA ASP B 1136 -29.20 49.44 59.74
C ASP B 1136 -30.62 49.20 59.25
N GLU B 1137 -31.13 47.97 59.37
CA GLU B 1137 -32.51 47.74 58.92
C GLU B 1137 -33.50 48.47 59.81
N HIS B 1138 -33.24 48.54 61.12
CA HIS B 1138 -34.13 49.26 62.03
C HIS B 1138 -34.17 50.75 61.69
N PHE B 1139 -33.02 51.34 61.40
CA PHE B 1139 -33.01 52.77 61.07
C PHE B 1139 -33.43 53.04 59.64
N SER B 1140 -33.38 52.04 58.76
CA SER B 1140 -33.93 52.21 57.42
C SER B 1140 -35.46 52.17 57.45
N LYS B 1141 -36.03 51.27 58.25
CA LYS B 1141 -37.48 51.26 58.42
C LYS B 1141 -37.95 52.41 59.30
N MET B 1142 -37.04 53.14 59.93
CA MET B 1142 -37.40 54.27 60.77
C MET B 1142 -37.25 55.58 60.00
N GLU B 1153 -32.35 55.89 72.51
CA GLU B 1153 -32.09 55.53 73.89
C GLU B 1153 -31.62 54.08 74.01
N ILE B 1154 -31.81 53.32 72.93
CA ILE B 1154 -31.37 51.92 72.94
C ILE B 1154 -29.88 51.78 72.70
N THR B 1155 -29.24 52.80 72.12
CA THR B 1155 -27.80 52.80 71.87
C THR B 1155 -27.03 53.63 72.89
N LYS B 1156 -27.63 53.88 74.06
CA LYS B 1156 -27.03 54.76 75.06
C LYS B 1156 -25.71 54.21 75.60
N ASN B 1157 -25.50 52.90 75.56
CA ASN B 1157 -24.28 52.30 76.08
C ASN B 1157 -23.39 51.68 75.01
N LEU B 1158 -23.83 51.66 73.75
CA LEU B 1158 -23.04 51.00 72.71
C LEU B 1158 -21.75 51.77 72.41
N LEU B 1159 -21.83 53.10 72.36
CA LEU B 1159 -20.69 53.90 71.94
C LEU B 1159 -19.48 53.76 72.86
N PRO B 1160 -19.59 53.91 74.19
CA PRO B 1160 -18.37 53.82 75.01
C PRO B 1160 -17.71 52.46 74.95
N ALA B 1161 -18.48 51.39 75.09
CA ALA B 1161 -17.91 50.05 75.01
C ALA B 1161 -17.30 49.79 73.64
N THR B 1162 -17.96 50.26 72.58
CA THR B 1162 -17.44 50.07 71.24
C THR B 1162 -16.08 50.75 71.07
N LEU B 1163 -15.97 52.00 71.55
CA LEU B 1163 -14.71 52.71 71.38
C LEU B 1163 -13.60 52.12 72.26
N GLN B 1164 -13.95 51.66 73.46
CA GLN B 1164 -12.96 50.97 74.29
C GLN B 1164 -12.45 49.71 73.59
N LEU B 1165 -13.37 48.94 72.99
CA LEU B 1165 -12.96 47.75 72.25
C LEU B 1165 -12.08 48.12 71.06
N ILE B 1166 -12.41 49.22 70.38
CA ILE B 1166 -11.60 49.67 69.25
C ILE B 1166 -10.19 50.01 69.71
N ASP B 1167 -10.06 50.72 70.82
CA ASP B 1167 -8.74 51.05 71.35
C ASP B 1167 -7.97 49.78 71.73
N THR B 1168 -8.64 48.83 72.38
CA THR B 1168 -7.99 47.58 72.75
C THR B 1168 -7.50 46.83 71.52
N TYR B 1169 -8.32 46.79 70.47
CA TYR B 1169 -7.93 46.04 69.28
C TYR B 1169 -6.82 46.75 68.51
N ALA B 1170 -6.82 48.09 68.53
CA ALA B 1170 -5.72 48.83 67.92
C ALA B 1170 -4.40 48.54 68.64
N SER B 1171 -4.42 48.54 69.98
CA SER B 1171 -3.22 48.17 70.70
C SER B 1171 -2.83 46.72 70.41
N PHE B 1172 -3.83 45.85 70.23
CA PHE B 1172 -3.55 44.44 69.94
C PHE B 1172 -2.82 44.29 68.61
N THR B 1173 -3.31 44.97 67.56
CA THR B 1173 -2.65 44.84 66.27
C THR B 1173 -1.28 45.52 66.27
N ARG B 1174 -1.14 46.62 67.02
CA ARG B 1174 0.17 47.23 67.19
C ARG B 1174 1.15 46.24 67.80
N ALA B 1175 0.72 45.55 68.86
CA ALA B 1175 1.58 44.57 69.52
C ALA B 1175 1.90 43.40 68.59
N TYR B 1176 0.91 42.96 67.81
CA TYR B 1176 1.16 41.86 66.87
C TYR B 1176 2.21 42.25 65.84
N LEU B 1177 2.13 43.47 65.31
CA LEU B 1177 3.16 43.92 64.37
C LEU B 1177 4.52 44.03 65.06
N LEU B 1178 4.54 44.56 66.28
CA LEU B 1178 5.81 44.81 66.96
C LEU B 1178 6.52 43.52 67.31
N GLN B 1179 5.83 42.58 67.96
CA GLN B 1179 6.48 41.41 68.51
C GLN B 1179 6.98 40.44 67.45
N ASN B 1180 6.53 40.58 66.21
CA ASN B 1180 6.96 39.73 65.12
C ASN B 1180 8.20 40.24 64.41
N PHE B 1181 8.79 41.33 64.91
CA PHE B 1181 9.93 41.95 64.25
C PHE B 1181 11.22 41.16 64.49
N LYS B 1189 17.02 37.86 68.47
CA LYS B 1189 15.97 38.32 69.37
C LYS B 1189 16.18 39.77 69.75
N PRO B 1190 15.40 40.67 69.15
CA PRO B 1190 15.53 42.10 69.47
C PRO B 1190 15.22 42.39 70.92
N SER B 1191 15.92 43.38 71.47
CA SER B 1191 15.76 43.77 72.86
C SER B 1191 14.51 44.61 73.05
N LYS B 1192 14.07 44.70 74.31
CA LYS B 1192 12.82 45.40 74.61
C LYS B 1192 12.97 46.91 74.53
N GLU B 1193 14.15 47.44 74.84
CA GLU B 1193 14.33 48.89 74.81
C GLU B 1193 14.22 49.43 73.40
N LYS B 1194 14.96 48.83 72.46
CA LYS B 1194 14.82 49.24 71.07
C LYS B 1194 13.46 48.85 70.51
N LEU B 1195 12.79 47.86 71.10
CA LEU B 1195 11.41 47.59 70.72
C LEU B 1195 10.50 48.76 71.09
N GLN B 1196 10.68 49.33 72.28
CA GLN B 1196 9.91 50.51 72.66
C GLN B 1196 10.28 51.70 71.77
N GLY B 1197 11.54 51.82 71.40
CA GLY B 1197 11.92 52.87 70.46
C GLY B 1197 11.24 52.71 69.11
N PHE B 1198 11.17 51.47 68.62
CA PHE B 1198 10.48 51.20 67.37
C PHE B 1198 9.00 51.51 67.49
N ALA B 1199 8.40 51.18 68.65
CA ALA B 1199 7.03 51.57 68.90
C ALA B 1199 6.85 53.08 68.82
N ALA B 1200 7.78 53.82 69.42
CA ALA B 1200 7.69 55.28 69.42
C ALA B 1200 7.77 55.84 68.01
N VAL B 1201 8.70 55.35 67.20
CA VAL B 1201 8.84 55.89 65.84
C VAL B 1201 7.64 55.49 64.98
N LEU B 1202 7.18 54.25 65.14
CA LEU B 1202 6.04 53.77 64.33
C LEU B 1202 4.73 54.39 64.75
N ALA B 1203 4.59 54.86 66.00
CA ALA B 1203 3.36 55.48 66.42
C ALA B 1203 3.05 56.74 65.62
N ILE B 1204 4.09 57.40 65.10
CA ILE B 1204 3.92 58.58 64.28
C ILE B 1204 4.25 58.27 62.81
N GLY B 1205 4.07 57.01 62.41
CA GLY B 1205 4.33 56.62 61.03
C GLY B 1205 3.15 56.90 60.13
N SER B 1206 2.76 55.90 59.34
CA SER B 1206 1.60 55.95 58.44
C SER B 1206 1.83 56.90 57.27
N SER B 1207 1.22 56.58 56.13
CA SER B 1207 1.33 57.41 54.94
C SER B 1207 -0.01 57.67 54.27
N ARG B 1208 -1.06 56.97 54.65
CA ARG B 1208 -2.38 57.16 54.06
C ARG B 1208 -2.99 58.52 54.40
N CYS B 1209 -2.46 59.22 55.40
CA CYS B 1209 -2.94 60.54 55.77
C CYS B 1209 -2.00 61.60 55.19
N LYS B 1210 -2.56 62.54 54.44
CA LYS B 1210 -1.78 63.59 53.81
C LYS B 1210 -1.30 64.66 54.78
N ALA B 1211 -1.95 64.79 55.94
CA ALA B 1211 -1.64 65.87 56.86
C ALA B 1211 -0.20 65.80 57.35
N ASN B 1212 0.28 64.59 57.69
CA ASN B 1212 1.64 64.45 58.15
C ASN B 1212 2.60 64.33 56.96
N THR B 1213 3.88 64.51 57.25
CA THR B 1213 4.92 64.42 56.24
C THR B 1213 6.09 63.53 56.67
N LEU B 1214 6.38 63.47 57.98
CA LEU B 1214 7.49 62.68 58.46
C LEU B 1214 7.26 61.19 58.23
N GLY B 1215 6.02 60.74 58.45
CA GLY B 1215 5.71 59.33 58.48
C GLY B 1215 6.44 58.46 57.48
N PRO B 1216 6.22 58.74 56.18
CA PRO B 1216 6.87 57.89 55.16
C PRO B 1216 8.38 57.83 55.29
N THR B 1217 9.05 58.98 55.41
CA THR B 1217 10.51 59.00 55.39
C THR B 1217 11.10 58.38 56.65
N LEU B 1218 10.55 58.71 57.82
CA LEU B 1218 11.08 58.13 59.05
C LEU B 1218 10.78 56.64 59.16
N VAL B 1219 9.69 56.19 58.53
CA VAL B 1219 9.46 54.76 58.44
C VAL B 1219 10.47 54.11 57.51
N GLN B 1220 10.75 54.73 56.36
CA GLN B 1220 11.58 54.12 55.33
C GLN B 1220 13.07 54.14 55.66
N ASN B 1221 13.54 55.10 56.45
CA ASN B 1221 14.99 55.22 56.63
C ASN B 1221 15.58 54.15 57.55
N LEU B 1222 14.76 53.39 58.27
CA LEU B 1222 15.29 52.29 59.05
C LEU B 1222 15.82 51.20 58.11
N PRO B 1223 16.92 50.52 58.48
CA PRO B 1223 17.67 49.78 57.46
C PRO B 1223 16.94 48.59 56.84
N SER B 1224 16.58 47.58 57.63
CA SER B 1224 15.94 46.39 57.06
C SER B 1224 14.79 45.83 57.86
N SER B 1225 14.76 46.00 59.19
CA SER B 1225 13.84 45.23 60.02
C SER B 1225 12.40 45.62 59.78
N VAL B 1226 12.13 46.91 59.64
CA VAL B 1226 10.77 47.41 59.54
C VAL B 1226 10.41 47.76 58.09
N GLN B 1227 11.11 47.19 57.11
CA GLN B 1227 10.77 47.39 55.72
C GLN B 1227 10.20 46.13 55.08
N THR B 1228 10.96 45.03 55.07
CA THR B 1228 10.45 43.80 54.48
C THR B 1228 9.24 43.28 55.27
N VAL B 1229 9.36 43.27 56.60
CA VAL B 1229 8.27 42.81 57.44
C VAL B 1229 7.06 43.73 57.30
N CYS B 1230 7.29 45.05 57.29
CA CYS B 1230 6.18 45.99 57.19
C CYS B 1230 5.44 45.85 55.87
N GLU B 1231 6.18 45.69 54.77
CA GLU B 1231 5.51 45.58 53.47
C GLU B 1231 4.85 44.22 53.30
N SER B 1232 5.44 43.15 53.85
CA SER B 1232 4.77 41.86 53.81
C SER B 1232 3.48 41.88 54.61
N TRP B 1233 3.49 42.57 55.76
CA TRP B 1233 2.28 42.67 56.57
C TRP B 1233 1.26 43.62 55.95
N ASN B 1234 1.73 44.59 55.17
CA ASN B 1234 0.81 45.54 54.53
C ASN B 1234 0.24 45.02 53.22
N ASN B 1235 0.67 43.86 52.76
CA ASN B 1235 0.17 43.30 51.51
C ASN B 1235 -0.96 42.30 51.70
N ILE B 1236 -1.45 42.12 52.93
CA ILE B 1236 -2.57 41.24 53.19
C ILE B 1236 -3.86 41.96 52.81
N ASN B 1237 -4.35 41.69 51.60
CA ASN B 1237 -5.60 42.26 51.14
C ASN B 1237 -6.78 41.50 51.72
N THR B 1238 -7.80 42.23 52.17
CA THR B 1238 -8.97 41.67 52.80
C THR B 1238 -10.17 41.63 51.86
N ASN B 1239 -9.92 41.44 50.56
CA ASN B 1239 -10.99 41.46 49.58
C ASN B 1239 -11.83 40.19 49.62
N GLU B 1240 -11.28 39.07 50.08
CA GLU B 1240 -12.05 37.83 50.14
C GLU B 1240 -13.23 37.94 51.10
N PHE B 1241 -13.19 38.90 52.01
CA PHE B 1241 -14.32 39.15 52.89
C PHE B 1241 -15.45 39.79 52.10
N PRO B 1242 -16.69 39.66 52.59
CA PRO B 1242 -17.81 40.32 51.91
C PRO B 1242 -17.65 41.83 51.92
N ASN B 1243 -18.25 42.48 50.93
CA ASN B 1243 -18.07 43.91 50.71
C ASN B 1243 -18.85 44.70 51.76
N ILE B 1244 -18.90 46.02 51.58
CA ILE B 1244 -19.50 46.90 52.59
C ILE B 1244 -20.99 46.60 52.73
N GLY B 1245 -21.74 46.77 51.65
CA GLY B 1245 -23.17 46.56 51.68
C GLY B 1245 -23.63 45.38 50.85
N SER B 1246 -22.81 44.33 50.80
CA SER B 1246 -23.17 43.14 50.05
C SER B 1246 -24.42 42.47 50.59
N TRP B 1247 -24.75 42.71 51.85
CA TRP B 1247 -25.96 42.14 52.45
C TRP B 1247 -27.24 42.80 51.95
N ARG B 1248 -27.15 43.94 51.27
CA ARG B 1248 -28.32 44.63 50.78
C ARG B 1248 -28.70 44.24 49.36
N ASN B 1249 -27.72 43.91 48.52
CA ASN B 1249 -27.97 43.60 47.12
C ASN B 1249 -27.84 42.11 46.81
N ALA B 1250 -26.70 41.51 47.13
CA ALA B 1250 -26.42 40.14 46.75
C ALA B 1250 -26.91 39.11 47.76
N PHE B 1251 -27.32 39.55 48.95
CA PHE B 1251 -27.73 38.62 50.01
C PHE B 1251 -29.18 38.79 50.44
N ALA B 1252 -29.91 39.76 49.89
CA ALA B 1252 -31.30 40.00 50.28
C ALA B 1252 -32.27 39.06 49.57
N ASN B 1253 -31.82 38.30 48.58
CA ASN B 1253 -32.71 37.38 47.87
C ASN B 1253 -33.22 36.28 48.80
N ASP B 1254 -32.35 35.77 49.66
CA ASP B 1254 -32.72 34.67 50.55
C ASP B 1254 -33.61 35.18 51.70
N THR B 1255 -34.10 34.21 52.48
CA THR B 1255 -35.05 34.53 53.54
C THR B 1255 -34.43 35.40 54.63
N ILE B 1256 -33.23 35.06 55.07
CA ILE B 1256 -32.59 35.78 56.17
C ILE B 1256 -31.22 36.29 55.70
N PRO B 1257 -31.14 37.52 55.19
CA PRO B 1257 -29.84 38.01 54.69
C PRO B 1257 -28.75 38.07 55.75
N SER B 1258 -29.12 38.33 57.01
CA SER B 1258 -28.13 38.40 58.07
C SER B 1258 -27.41 37.07 58.26
N GLU B 1259 -28.15 35.96 58.20
CA GLU B 1259 -27.53 34.64 58.34
C GLU B 1259 -26.52 34.39 57.22
N SER B 1260 -26.88 34.73 55.99
CA SER B 1260 -25.96 34.55 54.87
C SER B 1260 -24.72 35.43 55.04
N TYR B 1261 -24.91 36.67 55.50
CA TYR B 1261 -23.77 37.56 55.72
C TYR B 1261 -22.84 36.99 56.79
N ILE B 1262 -23.41 36.48 57.88
CA ILE B 1262 -22.59 35.88 58.93
C ILE B 1262 -21.84 34.67 58.40
N SER B 1263 -22.51 33.85 57.59
CA SER B 1263 -21.85 32.68 57.03
C SER B 1263 -20.69 33.06 56.12
N ALA B 1264 -20.89 34.09 55.29
CA ALA B 1264 -19.81 34.55 54.42
C ALA B 1264 -18.63 35.09 55.23
N VAL B 1265 -18.91 35.89 56.26
CA VAL B 1265 -17.85 36.42 57.11
C VAL B 1265 -17.10 35.28 57.79
N GLN B 1266 -17.82 34.28 58.29
CA GLN B 1266 -17.19 33.16 58.97
C GLN B 1266 -16.32 32.36 58.01
N ALA B 1267 -16.80 32.13 56.79
CA ALA B 1267 -15.99 31.43 55.80
C ALA B 1267 -14.73 32.21 55.48
N ALA B 1268 -14.84 33.53 55.36
CA ALA B 1268 -13.67 34.35 55.13
C ALA B 1268 -12.68 34.22 56.28
N HIS B 1269 -13.17 34.19 57.52
CA HIS B 1269 -12.28 34.07 58.67
C HIS B 1269 -11.57 32.72 58.68
N LEU B 1270 -12.29 31.62 58.43
CA LEU B 1270 -11.63 30.33 58.36
C LEU B 1270 -10.67 30.24 57.18
N GLY B 1271 -10.88 31.05 56.13
CA GLY B 1271 -10.00 30.97 54.97
C GLY B 1271 -8.57 31.39 55.25
N THR B 1272 -8.33 32.16 56.31
CA THR B 1272 -7.01 32.72 56.54
C THR B 1272 -6.04 31.73 57.19
N LEU B 1273 -6.54 30.63 57.75
CA LEU B 1273 -5.67 29.73 58.50
C LEU B 1273 -4.65 29.03 57.61
N CYS B 1274 -4.89 28.93 56.31
CA CYS B 1274 -3.95 28.26 55.43
C CYS B 1274 -2.63 29.01 55.32
N SER B 1275 -2.61 30.30 55.64
CA SER B 1275 -1.38 31.08 55.55
C SER B 1275 -0.36 30.61 56.58
N GLN B 1276 0.92 30.82 56.26
CA GLN B 1276 2.00 30.43 57.14
C GLN B 1276 2.89 31.59 57.57
N SER B 1277 2.73 32.77 56.98
CA SER B 1277 3.56 33.92 57.34
C SER B 1277 2.90 34.79 58.41
N LEU B 1278 1.72 35.31 58.13
CA LEU B 1278 0.97 36.17 59.06
C LEU B 1278 -0.51 35.84 58.97
N PRO B 1279 -0.93 34.76 59.62
CA PRO B 1279 -2.34 34.32 59.50
C PRO B 1279 -3.33 35.31 60.09
N LEU B 1280 -3.01 35.86 61.26
CA LEU B 1280 -3.96 36.69 61.98
C LEU B 1280 -4.08 38.11 61.42
N ALA B 1281 -3.20 38.49 60.50
CA ALA B 1281 -3.18 39.88 60.03
C ALA B 1281 -4.48 40.26 59.33
N ALA B 1282 -4.94 39.41 58.40
CA ALA B 1282 -6.16 39.72 57.67
C ALA B 1282 -7.36 39.79 58.60
N SER B 1283 -7.44 38.84 59.55
CA SER B 1283 -8.56 38.83 60.48
C SER B 1283 -8.58 40.09 61.33
N LEU B 1284 -7.41 40.49 61.87
CA LEU B 1284 -7.35 41.70 62.68
C LEU B 1284 -7.72 42.94 61.87
N LYS B 1285 -7.19 43.05 60.65
CA LYS B 1285 -7.51 44.20 59.80
C LYS B 1285 -9.00 44.27 59.53
N HIS B 1286 -9.61 43.15 59.18
CA HIS B 1286 -11.03 43.17 58.85
C HIS B 1286 -11.89 43.50 60.06
N THR B 1287 -11.57 42.91 61.22
CA THR B 1287 -12.42 43.19 62.39
C THR B 1287 -12.27 44.64 62.83
N LEU B 1288 -11.05 45.19 62.75
CA LEU B 1288 -10.88 46.60 63.09
C LEU B 1288 -11.64 47.50 62.11
N LEU B 1289 -11.61 47.15 60.82
CA LEU B 1289 -12.35 47.92 59.83
C LEU B 1289 -13.84 47.88 60.09
N SER B 1290 -14.37 46.70 60.41
CA SER B 1290 -15.80 46.60 60.71
C SER B 1290 -16.13 47.36 61.98
N LEU B 1291 -15.25 47.32 62.98
CA LEU B 1291 -15.49 48.04 64.21
C LEU B 1291 -15.58 49.54 63.97
N VAL B 1292 -14.65 50.09 63.19
CA VAL B 1292 -14.66 51.53 62.95
C VAL B 1292 -15.84 51.93 62.07
N ARG B 1293 -16.22 51.07 61.11
CA ARG B 1293 -17.40 51.37 60.31
C ARG B 1293 -18.66 51.37 61.15
N LEU B 1294 -18.78 50.42 62.09
CA LEU B 1294 -19.91 50.41 62.99
C LEU B 1294 -19.90 51.65 63.88
N THR B 1295 -18.71 52.09 64.31
CA THR B 1295 -18.61 53.32 65.08
C THR B 1295 -19.14 54.51 64.29
N GLY B 1296 -18.74 54.61 63.02
CA GLY B 1296 -19.22 55.71 62.18
C GLY B 1296 -20.72 55.66 62.00
N ASP B 1297 -21.27 54.48 61.70
CA ASP B 1297 -22.71 54.37 61.56
C ASP B 1297 -23.43 54.74 62.85
N LEU B 1298 -22.90 54.30 63.99
CA LEU B 1298 -23.54 54.58 65.26
C LEU B 1298 -23.52 56.06 65.58
N ILE B 1299 -22.40 56.75 65.32
CA ILE B 1299 -22.36 58.18 65.60
C ILE B 1299 -23.28 58.91 64.63
N VAL B 1300 -23.45 58.38 63.41
CA VAL B 1300 -24.46 58.95 62.51
C VAL B 1300 -25.85 58.82 63.12
N TRP B 1301 -26.18 57.65 63.67
CA TRP B 1301 -27.54 57.37 64.12
C TRP B 1301 -27.80 57.77 65.57
N SER B 1302 -26.81 58.23 66.32
CA SER B 1302 -26.97 58.48 67.74
C SER B 1302 -27.22 59.95 68.02
N ASP B 1303 -28.25 60.23 68.82
CA ASP B 1303 -28.53 61.61 69.21
C ASP B 1303 -27.51 62.12 70.23
N GLU B 1304 -27.18 61.30 71.23
CA GLU B 1304 -26.21 61.67 72.25
C GLU B 1304 -24.81 61.25 71.79
N MET B 1305 -23.86 62.18 71.91
CA MET B 1305 -22.52 61.94 71.37
C MET B 1305 -21.54 62.82 72.14
N ASN B 1306 -20.50 62.21 72.69
CA ASN B 1306 -19.49 62.92 73.47
C ASN B 1306 -18.26 63.19 72.61
N PRO B 1307 -17.96 64.44 72.29
CA PRO B 1307 -16.82 64.73 71.40
C PRO B 1307 -15.49 64.25 71.95
N PRO B 1308 -15.11 64.61 73.19
CA PRO B 1308 -13.71 64.34 73.59
C PRO B 1308 -13.34 62.88 73.55
N GLN B 1309 -14.24 62.00 73.98
CA GLN B 1309 -13.96 60.57 73.98
C GLN B 1309 -13.64 60.07 72.56
N VAL B 1310 -14.51 60.39 71.61
CA VAL B 1310 -14.35 59.87 70.26
C VAL B 1310 -13.13 60.48 69.60
N ILE B 1311 -12.87 61.79 69.79
CA ILE B 1311 -11.69 62.36 69.15
C ILE B 1311 -10.42 61.74 69.73
N ARG B 1312 -10.36 61.57 71.06
CA ARG B 1312 -9.17 60.98 71.66
C ARG B 1312 -8.94 59.57 71.18
N THR B 1313 -9.98 58.75 71.07
CA THR B 1313 -9.79 57.37 70.65
C THR B 1313 -9.75 57.17 69.13
N LEU B 1314 -10.00 58.22 68.34
CA LEU B 1314 -9.99 58.08 66.90
C LEU B 1314 -8.81 58.77 66.22
N LEU B 1315 -8.29 59.85 66.80
CA LEU B 1315 -7.18 60.57 66.16
C LEU B 1315 -5.95 59.70 65.92
N PRO B 1316 -5.47 58.89 66.87
CA PRO B 1316 -4.26 58.10 66.59
C PRO B 1316 -4.41 57.12 65.43
N LEU B 1317 -5.63 56.75 65.06
CA LEU B 1317 -5.81 55.76 63.98
C LEU B 1317 -5.27 56.28 62.66
N LEU B 1318 -5.51 57.56 62.35
CA LEU B 1318 -5.02 58.12 61.10
C LEU B 1318 -3.50 58.17 61.05
N LEU B 1319 -2.86 58.42 62.19
CA LEU B 1319 -1.43 58.61 62.26
C LEU B 1319 -0.67 57.31 62.53
N GLU B 1320 -1.37 56.19 62.65
CA GLU B 1320 -0.75 54.93 63.03
C GLU B 1320 -0.37 54.14 61.79
N SER B 1321 0.89 53.71 61.73
CA SER B 1321 1.32 52.84 60.64
C SER B 1321 0.71 51.45 60.77
N SER B 1322 0.50 50.98 61.99
CA SER B 1322 -0.13 49.69 62.21
C SER B 1322 -1.57 49.65 61.72
N THR B 1323 -2.19 50.81 61.51
CA THR B 1323 -3.56 50.90 60.98
C THR B 1323 -3.54 51.85 59.79
N GLU B 1324 -3.25 51.31 58.61
CA GLU B 1324 -3.25 52.10 57.38
C GLU B 1324 -4.36 51.72 56.41
N SER B 1325 -4.89 50.50 56.50
CA SER B 1325 -6.03 50.11 55.68
C SER B 1325 -7.35 50.60 56.27
N VAL B 1326 -7.30 51.33 57.37
CA VAL B 1326 -8.50 51.77 58.08
C VAL B 1326 -8.59 53.29 58.19
N ALA B 1327 -7.46 54.01 58.13
CA ALA B 1327 -7.46 55.44 58.43
C ALA B 1327 -8.38 56.23 57.51
N GLU B 1328 -8.65 55.73 56.31
CA GLU B 1328 -9.51 56.46 55.38
C GLU B 1328 -10.93 56.58 55.91
N ILE B 1329 -11.52 55.47 56.33
CA ILE B 1329 -12.91 55.51 56.81
C ILE B 1329 -13.00 56.28 58.12
N SER B 1330 -11.95 56.20 58.95
CA SER B 1330 -11.94 56.97 60.19
C SER B 1330 -11.87 58.47 59.90
N SER B 1331 -11.05 58.86 58.91
CA SER B 1331 -11.00 60.26 58.50
C SER B 1331 -12.35 60.72 57.99
N ASN B 1332 -13.00 59.88 57.17
CA ASN B 1332 -14.32 60.24 56.65
C ASN B 1332 -15.33 60.41 57.78
N SER B 1333 -15.30 59.51 58.77
CA SER B 1333 -16.24 59.60 59.88
C SER B 1333 -16.01 60.83 60.73
N LEU B 1334 -14.75 61.20 60.95
CA LEU B 1334 -14.47 62.36 61.79
C LEU B 1334 -14.73 63.67 61.05
N GLU B 1335 -14.52 63.69 59.72
CA GLU B 1335 -14.58 64.94 58.98
C GLU B 1335 -15.97 65.55 59.03
N ARG B 1336 -17.01 64.74 58.94
CA ARG B 1336 -18.37 65.26 58.92
C ARG B 1336 -18.79 65.80 60.28
N ILE B 1337 -18.04 65.55 61.35
CA ILE B 1337 -18.55 65.88 62.68
C ILE B 1337 -17.66 66.88 63.42
N LEU B 1338 -16.35 66.86 63.20
CA LEU B 1338 -15.49 67.76 63.98
C LEU B 1338 -14.69 68.73 63.13
N GLY B 1339 -14.82 68.72 61.81
CA GLY B 1339 -14.12 69.66 60.98
C GLY B 1339 -13.95 69.22 59.54
N PRO B 1340 -13.99 70.18 58.62
CA PRO B 1340 -13.90 69.86 57.19
C PRO B 1340 -12.51 69.41 56.76
N ALA B 1341 -11.62 69.23 57.74
CA ALA B 1341 -10.28 68.64 57.62
C ALA B 1341 -9.25 69.57 57.00
N GLU B 1342 -9.61 70.81 56.64
CA GLU B 1342 -8.65 71.75 56.07
C GLU B 1342 -8.49 73.01 56.91
N SER B 1343 -9.60 73.63 57.32
CA SER B 1343 -9.53 74.90 58.03
C SER B 1343 -9.86 74.80 59.50
N ASP B 1344 -10.62 73.79 59.92
CA ASP B 1344 -11.05 73.70 61.31
C ASP B 1344 -9.87 73.33 62.21
N GLU B 1345 -10.17 73.17 63.50
CA GLU B 1345 -9.16 72.87 64.50
C GLU B 1345 -8.62 71.46 64.40
N PHE B 1346 -9.20 70.60 63.56
CA PHE B 1346 -8.71 69.24 63.41
C PHE B 1346 -7.27 69.22 62.92
N LEU B 1347 -6.93 70.15 62.01
CA LEU B 1347 -5.54 70.28 61.58
C LEU B 1347 -4.64 70.67 62.75
N ALA B 1348 -5.13 71.54 63.63
CA ALA B 1348 -4.38 71.90 64.82
C ALA B 1348 -4.14 70.69 65.73
N ARG B 1349 -5.17 69.86 65.90
CA ARG B 1349 -5.00 68.62 66.67
C ARG B 1349 -3.97 67.71 66.02
N VAL B 1350 -3.99 67.60 64.70
CA VAL B 1350 -3.02 66.78 63.98
C VAL B 1350 -1.61 67.29 64.24
N TYR B 1351 -1.41 68.60 64.11
CA TYR B 1351 -0.09 69.19 64.34
C TYR B 1351 0.35 68.99 65.78
N GLU B 1352 -0.58 69.13 66.72
CA GLU B 1352 -0.25 68.90 68.13
C GLU B 1352 0.21 67.47 68.36
N LYS B 1353 -0.48 66.50 67.75
CA LYS B 1353 -0.08 65.11 67.88
C LYS B 1353 1.31 64.87 67.27
N LEU B 1354 1.56 65.47 66.11
CA LEU B 1354 2.87 65.34 65.48
C LEU B 1354 3.97 65.88 66.39
N ILE B 1355 3.75 67.06 66.98
CA ILE B 1355 4.78 67.66 67.82
C ILE B 1355 4.97 66.84 69.10
N THR B 1356 3.88 66.30 69.65
CA THR B 1356 3.99 65.44 70.83
C THR B 1356 4.85 64.21 70.52
N GLY B 1357 4.60 63.58 69.38
CA GLY B 1357 5.41 62.43 69.00
C GLY B 1357 6.87 62.79 68.79
N CYS B 1358 7.12 63.92 68.14
CA CYS B 1358 8.50 64.36 67.92
C CYS B 1358 9.21 64.59 69.24
N TYR B 1359 8.56 65.27 70.18
CA TYR B 1359 9.16 65.50 71.49
C TYR B 1359 9.42 64.18 72.21
N ASN B 1360 8.46 63.24 72.14
CA ASN B 1360 8.65 61.95 72.79
C ASN B 1360 9.88 61.24 72.27
N ILE B 1361 10.00 61.13 70.94
CA ILE B 1361 11.13 60.40 70.37
C ILE B 1361 12.44 61.14 70.60
N LEU B 1362 12.39 62.47 70.66
CA LEU B 1362 13.62 63.25 70.86
C LEU B 1362 14.12 63.13 72.29
N ALA B 1363 13.20 63.12 73.26
CA ALA B 1363 13.60 63.15 74.66
C ALA B 1363 13.81 61.77 75.26
N ASN B 1364 12.82 60.89 75.16
CA ASN B 1364 12.86 59.66 75.95
C ASN B 1364 13.81 58.62 75.36
N HIS B 1365 13.96 58.58 74.04
CA HIS B 1365 14.71 57.51 73.39
C HIS B 1365 15.95 58.03 72.69
N ALA B 1366 16.63 59.00 73.30
CA ALA B 1366 17.80 59.60 72.67
C ALA B 1366 19.01 58.68 72.67
N ASP B 1367 18.96 57.58 73.40
CA ASP B 1367 20.09 56.67 73.47
C ASP B 1367 20.34 56.01 72.12
N PRO B 1368 21.59 55.70 71.77
CA PRO B 1368 21.86 55.05 70.47
C PRO B 1368 21.51 53.59 70.43
N ASN B 1369 21.29 52.95 71.58
CA ASN B 1369 20.97 51.52 71.62
C ASN B 1369 19.49 51.25 71.54
N SER B 1370 18.67 52.27 71.30
CA SER B 1370 17.23 52.09 71.12
C SER B 1370 16.87 51.84 69.66
N GLY B 1371 17.81 51.31 68.88
CA GLY B 1371 17.56 51.12 67.46
C GLY B 1371 17.37 52.40 66.69
N LEU B 1372 17.92 53.51 67.19
CA LEU B 1372 17.66 54.82 66.64
C LEU B 1372 18.90 55.30 65.89
N ASP B 1373 18.71 55.74 64.66
CA ASP B 1373 19.78 56.32 63.86
C ASP B 1373 19.66 57.84 63.87
N GLU B 1374 20.80 58.52 63.69
CA GLU B 1374 20.82 59.98 63.74
C GLU B 1374 19.88 60.58 62.69
N SER B 1375 19.60 59.83 61.63
CA SER B 1375 18.77 60.34 60.53
C SER B 1375 17.36 60.69 61.00
N ILE B 1376 16.75 59.86 61.84
CA ILE B 1376 15.38 60.12 62.26
C ILE B 1376 15.30 61.36 63.14
N LEU B 1377 16.23 61.50 64.09
CA LEU B 1377 16.23 62.71 64.91
C LEU B 1377 16.47 63.94 64.05
N GLU B 1378 17.40 63.85 63.10
CA GLU B 1378 17.65 64.98 62.21
C GLU B 1378 16.39 65.36 61.44
N GLU B 1379 15.69 64.35 60.89
CA GLU B 1379 14.53 64.61 60.06
C GLU B 1379 13.38 65.19 60.87
N CYS B 1380 13.10 64.63 62.04
CA CYS B 1380 12.00 65.15 62.85
C CYS B 1380 12.31 66.56 63.35
N LEU B 1381 13.58 66.82 63.71
CA LEU B 1381 13.96 68.17 64.11
C LEU B 1381 13.78 69.14 62.96
N GLN B 1382 14.16 68.74 61.74
CA GLN B 1382 13.99 69.61 60.59
C GLN B 1382 12.51 69.89 60.33
N TYR B 1383 11.67 68.86 60.41
CA TYR B 1383 10.24 69.07 60.20
C TYR B 1383 9.66 70.02 61.23
N LEU B 1384 10.03 69.84 62.50
CA LEU B 1384 9.44 70.66 63.54
C LEU B 1384 9.98 72.08 63.52
N GLU B 1385 11.22 72.28 63.06
CA GLU B 1385 11.68 73.64 62.75
C GLU B 1385 10.87 74.26 61.63
N LYS B 1386 10.61 73.50 60.57
CA LYS B 1386 9.84 74.03 59.45
C LYS B 1386 8.43 74.43 59.91
N GLN B 1387 7.83 73.62 60.78
CA GLN B 1387 6.52 73.97 61.31
C GLN B 1387 6.60 75.10 62.32
N LEU B 1388 7.74 75.27 62.98
CA LEU B 1388 7.94 76.43 63.84
C LEU B 1388 7.99 77.70 62.99
N GLU B 1389 8.46 77.58 61.75
CA GLU B 1389 8.45 78.72 60.83
C GLU B 1389 7.03 79.21 60.56
N SER B 1390 6.09 78.27 60.40
CA SER B 1390 4.70 78.62 60.13
C SER B 1390 3.99 79.01 61.43
N SER B 1391 3.21 80.09 61.39
CA SER B 1391 2.61 80.63 62.60
C SER B 1391 1.48 79.74 63.12
N GLN B 1392 0.67 79.18 62.22
CA GLN B 1392 -0.47 78.37 62.65
C GLN B 1392 0.01 77.13 63.39
N ALA B 1393 1.09 76.51 62.93
CA ALA B 1393 1.69 75.41 63.68
C ALA B 1393 2.45 75.93 64.89
N ARG B 1394 2.95 77.17 64.81
CA ARG B 1394 3.71 77.74 65.91
C ARG B 1394 2.84 77.92 67.16
N LYS B 1395 1.59 78.33 66.97
CA LYS B 1395 0.66 78.51 68.09
C LYS B 1395 0.44 77.19 68.81
N ALA B 1396 0.17 76.12 68.04
CA ALA B 1396 0.00 74.80 68.64
C ALA B 1396 1.29 74.32 69.31
N MET B 1397 2.44 74.61 68.69
CA MET B 1397 3.72 74.25 69.29
C MET B 1397 3.89 74.91 70.64
N GLU B 1398 3.56 76.20 70.74
CA GLU B 1398 3.70 76.90 72.01
C GLU B 1398 2.70 76.39 73.04
N GLU B 1399 1.47 76.11 72.60
CA GLU B 1399 0.49 75.54 73.52
C GLU B 1399 0.97 74.22 74.08
N PHE B 1400 1.54 73.36 73.22
CA PHE B 1400 2.04 72.07 73.68
C PHE B 1400 3.23 72.23 74.62
N PHE B 1401 4.15 73.13 74.29
CA PHE B 1401 5.32 73.35 75.15
C PHE B 1401 4.96 73.98 76.49
N SER B 1402 3.89 74.77 76.55
CA SER B 1402 3.44 75.31 77.83
C SER B 1402 2.59 74.34 78.62
N ASP B 1403 1.92 73.40 77.94
CA ASP B 1403 1.07 72.44 78.65
C ASP B 1403 1.88 71.30 79.24
N SER B 1404 2.56 70.53 78.38
CA SER B 1404 3.29 69.35 78.82
C SER B 1404 4.71 69.25 78.28
N GLY B 1405 5.03 69.91 77.17
CA GLY B 1405 6.35 69.80 76.61
C GLY B 1405 7.39 70.61 77.38
N GLU B 1406 8.64 70.43 76.98
CA GLU B 1406 9.76 71.12 77.61
C GLU B 1406 10.90 71.22 76.62
N LEU B 1407 11.23 72.46 76.22
CA LEU B 1407 12.31 72.66 75.27
C LEU B 1407 13.68 72.38 75.88
N VAL B 1408 13.77 72.35 77.21
CA VAL B 1408 15.04 72.06 77.86
C VAL B 1408 15.50 70.64 77.62
N GLN B 1409 14.58 69.74 77.28
CA GLN B 1409 14.96 68.33 77.12
C GLN B 1409 15.81 68.12 75.87
N ILE B 1410 15.57 68.91 74.82
CA ILE B 1410 16.39 68.80 73.62
C ILE B 1410 17.82 69.21 73.93
N MET B 1411 17.99 70.30 74.68
CA MET B 1411 19.32 70.71 75.11
C MET B 1411 19.95 69.67 76.04
N MET B 1412 19.16 69.06 76.92
CA MET B 1412 19.68 68.01 77.79
C MET B 1412 20.19 66.83 76.97
N ALA B 1413 19.46 66.47 75.91
CA ALA B 1413 19.83 65.32 75.10
C ALA B 1413 21.22 65.43 74.48
N THR B 1414 21.76 66.65 74.37
CA THR B 1414 23.09 66.82 73.81
C THR B 1414 24.18 66.26 74.71
N ALA B 1415 23.92 66.16 76.02
CA ALA B 1415 24.95 65.71 76.96
C ALA B 1415 25.33 64.25 76.76
N ASN B 1416 24.55 63.49 76.00
CA ASN B 1416 24.84 62.08 75.78
C ASN B 1416 26.12 61.93 74.98
N GLU B 1417 27.18 61.46 75.64
CA GLU B 1417 28.46 61.26 74.97
C GLU B 1417 28.46 60.10 73.98
N ASN B 1418 27.43 59.25 74.01
CA ASN B 1418 27.37 58.09 73.13
C ASN B 1418 27.07 58.46 71.69
N LEU B 1419 26.75 59.72 71.41
CA LEU B 1419 26.30 60.13 70.09
C LEU B 1419 27.14 61.31 69.59
N SER B 1420 27.28 61.41 68.28
CA SER B 1420 28.17 62.38 67.66
C SER B 1420 27.70 63.82 67.90
N ALA B 1421 28.54 64.76 67.46
CA ALA B 1421 28.30 66.18 67.69
C ALA B 1421 27.36 66.82 66.67
N LYS B 1422 27.07 66.14 65.57
CA LYS B 1422 26.19 66.71 64.55
C LYS B 1422 24.79 66.94 65.10
N PHE B 1423 24.31 66.03 65.94
CA PHE B 1423 22.99 66.19 66.54
C PHE B 1423 22.95 67.46 67.41
N CYS B 1424 23.97 67.66 68.24
CA CYS B 1424 24.03 68.86 69.05
C CYS B 1424 24.14 70.11 68.18
N ASN B 1425 24.92 70.03 67.11
CA ASN B 1425 25.01 71.14 66.16
C ASN B 1425 23.63 71.50 65.62
N ARG B 1426 22.84 70.48 65.26
CA ARG B 1426 21.52 70.74 64.71
C ARG B 1426 20.57 71.33 65.74
N VAL B 1427 20.57 70.80 66.96
CA VAL B 1427 19.66 71.36 67.98
C VAL B 1427 20.05 72.79 68.33
N LEU B 1428 21.36 73.08 68.32
CA LEU B 1428 21.80 74.42 68.65
C LEU B 1428 21.53 75.41 67.52
N LYS B 1429 21.68 74.96 66.27
CA LYS B 1429 21.22 75.79 65.15
C LYS B 1429 19.72 76.01 65.24
N PHE B 1430 18.97 74.99 65.68
CA PHE B 1430 17.54 75.14 65.87
C PHE B 1430 17.22 76.22 66.90
N PHE B 1431 17.93 76.20 68.03
CA PHE B 1431 17.72 77.25 69.02
C PHE B 1431 18.09 78.63 68.48
N THR B 1432 19.20 78.74 67.76
CA THR B 1432 19.60 80.03 67.21
C THR B 1432 18.57 80.55 66.23
N LYS B 1433 18.06 79.69 65.35
CA LYS B 1433 17.07 80.12 64.37
C LYS B 1433 15.73 80.41 65.03
N LEU B 1434 15.37 79.67 66.08
CA LEU B 1434 14.16 79.98 66.83
C LEU B 1434 14.24 81.36 67.45
N PHE B 1435 15.40 81.70 68.03
CA PHE B 1435 15.57 83.04 68.58
C PHE B 1435 15.56 84.10 67.48
N GLN B 1436 16.15 83.79 66.32
CA GLN B 1436 16.13 84.74 65.21
C GLN B 1436 14.71 85.01 64.75
N LEU B 1437 13.90 83.96 64.64
CA LEU B 1437 12.48 84.14 64.32
C LEU B 1437 11.77 84.93 65.40
N THR B 1438 12.12 84.71 66.67
CA THR B 1438 11.56 85.50 67.75
C THR B 1438 11.91 86.97 67.59
N GLU B 1439 13.16 87.26 67.24
CA GLU B 1439 13.60 88.64 67.05
C GLU B 1439 13.13 89.18 65.70
N PRO B 1444 3.34 86.61 70.43
CA PRO B 1444 3.25 86.31 71.86
C PRO B 1444 3.75 84.90 72.18
N SER B 1445 3.56 83.97 71.24
CA SER B 1445 4.03 82.61 71.45
C SER B 1445 5.55 82.55 71.58
N LEU B 1446 6.26 83.34 70.77
CA LEU B 1446 7.71 83.35 70.84
C LEU B 1446 8.20 83.89 72.17
N LEU B 1447 7.53 84.91 72.72
CA LEU B 1447 7.90 85.42 74.03
C LEU B 1447 7.73 84.36 75.11
N HIS B 1448 6.62 83.62 75.06
CA HIS B 1448 6.42 82.54 76.02
C HIS B 1448 7.47 81.45 75.86
N LEU B 1449 7.85 81.14 74.61
CA LEU B 1449 8.91 80.16 74.39
C LEU B 1449 10.24 80.63 74.98
N CYS B 1450 10.57 81.91 74.79
CA CYS B 1450 11.80 82.44 75.37
C CYS B 1450 11.76 82.39 76.89
N GLY B 1451 10.62 82.76 77.49
CA GLY B 1451 10.49 82.71 78.93
C GLY B 1451 10.47 81.31 79.51
N SER B 1452 10.08 80.31 78.71
CA SER B 1452 10.08 78.94 79.20
C SER B 1452 11.49 78.41 79.41
N LEU B 1453 12.47 79.00 78.73
CA LEU B 1453 13.86 78.59 78.87
C LEU B 1453 14.44 78.94 80.24
N ALA B 1454 13.74 79.74 81.04
CA ALA B 1454 14.23 80.09 82.37
C ALA B 1454 14.24 78.90 83.32
N GLN B 1455 13.61 77.79 82.93
CA GLN B 1455 13.55 76.60 83.77
C GLN B 1455 14.89 75.88 83.88
N LEU B 1456 15.95 76.40 83.26
CA LEU B 1456 17.26 75.78 83.38
C LEU B 1456 17.78 75.82 84.81
N ALA B 1457 17.24 76.72 85.64
CA ALA B 1457 17.63 76.76 87.04
C ALA B 1457 17.20 75.50 87.78
N CYS B 1458 16.02 74.97 87.45
CA CYS B 1458 15.52 73.75 88.09
C CYS B 1458 16.29 72.51 87.68
N VAL B 1459 17.16 72.60 86.67
CA VAL B 1459 17.95 71.44 86.26
C VAL B 1459 18.96 71.10 87.36
N GLU B 1460 19.21 69.81 87.53
CA GLU B 1460 20.15 69.37 88.54
C GLU B 1460 21.56 69.87 88.23
N PRO B 1461 22.35 70.17 89.26
CA PRO B 1461 23.73 70.63 89.01
C PRO B 1461 24.57 69.62 88.24
N VAL B 1462 24.38 68.33 88.50
CA VAL B 1462 25.17 67.31 87.80
C VAL B 1462 24.84 67.29 86.32
N ARG B 1463 23.55 67.30 85.98
CA ARG B 1463 23.15 67.27 84.58
C ARG B 1463 23.61 68.53 83.84
N LEU B 1464 23.44 69.69 84.46
CA LEU B 1464 23.87 70.94 83.83
C LEU B 1464 25.38 70.97 83.66
N GLN B 1465 26.13 70.53 84.67
CA GLN B 1465 27.59 70.50 84.56
C GLN B 1465 28.04 69.56 83.46
N ALA B 1466 27.43 68.36 83.37
CA ALA B 1466 27.78 67.43 82.32
C ALA B 1466 27.47 67.99 80.94
N TRP B 1467 26.30 68.62 80.80
CA TRP B 1467 25.93 69.20 79.51
C TRP B 1467 26.90 70.31 79.12
N LEU B 1468 27.29 71.15 80.09
CA LEU B 1468 28.25 72.21 79.81
C LEU B 1468 29.60 71.65 79.43
N THR B 1469 30.05 70.59 80.12
CA THR B 1469 31.35 70.01 79.82
C THR B 1469 31.35 69.26 78.50
N ARG B 1470 30.19 68.81 78.05
CA ARG B 1470 30.11 68.11 76.77
C ARG B 1470 30.55 69.01 75.62
N MET B 1471 30.13 70.27 75.63
CA MET B 1471 30.51 71.19 74.57
C MET B 1471 31.78 71.95 74.92
N THR B 1472 32.00 72.23 76.21
CA THR B 1472 33.17 73.01 76.63
C THR B 1472 34.47 72.26 76.43
N THR B 1473 34.45 70.92 76.52
CA THR B 1473 35.67 70.14 76.33
C THR B 1473 36.15 70.26 74.89
N SER B 1474 37.45 70.46 74.73
CA SER B 1474 38.03 70.55 73.40
C SER B 1474 38.11 69.16 72.78
N PRO B 1475 37.54 68.95 71.59
CA PRO B 1475 37.59 67.62 70.97
C PRO B 1475 39.01 67.29 70.54
N PRO B 1476 39.32 65.99 70.38
CA PRO B 1476 40.64 65.53 69.96
C PRO B 1476 41.00 65.96 68.54
N GLN B 1481 35.49 65.62 63.93
CA GLN B 1481 34.34 66.50 64.17
C GLN B 1481 34.78 67.77 64.88
N LEU B 1482 36.05 68.14 64.70
CA LEU B 1482 36.58 69.35 65.34
C LEU B 1482 35.88 70.61 64.83
N ASP B 1483 35.65 70.68 63.51
CA ASP B 1483 34.97 71.84 62.95
C ASP B 1483 33.55 71.94 63.48
N VAL B 1484 32.86 70.81 63.62
CA VAL B 1484 31.53 70.80 64.22
C VAL B 1484 31.61 71.35 65.64
N ILE B 1485 32.65 70.98 66.38
CA ILE B 1485 32.81 71.48 67.75
C ILE B 1485 33.03 72.99 67.75
N GLN B 1486 33.86 73.50 66.84
CA GLN B 1486 34.12 74.94 66.80
C GLN B 1486 32.86 75.72 66.45
N GLU B 1487 32.12 75.26 65.44
CA GLU B 1487 30.86 75.91 65.10
C GLU B 1487 29.85 75.82 66.24
N ASN B 1488 29.84 74.68 66.94
CA ASN B 1488 28.97 74.53 68.09
C ASN B 1488 29.30 75.53 69.17
N ARG B 1489 30.59 75.72 69.46
CA ARG B 1489 30.99 76.69 70.48
C ARG B 1489 30.62 78.10 70.07
N GLN B 1490 30.86 78.46 68.80
CA GLN B 1490 30.55 79.81 68.35
C GLN B 1490 29.06 80.10 68.45
N LEU B 1491 28.23 79.23 67.89
CA LEU B 1491 26.79 79.47 67.95
C LEU B 1491 26.22 79.22 69.34
N LEU B 1492 26.95 78.52 70.22
CA LEU B 1492 26.52 78.40 71.60
C LEU B 1492 26.77 79.71 72.35
N GLN B 1493 27.87 80.39 72.03
CA GLN B 1493 28.05 81.75 72.54
C GLN B 1493 26.96 82.67 72.01
N LEU B 1494 26.59 82.48 70.73
CA LEU B 1494 25.50 83.27 70.17
C LEU B 1494 24.19 83.01 70.92
N LEU B 1495 23.91 81.74 71.24
CA LEU B 1495 22.71 81.40 71.97
C LEU B 1495 22.74 81.92 73.41
N THR B 1496 23.93 81.93 74.03
CA THR B 1496 24.06 82.51 75.36
C THR B 1496 23.76 84.00 75.32
N THR B 1497 24.24 84.69 74.28
CA THR B 1497 23.87 86.09 74.09
C THR B 1497 22.37 86.24 73.89
N TYR B 1498 21.77 85.30 73.13
CA TYR B 1498 20.34 85.33 72.90
C TYR B 1498 19.55 85.21 74.20
N ILE B 1499 19.98 84.32 75.09
CA ILE B 1499 19.29 84.14 76.37
C ILE B 1499 19.37 85.41 77.20
N VAL B 1500 20.55 86.03 77.23
CA VAL B 1500 20.73 87.28 77.95
C VAL B 1500 20.08 88.43 77.19
N GLN B 1505 13.56 87.21 77.99
CA GLN B 1505 12.92 87.21 79.30
C GLN B 1505 13.41 86.05 80.15
N VAL B 1506 14.64 85.59 79.88
CA VAL B 1506 15.22 84.48 80.62
C VAL B 1506 15.41 84.86 82.09
N GLY B 1507 15.92 86.06 82.34
CA GLY B 1507 16.14 86.54 83.68
C GLY B 1507 17.59 86.37 84.12
N GLU B 1508 17.93 87.07 85.20
CA GLU B 1508 19.29 87.09 85.72
C GLU B 1508 19.64 85.86 86.55
N GLY B 1509 18.64 85.14 87.07
CA GLY B 1509 18.94 83.98 87.89
C GLY B 1509 19.61 82.87 87.11
N VAL B 1510 19.11 82.58 85.90
CA VAL B 1510 19.70 81.55 85.07
C VAL B 1510 21.13 81.92 84.69
N CYS B 1511 21.35 83.18 84.33
CA CYS B 1511 22.69 83.63 83.97
C CYS B 1511 23.64 83.52 85.16
N ALA B 1512 23.17 83.90 86.35
CA ALA B 1512 24.01 83.80 87.55
C ALA B 1512 24.35 82.35 87.85
N VAL B 1513 23.37 81.46 87.73
CA VAL B 1513 23.62 80.04 87.98
C VAL B 1513 24.61 79.49 86.97
N LEU B 1514 24.46 79.86 85.69
CA LEU B 1514 25.40 79.40 84.68
C LEU B 1514 26.81 79.91 84.94
N LEU B 1515 26.94 81.18 85.34
CA LEU B 1515 28.25 81.72 85.64
C LEU B 1515 28.89 81.01 86.82
N GLY B 1516 28.10 80.75 87.87
CA GLY B 1516 28.61 80.02 89.02
C GLY B 1516 29.03 78.61 88.68
N THR B 1517 28.29 77.95 87.81
CA THR B 1517 28.63 76.58 87.40
C THR B 1517 29.81 76.54 86.44
N LEU B 1518 30.04 77.60 85.68
CA LEU B 1518 31.12 77.59 84.69
C LEU B 1518 32.44 78.11 85.26
N THR B 1519 32.38 79.00 86.25
CA THR B 1519 33.61 79.54 86.82
C THR B 1519 34.48 78.47 87.47
N PRO B 1520 33.96 77.62 88.37
CA PRO B 1520 34.80 76.58 88.96
C PRO B 1520 35.36 75.63 87.92
N MET B 1521 34.55 75.27 86.93
CA MET B 1521 35.02 74.42 85.84
C MET B 1521 36.10 75.07 85.01
N ALA B 1522 35.96 76.37 84.71
CA ALA B 1522 37.01 77.07 83.98
C ALA B 1522 38.30 77.13 84.78
N THR B 1523 38.18 77.37 86.09
CA THR B 1523 39.38 77.39 86.94
C THR B 1523 40.04 76.01 86.96
N GLU B 1524 39.24 74.95 87.06
CA GLU B 1524 39.80 73.60 87.06
C GLU B 1524 40.51 73.30 85.75
N MET B 1525 39.91 73.69 84.63
CA MET B 1525 40.52 73.49 83.33
C MET B 1525 41.81 74.29 83.16
N LEU B 1526 41.84 75.53 83.65
CA LEU B 1526 43.03 76.35 83.51
C LEU B 1526 44.14 75.90 84.45
N ALA B 1527 43.80 75.31 85.59
CA ALA B 1527 44.81 74.91 86.56
C ALA B 1527 45.47 73.58 86.18
N ASN B 1528 44.68 72.52 86.11
CA ASN B 1528 45.22 71.20 85.81
C ASN B 1528 45.60 71.07 84.35
N GLY B 1529 44.77 71.57 83.44
CA GLY B 1529 45.00 71.43 82.02
C GLY B 1529 45.95 72.48 81.47
N ASP B 1530 46.06 72.47 80.14
CA ASP B 1530 46.91 73.42 79.42
C ASP B 1530 46.14 74.64 78.95
N GLY B 1531 44.87 74.79 79.35
CA GLY B 1531 44.08 75.92 78.92
C GLY B 1531 43.55 75.81 77.52
N THR B 1532 43.37 74.59 76.99
CA THR B 1532 42.86 74.42 75.64
C THR B 1532 41.42 74.90 75.54
N GLY B 1533 41.16 75.82 74.62
CA GLY B 1533 39.84 76.36 74.43
C GLY B 1533 39.46 77.47 75.39
N PHE B 1534 40.34 77.84 76.33
CA PHE B 1534 40.03 78.89 77.28
C PHE B 1534 39.89 80.25 76.60
N PRO B 1535 40.54 80.52 75.47
CA PRO B 1535 40.38 81.83 74.82
C PRO B 1535 38.95 82.15 74.45
N GLU B 1536 38.16 81.16 74.04
CA GLU B 1536 36.76 81.36 73.69
C GLU B 1536 35.82 81.24 74.89
N LEU B 1537 36.33 80.79 76.04
CA LEU B 1537 35.48 80.63 77.21
C LEU B 1537 35.15 81.98 77.85
N MET B 1538 36.05 82.96 77.71
CA MET B 1538 35.82 84.26 78.32
C MET B 1538 34.63 84.98 77.68
N VAL B 1539 34.39 84.74 76.39
CA VAL B 1539 33.33 85.45 75.69
C VAL B 1539 31.96 85.13 76.27
N VAL B 1540 31.70 83.86 76.58
CA VAL B 1540 30.40 83.44 77.10
C VAL B 1540 30.22 83.99 78.51
N MET B 1541 31.22 83.82 79.36
CA MET B 1541 31.12 84.27 80.75
C MET B 1541 31.01 85.78 80.88
N ALA B 1542 31.81 86.54 80.11
CA ALA B 1542 31.72 87.99 80.18
C ALA B 1542 30.37 88.49 79.70
N THR B 1543 29.85 87.90 78.61
CA THR B 1543 28.53 88.27 78.12
C THR B 1543 27.46 87.94 79.15
N LEU B 1544 27.59 86.80 79.83
CA LEU B 1544 26.65 86.45 80.88
C LEU B 1544 26.70 87.46 82.02
N ALA B 1545 27.92 87.90 82.38
CA ALA B 1545 28.05 88.92 83.41
C ALA B 1545 27.42 90.24 82.98
N SER B 1546 27.34 90.48 81.68
CA SER B 1546 26.74 91.71 81.17
C SER B 1546 25.22 91.73 81.31
N ALA B 1547 24.60 90.61 81.63
CA ALA B 1547 23.16 90.56 81.79
C ALA B 1547 22.71 91.39 82.98
N GLY B 1548 21.64 92.15 82.80
CA GLY B 1548 21.14 92.99 83.88
C GLY B 1548 22.03 94.19 84.11
N GLN B 1549 22.17 94.56 85.38
CA GLN B 1549 22.96 95.73 85.77
C GLN B 1549 24.46 95.43 85.87
N GLY B 1550 24.87 94.18 85.67
CA GLY B 1550 26.27 93.83 85.75
C GLY B 1550 26.70 93.23 87.07
N ALA B 1551 25.82 92.47 87.73
CA ALA B 1551 26.18 91.87 89.01
C ALA B 1551 27.20 90.75 88.85
N GLY B 1552 27.15 90.03 87.73
CA GLY B 1552 28.06 88.91 87.53
C GLY B 1552 29.52 89.31 87.55
N HIS B 1553 29.83 90.51 87.04
CA HIS B 1553 31.21 90.98 87.06
C HIS B 1553 31.74 91.14 88.49
N LEU B 1554 30.84 91.27 89.46
CA LEU B 1554 31.27 91.32 90.86
C LEU B 1554 31.93 90.02 91.28
N GLN B 1555 31.55 88.89 90.66
CA GLN B 1555 32.12 87.60 91.00
C GLN B 1555 33.19 87.16 90.00
N LEU B 1556 32.85 87.15 88.71
CA LEU B 1556 33.75 86.61 87.70
C LEU B 1556 35.09 87.35 87.71
N HIS B 1557 35.06 88.68 87.74
CA HIS B 1557 36.30 89.44 87.80
C HIS B 1557 37.11 89.05 89.04
N ASN B 1558 36.43 88.86 90.17
CA ASN B 1558 37.12 88.39 91.37
C ASN B 1558 37.85 87.07 91.08
N ALA B 1559 37.17 86.15 90.40
CA ALA B 1559 37.82 84.91 90.00
C ALA B 1559 39.02 85.19 89.12
N ALA B 1560 38.88 86.15 88.19
CA ALA B 1560 40.01 86.54 87.36
C ALA B 1560 41.18 87.02 88.21
N VAL B 1561 40.89 87.70 89.32
CA VAL B 1561 41.94 88.21 90.19
C VAL B 1561 42.81 87.06 90.68
N ASP B 1562 42.23 85.87 90.80
CA ASP B 1562 43.04 84.69 91.07
C ASP B 1562 43.58 84.07 89.79
N TRP B 1563 42.73 83.98 88.76
CA TRP B 1563 43.07 83.23 87.55
C TRP B 1563 44.34 83.79 86.92
N LEU B 1564 44.37 85.11 86.67
CA LEU B 1564 45.56 85.72 86.12
C LEU B 1564 46.78 85.42 86.98
N SER B 1565 46.61 85.51 88.31
CA SER B 1565 47.72 85.18 89.20
C SER B 1565 48.21 83.76 88.95
N ARG B 1566 47.29 82.82 88.78
CA ARG B 1566 47.68 81.44 88.46
C ARG B 1566 48.46 81.41 87.15
N CYS B 1567 47.99 82.17 86.16
CA CYS B 1567 48.72 82.26 84.89
C CYS B 1567 50.12 82.80 85.11
N LYS B 1568 50.27 83.73 86.06
CA LYS B 1568 51.60 84.21 86.41
C LYS B 1568 52.47 83.08 86.93
N LYS B 1569 51.90 82.22 87.77
CA LYS B 1569 52.62 81.06 88.29
C LYS B 1569 52.96 80.10 87.16
N TYR B 1570 52.25 80.24 86.03
CA TYR B 1570 52.54 79.45 84.84
C TYR B 1570 53.58 80.09 83.94
N LEU B 1571 53.81 81.39 84.07
CA LEU B 1571 54.73 82.10 83.18
C LEU B 1571 56.00 82.54 83.89
N SER B 1572 56.08 82.40 85.21
CA SER B 1572 57.25 82.84 85.95
C SER B 1572 58.32 81.77 86.06
N GLN B 1573 58.07 80.57 85.55
CA GLN B 1573 59.05 79.50 85.61
C GLN B 1573 60.24 79.83 84.71
N LYS B 1574 61.42 79.36 85.14
CA LYS B 1574 62.63 79.57 84.35
C LYS B 1574 62.55 78.85 83.01
N ASN B 1575 62.03 77.62 83.00
CA ASN B 1575 61.91 76.87 81.76
C ASN B 1575 60.95 77.56 80.79
N VAL B 1576 59.82 78.05 81.31
CA VAL B 1576 58.87 78.77 80.46
C VAL B 1576 59.49 80.04 79.90
N VAL B 1577 60.25 80.76 80.73
CA VAL B 1577 60.91 81.97 80.28
C VAL B 1577 61.93 81.66 79.19
N GLU B 1578 62.71 80.58 79.35
CA GLU B 1578 63.68 80.20 78.34
C GLU B 1578 62.99 79.79 77.04
N LYS B 1579 61.89 79.03 77.15
CA LYS B 1579 61.16 78.61 75.96
C LYS B 1579 60.58 79.80 75.21
N LEU B 1580 60.00 80.76 75.93
CA LEU B 1580 59.47 81.96 75.29
C LEU B 1580 60.59 82.78 74.67
N ASN B 1581 61.72 82.89 75.35
CA ASN B 1581 62.85 83.66 74.84
C ASN B 1581 63.54 82.93 73.70
N LYS B 1588 51.73 75.39 76.16
CA LYS B 1588 50.85 75.73 77.27
C LYS B 1588 51.14 77.12 77.80
N HIS B 1589 52.41 77.55 77.65
CA HIS B 1589 52.79 78.89 78.09
C HIS B 1589 52.05 79.97 77.31
N VAL B 1590 51.94 79.77 75.99
CA VAL B 1590 51.22 80.73 75.15
C VAL B 1590 49.75 80.79 75.54
N MET B 1591 49.14 79.63 75.79
CA MET B 1591 47.74 79.60 76.22
C MET B 1591 47.56 80.29 77.56
N ILE B 1592 48.50 80.06 78.48
CA ILE B 1592 48.43 80.72 79.79
C ILE B 1592 48.54 82.23 79.64
N LEU B 1593 49.46 82.70 78.80
CA LEU B 1593 49.59 84.14 78.58
C LEU B 1593 48.33 84.72 77.95
N GLU B 1594 47.74 84.01 76.99
CA GLU B 1594 46.51 84.49 76.35
C GLU B 1594 45.36 84.55 77.35
N CYS B 1595 45.24 83.54 78.20
CA CYS B 1595 44.20 83.55 79.23
C CYS B 1595 44.42 84.69 80.22
N THR B 1596 45.67 84.95 80.59
CA THR B 1596 45.98 86.06 81.47
C THR B 1596 45.59 87.39 80.82
N CYS B 1597 45.88 87.54 79.53
CA CYS B 1597 45.53 88.74 78.79
C CYS B 1597 44.02 88.94 78.75
N HIS B 1598 43.28 87.84 78.52
CA HIS B 1598 41.83 87.92 78.50
C HIS B 1598 41.27 88.30 79.87
N ILE B 1599 41.82 87.72 80.93
CA ILE B 1599 41.38 88.03 82.28
C ILE B 1599 41.65 89.49 82.60
N MET B 1600 42.82 89.99 82.22
CA MET B 1600 43.16 91.39 82.39
C MET B 1600 42.26 92.31 81.59
N SER B 1601 41.90 91.94 80.37
CA SER B 1601 40.96 92.74 79.59
C SER B 1601 39.59 92.79 80.25
N TYR B 1602 39.12 91.64 80.77
CA TYR B 1602 37.83 91.63 81.47
C TYR B 1602 37.88 92.50 82.73
N LEU B 1603 38.98 92.41 83.48
CA LEU B 1603 39.13 93.25 84.67
C LEU B 1603 39.17 94.73 84.30
N ALA B 1604 39.85 95.06 83.21
CA ALA B 1604 39.90 96.45 82.75
C ALA B 1604 38.51 96.93 82.32
N ASP B 1605 37.74 96.07 81.66
CA ASP B 1605 36.39 96.43 81.27
C ASP B 1605 35.52 96.68 82.50
N VAL B 1606 35.67 95.86 83.54
CA VAL B 1606 34.94 96.08 84.78
C VAL B 1606 35.37 97.39 85.43
N THR B 1607 36.67 97.66 85.47
CA THR B 1607 37.18 98.87 86.10
C THR B 1607 36.71 100.12 85.36
N ASN B 1608 36.67 100.07 84.03
CA ASN B 1608 36.20 101.22 83.26
C ASN B 1608 34.74 101.51 83.56
N ALA B 1609 33.92 100.47 83.67
CA ALA B 1609 32.52 100.67 84.06
C ALA B 1609 32.42 101.24 85.47
N LEU B 1610 33.25 100.75 86.40
CA LEU B 1610 33.27 101.30 87.75
C LEU B 1610 33.70 102.75 87.75
N SER B 1611 34.70 103.09 86.95
CA SER B 1611 35.21 104.45 86.88
C SER B 1611 34.31 105.34 86.01
#